data_6TBK
#
_entry.id   6TBK
#
_cell.length_a   98.952
_cell.length_b   116.052
_cell.length_c   115.576
_cell.angle_alpha   89.840
_cell.angle_beta   90.070
_cell.angle_gamma   89.980
#
_symmetry.space_group_name_H-M   'P 1'
#
loop_
_entity.id
_entity.type
_entity.pdbx_description
1 polymer 'Beta-galactosidase, putative, bgl35A'
2 non-polymer 'SODIUM ION'
3 non-polymer 5-(dimethylamino)-~{N}-[6-[(2~{R},3~{R},4~{S},5~{R})-3-(hydroxymethyl)-4,5-bis(oxidanyl)piperidin-2-yl]hexyl]naphthalene-1-sulfonamide
4 water water
#
_entity_poly.entity_id   1
_entity_poly.type   'polypeptide(L)'
_entity_poly.pdbx_seq_one_letter_code
;MGSSHHHHHHAAPLPELLSNNGKHALMVDGAPYIILGSQTNNSSNYPDALKDVWPSMEKMGANTLSIPVAWEQIEPVEGQ
FDFSFVDVLLKEARQRKVRLVLLWFATWKNNAPHYAPAWVKLDNARFPRVVKEDGDTLNSLSPLGQNTLAADKKAFVELM
KYLAKRDKDHTVIMVQVQNEVGTYGAVRDYSPMAQAVFNAAVPDDLIQKLQLKPGTWSQVFGRDADEFFHAYQIARYCDE
VTVAGKAIKNLPMYVNVALRNPFNPGLPGQYSSGGGTDNVLHIWKAAAPNIDLIAPDIYFRDYKTVSKVLELYTRPDNAL
FVAEIGNDQPFARYLFPTLGKGGIGFSPFGMDDTDYTNYPLGAKVYNDETIEQFAQVYRLVNPMMREWARLSYQGQVWGV
AEPLDSTTETQKIWNAEATPEEKEQHKKDRASALTQQLDLGLWDAEVTYGRPMFWVTPPEGNTPAAGGALIAQLDDNEYL
VTAYKARVEFKPSQELAGKKFMIERVEEGRFEKGKWVMERVWNGDQTDWGLNFTDRPHLLRVKMASYSVQ
;
_entity_poly.pdbx_strand_id   A,B,C,D,E,F,G,H
#
# COMPACT_ATOMS: atom_id res chain seq x y z
N ALA A 12 -3.16 -59.09 38.50
CA ALA A 12 -2.13 -58.39 39.39
C ALA A 12 -2.68 -58.23 40.80
N PRO A 13 -1.91 -58.60 41.84
CA PRO A 13 -2.42 -58.45 43.21
C PRO A 13 -2.60 -56.98 43.58
N LEU A 14 -3.66 -56.67 44.33
CA LEU A 14 -3.87 -55.30 44.86
C LEU A 14 -2.65 -54.87 45.65
N PRO A 15 -2.26 -53.59 45.56
CA PRO A 15 -1.30 -53.04 46.48
C PRO A 15 -1.85 -53.16 47.90
N GLU A 16 -0.98 -53.33 48.90
CA GLU A 16 -1.52 -53.40 50.27
C GLU A 16 -0.45 -52.98 51.25
N LEU A 17 -0.83 -52.36 52.35
CA LEU A 17 0.11 -52.04 53.45
C LEU A 17 0.15 -53.19 54.45
N LEU A 18 1.27 -53.88 54.59
CA LEU A 18 1.42 -55.00 55.53
C LEU A 18 2.08 -54.42 56.78
N SER A 19 1.59 -54.79 57.95
CA SER A 19 2.27 -54.48 59.22
C SER A 19 2.50 -55.80 59.95
N ASN A 20 3.75 -56.07 60.39
CA ASN A 20 4.11 -57.31 61.14
C ASN A 20 5.25 -57.02 62.11
N ASN A 21 5.19 -57.49 63.37
CA ASN A 21 6.33 -57.47 64.34
C ASN A 21 6.88 -56.03 64.51
N GLY A 22 5.99 -55.04 64.60
CA GLY A 22 6.36 -53.62 64.63
C GLY A 22 6.92 -53.07 63.30
N LYS A 23 6.89 -53.79 62.17
CA LYS A 23 7.53 -53.35 60.90
C LYS A 23 6.47 -53.23 59.78
N HIS A 24 6.79 -52.54 58.69
CA HIS A 24 5.76 -52.28 57.66
C HIS A 24 6.31 -52.43 56.25
N ALA A 25 5.45 -52.75 55.30
CA ALA A 25 5.84 -52.78 53.89
C ALA A 25 4.64 -52.30 53.07
N LEU A 26 4.90 -51.50 52.04
CA LEU A 26 3.91 -51.26 50.98
C LEU A 26 4.14 -52.35 49.94
N MET A 27 3.21 -53.30 49.83
CA MET A 27 3.28 -54.33 48.77
C MET A 27 2.71 -53.77 47.44
N VAL A 28 3.53 -53.76 46.41
CA VAL A 28 3.08 -53.42 45.02
C VAL A 28 3.50 -54.56 44.12
N ASP A 29 2.58 -55.13 43.35
CA ASP A 29 2.79 -56.29 42.49
C ASP A 29 3.38 -57.47 43.27
N GLY A 30 2.99 -57.62 44.54
CA GLY A 30 3.29 -58.83 45.33
C GLY A 30 4.60 -58.72 46.11
N ALA A 31 5.28 -57.56 46.13
CA ALA A 31 6.56 -57.45 46.84
C ALA A 31 6.71 -56.07 47.44
N PRO A 32 7.45 -55.91 48.55
CA PRO A 32 7.69 -54.60 49.12
C PRO A 32 8.17 -53.60 48.06
N TYR A 33 7.72 -52.37 48.19
CA TYR A 33 8.04 -51.27 47.24
C TYR A 33 8.36 -49.99 48.00
N ILE A 34 9.31 -49.22 47.50
CA ILE A 34 9.61 -47.89 48.11
C ILE A 34 9.13 -46.82 47.14
N ILE A 35 8.35 -45.91 47.66
CA ILE A 35 7.94 -44.72 46.84
C ILE A 35 9.12 -43.73 46.84
N LEU A 36 9.84 -43.62 45.74
CA LEU A 36 10.79 -42.52 45.53
C LEU A 36 10.02 -41.47 44.71
N GLY A 37 9.35 -40.59 45.40
CA GLY A 37 8.18 -39.92 44.78
C GLY A 37 8.52 -38.52 44.35
N SER A 38 7.56 -37.93 43.69
CA SER A 38 7.48 -36.48 43.54
C SER A 38 6.01 -36.09 43.53
N GLN A 39 5.70 -34.93 44.08
CA GLN A 39 4.32 -34.38 44.07
C GLN A 39 4.33 -33.13 43.20
N THR A 40 3.29 -32.98 42.42
CA THR A 40 3.18 -31.74 41.63
C THR A 40 2.82 -30.57 42.54
N ASN A 41 2.87 -29.38 42.00
CA ASN A 41 2.20 -28.20 42.59
C ASN A 41 0.68 -28.37 42.53
N ASN A 42 -0.05 -27.56 43.29
CA ASN A 42 -1.48 -27.77 43.56
C ASN A 42 -2.37 -27.55 42.32
N SER A 43 -1.88 -26.90 41.28
CA SER A 43 -2.72 -26.55 40.12
C SER A 43 -2.22 -27.26 38.88
N SER A 44 -1.60 -28.42 39.02
CA SER A 44 -1.07 -29.19 37.87
C SER A 44 -2.01 -30.34 37.48
N ASN A 45 -3.21 -30.41 38.09
CA ASN A 45 -4.15 -31.53 37.97
C ASN A 45 -5.03 -31.38 36.74
N TYR A 46 -4.41 -31.05 35.61
CA TYR A 46 -5.15 -30.83 34.32
C TYR A 46 -4.33 -31.35 33.15
N PRO A 47 -4.98 -31.92 32.12
CA PRO A 47 -4.21 -32.54 31.04
C PRO A 47 -3.10 -31.63 30.50
N ASP A 48 -3.41 -30.35 30.31
CA ASP A 48 -2.44 -29.42 29.67
C ASP A 48 -1.27 -29.13 30.59
N ALA A 49 -1.40 -29.34 31.92
CA ALA A 49 -0.26 -29.14 32.84
C ALA A 49 0.71 -30.32 32.76
N LEU A 50 0.25 -31.50 32.35
CA LEU A 50 1.10 -32.70 32.56
C LEU A 50 2.44 -32.55 31.79
N LYS A 51 2.50 -31.80 30.67
CA LYS A 51 3.78 -31.67 29.94
C LYS A 51 4.85 -30.94 30.80
N ASP A 52 4.42 -30.16 31.80
CA ASP A 52 5.31 -29.42 32.74
C ASP A 52 5.64 -30.27 33.98
N VAL A 53 5.08 -31.47 34.07
CA VAL A 53 5.32 -32.43 35.19
C VAL A 53 6.28 -33.52 34.76
N TRP A 54 6.03 -34.20 33.64
CA TRP A 54 6.85 -35.42 33.34
C TRP A 54 8.33 -35.11 33.24
N PRO A 55 8.82 -34.02 32.58
CA PRO A 55 10.27 -33.80 32.42
C PRO A 55 10.98 -33.77 33.78
N SER A 56 10.39 -33.12 34.77
CA SER A 56 10.97 -33.07 36.14
C SER A 56 11.01 -34.49 36.70
N MET A 57 9.93 -35.22 36.57
CA MET A 57 9.85 -36.60 37.13
C MET A 57 10.97 -37.45 36.57
N GLU A 58 11.21 -37.37 35.25
CA GLU A 58 12.30 -38.12 34.58
C GLU A 58 13.67 -37.66 35.12
N LYS A 59 13.93 -36.32 35.17
CA LYS A 59 15.23 -35.80 35.67
C LYS A 59 15.44 -36.29 37.12
N MET A 60 14.38 -36.39 37.89
CA MET A 60 14.47 -36.76 39.32
C MET A 60 14.74 -38.24 39.47
N GLY A 61 14.33 -39.06 38.56
CA GLY A 61 14.37 -40.52 38.69
C GLY A 61 13.28 -41.02 39.62
N ALA A 62 12.18 -40.30 39.81
CA ALA A 62 11.07 -40.73 40.70
C ALA A 62 10.37 -41.92 40.09
N ASN A 63 9.94 -42.87 40.94
CA ASN A 63 9.18 -44.05 40.47
C ASN A 63 7.63 -43.86 40.66
N THR A 64 7.21 -42.81 41.35
CA THR A 64 5.80 -42.58 41.71
C THR A 64 5.51 -41.08 41.70
N LEU A 65 4.41 -40.69 41.12
CA LEU A 65 3.90 -39.31 41.14
C LEU A 65 2.68 -39.19 42.05
N SER A 66 2.72 -38.20 42.90
CA SER A 66 1.55 -37.78 43.69
C SER A 66 0.90 -36.59 43.00
N ILE A 67 -0.36 -36.67 42.74
CA ILE A 67 -0.99 -35.53 42.00
C ILE A 67 -2.43 -35.44 42.44
N PRO A 68 -3.03 -34.25 42.55
CA PRO A 68 -4.40 -34.15 43.01
C PRO A 68 -5.43 -34.62 41.99
N VAL A 69 -6.52 -35.15 42.49
CA VAL A 69 -7.80 -35.24 41.75
C VAL A 69 -8.81 -34.52 42.63
N ALA A 70 -9.39 -33.46 42.11
CA ALA A 70 -10.20 -32.56 42.89
C ALA A 70 -11.67 -32.93 42.72
N TRP A 71 -12.43 -32.77 43.80
CA TRP A 71 -13.89 -33.00 43.74
C TRP A 71 -14.50 -32.04 42.70
N GLU A 72 -14.02 -30.80 42.67
CA GLU A 72 -14.58 -29.78 41.75
C GLU A 72 -14.43 -30.21 40.28
N GLN A 73 -13.38 -30.96 39.94
CA GLN A 73 -13.13 -31.36 38.54
C GLN A 73 -13.91 -32.61 38.17
N ILE A 74 -14.06 -33.60 39.07
CA ILE A 74 -14.79 -34.84 38.70
C ILE A 74 -16.31 -34.69 38.81
N GLU A 75 -16.82 -33.76 39.62
CA GLU A 75 -18.29 -33.62 39.83
C GLU A 75 -18.61 -32.14 39.79
N PRO A 76 -18.33 -31.36 38.66
CA PRO A 76 -18.46 -29.90 38.56
C PRO A 76 -19.92 -29.43 38.69
N VAL A 77 -20.87 -30.28 38.27
CA VAL A 77 -22.33 -30.14 38.57
C VAL A 77 -22.82 -31.41 39.27
N GLU A 78 -23.63 -31.22 40.30
CA GLU A 78 -24.05 -32.37 41.13
C GLU A 78 -24.52 -33.51 40.22
N GLY A 79 -23.92 -34.69 40.35
CA GLY A 79 -24.37 -35.92 39.67
C GLY A 79 -23.79 -36.07 38.27
N GLN A 80 -23.00 -35.11 37.81
CA GLN A 80 -22.47 -35.12 36.42
C GLN A 80 -20.98 -35.34 36.52
N PHE A 81 -20.56 -36.59 36.44
CA PHE A 81 -19.14 -36.92 36.70
C PHE A 81 -18.33 -36.73 35.41
N ASP A 82 -17.08 -36.32 35.59
CA ASP A 82 -16.08 -36.05 34.53
C ASP A 82 -14.73 -36.63 34.95
N PHE A 83 -14.29 -37.72 34.33
CA PHE A 83 -13.02 -38.39 34.68
C PHE A 83 -12.01 -38.19 33.54
N SER A 84 -12.22 -37.17 32.68
CA SER A 84 -11.32 -36.92 31.53
C SER A 84 -9.89 -36.71 32.02
N PHE A 85 -9.71 -36.05 33.16
CA PHE A 85 -8.35 -35.78 33.68
C PHE A 85 -7.71 -37.14 34.02
N VAL A 86 -8.44 -37.96 34.80
CA VAL A 86 -7.93 -39.28 35.27
C VAL A 86 -7.54 -40.15 34.06
N ASP A 87 -8.30 -40.11 32.97
CA ASP A 87 -7.99 -40.97 31.80
C ASP A 87 -6.60 -40.61 31.22
N VAL A 88 -6.38 -39.32 30.97
CA VAL A 88 -5.11 -38.81 30.38
C VAL A 88 -3.97 -39.14 31.35
N LEU A 89 -4.21 -38.90 32.64
CA LEU A 89 -3.16 -39.11 33.65
C LEU A 89 -2.77 -40.59 33.64
N LEU A 90 -3.77 -41.48 33.71
CA LEU A 90 -3.46 -42.94 33.73
C LEU A 90 -2.65 -43.30 32.48
N LYS A 91 -3.10 -42.88 31.30
CA LYS A 91 -2.45 -43.27 30.06
C LYS A 91 -1.02 -42.71 30.07
N GLU A 92 -0.80 -41.47 30.51
CA GLU A 92 0.54 -40.85 30.37
C GLU A 92 1.49 -41.47 31.40
N ALA A 93 0.96 -41.84 32.56
CA ALA A 93 1.78 -42.45 33.61
C ALA A 93 2.24 -43.82 33.11
N ARG A 94 1.31 -44.59 32.53
CA ARG A 94 1.63 -45.93 32.00
C ARG A 94 2.70 -45.84 30.91
N GLN A 95 2.60 -44.82 30.04
CA GLN A 95 3.58 -44.68 28.92
C GLN A 95 4.99 -44.51 29.55
N ARG A 96 5.09 -43.82 30.68
CA ARG A 96 6.37 -43.52 31.33
C ARG A 96 6.73 -44.59 32.35
N LYS A 97 5.91 -45.62 32.47
CA LYS A 97 6.16 -46.74 33.41
C LYS A 97 6.43 -46.20 34.83
N VAL A 98 5.57 -45.29 35.27
CA VAL A 98 5.59 -44.82 36.69
C VAL A 98 4.25 -45.18 37.37
N ARG A 99 4.26 -45.15 38.71
CA ARG A 99 2.99 -45.38 39.46
C ARG A 99 2.46 -44.04 39.98
N LEU A 100 1.24 -44.07 40.43
CA LEU A 100 0.55 -42.85 40.88
C LEU A 100 0.03 -42.98 42.31
N VAL A 101 0.06 -41.88 43.01
CA VAL A 101 -0.69 -41.66 44.27
C VAL A 101 -1.67 -40.55 43.98
N LEU A 102 -2.95 -40.87 43.98
CA LEU A 102 -4.01 -39.81 43.79
C LEU A 102 -4.33 -39.12 45.11
N LEU A 103 -4.40 -37.81 45.10
CA LEU A 103 -4.69 -36.97 46.30
C LEU A 103 -6.10 -36.43 46.16
N TRP A 104 -7.00 -36.96 47.00
CA TRP A 104 -8.45 -36.60 46.95
C TRP A 104 -8.63 -35.24 47.63
N PHE A 105 -8.69 -34.17 46.83
CA PHE A 105 -8.84 -32.79 47.33
C PHE A 105 -10.34 -32.53 47.42
N ALA A 106 -10.95 -32.50 48.61
CA ALA A 106 -12.43 -32.59 48.69
C ALA A 106 -12.94 -31.71 49.82
N THR A 107 -13.53 -32.30 50.84
CA THR A 107 -14.02 -31.49 51.98
C THR A 107 -12.90 -30.61 52.54
N TRP A 108 -11.69 -31.14 52.74
CA TRP A 108 -10.53 -30.35 53.27
C TRP A 108 -9.36 -30.44 52.28
N LYS A 109 -8.82 -29.28 52.00
CA LYS A 109 -7.52 -29.06 51.37
C LYS A 109 -6.93 -27.87 52.11
N ASN A 110 -5.96 -28.17 52.97
CA ASN A 110 -5.32 -27.18 53.86
C ASN A 110 -6.42 -26.50 54.71
N ASN A 111 -7.29 -27.30 55.33
CA ASN A 111 -8.35 -26.87 56.27
C ASN A 111 -9.60 -26.39 55.50
N ALA A 112 -9.52 -26.06 54.19
CA ALA A 112 -10.60 -25.32 53.49
C ALA A 112 -11.24 -26.13 52.35
N PRO A 113 -12.48 -25.75 51.85
CA PRO A 113 -13.38 -26.40 50.79
C PRO A 113 -13.10 -25.83 49.38
N HIS A 114 -11.93 -25.25 49.20
CA HIS A 114 -11.61 -24.58 47.88
C HIS A 114 -11.70 -25.55 46.71
N TYR A 115 -11.35 -26.82 46.91
CA TYR A 115 -11.42 -27.82 45.83
C TYR A 115 -12.78 -28.47 45.80
N ALA A 116 -13.65 -28.16 46.74
CA ALA A 116 -15.01 -28.71 46.63
C ALA A 116 -15.70 -28.01 45.47
N PRO A 117 -16.68 -28.64 44.80
CA PRO A 117 -17.44 -27.95 43.73
C PRO A 117 -18.13 -26.68 44.23
N ALA A 118 -18.39 -25.76 43.30
CA ALA A 118 -19.07 -24.48 43.60
C ALA A 118 -20.40 -24.76 44.33
N TRP A 119 -21.15 -25.75 43.84
CA TRP A 119 -22.46 -26.14 44.42
C TRP A 119 -22.27 -26.67 45.85
N VAL A 120 -21.04 -27.03 46.26
CA VAL A 120 -20.81 -27.44 47.70
C VAL A 120 -20.35 -26.19 48.49
N LYS A 121 -19.24 -25.59 48.03
CA LYS A 121 -18.52 -24.59 48.85
C LYS A 121 -19.29 -23.27 48.91
N LEU A 122 -20.24 -23.05 48.01
CA LEU A 122 -21.04 -21.79 48.06
C LEU A 122 -22.43 -22.05 48.67
N ASP A 123 -22.64 -23.23 49.26
CA ASP A 123 -23.95 -23.58 49.86
C ASP A 123 -23.77 -23.99 51.32
N ASN A 124 -23.47 -23.03 52.18
CA ASN A 124 -23.16 -23.18 53.64
C ASN A 124 -24.35 -23.84 54.37
N ALA A 125 -25.61 -23.54 54.00
CA ALA A 125 -26.75 -24.09 54.76
C ALA A 125 -26.81 -25.61 54.57
N ARG A 126 -26.54 -26.11 53.36
CA ARG A 126 -26.48 -27.58 53.11
C ARG A 126 -25.15 -28.17 53.64
N PHE A 127 -24.07 -27.43 53.55
CA PHE A 127 -22.70 -27.88 53.85
C PHE A 127 -22.03 -26.90 54.80
N PRO A 128 -22.34 -26.99 56.10
CA PRO A 128 -21.93 -25.97 57.07
C PRO A 128 -20.48 -25.84 57.51
N ARG A 129 -20.10 -24.61 57.80
CA ARG A 129 -18.73 -24.26 58.16
C ARG A 129 -18.61 -24.32 59.68
N VAL A 130 -17.40 -24.54 60.15
CA VAL A 130 -16.97 -24.29 61.54
C VAL A 130 -17.44 -22.92 62.00
N VAL A 131 -18.07 -22.88 63.17
CA VAL A 131 -18.46 -21.60 63.82
C VAL A 131 -17.58 -21.39 65.03
N LYS A 132 -16.97 -20.24 65.18
CA LYS A 132 -16.05 -20.00 66.30
C LYS A 132 -16.89 -19.75 67.55
N GLU A 133 -16.25 -19.70 68.72
CA GLU A 133 -16.92 -19.46 70.03
C GLU A 133 -17.61 -18.09 70.00
N ASP A 134 -17.22 -17.19 69.10
CA ASP A 134 -17.82 -15.83 69.11
C ASP A 134 -18.99 -15.73 68.13
N GLY A 135 -19.38 -16.82 67.45
CA GLY A 135 -20.47 -16.86 66.47
C GLY A 135 -19.96 -16.55 65.06
N ASP A 136 -18.71 -16.12 64.89
CA ASP A 136 -18.12 -15.83 63.55
C ASP A 136 -17.87 -17.16 62.82
N THR A 137 -17.88 -17.13 61.49
CA THR A 137 -17.69 -18.36 60.67
C THR A 137 -16.26 -18.34 60.08
N LEU A 138 -15.67 -19.53 59.99
CA LEU A 138 -14.36 -19.77 59.32
C LEU A 138 -14.63 -20.55 58.04
N ASN A 139 -13.78 -20.37 57.03
CA ASN A 139 -13.97 -21.10 55.77
C ASN A 139 -13.37 -22.53 55.93
N SER A 140 -13.97 -23.37 56.76
CA SER A 140 -13.52 -24.74 57.08
C SER A 140 -14.79 -25.56 57.29
N LEU A 141 -15.01 -26.62 56.51
CA LEU A 141 -16.31 -27.34 56.56
C LEU A 141 -16.35 -28.19 57.86
N SER A 142 -17.47 -28.08 58.54
CA SER A 142 -17.68 -28.86 59.80
C SER A 142 -17.64 -30.35 59.50
N PRO A 143 -16.86 -31.17 60.26
CA PRO A 143 -16.91 -32.62 60.13
C PRO A 143 -18.24 -33.21 60.64
N LEU A 144 -19.06 -32.43 61.37
CA LEU A 144 -20.42 -32.91 61.80
C LEU A 144 -21.43 -32.62 60.67
N GLY A 145 -21.04 -31.99 59.54
CA GLY A 145 -21.97 -31.74 58.42
C GLY A 145 -22.38 -33.05 57.74
N GLN A 146 -23.53 -33.62 58.09
CA GLN A 146 -23.90 -34.98 57.58
C GLN A 146 -24.06 -34.93 56.03
N ASN A 147 -24.68 -33.90 55.48
CA ASN A 147 -24.81 -33.76 53.99
C ASN A 147 -23.41 -33.66 53.38
N THR A 148 -22.47 -32.98 54.03
CA THR A 148 -21.09 -32.79 53.48
C THR A 148 -20.44 -34.18 53.36
N LEU A 149 -20.56 -34.99 54.43
CA LEU A 149 -20.01 -36.37 54.41
C LEU A 149 -20.67 -37.22 53.30
N ALA A 150 -21.98 -37.15 53.15
CA ALA A 150 -22.67 -38.00 52.15
C ALA A 150 -22.20 -37.66 50.71
N ALA A 151 -22.06 -36.35 50.45
CA ALA A 151 -21.73 -35.83 49.11
C ALA A 151 -20.27 -36.21 48.79
N ASP A 152 -19.34 -36.04 49.74
CA ASP A 152 -17.90 -36.33 49.55
C ASP A 152 -17.78 -37.82 49.25
N LYS A 153 -18.41 -38.61 50.13
CA LYS A 153 -18.38 -40.07 50.07
C LYS A 153 -18.90 -40.47 48.71
N LYS A 154 -20.02 -39.93 48.22
CA LYS A 154 -20.60 -40.32 46.91
C LYS A 154 -19.58 -40.10 45.78
N ALA A 155 -18.95 -38.95 45.76
CA ALA A 155 -18.01 -38.62 44.64
C ALA A 155 -16.74 -39.48 44.77
N PHE A 156 -16.29 -39.74 46.00
CA PHE A 156 -15.07 -40.58 46.23
C PHE A 156 -15.36 -41.99 45.72
N VAL A 157 -16.57 -42.48 46.00
CA VAL A 157 -17.01 -43.79 45.46
C VAL A 157 -16.95 -43.81 43.93
N GLU A 158 -17.41 -42.76 43.26
CA GLU A 158 -17.36 -42.74 41.78
C GLU A 158 -15.90 -42.72 41.29
N LEU A 159 -14.97 -42.08 42.02
CA LEU A 159 -13.56 -42.10 41.63
C LEU A 159 -13.05 -43.53 41.75
N MET A 160 -13.41 -44.21 42.84
CA MET A 160 -12.88 -45.57 43.06
C MET A 160 -13.53 -46.53 42.07
N LYS A 161 -14.78 -46.27 41.70
CA LYS A 161 -15.44 -47.08 40.66
C LYS A 161 -14.71 -46.89 39.33
N TYR A 162 -14.25 -45.67 39.03
CA TYR A 162 -13.45 -45.44 37.81
C TYR A 162 -12.17 -46.27 37.85
N LEU A 163 -11.45 -46.27 38.98
CA LEU A 163 -10.21 -47.06 39.11
C LEU A 163 -10.53 -48.56 39.13
N ALA A 164 -11.66 -48.98 39.71
CA ALA A 164 -11.97 -50.42 39.67
C ALA A 164 -12.17 -50.86 38.23
N LYS A 165 -12.75 -50.03 37.39
CA LYS A 165 -13.05 -50.43 35.97
C LYS A 165 -11.89 -50.14 35.02
N ARG A 166 -11.14 -49.05 35.26
CA ARG A 166 -10.12 -48.57 34.28
C ARG A 166 -8.67 -48.74 34.74
N ASP A 167 -8.45 -49.32 35.92
CA ASP A 167 -7.05 -49.45 36.42
C ASP A 167 -6.80 -50.82 37.04
N LYS A 168 -7.04 -51.86 36.25
CA LYS A 168 -6.99 -53.30 36.59
C LYS A 168 -5.57 -53.66 37.00
N ASP A 169 -4.53 -52.95 36.53
CA ASP A 169 -3.10 -53.27 36.85
C ASP A 169 -2.58 -52.33 37.96
N HIS A 170 -3.43 -51.50 38.53
CA HIS A 170 -3.13 -50.71 39.74
C HIS A 170 -1.94 -49.80 39.43
N THR A 171 -2.07 -49.03 38.34
CA THR A 171 -1.16 -47.89 38.07
C THR A 171 -1.21 -47.02 39.33
N VAL A 172 -2.42 -46.77 39.81
CA VAL A 172 -2.66 -46.06 41.08
C VAL A 172 -2.42 -47.06 42.21
N ILE A 173 -1.49 -46.77 43.14
CA ILE A 173 -1.09 -47.75 44.18
C ILE A 173 -1.62 -47.31 45.53
N MET A 174 -1.98 -46.05 45.69
CA MET A 174 -2.41 -45.55 47.00
C MET A 174 -3.22 -44.27 46.80
N VAL A 175 -4.15 -43.98 47.70
CA VAL A 175 -4.96 -42.73 47.59
C VAL A 175 -4.89 -41.99 48.92
N GLN A 176 -4.70 -40.70 48.88
CA GLN A 176 -4.71 -39.81 50.04
C GLN A 176 -6.12 -39.29 50.14
N VAL A 177 -6.78 -39.50 51.27
CA VAL A 177 -8.19 -39.08 51.47
C VAL A 177 -8.14 -37.71 52.14
N GLN A 178 -8.59 -36.67 51.40
CA GLN A 178 -8.48 -35.25 51.81
C GLN A 178 -7.01 -34.77 51.73
N ASN A 179 -6.78 -33.51 52.07
CA ASN A 179 -5.41 -32.96 52.09
C ASN A 179 -5.29 -32.01 53.28
N GLU A 180 -4.48 -32.37 54.29
CA GLU A 180 -4.21 -31.51 55.46
C GLU A 180 -5.55 -31.04 56.06
N VAL A 181 -6.29 -31.99 56.61
CA VAL A 181 -7.55 -31.67 57.31
C VAL A 181 -7.29 -30.84 58.55
N GLY A 182 -8.37 -30.28 59.01
CA GLY A 182 -8.35 -29.52 60.27
C GLY A 182 -8.85 -28.11 60.07
N THR A 183 -8.61 -27.27 61.08
CA THR A 183 -9.12 -25.90 61.15
C THR A 183 -8.06 -24.94 61.68
N TYR A 184 -7.88 -23.85 60.89
CA TYR A 184 -7.08 -22.69 61.32
C TYR A 184 -8.05 -21.69 61.89
N GLY A 185 -7.66 -21.05 63.02
CA GLY A 185 -8.38 -19.90 63.60
C GLY A 185 -9.30 -20.28 64.73
N ALA A 186 -9.55 -21.59 64.96
CA ALA A 186 -10.43 -22.11 66.04
C ALA A 186 -10.01 -23.53 66.39
N VAL A 187 -10.46 -24.06 67.51
CA VAL A 187 -9.99 -25.39 67.92
C VAL A 187 -10.96 -26.44 67.40
N ARG A 188 -12.24 -26.08 67.29
CA ARG A 188 -13.31 -27.00 66.78
C ARG A 188 -14.48 -26.17 66.30
N ASP A 189 -15.51 -26.87 65.81
CA ASP A 189 -16.86 -26.31 65.55
C ASP A 189 -17.55 -26.03 66.90
N TYR A 190 -17.96 -24.77 67.12
CA TYR A 190 -18.79 -24.35 68.27
C TYR A 190 -20.22 -23.98 67.85
N SER A 191 -20.65 -24.46 66.67
CA SER A 191 -22.05 -24.32 66.18
C SER A 191 -22.99 -24.99 67.17
N PRO A 192 -24.30 -24.66 67.16
CA PRO A 192 -25.32 -25.48 67.82
C PRO A 192 -25.26 -27.01 67.59
N MET A 193 -25.14 -27.42 66.32
CA MET A 193 -25.08 -28.86 65.92
C MET A 193 -23.88 -29.53 66.66
N ALA A 194 -22.71 -28.89 66.59
CA ALA A 194 -21.45 -29.41 67.20
C ALA A 194 -21.56 -29.36 68.72
N GLN A 195 -22.12 -28.27 69.27
CA GLN A 195 -22.20 -28.06 70.73
C GLN A 195 -23.07 -29.16 71.36
N ALA A 196 -24.13 -29.62 70.68
CA ALA A 196 -25.00 -30.71 71.20
C ALA A 196 -24.17 -32.00 71.29
N VAL A 197 -23.27 -32.26 70.34
CA VAL A 197 -22.39 -33.47 70.43
C VAL A 197 -21.31 -33.27 71.51
N PHE A 198 -20.71 -32.09 71.61
CA PHE A 198 -19.62 -31.88 72.60
C PHE A 198 -20.12 -32.10 74.04
N ASN A 199 -21.31 -31.61 74.33
CA ASN A 199 -21.97 -31.57 75.68
C ASN A 199 -22.47 -32.98 76.01
N ALA A 200 -22.63 -33.85 75.00
CA ALA A 200 -23.10 -35.26 75.15
C ALA A 200 -21.95 -36.19 75.58
N ALA A 201 -22.21 -37.48 75.77
CA ALA A 201 -21.15 -38.40 76.24
C ALA A 201 -20.19 -38.73 75.10
N VAL A 202 -18.91 -38.79 75.46
CA VAL A 202 -17.84 -39.33 74.56
C VAL A 202 -18.28 -40.72 74.14
N PRO A 203 -18.30 -41.08 72.85
CA PRO A 203 -18.68 -42.44 72.42
C PRO A 203 -17.96 -43.60 73.12
N ASP A 204 -18.70 -44.64 73.50
CA ASP A 204 -18.21 -45.85 74.22
C ASP A 204 -16.98 -46.40 73.47
N ASP A 205 -17.07 -46.46 72.15
CA ASP A 205 -15.99 -47.09 71.32
C ASP A 205 -14.65 -46.38 71.56
N LEU A 206 -14.65 -45.05 71.63
CA LEU A 206 -13.41 -44.30 71.95
C LEU A 206 -13.05 -44.48 73.44
N ILE A 207 -14.05 -44.50 74.33
CA ILE A 207 -13.73 -44.58 75.79
C ILE A 207 -13.03 -45.92 76.04
N GLN A 208 -13.51 -46.96 75.35
CA GLN A 208 -12.96 -48.34 75.45
C GLN A 208 -11.58 -48.44 74.77
N LYS A 209 -11.38 -47.77 73.64
CA LYS A 209 -10.07 -47.93 72.95
C LYS A 209 -8.98 -47.15 73.70
N LEU A 210 -9.31 -46.06 74.39
CA LEU A 210 -8.27 -45.32 75.15
C LEU A 210 -8.24 -45.78 76.62
N GLN A 211 -9.11 -46.72 76.99
CA GLN A 211 -9.18 -47.27 78.38
C GLN A 211 -9.35 -46.13 79.36
N LEU A 212 -10.40 -45.33 79.17
CA LEU A 212 -10.64 -44.10 79.95
C LEU A 212 -11.96 -44.25 80.72
N LYS A 213 -12.14 -43.51 81.80
CA LYS A 213 -13.42 -43.60 82.55
C LYS A 213 -14.45 -42.82 81.72
N PRO A 214 -15.80 -43.22 81.57
CA PRO A 214 -16.80 -42.52 80.78
C PRO A 214 -17.50 -41.33 81.46
N THR A 216 -18.66 -36.97 79.51
CA THR A 216 -18.73 -36.05 78.32
C THR A 216 -17.32 -35.61 77.96
N TRP A 217 -17.17 -34.87 76.83
CA TRP A 217 -15.83 -34.51 76.35
C TRP A 217 -15.14 -33.66 77.43
N SER A 218 -15.85 -32.69 78.02
CA SER A 218 -15.22 -31.80 79.03
C SER A 218 -14.79 -32.67 80.22
N GLN A 219 -15.68 -33.56 80.65
CA GLN A 219 -15.46 -34.43 81.83
C GLN A 219 -14.17 -35.25 81.62
N VAL A 220 -14.01 -35.96 80.50
CA VAL A 220 -12.93 -36.99 80.42
C VAL A 220 -11.62 -36.32 79.95
N PHE A 221 -11.65 -35.29 79.09
CA PHE A 221 -10.43 -34.75 78.44
C PHE A 221 -9.95 -33.41 79.01
N GLY A 222 -10.71 -32.77 79.91
CA GLY A 222 -10.34 -31.45 80.48
C GLY A 222 -9.84 -30.41 79.47
N ARG A 223 -8.63 -29.88 79.72
CA ARG A 223 -7.96 -28.84 78.92
C ARG A 223 -7.86 -29.31 77.46
N ASP A 224 -7.88 -30.62 77.18
CA ASP A 224 -7.77 -31.11 75.76
C ASP A 224 -9.12 -31.41 75.12
N ALA A 225 -10.27 -31.25 75.79
CA ALA A 225 -11.57 -31.70 75.20
C ALA A 225 -11.80 -31.06 73.80
N ASP A 226 -11.62 -29.74 73.66
CA ASP A 226 -11.98 -29.08 72.38
C ASP A 226 -11.16 -29.68 71.23
N GLU A 227 -9.84 -29.84 71.42
CA GLU A 227 -8.97 -30.27 70.28
C GLU A 227 -9.22 -31.75 70.01
N PHE A 228 -9.34 -32.56 71.07
CA PHE A 228 -9.58 -34.00 70.83
C PHE A 228 -10.95 -34.24 70.19
N PHE A 229 -11.98 -33.42 70.47
CA PHE A 229 -13.32 -33.60 69.85
C PHE A 229 -13.21 -33.40 68.31
N HIS A 230 -12.47 -32.36 67.88
CA HIS A 230 -12.36 -32.00 66.45
C HIS A 230 -11.56 -33.10 65.81
N ALA A 231 -10.48 -33.54 66.46
CA ALA A 231 -9.64 -34.64 65.87
C ALA A 231 -10.54 -35.86 65.69
N TYR A 232 -11.33 -36.16 66.73
CA TYR A 232 -12.28 -37.28 66.66
C TYR A 232 -13.29 -37.15 65.48
N GLN A 233 -13.99 -36.01 65.31
CA GLN A 233 -15.08 -35.95 64.30
C GLN A 233 -14.45 -35.98 62.90
N ILE A 234 -13.30 -35.33 62.73
CA ILE A 234 -12.55 -35.34 61.45
C ILE A 234 -12.06 -36.76 61.16
N ALA A 235 -11.44 -37.43 62.13
CA ALA A 235 -11.01 -38.81 61.91
C ALA A 235 -12.25 -39.64 61.57
N ARG A 236 -13.41 -39.49 62.21
CA ARG A 236 -14.58 -40.34 61.87
C ARG A 236 -15.02 -40.08 60.42
N TYR A 237 -14.98 -38.82 60.02
CA TYR A 237 -15.43 -38.37 58.70
C TYR A 237 -14.55 -39.06 57.65
N CYS A 238 -13.22 -38.94 57.85
CA CYS A 238 -12.20 -39.50 56.92
C CYS A 238 -12.31 -41.02 56.91
N ASP A 239 -12.53 -41.62 58.07
CA ASP A 239 -12.71 -43.08 58.12
C ASP A 239 -13.95 -43.50 57.30
N GLU A 240 -15.08 -42.78 57.34
CA GLU A 240 -16.27 -43.23 56.54
C GLU A 240 -16.06 -43.13 55.02
N VAL A 241 -15.32 -42.11 54.58
CA VAL A 241 -15.11 -41.90 53.14
C VAL A 241 -14.21 -43.04 52.72
N THR A 242 -13.21 -43.31 53.55
CA THR A 242 -12.20 -44.37 53.25
C THR A 242 -12.88 -45.75 53.12
N VAL A 243 -13.74 -46.12 54.07
CA VAL A 243 -14.43 -47.44 53.97
C VAL A 243 -15.25 -47.52 52.67
N ALA A 244 -15.95 -46.43 52.34
CA ALA A 244 -16.87 -46.32 51.19
C ALA A 244 -16.06 -46.58 49.93
N GLY A 245 -14.88 -45.98 49.81
CA GLY A 245 -14.01 -46.22 48.66
C GLY A 245 -13.42 -47.60 48.65
N LYS A 246 -12.93 -48.08 49.78
CA LYS A 246 -12.24 -49.39 49.85
C LYS A 246 -13.24 -50.52 49.57
N ALA A 247 -14.54 -50.29 49.82
CA ALA A 247 -15.59 -51.27 49.47
C ALA A 247 -15.68 -51.40 47.94
N ILE A 248 -15.19 -50.41 47.18
CA ILE A 248 -15.21 -50.43 45.69
C ILE A 248 -13.92 -51.07 45.19
N LYS A 249 -12.78 -50.56 45.69
CA LYS A 249 -11.43 -51.07 45.39
C LYS A 249 -10.55 -50.83 46.60
N ASN A 250 -10.09 -51.91 47.19
CA ASN A 250 -9.39 -51.87 48.50
C ASN A 250 -7.92 -51.47 48.32
N LEU A 251 -7.66 -50.27 47.83
CA LEU A 251 -6.28 -49.71 47.77
C LEU A 251 -5.90 -49.18 49.15
N PRO A 252 -4.57 -49.08 49.52
CA PRO A 252 -3.90 -48.40 50.74
C PRO A 252 -4.47 -46.97 50.63
N MET A 253 -4.90 -46.39 51.73
CA MET A 253 -5.37 -44.99 51.76
C MET A 253 -4.82 -44.35 53.00
N TYR A 254 -4.46 -43.09 52.91
CA TYR A 254 -3.76 -42.47 54.04
C TYR A 254 -4.18 -41.02 54.17
N VAL A 255 -3.85 -40.42 55.31
CA VAL A 255 -4.06 -38.95 55.52
C VAL A 255 -2.72 -38.27 55.74
N ASN A 256 -2.59 -37.00 55.27
CA ASN A 256 -1.33 -36.25 55.39
C ASN A 256 -1.56 -35.13 56.38
N VAL A 257 -0.59 -34.89 57.22
CA VAL A 257 -0.76 -34.00 58.35
C VAL A 257 -0.04 -32.68 58.14
N ALA A 258 -0.78 -31.61 58.33
CA ALA A 258 -0.18 -30.27 58.50
C ALA A 258 0.43 -30.23 59.91
N LEU A 259 1.73 -30.41 60.00
CA LEU A 259 2.41 -30.70 61.31
C LEU A 259 2.37 -29.48 62.21
N ARG A 260 2.27 -29.76 63.50
CA ARG A 260 2.60 -28.77 64.54
C ARG A 260 4.06 -29.02 64.89
N ASN A 261 4.79 -27.97 65.27
CA ASN A 261 6.18 -28.05 65.74
C ASN A 261 6.17 -29.01 66.92
N PRO A 262 6.89 -30.13 66.86
CA PRO A 262 6.82 -31.13 67.93
C PRO A 262 7.44 -30.65 69.24
N PHE A 263 8.35 -29.69 69.17
CA PHE A 263 9.07 -29.14 70.34
C PHE A 263 8.46 -27.84 70.89
N ASN A 264 7.60 -27.15 70.14
CA ASN A 264 7.10 -25.82 70.58
C ASN A 264 5.88 -25.56 69.71
N PRO A 265 4.80 -26.35 69.89
CA PRO A 265 3.73 -26.34 68.91
C PRO A 265 2.82 -25.10 68.86
N GLY A 266 2.76 -24.35 69.95
CA GLY A 266 1.74 -23.30 70.10
C GLY A 266 0.37 -23.93 70.24
N LEU A 267 -0.70 -23.15 70.02
CA LEU A 267 -2.09 -23.59 70.40
C LEU A 267 -2.76 -24.17 69.17
N PRO A 268 -3.68 -25.14 69.33
CA PRO A 268 -4.49 -25.62 68.23
C PRO A 268 -5.32 -24.47 67.67
N GLY A 269 -5.38 -24.37 66.34
CA GLY A 269 -5.91 -23.17 65.72
C GLY A 269 -4.83 -22.28 65.11
N GLN A 270 -3.66 -22.21 65.71
CA GLN A 270 -2.48 -21.54 65.08
C GLN A 270 -1.83 -22.59 64.18
N TYR A 271 -1.71 -23.82 64.71
CA TYR A 271 -1.61 -25.01 63.83
C TYR A 271 -3.00 -25.54 63.53
N SER A 272 -3.08 -26.35 62.48
CA SER A 272 -4.34 -26.94 61.97
C SER A 272 -4.89 -27.90 63.05
N SER A 273 -5.90 -27.47 63.76
CA SER A 273 -6.53 -28.27 64.83
C SER A 273 -7.31 -29.42 64.17
N GLY A 274 -7.19 -30.64 64.73
CA GLY A 274 -8.04 -31.75 64.29
C GLY A 274 -7.32 -32.71 63.37
N GLY A 275 -6.25 -32.27 62.74
CA GLY A 275 -5.45 -33.14 61.88
C GLY A 275 -4.67 -34.08 62.77
N GLY A 276 -4.00 -35.04 62.14
CA GLY A 276 -3.26 -36.10 62.84
C GLY A 276 -1.96 -35.59 63.44
N THR A 277 -2.01 -34.50 64.22
CA THR A 277 -0.84 -33.97 64.94
C THR A 277 -0.41 -34.95 66.06
N ASP A 278 0.83 -34.81 66.47
CA ASP A 278 1.54 -35.80 67.34
C ASP A 278 0.80 -36.03 68.70
N ASN A 279 0.04 -35.04 69.23
CA ASN A 279 -0.76 -35.14 70.49
C ASN A 279 -2.11 -35.85 70.28
N VAL A 280 -2.57 -36.05 69.05
CA VAL A 280 -3.90 -36.69 68.80
C VAL A 280 -3.72 -37.93 67.91
N LEU A 281 -2.53 -38.49 67.74
CA LEU A 281 -2.48 -39.74 66.90
C LEU A 281 -3.28 -40.84 67.59
N HIS A 282 -3.33 -40.82 68.92
CA HIS A 282 -4.04 -41.90 69.68
C HIS A 282 -5.53 -41.78 69.40
N ILE A 283 -6.04 -40.56 69.23
CA ILE A 283 -7.49 -40.34 68.89
C ILE A 283 -7.71 -40.86 67.46
N TRP A 284 -6.78 -40.48 66.55
CA TRP A 284 -6.90 -40.84 65.10
C TRP A 284 -6.83 -42.34 64.94
N LYS A 285 -5.95 -43.02 65.67
CA LYS A 285 -5.81 -44.49 65.45
C LYS A 285 -7.07 -45.20 65.98
N ALA A 286 -7.66 -44.67 67.07
CA ALA A 286 -8.88 -45.25 67.71
C ALA A 286 -10.08 -44.94 66.83
N ALA A 287 -10.13 -43.75 66.24
CA ALA A 287 -11.37 -43.33 65.53
C ALA A 287 -11.38 -43.79 64.07
N ALA A 288 -10.21 -43.98 63.48
CA ALA A 288 -10.12 -44.22 62.03
C ALA A 288 -9.33 -45.48 61.76
N PRO A 289 -9.86 -46.67 62.14
CA PRO A 289 -9.11 -47.91 61.95
C PRO A 289 -8.95 -48.36 60.51
N ASN A 290 -9.75 -47.80 59.59
CA ASN A 290 -9.70 -48.21 58.16
C ASN A 290 -8.65 -47.39 57.39
N ILE A 291 -8.14 -46.30 57.98
CA ILE A 291 -7.09 -45.48 57.35
C ILE A 291 -5.77 -46.19 57.58
N ASP A 292 -5.00 -46.44 56.52
CA ASP A 292 -3.81 -47.32 56.61
C ASP A 292 -2.68 -46.65 57.40
N LEU A 293 -2.41 -45.38 57.19
CA LEU A 293 -1.32 -44.69 57.89
C LEU A 293 -1.59 -43.18 57.94
N ILE A 294 -0.92 -42.53 58.89
CA ILE A 294 -0.93 -41.07 59.10
C ILE A 294 0.45 -40.51 58.70
N ALA A 295 0.49 -39.68 57.64
CA ALA A 295 1.76 -39.31 56.97
C ALA A 295 2.13 -37.85 57.31
N PRO A 296 3.38 -37.49 57.84
CA PRO A 296 3.97 -36.11 58.17
C PRO A 296 4.29 -35.39 56.85
N ASP A 297 3.91 -34.14 56.76
CA ASP A 297 4.23 -33.24 55.61
C ASP A 297 5.29 -32.32 56.20
N ILE A 298 6.54 -32.53 55.85
CA ILE A 298 7.69 -31.90 56.56
C ILE A 298 8.21 -30.67 55.83
N TYR A 299 8.14 -29.52 56.46
CA TYR A 299 8.74 -28.27 55.93
C TYR A 299 9.67 -27.61 56.96
N PHE A 300 9.92 -28.30 58.10
CA PHE A 300 11.00 -27.90 59.04
C PHE A 300 12.35 -28.25 58.38
N ARG A 301 13.28 -27.31 58.32
CA ARG A 301 14.56 -27.57 57.59
C ARG A 301 15.59 -28.17 58.54
N ASP A 302 15.46 -27.83 59.85
CA ASP A 302 16.51 -28.20 60.86
C ASP A 302 16.46 -29.68 61.27
N TYR A 303 17.64 -30.28 61.26
CA TYR A 303 17.82 -31.72 61.47
C TYR A 303 17.12 -32.15 62.74
N LYS A 304 17.29 -31.46 63.86
CA LYS A 304 16.71 -31.94 65.16
C LYS A 304 15.18 -32.07 65.08
N THR A 305 14.50 -31.08 64.48
CA THR A 305 13.04 -31.08 64.37
C THR A 305 12.57 -32.17 63.40
N VAL A 306 13.19 -32.28 62.24
CA VAL A 306 12.80 -33.31 61.27
C VAL A 306 13.01 -34.68 61.92
N SER A 307 14.16 -34.90 62.56
CA SER A 307 14.46 -36.21 63.24
C SER A 307 13.33 -36.51 64.25
N LYS A 308 12.84 -35.49 64.94
CA LYS A 308 11.79 -35.67 65.98
C LYS A 308 10.48 -36.07 65.30
N VAL A 309 10.18 -35.42 64.17
CA VAL A 309 8.98 -35.81 63.41
C VAL A 309 9.07 -37.26 62.93
N LEU A 310 10.16 -37.69 62.34
CA LEU A 310 10.30 -39.08 61.82
C LEU A 310 10.14 -40.02 63.02
N GLU A 311 10.72 -39.67 64.17
CA GLU A 311 10.57 -40.53 65.39
C GLU A 311 9.07 -40.64 65.79
N LEU A 312 8.31 -39.54 65.80
CA LEU A 312 6.91 -39.48 66.26
C LEU A 312 6.00 -40.24 65.34
N TYR A 313 6.31 -40.26 64.04
CA TYR A 313 5.33 -40.84 63.09
C TYR A 313 5.72 -42.26 62.74
N THR A 314 6.85 -42.73 63.22
CA THR A 314 7.27 -44.13 62.99
C THR A 314 6.82 -44.90 64.24
N ARG A 315 5.78 -45.71 64.11
CA ARG A 315 5.23 -46.42 65.26
C ARG A 315 4.90 -47.83 64.85
N PRO A 316 4.80 -48.77 65.83
CA PRO A 316 4.31 -50.10 65.50
C PRO A 316 3.01 -50.07 64.68
N ASP A 317 2.11 -49.13 64.99
CA ASP A 317 0.76 -48.99 64.39
C ASP A 317 0.80 -47.97 63.23
N ASN A 318 1.97 -47.47 62.79
CA ASN A 318 2.00 -46.38 61.78
C ASN A 318 3.27 -46.50 60.90
N ALA A 319 3.08 -46.97 59.70
CA ALA A 319 4.15 -47.00 58.69
C ALA A 319 4.53 -45.57 58.43
N LEU A 320 5.82 -45.31 58.36
CA LEU A 320 6.39 -43.97 58.02
C LEU A 320 6.31 -43.73 56.48
N PHE A 321 5.56 -42.72 56.07
CA PHE A 321 5.53 -42.22 54.67
C PHE A 321 5.67 -40.71 54.75
N VAL A 322 6.75 -40.20 54.14
CA VAL A 322 6.97 -38.75 54.12
C VAL A 322 6.21 -38.28 52.89
N ALA A 323 4.92 -38.09 53.07
CA ALA A 323 3.94 -37.80 52.00
C ALA A 323 4.26 -36.47 51.28
N GLU A 324 4.85 -35.54 52.00
CA GLU A 324 5.38 -34.30 51.40
C GLU A 324 6.63 -33.91 52.15
N ILE A 325 7.60 -33.33 51.44
CA ILE A 325 8.71 -32.64 52.10
C ILE A 325 9.07 -31.46 51.19
N GLY A 326 9.63 -30.44 51.75
CA GLY A 326 10.15 -29.27 51.01
C GLY A 326 11.12 -29.70 49.97
N ASN A 327 11.15 -28.94 48.87
CA ASN A 327 12.01 -29.30 47.70
C ASN A 327 13.28 -28.46 47.68
N ASP A 328 13.61 -27.77 48.75
CA ASP A 328 14.90 -27.06 48.84
C ASP A 328 16.02 -28.05 49.16
N GLN A 329 17.26 -27.68 48.88
CA GLN A 329 18.45 -28.57 48.98
C GLN A 329 18.53 -29.28 50.34
N PRO A 330 18.32 -28.60 51.47
CA PRO A 330 18.59 -29.29 52.77
C PRO A 330 17.72 -30.51 53.00
N PHE A 331 16.62 -30.66 52.29
CA PHE A 331 15.60 -31.70 52.54
C PHE A 331 16.02 -33.03 51.97
N ALA A 332 16.89 -33.05 50.93
CA ALA A 332 17.15 -34.26 50.12
C ALA A 332 17.75 -35.32 51.06
N ARG A 333 18.61 -34.90 51.96
CA ARG A 333 19.34 -35.89 52.81
C ARG A 333 18.37 -36.56 53.78
N TYR A 334 17.19 -36.04 54.00
CA TYR A 334 16.24 -36.76 54.96
C TYR A 334 15.71 -38.05 54.36
N LEU A 335 15.99 -38.35 53.08
CA LEU A 335 15.61 -39.63 52.51
C LEU A 335 16.32 -40.73 53.33
N PHE A 336 17.55 -40.47 53.76
CA PHE A 336 18.34 -41.58 54.37
C PHE A 336 17.72 -42.01 55.68
N PRO A 337 17.47 -41.13 56.65
CA PRO A 337 16.81 -41.54 57.91
C PRO A 337 15.36 -42.01 57.67
N THR A 338 14.65 -41.45 56.67
CA THR A 338 13.31 -41.95 56.35
C THR A 338 13.44 -43.44 56.08
N LEU A 339 14.34 -43.84 55.16
CA LEU A 339 14.43 -45.25 54.77
C LEU A 339 15.00 -46.04 55.94
N GLY A 340 15.86 -45.45 56.70
CA GLY A 340 16.53 -46.16 57.84
C GLY A 340 15.52 -46.51 58.91
N LYS A 341 14.47 -45.73 59.04
CA LYS A 341 13.36 -46.02 59.99
C LYS A 341 12.43 -47.09 59.42
N GLY A 342 12.70 -47.64 58.24
CA GLY A 342 11.73 -48.58 57.63
C GLY A 342 10.63 -47.84 56.86
N GLY A 343 10.85 -46.56 56.53
CA GLY A 343 9.83 -45.82 55.75
C GLY A 343 9.51 -46.52 54.44
N ILE A 344 8.29 -46.28 53.97
CA ILE A 344 7.76 -46.88 52.74
C ILE A 344 7.89 -45.86 51.59
N GLY A 345 8.21 -44.63 51.88
CA GLY A 345 8.30 -43.62 50.78
C GLY A 345 8.64 -42.24 51.20
N PHE A 346 8.92 -41.40 50.20
CA PHE A 346 9.46 -40.05 50.40
C PHE A 346 9.04 -39.24 49.18
N SER A 347 8.46 -38.10 49.39
CA SER A 347 7.83 -37.40 48.22
C SER A 347 8.00 -35.87 48.31
N PRO A 348 9.10 -35.29 47.71
CA PRO A 348 9.27 -33.85 47.67
C PRO A 348 8.09 -33.20 46.92
N PHE A 349 7.68 -32.06 47.45
CA PHE A 349 6.56 -31.25 46.97
C PHE A 349 7.04 -30.17 46.00
N GLY A 350 6.22 -29.98 44.97
CA GLY A 350 6.37 -28.88 44.00
C GLY A 350 7.37 -29.24 42.92
N MET A 351 7.51 -30.51 42.55
CA MET A 351 8.47 -30.90 41.48
C MET A 351 7.79 -30.83 40.08
N ASP A 352 7.50 -29.62 39.62
CA ASP A 352 7.06 -29.42 38.22
C ASP A 352 7.43 -28.00 37.83
N ASP A 353 7.31 -27.73 36.54
CA ASP A 353 7.85 -26.47 36.00
C ASP A 353 6.66 -25.61 35.64
N THR A 354 5.68 -25.49 36.50
CA THR A 354 4.41 -24.77 36.19
C THR A 354 4.52 -23.35 36.73
N ASP A 355 5.76 -22.86 36.91
CA ASP A 355 6.07 -21.46 37.28
C ASP A 355 5.49 -21.15 38.66
N TYR A 356 5.83 -21.98 39.63
CA TYR A 356 5.42 -21.67 41.02
C TYR A 356 6.52 -22.19 41.94
N THR A 357 6.84 -21.46 43.00
CA THR A 357 7.75 -21.95 44.05
C THR A 357 7.10 -21.64 45.38
N ASN A 358 7.11 -22.60 46.30
CA ASN A 358 6.50 -22.38 47.63
C ASN A 358 7.52 -21.86 48.63
N TYR A 359 8.66 -21.37 48.15
CA TYR A 359 9.59 -20.62 48.99
C TYR A 359 8.85 -19.55 49.78
N PRO A 360 9.04 -19.33 51.09
CA PRO A 360 10.17 -19.86 51.87
C PRO A 360 10.10 -21.31 52.36
N LEU A 361 9.03 -22.05 52.09
CA LEU A 361 8.95 -23.50 52.47
C LEU A 361 9.95 -24.30 51.62
N GLY A 362 9.84 -24.19 50.33
CA GLY A 362 10.74 -24.86 49.37
C GLY A 362 11.84 -23.97 48.77
N ALA A 363 12.35 -24.44 47.64
CA ALA A 363 13.48 -23.79 46.91
C ALA A 363 13.07 -22.43 46.42
N LYS A 364 13.99 -21.49 46.53
CA LYS A 364 13.75 -20.12 46.04
C LYS A 364 13.56 -20.18 44.52
N VAL A 365 14.34 -21.00 43.84
CA VAL A 365 14.23 -21.12 42.35
C VAL A 365 14.13 -22.59 42.00
N TYR A 366 13.27 -22.86 41.03
CA TYR A 366 13.04 -24.20 40.50
C TYR A 366 13.76 -24.28 39.17
N ASN A 367 14.79 -25.07 39.16
CA ASN A 367 15.56 -25.36 37.95
C ASN A 367 16.15 -26.77 38.02
N ASP A 368 17.02 -27.07 37.11
CA ASP A 368 17.59 -28.42 37.02
C ASP A 368 18.41 -28.69 38.29
N GLU A 369 19.06 -27.69 38.88
CA GLU A 369 19.91 -27.86 40.07
C GLU A 369 18.98 -28.22 41.26
N THR A 370 17.77 -27.66 41.35
CA THR A 370 16.79 -28.01 42.42
C THR A 370 16.43 -29.49 42.34
N ILE A 371 16.18 -29.97 41.12
CA ILE A 371 15.84 -31.38 40.84
C ILE A 371 17.07 -32.24 41.17
N GLU A 372 18.24 -31.84 40.72
CA GLU A 372 19.47 -32.67 40.79
C GLU A 372 19.73 -33.02 42.26
N GLN A 373 19.35 -32.19 43.20
CA GLN A 373 19.68 -32.52 44.67
C GLN A 373 18.95 -33.80 45.07
N PHE A 374 17.74 -34.01 44.60
CA PHE A 374 16.94 -35.25 44.87
C PHE A 374 17.35 -36.37 43.96
N ALA A 375 17.62 -36.06 42.66
CA ALA A 375 18.07 -37.10 41.71
C ALA A 375 19.32 -37.80 42.28
N GLN A 376 20.26 -37.05 42.83
CA GLN A 376 21.53 -37.68 43.30
C GLN A 376 21.24 -38.67 44.46
N VAL A 377 20.30 -38.39 45.33
CA VAL A 377 20.02 -39.36 46.43
C VAL A 377 19.12 -40.45 45.94
N TYR A 378 18.24 -40.19 44.97
CA TYR A 378 17.42 -41.30 44.39
C TYR A 378 18.27 -42.33 43.67
N ARG A 379 19.39 -41.87 43.09
CA ARG A 379 20.30 -42.71 42.29
C ARG A 379 20.95 -43.77 43.21
N LEU A 380 21.02 -43.51 44.54
CA LEU A 380 21.59 -44.54 45.44
C LEU A 380 20.56 -45.66 45.68
N VAL A 381 19.26 -45.39 45.64
CA VAL A 381 18.20 -46.37 46.07
C VAL A 381 17.59 -47.07 44.86
N ASN A 382 17.29 -46.31 43.82
CA ASN A 382 16.74 -46.91 42.57
C ASN A 382 17.41 -48.24 42.19
N PRO A 383 18.74 -48.38 42.14
CA PRO A 383 19.36 -49.61 41.66
C PRO A 383 19.07 -50.86 42.51
N MET A 384 18.66 -50.65 43.77
CA MET A 384 18.35 -51.72 44.75
C MET A 384 16.95 -51.56 45.33
N MET A 385 16.00 -50.89 44.66
CA MET A 385 14.77 -50.46 45.35
C MET A 385 14.08 -51.72 45.90
N ARG A 386 13.91 -52.77 45.10
CA ARG A 386 13.10 -53.97 45.53
C ARG A 386 13.86 -54.70 46.69
N GLU A 387 15.17 -54.83 46.57
CA GLU A 387 16.04 -55.50 47.55
C GLU A 387 15.97 -54.70 48.84
N TRP A 388 16.16 -53.38 48.74
CA TRP A 388 16.06 -52.53 49.95
C TRP A 388 14.68 -52.71 50.59
N ALA A 389 13.62 -52.62 49.82
CA ALA A 389 12.25 -52.66 50.38
C ALA A 389 12.07 -53.99 51.13
N ARG A 390 12.53 -55.08 50.59
CA ARG A 390 12.39 -56.40 51.28
C ARG A 390 13.25 -56.41 52.54
N LEU A 391 14.46 -55.90 52.50
CA LEU A 391 15.34 -55.86 53.71
C LEU A 391 14.71 -54.98 54.81
N SER A 392 14.16 -53.83 54.50
CA SER A 392 13.55 -52.95 55.54
C SER A 392 12.34 -53.61 56.18
N TYR A 393 11.53 -54.36 55.43
CA TYR A 393 10.38 -55.08 56.03
C TYR A 393 10.83 -56.31 56.83
N GLN A 394 11.60 -57.19 56.19
CA GLN A 394 12.02 -58.53 56.70
C GLN A 394 13.23 -58.42 57.60
N GLY A 395 13.97 -57.32 57.63
CA GLY A 395 15.18 -57.38 58.48
C GLY A 395 15.56 -56.10 59.18
N GLN A 396 16.85 -55.86 59.18
CA GLN A 396 17.45 -54.73 59.90
C GLN A 396 18.08 -53.78 58.88
N VAL A 397 17.61 -52.54 58.95
CA VAL A 397 18.19 -51.45 58.13
C VAL A 397 18.45 -50.26 59.05
N TRP A 398 19.29 -49.38 58.58
CA TRP A 398 19.69 -48.15 59.26
C TRP A 398 19.89 -47.08 58.23
N GLY A 399 19.73 -45.86 58.66
CA GLY A 399 19.93 -44.71 57.78
C GLY A 399 20.17 -43.48 58.59
N VAL A 400 21.11 -42.66 58.17
CA VAL A 400 21.43 -41.41 58.86
C VAL A 400 21.64 -40.31 57.82
N ALA A 401 21.40 -39.10 58.28
CA ALA A 401 21.69 -37.82 57.56
C ALA A 401 22.72 -36.99 58.30
N GLU A 402 23.45 -36.17 57.56
CA GLU A 402 24.38 -35.19 58.12
C GLU A 402 23.68 -34.39 59.22
N PRO A 403 24.11 -34.52 60.51
CA PRO A 403 23.36 -33.99 61.65
C PRO A 403 23.49 -32.50 61.98
N LEU A 404 24.42 -31.81 61.35
CA LEU A 404 24.51 -30.35 61.56
C LEU A 404 23.91 -29.71 60.32
N ASP A 405 23.11 -28.68 60.51
CA ASP A 405 22.57 -27.89 59.39
C ASP A 405 23.69 -27.01 58.84
N SER A 406 23.53 -26.48 57.61
CA SER A 406 24.51 -25.50 57.04
C SER A 406 24.80 -24.34 58.02
N THR A 407 26.07 -23.95 58.11
CA THR A 407 26.52 -22.77 58.88
C THR A 407 25.78 -21.51 58.38
N THR A 408 25.10 -20.82 59.29
CA THR A 408 24.31 -19.58 58.99
C THR A 408 25.24 -18.37 58.87
N GLU A 409 24.80 -17.29 58.22
CA GLU A 409 25.61 -16.04 58.17
C GLU A 409 25.88 -15.57 59.61
N THR A 410 24.86 -15.60 60.47
CA THR A 410 24.99 -15.29 61.93
C THR A 410 26.20 -16.03 62.52
N GLN A 411 26.17 -17.37 62.46
CA GLN A 411 27.24 -18.24 63.03
C GLN A 411 28.60 -17.90 62.40
N LYS A 412 28.68 -17.59 61.10
CA LYS A 412 29.98 -17.23 60.46
C LYS A 412 30.35 -15.79 60.89
N GLU A 424 39.85 -23.67 67.69
CA GLU A 424 40.31 -25.07 67.85
C GLU A 424 39.18 -25.84 68.50
N GLN A 425 38.50 -25.22 69.47
CA GLN A 425 37.47 -25.88 70.30
C GLN A 425 36.15 -26.07 69.53
N HIS A 426 35.71 -25.09 68.78
CA HIS A 426 34.43 -25.19 68.03
C HIS A 426 34.60 -26.23 66.91
N LYS A 427 35.86 -26.39 66.39
CA LYS A 427 36.22 -27.39 65.36
C LYS A 427 36.16 -28.80 65.95
N LYS A 428 36.68 -29.02 67.17
CA LYS A 428 36.54 -30.37 67.76
C LYS A 428 35.05 -30.63 68.02
N ASP A 429 34.31 -29.61 68.53
CA ASP A 429 32.86 -29.79 68.87
C ASP A 429 32.15 -30.22 67.59
N ARG A 430 32.36 -29.48 66.49
CA ARG A 430 31.69 -29.81 65.19
C ARG A 430 32.09 -31.24 64.74
N ALA A 431 33.37 -31.64 64.86
CA ALA A 431 33.86 -32.93 64.37
C ALA A 431 33.11 -34.04 65.13
N SER A 432 32.93 -33.84 66.44
CA SER A 432 32.22 -34.78 67.35
C SER A 432 30.74 -34.88 66.95
N ALA A 433 30.08 -33.73 66.67
CA ALA A 433 28.65 -33.71 66.30
C ALA A 433 28.47 -34.33 64.89
N LEU A 434 29.52 -34.28 64.07
CA LEU A 434 29.47 -34.78 62.66
C LEU A 434 29.96 -36.24 62.59
N THR A 435 29.89 -36.95 63.70
CA THR A 435 30.34 -38.34 63.87
C THR A 435 29.16 -39.12 64.44
N GLN A 436 28.62 -40.11 63.74
CA GLN A 436 27.42 -40.83 64.20
C GLN A 436 27.78 -42.31 64.40
N GLN A 437 27.25 -42.93 65.45
CA GLN A 437 27.55 -44.36 65.72
C GLN A 437 26.31 -45.18 65.40
N LEU A 438 26.45 -46.33 64.75
CA LEU A 438 25.32 -47.26 64.56
C LEU A 438 25.69 -48.65 65.07
N ASP A 439 24.80 -49.24 65.88
CA ASP A 439 24.98 -50.61 66.40
C ASP A 439 24.40 -51.64 65.43
N LEU A 440 25.26 -52.35 64.67
CA LEU A 440 24.77 -53.31 63.65
C LEU A 440 24.91 -54.75 64.14
N GLY A 441 25.05 -54.94 65.44
CA GLY A 441 25.06 -56.33 65.97
C GLY A 441 26.44 -56.69 66.47
N LEU A 442 27.15 -57.52 65.73
CA LEU A 442 28.58 -57.84 66.06
C LEU A 442 29.50 -56.70 65.64
N TRP A 443 28.99 -55.80 64.78
CA TRP A 443 29.79 -54.70 64.18
C TRP A 443 29.02 -53.41 64.41
N ASP A 444 29.76 -52.32 64.56
CA ASP A 444 29.25 -50.94 64.56
C ASP A 444 29.78 -50.25 63.31
N ALA A 445 29.02 -49.29 62.81
CA ALA A 445 29.56 -48.32 61.83
C ALA A 445 29.67 -46.96 62.49
N GLU A 446 30.66 -46.21 62.04
CA GLU A 446 30.82 -44.81 62.42
C GLU A 446 30.71 -44.00 61.14
N VAL A 447 29.76 -43.10 61.05
CA VAL A 447 29.54 -42.27 59.83
C VAL A 447 29.99 -40.87 60.15
N THR A 448 30.85 -40.29 59.29
CA THR A 448 31.43 -38.94 59.46
C THR A 448 31.24 -38.17 58.13
N TYR A 449 31.16 -36.85 58.21
CA TYR A 449 30.77 -36.00 57.03
C TYR A 449 31.82 -34.92 56.77
N GLY A 450 32.35 -34.88 55.55
CA GLY A 450 33.10 -33.70 55.11
C GLY A 450 34.53 -33.84 55.53
N ARG A 451 35.17 -34.80 54.90
CA ARG A 451 36.60 -35.06 55.04
C ARG A 451 37.14 -35.72 53.78
N PRO A 452 38.47 -35.64 53.63
CA PRO A 452 39.14 -36.25 52.46
C PRO A 452 38.90 -37.75 52.40
N MET A 453 39.21 -38.36 51.27
CA MET A 453 39.05 -39.82 51.06
C MET A 453 40.30 -40.58 51.51
N PHE A 454 41.28 -39.88 52.08
CA PHE A 454 42.57 -40.45 52.53
C PHE A 454 42.93 -39.80 53.87
N TRP A 455 43.60 -40.56 54.75
CA TRP A 455 44.12 -40.06 56.06
C TRP A 455 42.93 -39.83 57.02
N VAL A 456 43.18 -39.17 58.13
CA VAL A 456 42.22 -39.15 59.25
C VAL A 456 41.93 -37.71 59.71
N THR A 457 42.19 -36.69 58.86
CA THR A 457 41.90 -35.29 59.25
C THR A 457 40.42 -35.27 59.66
N PRO A 458 39.96 -34.71 60.86
CA PRO A 458 38.60 -34.83 61.39
C PRO A 458 37.52 -34.21 60.51
N PRO A 459 36.26 -34.69 60.59
CA PRO A 459 35.15 -34.16 59.79
C PRO A 459 34.89 -32.66 60.01
N GLU A 460 34.66 -31.91 58.91
CA GLU A 460 34.27 -30.48 58.96
C GLU A 460 32.87 -30.27 58.35
N GLY A 461 32.23 -31.31 57.85
CA GLY A 461 30.89 -31.22 57.27
C GLY A 461 30.95 -30.72 55.85
N ASN A 462 29.89 -31.03 55.11
CA ASN A 462 29.72 -30.64 53.68
C ASN A 462 29.08 -29.23 53.68
N THR A 463 29.38 -28.43 52.68
CA THR A 463 28.80 -27.08 52.48
C THR A 463 28.08 -27.09 51.15
N PRO A 464 26.74 -27.11 51.10
CA PRO A 464 25.88 -27.12 52.29
C PRO A 464 25.81 -28.54 52.89
N ALA A 465 25.10 -28.68 54.01
CA ALA A 465 24.93 -30.00 54.66
C ALA A 465 24.16 -30.90 53.70
N ALA A 466 24.64 -32.11 53.45
CA ALA A 466 23.95 -32.93 52.42
C ALA A 466 24.12 -34.44 52.60
N GLY A 467 25.07 -34.85 53.43
CA GLY A 467 25.49 -36.25 53.41
C GLY A 467 24.50 -37.19 54.06
N GLY A 468 24.70 -38.47 53.86
CA GLY A 468 23.90 -39.51 54.52
C GLY A 468 24.43 -40.89 54.22
N ALA A 469 23.80 -41.92 54.79
CA ALA A 469 24.24 -43.31 54.62
C ALA A 469 23.07 -44.27 54.85
N LEU A 470 23.04 -45.33 54.06
CA LEU A 470 22.11 -46.46 54.23
C LEU A 470 22.92 -47.71 54.51
N ILE A 471 22.41 -48.54 55.43
CA ILE A 471 23.06 -49.84 55.68
C ILE A 471 21.96 -50.88 55.90
N ALA A 472 22.05 -52.01 55.24
CA ALA A 472 21.17 -53.16 55.50
C ALA A 472 21.96 -54.37 55.89
N GLN A 473 21.47 -55.14 56.86
CA GLN A 473 22.27 -56.33 57.27
C GLN A 473 21.87 -57.50 56.41
N LEU A 474 22.84 -58.15 55.76
CA LEU A 474 22.62 -59.32 54.88
C LEU A 474 22.82 -60.56 55.71
N ASP A 475 23.77 -60.54 56.64
CA ASP A 475 24.09 -61.71 57.49
C ASP A 475 24.83 -61.20 58.73
N ASP A 476 25.23 -62.10 59.64
CA ASP A 476 25.88 -61.64 60.91
C ASP A 476 27.07 -60.74 60.61
N ASN A 477 27.77 -60.99 59.49
CA ASN A 477 29.05 -60.27 59.30
C ASN A 477 29.04 -59.49 58.00
N GLU A 478 27.86 -59.31 57.37
CA GLU A 478 27.84 -58.84 55.97
C GLU A 478 26.72 -57.80 55.83
N TYR A 479 27.07 -56.63 55.31
CA TYR A 479 26.14 -55.48 55.18
C TYR A 479 26.09 -55.00 53.72
N LEU A 480 24.93 -54.49 53.35
CA LEU A 480 24.75 -53.70 52.11
C LEU A 480 24.89 -52.23 52.51
N VAL A 481 25.80 -51.50 51.85
CA VAL A 481 26.15 -50.10 52.20
C VAL A 481 26.14 -49.21 50.96
N THR A 482 25.45 -48.11 51.10
CA THR A 482 25.57 -47.00 50.11
C THR A 482 25.54 -45.71 50.90
N ALA A 483 26.36 -44.74 50.51
CA ALA A 483 26.36 -43.49 51.25
C ALA A 483 26.62 -42.31 50.31
N TYR A 484 26.61 -41.14 50.84
CA TYR A 484 26.65 -39.90 49.98
C TYR A 484 27.37 -38.83 50.79
N LYS A 485 28.49 -38.37 50.29
CA LYS A 485 29.30 -37.26 50.86
C LYS A 485 29.59 -37.57 52.32
N ALA A 486 30.10 -38.76 52.52
CA ALA A 486 30.33 -39.32 53.87
C ALA A 486 31.40 -40.39 53.83
N ARG A 487 31.95 -40.64 55.03
CA ARG A 487 32.80 -41.81 55.25
C ARG A 487 32.05 -42.75 56.21
N VAL A 488 32.09 -44.02 55.89
CA VAL A 488 31.51 -45.09 56.71
C VAL A 488 32.65 -46.01 57.17
N GLU A 489 32.86 -46.14 58.46
CA GLU A 489 33.95 -47.03 58.98
C GLU A 489 33.32 -48.09 59.88
N PHE A 490 33.75 -49.33 59.72
CA PHE A 490 33.25 -50.45 60.54
C PHE A 490 34.31 -50.84 61.57
N LYS A 491 33.84 -51.34 62.69
CA LYS A 491 34.62 -51.78 63.84
C LYS A 491 33.77 -52.79 64.60
N PRO A 492 34.40 -53.64 65.42
CA PRO A 492 33.61 -54.59 66.22
C PRO A 492 32.72 -53.88 67.24
N SER A 493 31.56 -54.46 67.55
CA SER A 493 30.55 -53.88 68.48
C SER A 493 30.96 -54.15 69.93
N GLN A 494 31.53 -55.32 70.20
CA GLN A 494 31.85 -55.86 71.57
C GLN A 494 33.38 -56.04 71.65
N GLU A 495 33.96 -55.97 72.85
CA GLU A 495 35.43 -56.16 72.99
C GLU A 495 35.75 -57.57 72.50
N LEU A 496 36.73 -57.73 71.60
CA LEU A 496 37.10 -59.09 71.11
C LEU A 496 38.10 -59.67 72.14
N ALA A 497 38.25 -60.97 72.26
CA ALA A 497 39.10 -61.53 73.35
C ALA A 497 40.30 -62.26 72.75
N GLY A 498 41.44 -61.59 72.60
CA GLY A 498 42.63 -62.18 71.94
C GLY A 498 42.49 -62.24 70.41
N LYS A 499 41.47 -61.56 69.90
CA LYS A 499 41.19 -61.61 68.43
C LYS A 499 41.35 -60.23 67.80
N LYS A 500 41.65 -60.23 66.51
CA LYS A 500 41.76 -58.95 65.80
C LYS A 500 40.60 -58.89 64.81
N PHE A 501 40.48 -57.79 64.09
CA PHE A 501 39.39 -57.77 63.11
C PHE A 501 39.88 -57.07 61.86
N MET A 502 39.20 -57.38 60.76
CA MET A 502 39.50 -56.67 59.52
C MET A 502 38.28 -56.71 58.61
N ILE A 503 38.28 -55.83 57.64
CA ILE A 503 37.35 -56.02 56.53
C ILE A 503 37.83 -57.28 55.85
N GLU A 504 36.94 -58.20 55.55
CA GLU A 504 37.34 -59.40 54.77
C GLU A 504 37.24 -59.07 53.28
N ARG A 505 36.12 -58.49 52.86
CA ARG A 505 35.96 -58.15 51.41
C ARG A 505 34.91 -57.09 51.27
N VAL A 506 35.19 -56.08 50.40
CA VAL A 506 34.22 -55.06 49.99
C VAL A 506 34.02 -55.30 48.51
N GLU A 507 32.78 -55.45 48.09
CA GLU A 507 32.48 -55.61 46.66
C GLU A 507 31.56 -54.46 46.26
N GLU A 508 31.89 -53.77 45.15
CA GLU A 508 30.93 -52.83 44.53
C GLU A 508 30.18 -53.63 43.48
N GLY A 509 28.89 -53.39 43.38
CA GLY A 509 28.09 -54.10 42.39
C GLY A 509 26.67 -53.62 42.24
N ARG A 510 25.85 -54.52 41.70
CA ARG A 510 24.44 -54.22 41.43
C ARG A 510 23.62 -55.51 41.49
N PHE A 511 22.33 -55.35 41.59
CA PHE A 511 21.38 -56.47 41.54
C PHE A 511 20.83 -56.55 40.13
N GLU A 512 20.90 -57.72 39.53
CA GLU A 512 20.32 -57.98 38.19
C GLU A 512 19.41 -59.19 38.36
N LYS A 513 18.15 -59.09 37.93
CA LYS A 513 17.12 -60.14 38.16
C LYS A 513 17.31 -60.71 39.58
N GLY A 514 17.30 -59.86 40.62
CA GLY A 514 17.40 -60.27 42.04
C GLY A 514 18.74 -60.91 42.43
N LYS A 515 19.72 -61.08 41.54
CA LYS A 515 21.07 -61.66 41.91
C LYS A 515 22.18 -60.59 41.96
N TRP A 516 23.06 -60.71 42.95
CA TRP A 516 24.21 -59.80 43.09
C TRP A 516 25.24 -60.04 41.96
N VAL A 517 25.64 -58.96 41.28
CA VAL A 517 26.66 -58.95 40.20
C VAL A 517 27.82 -58.05 40.66
N MET A 518 29.00 -58.63 40.90
CA MET A 518 30.19 -57.87 41.36
C MET A 518 30.72 -57.08 40.18
N GLU A 519 31.04 -55.82 40.36
CA GLU A 519 31.77 -55.04 39.34
C GLU A 519 33.25 -54.97 39.71
N ARG A 520 33.56 -54.71 40.99
CA ARG A 520 34.96 -54.63 41.44
C ARG A 520 35.02 -54.79 42.96
N VAL A 521 36.23 -55.08 43.42
CA VAL A 521 36.57 -55.15 44.86
C VAL A 521 37.21 -53.85 45.30
N TRP A 522 36.64 -53.21 46.33
CA TRP A 522 37.29 -52.04 46.95
C TRP A 522 38.36 -52.61 47.89
N ASN A 523 39.57 -52.11 47.81
CA ASN A 523 40.65 -52.54 48.71
C ASN A 523 41.72 -51.46 48.76
N GLY A 524 42.74 -51.67 49.59
CA GLY A 524 43.84 -50.71 49.69
C GLY A 524 43.35 -49.35 50.09
N ASP A 525 43.74 -48.32 49.34
CA ASP A 525 43.36 -46.95 49.69
C ASP A 525 41.83 -46.83 49.89
N GLN A 526 41.03 -47.55 49.10
CA GLN A 526 39.56 -47.41 49.12
C GLN A 526 38.95 -48.01 50.40
N THR A 527 39.71 -48.78 51.16
CA THR A 527 39.15 -49.33 52.42
C THR A 527 40.05 -49.03 53.59
N ASP A 528 41.21 -48.43 53.42
CA ASP A 528 42.11 -48.15 54.59
C ASP A 528 41.55 -47.07 55.51
N TRP A 529 40.83 -46.06 54.96
CA TRP A 529 40.37 -44.86 55.66
C TRP A 529 38.85 -44.88 55.62
N GLY A 530 38.24 -46.00 55.96
CA GLY A 530 36.78 -46.12 55.86
C GLY A 530 36.37 -46.28 54.41
N LEU A 531 35.06 -46.18 54.19
CA LEU A 531 34.47 -46.30 52.84
C LEU A 531 33.99 -44.91 52.53
N ASN A 532 34.64 -44.24 51.57
CA ASN A 532 34.44 -42.80 51.30
C ASN A 532 33.53 -42.63 50.10
N PHE A 533 32.48 -41.88 50.26
CA PHE A 533 31.47 -41.69 49.17
C PHE A 533 31.41 -40.22 48.83
N THR A 534 31.23 -39.95 47.56
CA THR A 534 31.09 -38.58 47.06
C THR A 534 29.65 -38.39 46.62
N ASP A 535 29.43 -37.69 45.54
CA ASP A 535 28.06 -37.51 45.02
C ASP A 535 27.69 -38.68 44.13
N ARG A 536 28.62 -39.51 43.69
CA ARG A 536 28.28 -40.61 42.75
C ARG A 536 27.77 -41.88 43.44
N PRO A 537 26.88 -42.67 42.81
CA PRO A 537 26.31 -43.85 43.41
C PRO A 537 27.26 -45.04 43.41
N HIS A 538 27.39 -45.71 44.55
CA HIS A 538 28.15 -46.97 44.63
C HIS A 538 27.42 -47.82 45.68
N LEU A 539 27.09 -49.02 45.32
CA LEU A 539 26.44 -49.99 46.19
C LEU A 539 27.46 -51.08 46.55
N LEU A 540 27.75 -51.17 47.83
CA LEU A 540 28.77 -52.10 48.34
C LEU A 540 28.15 -53.25 49.16
N ARG A 541 28.83 -54.40 49.10
CA ARG A 541 28.59 -55.48 50.10
C ARG A 541 29.88 -55.60 50.93
N VAL A 542 29.76 -55.38 52.22
CA VAL A 542 30.88 -55.28 53.13
C VAL A 542 30.82 -56.52 54.00
N LYS A 543 31.86 -57.32 53.99
CA LYS A 543 31.97 -58.54 54.87
C LYS A 543 33.11 -58.23 55.83
N MET A 544 32.83 -58.38 57.13
CA MET A 544 33.75 -58.09 58.25
C MET A 544 34.17 -59.43 58.85
N ALA A 545 35.36 -59.49 59.41
CA ALA A 545 35.83 -60.73 60.06
C ALA A 545 36.68 -60.43 61.28
N SER A 546 36.45 -61.18 62.34
CA SER A 546 37.39 -61.25 63.48
C SER A 546 38.22 -62.51 63.27
N TYR A 547 39.47 -62.47 63.65
CA TYR A 547 40.37 -63.61 63.41
C TYR A 547 41.26 -63.76 64.63
N SER A 548 41.67 -64.97 64.86
CA SER A 548 42.58 -65.31 65.97
C SER A 548 44.04 -64.97 65.64
N VAL A 549 44.78 -64.47 66.63
CA VAL A 549 46.24 -64.25 66.53
C VAL A 549 46.97 -65.08 67.57
N GLN A 550 46.28 -65.98 68.27
CA GLN A 550 46.91 -66.74 69.39
C GLN A 550 48.18 -67.43 68.89
N ALA B 12 60.79 -61.63 19.37
CA ALA B 12 60.74 -60.33 20.12
C ALA B 12 61.53 -60.48 21.42
N PRO B 13 62.65 -59.74 21.57
CA PRO B 13 63.54 -59.91 22.71
C PRO B 13 62.83 -59.47 24.00
N LEU B 14 63.07 -60.23 25.06
CA LEU B 14 62.50 -59.87 26.39
C LEU B 14 62.98 -58.48 26.78
N PRO B 15 62.13 -57.70 27.45
CA PRO B 15 62.56 -56.48 28.11
C PRO B 15 63.65 -56.87 29.13
N GLU B 16 64.59 -55.97 29.37
CA GLU B 16 65.71 -56.26 30.27
C GLU B 16 66.22 -54.97 30.86
N LEU B 17 66.70 -55.00 32.08
CA LEU B 17 67.33 -53.81 32.67
C LEU B 17 68.83 -53.95 32.52
N LEU B 18 69.47 -53.06 31.77
CA LEU B 18 70.94 -53.06 31.56
C LEU B 18 71.57 -51.98 32.42
N SER B 19 72.72 -52.34 33.01
CA SER B 19 73.58 -51.45 33.81
C SER B 19 75.03 -51.56 33.30
N ASN B 20 75.62 -50.45 32.88
CA ASN B 20 77.00 -50.41 32.30
C ASN B 20 77.60 -49.08 32.75
N ASN B 21 78.76 -49.10 33.37
CA ASN B 21 79.58 -47.87 33.58
C ASN B 21 78.80 -46.87 34.42
N GLY B 22 78.05 -47.34 35.42
CA GLY B 22 77.23 -46.50 36.31
C GLY B 22 75.98 -45.96 35.62
N LYS B 23 75.65 -46.39 34.40
CA LYS B 23 74.44 -45.91 33.68
C LYS B 23 73.49 -47.11 33.45
N HIS B 24 72.22 -46.83 33.19
CA HIS B 24 71.17 -47.86 33.14
C HIS B 24 70.20 -47.60 32.00
N ALA B 25 69.67 -48.66 31.47
CA ALA B 25 68.64 -48.60 30.43
C ALA B 25 67.60 -49.70 30.67
N LEU B 26 66.34 -49.34 30.55
CA LEU B 26 65.28 -50.35 30.40
C LEU B 26 65.16 -50.70 28.91
N MET B 27 65.57 -51.89 28.52
CA MET B 27 65.48 -52.33 27.10
C MET B 27 64.10 -52.90 26.83
N VAL B 28 63.39 -52.35 25.85
CA VAL B 28 62.06 -52.86 25.44
C VAL B 28 62.12 -52.99 23.93
N ASP B 29 61.83 -54.17 23.40
CA ASP B 29 61.91 -54.45 21.93
C ASP B 29 63.34 -54.11 21.42
N GLY B 30 64.36 -54.35 22.24
CA GLY B 30 65.77 -54.36 21.77
C GLY B 30 66.39 -52.98 21.79
N ALA B 31 65.76 -51.98 22.39
CA ALA B 31 66.34 -50.62 22.54
C ALA B 31 65.89 -49.96 23.84
N PRO B 32 66.65 -48.98 24.34
CA PRO B 32 66.25 -48.24 25.51
C PRO B 32 64.85 -47.61 25.42
N TYR B 33 64.15 -47.59 26.56
CA TYR B 33 62.74 -47.18 26.62
C TYR B 33 62.54 -46.34 27.88
N ILE B 34 61.73 -45.30 27.79
CA ILE B 34 61.31 -44.49 28.94
C ILE B 34 59.84 -44.80 29.20
N ILE B 35 59.53 -45.15 30.42
CA ILE B 35 58.14 -45.29 30.91
C ILE B 35 57.61 -43.90 31.22
N LEU B 36 56.74 -43.38 30.35
CA LEU B 36 55.92 -42.17 30.62
C LEU B 36 54.60 -42.70 31.13
N GLY B 37 54.55 -42.95 32.42
CA GLY B 37 53.58 -43.90 32.96
C GLY B 37 52.33 -43.23 33.50
N SER B 38 51.41 -44.08 33.96
CA SER B 38 50.32 -43.66 34.85
C SER B 38 50.01 -44.93 35.64
N GLN B 39 49.58 -44.77 36.88
CA GLN B 39 49.15 -45.91 37.69
C GLN B 39 47.69 -45.64 38.10
N THR B 40 46.89 -46.65 38.08
CA THR B 40 45.47 -46.58 38.48
C THR B 40 45.33 -46.38 39.98
N ASN B 41 44.11 -46.13 40.40
CA ASN B 41 43.78 -46.21 41.84
C ASN B 41 43.79 -47.71 42.23
N ASN B 42 43.86 -47.98 43.53
CA ASN B 42 44.03 -49.36 44.08
C ASN B 42 42.85 -50.30 43.92
N SER B 43 41.69 -49.86 43.49
CA SER B 43 40.53 -50.75 43.30
C SER B 43 40.07 -50.71 41.84
N SER B 44 40.99 -50.50 40.89
CA SER B 44 40.62 -50.45 39.46
C SER B 44 41.07 -51.72 38.74
N ASN B 45 41.50 -52.73 39.47
CA ASN B 45 42.06 -53.98 38.90
C ASN B 45 40.95 -54.99 38.52
N TYR B 46 39.89 -54.54 37.85
CA TYR B 46 38.72 -55.39 37.49
C TYR B 46 38.25 -54.96 36.11
N PRO B 47 37.73 -55.91 35.33
CA PRO B 47 37.29 -55.63 33.96
C PRO B 47 36.39 -54.40 33.81
N ASP B 48 35.42 -54.30 34.69
CA ASP B 48 34.42 -53.23 34.63
C ASP B 48 35.10 -51.88 34.86
N ALA B 49 36.20 -51.81 35.62
CA ALA B 49 36.81 -50.52 35.98
C ALA B 49 37.65 -49.95 34.81
N LEU B 50 38.08 -50.80 33.88
CA LEU B 50 39.06 -50.35 32.86
C LEU B 50 38.45 -49.24 31.98
N LYS B 51 37.13 -49.18 31.80
CA LYS B 51 36.46 -48.09 31.03
C LYS B 51 36.73 -46.74 31.73
N ASP B 52 37.08 -46.70 33.03
CA ASP B 52 37.37 -45.45 33.77
C ASP B 52 38.88 -45.18 33.88
N VAL B 53 39.69 -46.01 33.25
CA VAL B 53 41.17 -45.91 33.19
C VAL B 53 41.65 -45.42 31.78
N TRP B 54 41.15 -46.04 30.73
CA TRP B 54 41.71 -45.81 29.36
C TRP B 54 41.58 -44.34 28.94
N PRO B 55 40.41 -43.67 29.19
CA PRO B 55 40.25 -42.26 28.79
C PRO B 55 41.37 -41.39 29.37
N SER B 56 41.70 -41.59 30.66
CA SER B 56 42.76 -40.79 31.32
C SER B 56 44.11 -41.07 30.67
N MET B 57 44.41 -42.32 30.35
CA MET B 57 45.73 -42.68 29.77
C MET B 57 45.88 -41.99 28.40
N GLU B 58 44.80 -41.99 27.62
CA GLU B 58 44.78 -41.31 26.32
C GLU B 58 45.01 -39.81 26.49
N LYS B 59 44.28 -39.18 27.40
CA LYS B 59 44.43 -37.72 27.67
C LYS B 59 45.84 -37.42 28.14
N MET B 60 46.44 -38.31 28.91
CA MET B 60 47.76 -38.07 29.49
C MET B 60 48.87 -38.24 28.43
N GLY B 61 48.66 -39.09 27.45
CA GLY B 61 49.71 -39.48 26.49
C GLY B 61 50.73 -40.40 27.13
N ALA B 62 50.28 -41.18 28.12
CA ALA B 62 51.14 -42.20 28.74
C ALA B 62 51.42 -43.34 27.78
N ASN B 63 52.61 -43.93 27.87
CA ASN B 63 52.97 -45.09 27.01
C ASN B 63 52.80 -46.40 27.80
N THR B 64 52.63 -46.29 29.11
CA THR B 64 52.70 -47.51 29.99
C THR B 64 51.73 -47.32 31.16
N LEU B 65 50.94 -48.34 31.42
CA LEU B 65 49.98 -48.31 32.55
C LEU B 65 50.52 -49.23 33.66
N SER B 66 50.58 -48.73 34.87
CA SER B 66 50.85 -49.62 36.06
C SER B 66 49.51 -49.97 36.70
N ILE B 67 49.23 -51.23 36.94
CA ILE B 67 47.93 -51.64 37.46
C ILE B 67 48.12 -52.88 38.29
N PRO B 68 47.41 -52.97 39.44
CA PRO B 68 47.56 -54.15 40.27
C PRO B 68 47.04 -55.43 39.64
N VAL B 69 47.65 -56.54 40.05
CA VAL B 69 47.07 -57.89 39.90
C VAL B 69 47.13 -58.46 41.32
N ALA B 70 45.98 -58.72 41.91
CA ALA B 70 45.97 -59.08 43.35
C ALA B 70 45.93 -60.60 43.51
N TRP B 71 46.69 -61.07 44.47
CA TRP B 71 46.71 -62.50 44.78
C TRP B 71 45.27 -62.92 45.07
N GLU B 72 44.49 -62.12 45.76
CA GLU B 72 43.08 -62.49 46.11
C GLU B 72 42.23 -62.72 44.85
N GLN B 73 42.53 -62.01 43.77
CA GLN B 73 41.70 -62.18 42.55
C GLN B 73 42.18 -63.36 41.70
N ILE B 74 43.46 -63.71 41.71
CA ILE B 74 43.92 -64.80 40.82
C ILE B 74 43.87 -66.16 41.51
N GLU B 75 43.86 -66.18 42.83
CA GLU B 75 43.79 -67.50 43.53
C GLU B 75 42.80 -67.34 44.67
N PRO B 76 41.45 -67.06 44.44
CA PRO B 76 40.48 -66.73 45.48
C PRO B 76 40.23 -67.94 46.39
N VAL B 77 40.44 -69.13 45.85
CA VAL B 77 40.39 -70.41 46.63
C VAL B 77 41.70 -71.12 46.36
N GLU B 78 42.33 -71.72 47.38
CA GLU B 78 43.68 -72.27 47.20
C GLU B 78 43.65 -73.27 46.03
N GLY B 79 44.54 -73.10 45.04
CA GLY B 79 44.68 -74.03 43.91
C GLY B 79 43.72 -73.72 42.77
N GLN B 80 42.85 -72.72 42.88
CA GLN B 80 41.83 -72.45 41.83
C GLN B 80 42.16 -71.11 41.21
N PHE B 81 42.89 -71.11 40.11
CA PHE B 81 43.43 -69.85 39.56
C PHE B 81 42.43 -69.22 38.61
N ASP B 82 42.43 -67.89 38.58
CA ASP B 82 41.50 -67.09 37.73
C ASP B 82 42.30 -65.97 37.07
N PHE B 83 42.55 -66.04 35.77
CA PHE B 83 43.33 -64.98 35.06
C PHE B 83 42.41 -64.13 34.17
N SER B 84 41.12 -64.20 34.41
CA SER B 84 40.08 -63.56 33.54
C SER B 84 40.38 -62.05 33.48
N PHE B 85 40.76 -61.42 34.62
CA PHE B 85 41.12 -59.98 34.63
C PHE B 85 42.34 -59.74 33.71
N VAL B 86 43.38 -60.55 33.84
CA VAL B 86 44.68 -60.36 33.12
C VAL B 86 44.43 -60.58 31.63
N ASP B 87 43.52 -61.49 31.29
CA ASP B 87 43.21 -61.73 29.86
C ASP B 87 42.61 -60.42 29.28
N VAL B 88 41.61 -59.83 29.94
CA VAL B 88 40.92 -58.59 29.44
C VAL B 88 41.93 -57.47 29.40
N LEU B 89 42.78 -57.34 30.42
CA LEU B 89 43.72 -56.20 30.52
C LEU B 89 44.69 -56.27 29.32
N LEU B 90 45.24 -57.44 29.06
CA LEU B 90 46.26 -57.58 27.99
C LEU B 90 45.60 -57.14 26.66
N LYS B 91 44.43 -57.65 26.35
CA LYS B 91 43.69 -57.32 25.10
C LYS B 91 43.38 -55.84 24.96
N GLU B 92 42.87 -55.22 25.99
CA GLU B 92 42.54 -53.79 25.93
C GLU B 92 43.83 -52.97 25.85
N ALA B 93 44.91 -53.33 26.58
CA ALA B 93 46.15 -52.54 26.52
C ALA B 93 46.72 -52.59 25.08
N ARG B 94 46.68 -53.78 24.46
CA ARG B 94 47.22 -53.94 23.10
C ARG B 94 46.38 -53.12 22.11
N GLN B 95 45.07 -53.07 22.32
CA GLN B 95 44.18 -52.25 21.41
C GLN B 95 44.60 -50.81 21.45
N ARG B 96 45.02 -50.32 22.62
CA ARG B 96 45.40 -48.91 22.82
C ARG B 96 46.88 -48.70 22.61
N LYS B 97 47.59 -49.75 22.20
CA LYS B 97 49.05 -49.71 21.93
C LYS B 97 49.74 -49.08 23.14
N VAL B 98 49.51 -49.62 24.31
CA VAL B 98 50.28 -49.16 25.47
C VAL B 98 50.86 -50.43 26.12
N ARG B 99 51.84 -50.23 26.95
CA ARG B 99 52.52 -51.37 27.62
C ARG B 99 52.05 -51.36 29.06
N LEU B 100 52.41 -52.44 29.79
CA LEU B 100 51.84 -52.64 31.16
C LEU B 100 52.99 -52.86 32.11
N VAL B 101 52.84 -52.37 33.32
CA VAL B 101 53.64 -52.85 34.47
C VAL B 101 52.60 -53.46 35.41
N LEU B 102 52.73 -54.73 35.71
CA LEU B 102 51.81 -55.39 36.68
C LEU B 102 52.37 -55.24 38.08
N LEU B 103 51.45 -54.98 39.03
CA LEU B 103 51.79 -54.72 40.44
C LEU B 103 51.25 -55.91 41.27
N TRP B 104 52.16 -56.80 41.65
CA TRP B 104 51.81 -58.03 42.41
C TRP B 104 51.47 -57.66 43.85
N PHE B 105 50.18 -57.53 44.14
CA PHE B 105 49.64 -57.13 45.45
C PHE B 105 49.35 -58.45 46.22
N ALA B 106 50.27 -58.80 47.15
CA ALA B 106 50.28 -60.18 47.65
C ALA B 106 50.62 -60.15 49.16
N THR B 107 51.78 -60.65 49.56
CA THR B 107 52.13 -60.68 51.01
C THR B 107 52.08 -59.29 51.64
N TRP B 108 52.63 -58.29 50.97
CA TRP B 108 52.55 -56.89 51.47
C TRP B 108 51.90 -55.99 50.41
N LYS B 109 50.90 -55.22 50.83
CA LYS B 109 50.45 -54.00 50.17
C LYS B 109 50.35 -52.94 51.26
N ASN B 110 51.24 -51.96 51.21
CA ASN B 110 51.31 -50.90 52.24
C ASN B 110 51.42 -51.58 53.63
N ASN B 111 52.32 -52.56 53.72
CA ASN B 111 52.76 -53.27 54.97
C ASN B 111 51.75 -54.34 55.34
N ALA B 112 50.60 -54.48 54.69
CA ALA B 112 49.46 -55.27 55.22
C ALA B 112 49.08 -56.33 54.21
N PRO B 113 48.36 -57.45 54.59
CA PRO B 113 47.96 -58.55 53.75
C PRO B 113 46.56 -58.40 53.15
N HIS B 114 46.05 -57.17 52.99
CA HIS B 114 44.62 -56.99 52.58
C HIS B 114 44.35 -57.58 51.16
N TYR B 115 45.37 -57.72 50.32
CA TYR B 115 45.16 -58.24 48.97
C TYR B 115 45.50 -59.70 48.87
N ALA B 116 46.01 -60.27 49.95
CA ALA B 116 46.20 -61.72 49.99
C ALA B 116 44.79 -62.32 50.04
N PRO B 117 44.49 -63.58 49.57
CA PRO B 117 43.17 -64.24 49.65
C PRO B 117 42.69 -64.43 51.10
N ALA B 118 41.39 -64.58 51.30
CA ALA B 118 40.78 -64.76 52.64
C ALA B 118 41.45 -65.97 53.31
N TRP B 119 41.78 -67.01 52.55
CA TRP B 119 42.36 -68.25 53.14
C TRP B 119 43.80 -68.02 53.63
N VAL B 120 44.42 -66.93 53.20
CA VAL B 120 45.74 -66.52 53.73
C VAL B 120 45.53 -65.49 54.86
N LYS B 121 44.83 -64.39 54.59
CA LYS B 121 44.87 -63.27 55.56
C LYS B 121 44.07 -63.61 56.84
N LEU B 122 43.21 -64.60 56.82
CA LEU B 122 42.42 -64.92 58.04
C LEU B 122 42.98 -66.15 58.78
N ASP B 123 44.14 -66.64 58.34
CA ASP B 123 44.76 -67.88 58.91
C ASP B 123 46.15 -67.56 59.44
N ASN B 124 46.18 -66.91 60.58
CA ASN B 124 47.41 -66.44 61.23
C ASN B 124 48.24 -67.64 61.70
N ALA B 125 47.67 -68.77 62.06
CA ALA B 125 48.50 -69.93 62.49
C ALA B 125 49.34 -70.38 61.33
N ARG B 126 48.78 -70.46 60.11
CA ARG B 126 49.54 -70.94 58.94
C ARG B 126 50.39 -69.79 58.38
N PHE B 127 49.85 -68.57 58.46
CA PHE B 127 50.46 -67.42 57.79
C PHE B 127 50.67 -66.31 58.79
N PRO B 128 51.72 -66.39 59.63
CA PRO B 128 51.79 -65.57 60.82
C PRO B 128 52.17 -64.10 60.63
N ARG B 129 51.64 -63.28 61.47
CA ARG B 129 51.89 -61.84 61.58
C ARG B 129 53.07 -61.52 62.48
N VAL B 130 53.67 -60.36 62.20
CA VAL B 130 54.64 -59.66 63.05
C VAL B 130 54.08 -59.57 64.47
N VAL B 131 54.93 -59.88 65.43
CA VAL B 131 54.61 -59.73 66.86
C VAL B 131 55.51 -58.64 67.41
N LYS B 132 54.92 -57.68 68.11
CA LYS B 132 55.64 -56.54 68.75
C LYS B 132 56.45 -57.05 69.97
N GLU B 133 57.40 -56.27 70.45
CA GLU B 133 58.17 -56.60 71.66
C GLU B 133 57.18 -56.88 72.80
N ASP B 134 56.01 -56.25 72.79
CA ASP B 134 55.09 -56.27 73.95
C ASP B 134 54.16 -57.48 73.86
N GLY B 135 54.26 -58.27 72.78
CA GLY B 135 53.42 -59.47 72.57
C GLY B 135 52.12 -59.16 71.83
N ASP B 136 51.72 -57.88 71.60
CA ASP B 136 50.58 -57.56 70.68
C ASP B 136 50.95 -57.90 69.23
N THR B 137 49.95 -58.14 68.38
CA THR B 137 50.16 -58.60 66.99
C THR B 137 49.84 -57.43 66.07
N LEU B 138 50.63 -57.26 65.00
CA LEU B 138 50.24 -56.22 64.02
C LEU B 138 49.71 -56.90 62.76
N ASN B 139 48.94 -56.18 61.97
CA ASN B 139 48.38 -56.73 60.73
C ASN B 139 49.42 -56.57 59.62
N SER B 140 50.54 -57.23 59.79
CA SER B 140 51.71 -57.20 58.88
C SER B 140 52.27 -58.61 58.87
N LEU B 141 52.32 -59.29 57.73
CA LEU B 141 52.77 -60.70 57.68
C LEU B 141 54.27 -60.80 57.90
N SER B 142 54.69 -61.75 58.72
CA SER B 142 56.15 -61.84 59.02
C SER B 142 56.90 -62.43 57.84
N PRO B 143 58.08 -61.84 57.39
CA PRO B 143 59.03 -62.31 56.28
C PRO B 143 59.61 -63.69 56.64
N LEU B 144 59.37 -64.12 57.88
CA LEU B 144 59.91 -65.44 58.35
C LEU B 144 58.84 -66.53 58.25
N GLY B 145 57.62 -66.19 57.89
CA GLY B 145 56.61 -67.22 57.64
C GLY B 145 56.94 -68.03 56.42
N GLN B 146 57.40 -69.28 56.60
CA GLN B 146 57.78 -70.13 55.47
C GLN B 146 56.56 -70.54 54.66
N ASN B 147 55.38 -70.75 55.29
CA ASN B 147 54.21 -71.15 54.50
C ASN B 147 53.77 -69.95 53.66
N THR B 148 53.90 -68.76 54.19
CA THR B 148 53.51 -67.51 53.44
C THR B 148 54.38 -67.40 52.19
N LEU B 149 55.68 -67.53 52.35
CA LEU B 149 56.63 -67.44 51.21
C LEU B 149 56.25 -68.48 50.15
N ALA B 150 56.05 -69.75 50.55
CA ALA B 150 55.72 -70.85 49.62
C ALA B 150 54.44 -70.53 48.84
N ALA B 151 53.43 -69.99 49.48
CA ALA B 151 52.10 -69.80 48.85
C ALA B 151 52.17 -68.58 47.93
N ASP B 152 52.82 -67.53 48.38
CA ASP B 152 53.01 -66.29 47.54
C ASP B 152 53.78 -66.69 46.29
N LYS B 153 54.92 -67.34 46.49
CA LYS B 153 55.76 -67.82 45.34
C LYS B 153 54.88 -68.68 44.39
N LYS B 154 54.11 -69.63 44.88
CA LYS B 154 53.31 -70.54 44.04
C LYS B 154 52.37 -69.72 43.12
N ALA B 155 51.72 -68.74 43.68
CA ALA B 155 50.69 -67.95 42.97
C ALA B 155 51.43 -67.02 41.99
N PHE B 156 52.57 -66.47 42.39
CA PHE B 156 53.34 -65.55 41.51
C PHE B 156 53.79 -66.36 40.32
N VAL B 157 54.27 -67.59 40.56
CA VAL B 157 54.70 -68.47 39.45
C VAL B 157 53.54 -68.66 38.45
N GLU B 158 52.29 -68.91 38.94
CA GLU B 158 51.13 -69.13 38.05
C GLU B 158 50.89 -67.85 37.22
N LEU B 159 51.02 -66.66 37.78
CA LEU B 159 50.82 -65.41 37.03
C LEU B 159 51.89 -65.38 35.94
N MET B 160 53.14 -65.68 36.30
CA MET B 160 54.25 -65.56 35.32
C MET B 160 54.07 -66.63 34.24
N LYS B 161 53.48 -67.80 34.57
CA LYS B 161 53.19 -68.83 33.57
C LYS B 161 52.11 -68.30 32.64
N TYR B 162 51.11 -67.59 33.17
CA TYR B 162 50.05 -66.99 32.34
C TYR B 162 50.68 -66.02 31.34
N LEU B 163 51.63 -65.21 31.78
CA LEU B 163 52.36 -64.27 30.88
C LEU B 163 53.24 -65.01 29.86
N ALA B 164 53.94 -66.05 30.24
CA ALA B 164 54.74 -66.88 29.31
C ALA B 164 53.83 -67.38 28.18
N LYS B 165 52.58 -67.74 28.49
CA LYS B 165 51.67 -68.47 27.59
C LYS B 165 50.92 -67.47 26.71
N ARG B 166 50.64 -66.28 27.26
CA ARG B 166 49.63 -65.39 26.64
C ARG B 166 50.19 -64.01 26.34
N ASP B 167 51.48 -63.80 26.54
CA ASP B 167 52.07 -62.45 26.36
C ASP B 167 53.40 -62.54 25.60
N LYS B 168 53.42 -63.26 24.48
CA LYS B 168 54.64 -63.54 23.68
C LYS B 168 55.31 -62.24 23.19
N ASP B 169 54.58 -61.14 23.04
CA ASP B 169 55.20 -59.91 22.49
C ASP B 169 55.50 -58.98 23.69
N HIS B 170 55.37 -59.48 24.93
CA HIS B 170 55.75 -58.74 26.18
C HIS B 170 55.00 -57.39 26.27
N THR B 171 53.68 -57.41 26.17
CA THR B 171 52.88 -56.21 26.44
C THR B 171 53.22 -55.77 27.86
N VAL B 172 53.36 -56.76 28.74
CA VAL B 172 53.84 -56.54 30.13
C VAL B 172 55.36 -56.46 30.08
N ILE B 173 55.95 -55.32 30.46
CA ILE B 173 57.40 -55.10 30.31
C ILE B 173 58.11 -55.26 31.65
N MET B 174 57.37 -55.19 32.75
CA MET B 174 58.04 -55.17 34.08
C MET B 174 56.97 -55.57 35.15
N VAL B 175 57.42 -56.20 36.24
CA VAL B 175 56.50 -56.60 37.32
C VAL B 175 57.06 -56.02 38.62
N GLN B 176 56.20 -55.41 39.41
CA GLN B 176 56.50 -54.96 40.77
C GLN B 176 56.16 -56.12 41.71
N VAL B 177 57.14 -56.52 42.52
CA VAL B 177 56.92 -57.70 43.42
C VAL B 177 56.56 -57.08 44.77
N GLN B 178 55.32 -57.31 45.18
CA GLN B 178 54.71 -56.72 46.39
C GLN B 178 54.46 -55.23 46.17
N ASN B 179 53.95 -54.54 47.16
CA ASN B 179 53.72 -53.10 47.09
C ASN B 179 54.03 -52.50 48.45
N GLU B 180 55.05 -51.69 48.53
CA GLU B 180 55.44 -50.95 49.74
C GLU B 180 55.47 -51.94 50.92
N VAL B 181 56.47 -52.79 50.90
CA VAL B 181 56.70 -53.79 51.98
C VAL B 181 57.17 -53.10 53.24
N GLY B 182 57.05 -53.85 54.34
CA GLY B 182 57.59 -53.42 55.64
C GLY B 182 56.52 -53.49 56.72
N THR B 183 56.78 -52.85 57.84
CA THR B 183 55.83 -52.87 58.93
C THR B 183 55.72 -51.50 59.58
N TYR B 184 54.49 -51.05 59.80
CA TYR B 184 54.23 -49.87 60.62
C TYR B 184 53.94 -50.35 62.04
N GLY B 185 54.42 -49.64 63.03
CA GLY B 185 54.04 -49.87 64.45
C GLY B 185 55.06 -50.75 65.17
N ALA B 186 56.04 -51.28 64.48
CA ALA B 186 57.18 -52.03 65.05
C ALA B 186 58.39 -52.01 64.12
N VAL B 187 59.57 -52.27 64.62
CA VAL B 187 60.79 -52.28 63.80
C VAL B 187 60.94 -53.63 63.08
N ARG B 188 60.56 -54.75 63.70
CA ARG B 188 60.71 -56.08 63.12
C ARG B 188 59.74 -57.05 63.85
N ASP B 189 59.77 -58.29 63.43
CA ASP B 189 59.06 -59.40 64.11
C ASP B 189 59.88 -59.75 65.34
N TYR B 190 59.20 -59.78 66.45
CA TYR B 190 59.81 -60.18 67.75
C TYR B 190 59.15 -61.45 68.26
N SER B 191 58.45 -62.19 67.40
CA SER B 191 57.91 -63.54 67.70
C SER B 191 59.06 -64.46 68.12
N PRO B 192 58.80 -65.53 68.91
CA PRO B 192 59.80 -66.55 69.14
C PRO B 192 60.49 -67.03 67.87
N MET B 193 59.73 -67.29 66.81
CA MET B 193 60.26 -67.75 65.47
C MET B 193 61.25 -66.70 64.93
N ALA B 194 60.98 -65.44 65.09
CA ALA B 194 61.93 -64.42 64.58
C ALA B 194 63.13 -64.29 65.50
N GLN B 195 62.87 -64.31 66.81
CA GLN B 195 63.92 -64.15 67.85
C GLN B 195 65.02 -65.24 67.66
N ALA B 196 64.63 -66.44 67.22
CA ALA B 196 65.54 -67.58 67.08
C ALA B 196 66.51 -67.28 65.95
N VAL B 197 66.04 -66.54 64.92
CA VAL B 197 66.93 -66.20 63.75
C VAL B 197 67.78 -64.98 64.12
N PHE B 198 67.19 -64.01 64.81
CA PHE B 198 67.87 -62.77 65.29
C PHE B 198 69.03 -63.13 66.20
N ASN B 199 68.80 -64.08 67.11
CA ASN B 199 69.83 -64.51 68.09
C ASN B 199 70.93 -65.34 67.44
N ALA B 200 70.74 -65.83 66.23
CA ALA B 200 71.69 -66.70 65.51
C ALA B 200 72.69 -65.83 64.73
N ALA B 201 73.64 -66.49 64.08
CA ALA B 201 74.69 -65.74 63.34
C ALA B 201 74.03 -65.00 62.18
N VAL B 202 74.52 -63.82 61.84
CA VAL B 202 74.20 -63.17 60.53
C VAL B 202 74.72 -64.10 59.42
N PRO B 203 73.91 -64.40 58.39
CA PRO B 203 74.38 -65.27 57.31
C PRO B 203 75.68 -64.76 56.69
N ASP B 204 76.53 -65.73 56.35
CA ASP B 204 77.89 -65.49 55.82
C ASP B 204 77.80 -64.51 54.63
N ASP B 205 76.90 -64.77 53.68
CA ASP B 205 76.85 -64.02 52.38
C ASP B 205 76.69 -62.52 52.69
N LEU B 206 75.87 -62.16 53.69
CA LEU B 206 75.68 -60.74 54.06
C LEU B 206 76.99 -60.20 54.66
N ILE B 207 77.56 -60.96 55.60
CA ILE B 207 78.84 -60.60 56.25
C ILE B 207 79.91 -60.30 55.18
N GLN B 208 80.05 -61.19 54.22
CA GLN B 208 80.98 -61.04 53.08
C GLN B 208 80.65 -59.82 52.20
N LYS B 209 79.38 -59.63 51.83
CA LYS B 209 79.02 -58.50 50.94
C LYS B 209 79.22 -57.15 51.62
N LEU B 210 78.96 -57.03 52.92
CA LEU B 210 79.12 -55.76 53.66
C LEU B 210 80.52 -55.63 54.25
N GLN B 211 81.35 -56.65 54.06
CA GLN B 211 82.75 -56.69 54.60
C GLN B 211 82.75 -56.37 56.10
N LEU B 212 81.96 -57.11 56.87
CA LEU B 212 81.91 -56.95 58.36
C LEU B 212 82.58 -58.15 59.01
N LYS B 213 82.64 -58.15 60.35
CA LYS B 213 83.21 -59.29 61.10
C LYS B 213 82.03 -60.19 61.47
N PRO B 214 82.16 -61.54 61.49
CA PRO B 214 81.04 -62.42 61.82
C PRO B 214 80.48 -62.16 63.23
N GLY B 215 79.24 -62.56 63.40
CA GLY B 215 78.58 -62.43 64.73
C GLY B 215 77.07 -62.57 64.59
N THR B 216 76.37 -62.40 65.71
CA THR B 216 74.90 -62.41 65.71
C THR B 216 74.43 -61.03 65.26
N TRP B 217 73.11 -60.93 65.01
CA TRP B 217 72.58 -59.64 64.51
C TRP B 217 72.96 -58.51 65.49
N SER B 218 72.74 -58.70 66.78
CA SER B 218 72.99 -57.61 67.77
C SER B 218 74.47 -57.25 67.73
N GLN B 219 75.34 -58.26 67.59
CA GLN B 219 76.80 -58.05 67.65
C GLN B 219 77.28 -57.30 66.42
N VAL B 220 76.75 -57.62 65.24
CA VAL B 220 77.38 -56.98 64.05
C VAL B 220 76.71 -55.63 63.81
N PHE B 221 75.42 -55.47 64.13
CA PHE B 221 74.71 -54.22 63.73
C PHE B 221 74.35 -53.31 64.89
N GLY B 222 74.53 -53.75 66.16
CA GLY B 222 74.18 -52.89 67.32
C GLY B 222 72.80 -52.23 67.19
N ARG B 223 72.74 -50.91 67.28
CA ARG B 223 71.45 -50.17 67.37
C ARG B 223 70.65 -50.36 66.09
N ASP B 224 71.29 -50.76 64.99
CA ASP B 224 70.63 -50.96 63.67
C ASP B 224 70.19 -52.42 63.52
N ALA B 225 70.45 -53.30 64.50
CA ALA B 225 70.17 -54.73 64.30
C ALA B 225 68.68 -54.97 63.97
N ASP B 226 67.74 -54.40 64.75
CA ASP B 226 66.30 -54.73 64.57
C ASP B 226 65.91 -54.34 63.13
N GLU B 227 66.22 -53.13 62.74
CA GLU B 227 65.77 -52.64 61.40
C GLU B 227 66.51 -53.35 60.26
N PHE B 228 67.80 -53.57 60.40
CA PHE B 228 68.55 -54.28 59.35
C PHE B 228 68.06 -55.71 59.21
N PHE B 229 67.73 -56.34 60.34
CA PHE B 229 67.17 -57.69 60.33
C PHE B 229 65.86 -57.72 59.57
N HIS B 230 64.93 -56.78 59.85
CA HIS B 230 63.61 -56.82 59.13
C HIS B 230 63.92 -56.61 57.63
N ALA B 231 64.77 -55.63 57.31
CA ALA B 231 65.07 -55.32 55.87
C ALA B 231 65.67 -56.54 55.19
N TYR B 232 66.56 -57.27 55.91
CA TYR B 232 67.18 -58.45 55.30
C TYR B 232 66.12 -59.52 55.07
N GLN B 233 65.28 -59.84 56.08
CA GLN B 233 64.36 -60.96 55.89
C GLN B 233 63.33 -60.65 54.78
N ILE B 234 62.83 -59.41 54.74
CA ILE B 234 61.85 -58.99 53.69
C ILE B 234 62.60 -59.12 52.36
N ALA B 235 63.82 -58.60 52.27
CA ALA B 235 64.56 -58.65 50.99
C ALA B 235 64.70 -60.08 50.52
N ARG B 236 65.08 -60.98 51.43
CA ARG B 236 65.24 -62.39 51.02
C ARG B 236 63.92 -62.97 50.48
N TYR B 237 62.82 -62.66 51.16
CA TYR B 237 61.47 -63.12 50.81
C TYR B 237 61.14 -62.64 49.38
N CYS B 238 61.28 -61.33 49.15
CA CYS B 238 60.97 -60.76 47.81
C CYS B 238 61.96 -61.30 46.77
N ASP B 239 63.20 -61.52 47.16
CA ASP B 239 64.18 -62.10 46.20
C ASP B 239 63.76 -63.51 45.79
N GLU B 240 63.29 -64.34 46.75
CA GLU B 240 62.91 -65.71 46.41
C GLU B 240 61.67 -65.70 45.50
N VAL B 241 60.69 -64.82 45.78
CA VAL B 241 59.48 -64.73 44.90
C VAL B 241 59.97 -64.33 43.50
N THR B 242 60.88 -63.38 43.45
CA THR B 242 61.39 -62.81 42.16
C THR B 242 62.09 -63.92 41.39
N VAL B 243 63.02 -64.65 41.98
CA VAL B 243 63.74 -65.75 41.28
C VAL B 243 62.72 -66.74 40.77
N ALA B 244 61.71 -67.07 41.55
CA ALA B 244 60.75 -68.14 41.19
C ALA B 244 60.00 -67.70 39.94
N GLY B 245 59.61 -66.44 39.92
CA GLY B 245 58.87 -65.92 38.76
C GLY B 245 59.78 -65.80 37.58
N LYS B 246 60.99 -65.30 37.78
CA LYS B 246 61.95 -65.07 36.62
C LYS B 246 62.29 -66.39 35.93
N ALA B 247 62.35 -67.51 36.69
CA ALA B 247 62.61 -68.84 36.11
C ALA B 247 61.50 -69.18 35.09
N ILE B 248 60.26 -68.70 35.26
CA ILE B 248 59.18 -68.90 34.25
C ILE B 248 59.44 -67.89 33.12
N LYS B 249 59.49 -66.61 33.39
CA LYS B 249 59.62 -65.61 32.32
C LYS B 249 60.46 -64.51 32.92
N ASN B 250 61.63 -64.29 32.36
CA ASN B 250 62.71 -63.46 32.96
C ASN B 250 62.43 -61.99 32.63
N LEU B 251 61.30 -61.46 33.09
CA LEU B 251 60.99 -60.02 32.93
C LEU B 251 61.74 -59.26 34.00
N PRO B 252 62.05 -57.98 33.78
CA PRO B 252 62.58 -57.13 34.85
C PRO B 252 61.60 -57.05 36.02
N MET B 253 62.09 -57.04 37.26
CA MET B 253 61.19 -57.00 38.42
C MET B 253 61.74 -56.05 39.44
N TYR B 254 60.88 -55.37 40.20
CA TYR B 254 61.36 -54.30 41.09
C TYR B 254 60.48 -54.27 42.31
N VAL B 255 60.97 -53.57 43.33
CA VAL B 255 60.15 -53.21 44.52
C VAL B 255 60.04 -51.71 44.61
N ASN B 256 58.93 -51.24 45.15
CA ASN B 256 58.60 -49.81 45.35
C ASN B 256 58.57 -49.49 46.86
N VAL B 257 59.18 -48.41 47.22
CA VAL B 257 59.47 -48.06 48.63
C VAL B 257 58.47 -47.02 49.15
N ALA B 258 57.89 -47.31 50.32
CA ALA B 258 57.24 -46.33 51.18
C ALA B 258 58.33 -45.50 51.82
N LEU B 259 58.63 -44.33 51.26
CA LEU B 259 59.87 -43.60 51.61
C LEU B 259 59.81 -43.09 53.04
N ARG B 260 60.98 -43.01 53.64
CA ARG B 260 61.12 -42.19 54.85
C ARG B 260 61.61 -40.81 54.40
N ASN B 261 61.26 -39.78 55.12
CA ASN B 261 61.82 -38.43 54.82
C ASN B 261 63.34 -38.50 54.90
N PRO B 262 64.11 -38.17 53.85
CA PRO B 262 65.56 -38.33 53.87
C PRO B 262 66.30 -37.37 54.81
N PHE B 263 65.64 -36.27 55.19
CA PHE B 263 66.30 -35.23 56.00
C PHE B 263 65.96 -35.38 57.50
N ASN B 264 64.79 -35.94 57.76
CA ASN B 264 64.17 -36.03 59.10
C ASN B 264 63.26 -37.24 59.09
N PRO B 265 63.80 -38.45 58.97
CA PRO B 265 62.98 -39.64 58.77
C PRO B 265 62.12 -40.11 59.95
N GLY B 266 62.51 -39.75 61.14
CA GLY B 266 61.79 -40.38 62.28
C GLY B 266 62.31 -41.78 62.53
N LEU B 267 61.55 -42.57 63.28
CA LEU B 267 62.01 -43.93 63.66
C LEU B 267 61.38 -45.01 62.78
N PRO B 268 62.09 -46.14 62.57
CA PRO B 268 61.50 -47.28 61.87
C PRO B 268 60.24 -47.72 62.62
N GLY B 269 59.15 -47.95 61.91
CA GLY B 269 57.82 -48.23 62.47
C GLY B 269 56.91 -47.04 62.41
N GLN B 270 57.48 -45.81 62.52
CA GLN B 270 56.74 -44.56 62.18
C GLN B 270 56.70 -44.57 60.66
N TYR B 271 57.87 -44.70 60.06
CA TYR B 271 57.93 -45.08 58.64
C TYR B 271 57.84 -46.58 58.53
N SER B 272 57.62 -47.09 57.33
CA SER B 272 57.49 -48.54 57.04
C SER B 272 58.86 -49.22 57.21
N SER B 273 59.08 -49.85 58.35
CA SER B 273 60.38 -50.51 58.62
C SER B 273 60.57 -51.76 57.73
N GLY B 274 61.77 -51.91 57.17
CA GLY B 274 62.16 -53.11 56.43
C GLY B 274 62.12 -52.85 54.91
N GLY B 275 61.30 -51.91 54.42
CA GLY B 275 61.33 -51.55 53.02
C GLY B 275 62.66 -51.00 52.61
N GLY B 276 62.83 -50.67 51.33
CA GLY B 276 64.12 -50.24 50.77
C GLY B 276 64.34 -48.76 51.04
N THR B 277 64.30 -48.33 52.29
CA THR B 277 64.63 -46.95 52.71
C THR B 277 66.12 -46.65 52.59
N ASP B 278 66.48 -45.37 52.53
CA ASP B 278 67.82 -44.97 52.05
C ASP B 278 68.88 -45.53 52.99
N ASN B 279 68.51 -45.73 54.27
CA ASN B 279 69.49 -46.30 55.24
C ASN B 279 69.63 -47.81 55.12
N VAL B 280 68.82 -48.54 54.32
CA VAL B 280 68.96 -50.02 54.17
C VAL B 280 69.15 -50.47 52.74
N LEU B 281 69.47 -49.51 51.86
CA LEU B 281 69.68 -49.91 50.47
C LEU B 281 70.87 -50.88 50.37
N HIS B 282 71.91 -50.72 51.19
CA HIS B 282 73.07 -51.66 51.16
C HIS B 282 72.60 -53.07 51.55
N ILE B 283 71.70 -53.18 52.50
CA ILE B 283 71.17 -54.52 52.95
C ILE B 283 70.33 -55.12 51.80
N TRP B 284 69.41 -54.32 51.26
CA TRP B 284 68.60 -54.79 50.09
C TRP B 284 69.49 -55.26 48.92
N LYS B 285 70.49 -54.47 48.59
CA LYS B 285 71.31 -54.82 47.39
C LYS B 285 72.09 -56.12 47.69
N ALA B 286 72.62 -56.27 48.90
CA ALA B 286 73.35 -57.50 49.26
C ALA B 286 72.38 -58.69 49.32
N ALA B 287 71.19 -58.50 49.88
CA ALA B 287 70.23 -59.61 50.14
C ALA B 287 69.44 -60.04 48.91
N ALA B 288 69.17 -59.12 47.98
CA ALA B 288 68.22 -59.38 46.89
C ALA B 288 68.92 -59.08 45.56
N PRO B 289 69.97 -59.86 45.13
CA PRO B 289 70.81 -59.73 43.84
C PRO B 289 69.87 -59.83 42.63
N ASN B 290 68.74 -60.51 42.79
CA ASN B 290 67.81 -60.83 41.68
C ASN B 290 66.80 -59.70 41.44
N ILE B 291 66.60 -58.81 42.39
CA ILE B 291 65.67 -57.69 42.15
C ILE B 291 66.38 -56.62 41.30
N ASP B 292 65.74 -56.18 40.22
CA ASP B 292 66.44 -55.30 39.26
C ASP B 292 66.67 -53.93 39.82
N LEU B 293 65.68 -53.34 40.48
CA LEU B 293 65.91 -52.00 41.04
C LEU B 293 64.97 -51.79 42.23
N ILE B 294 65.29 -50.79 43.00
CA ILE B 294 64.47 -50.32 44.13
C ILE B 294 63.95 -48.94 43.75
N ALA B 295 62.64 -48.78 43.71
CA ALA B 295 61.96 -47.58 43.19
C ALA B 295 61.33 -46.74 44.27
N PRO B 296 61.58 -45.43 44.30
CA PRO B 296 60.93 -44.55 45.24
C PRO B 296 59.50 -44.20 44.86
N ASP B 297 58.62 -44.16 45.83
CA ASP B 297 57.22 -43.66 45.73
C ASP B 297 57.22 -42.28 46.39
N ILE B 298 57.14 -41.25 45.58
CA ILE B 298 57.41 -39.86 46.03
C ILE B 298 56.13 -39.08 46.24
N TYR B 299 55.87 -38.66 47.45
CA TYR B 299 54.69 -37.81 47.79
C TYR B 299 55.16 -36.54 48.48
N PHE B 300 56.46 -36.35 48.71
CA PHE B 300 56.98 -35.05 49.21
C PHE B 300 56.78 -34.02 48.08
N ARG B 301 56.21 -32.87 48.36
CA ARG B 301 55.89 -31.84 47.29
C ARG B 301 57.08 -30.90 47.03
N ASP B 302 57.88 -30.66 48.08
CA ASP B 302 58.94 -29.60 48.07
C ASP B 302 60.19 -30.07 47.30
N TYR B 303 60.67 -29.16 46.45
CA TYR B 303 61.79 -29.43 45.54
C TYR B 303 62.98 -30.00 46.31
N LYS B 304 63.34 -29.45 47.47
CA LYS B 304 64.63 -29.87 48.08
C LYS B 304 64.50 -31.36 48.51
N THR B 305 63.36 -31.73 49.05
CA THR B 305 63.14 -33.11 49.55
C THR B 305 63.05 -34.05 48.35
N VAL B 306 62.31 -33.70 47.31
CA VAL B 306 62.24 -34.58 46.14
C VAL B 306 63.64 -34.72 45.55
N SER B 307 64.39 -33.63 45.38
CA SER B 307 65.71 -33.69 44.75
C SER B 307 66.64 -34.65 45.52
N LYS B 308 66.49 -34.63 46.84
CA LYS B 308 67.35 -35.49 47.69
C LYS B 308 66.96 -36.95 47.49
N VAL B 309 65.67 -37.22 47.33
CA VAL B 309 65.18 -38.59 47.06
C VAL B 309 65.73 -39.08 45.76
N LEU B 310 65.64 -38.25 44.70
CA LEU B 310 66.16 -38.72 43.42
C LEU B 310 67.67 -38.98 43.55
N GLU B 311 68.41 -38.16 44.31
CA GLU B 311 69.90 -38.30 44.48
C GLU B 311 70.19 -39.62 45.20
N LEU B 312 69.39 -39.96 46.19
CA LEU B 312 69.69 -41.19 46.99
C LEU B 312 69.35 -42.47 46.24
N TYR B 313 68.32 -42.50 45.38
CA TYR B 313 67.87 -43.70 44.60
C TYR B 313 68.54 -43.82 43.22
N THR B 314 69.28 -42.79 42.77
CA THR B 314 70.12 -42.92 41.57
C THR B 314 71.54 -43.31 41.96
N ARG B 315 71.90 -44.55 41.66
CA ARG B 315 73.18 -45.10 42.14
C ARG B 315 73.76 -45.91 41.00
N PRO B 316 75.09 -46.11 40.96
CA PRO B 316 75.68 -47.02 39.97
C PRO B 316 75.04 -48.42 40.03
N ASP B 317 74.54 -48.85 41.19
CA ASP B 317 73.85 -50.16 41.34
C ASP B 317 72.31 -50.07 41.27
N ASN B 318 71.72 -48.91 41.00
CA ASN B 318 70.25 -48.76 41.11
C ASN B 318 69.75 -47.76 40.06
N ALA B 319 69.15 -48.29 39.04
CA ALA B 319 68.43 -47.48 38.02
C ALA B 319 67.38 -46.69 38.76
N LEU B 320 67.16 -45.46 38.33
CA LEU B 320 66.11 -44.61 38.88
C LEU B 320 64.80 -44.92 38.20
N PHE B 321 63.77 -45.33 38.96
CA PHE B 321 62.40 -45.46 38.42
C PHE B 321 61.47 -44.77 39.40
N VAL B 322 60.80 -43.68 39.04
CA VAL B 322 59.84 -43.06 39.95
C VAL B 322 58.56 -43.85 39.76
N ALA B 323 58.42 -44.98 40.51
CA ALA B 323 57.33 -45.97 40.36
C ALA B 323 55.98 -45.36 40.71
N GLU B 324 55.97 -44.38 41.56
CA GLU B 324 54.79 -43.63 41.98
C GLU B 324 55.19 -42.21 42.25
N ILE B 325 54.30 -41.27 41.88
CA ILE B 325 54.47 -39.87 42.35
C ILE B 325 53.07 -39.29 42.49
N GLY B 326 52.94 -38.31 43.35
CA GLY B 326 51.69 -37.62 43.52
C GLY B 326 51.15 -37.11 42.18
N ASN B 327 49.83 -36.99 42.07
CA ASN B 327 49.17 -36.53 40.81
C ASN B 327 48.77 -35.04 40.86
N ASP B 328 49.16 -34.34 41.90
CA ASP B 328 48.86 -32.91 42.04
C ASP B 328 49.82 -32.15 41.13
N GLN B 329 49.43 -30.93 40.78
CA GLN B 329 50.17 -30.08 39.83
C GLN B 329 51.66 -29.98 40.16
N PRO B 330 52.10 -29.75 41.41
CA PRO B 330 53.51 -29.53 41.67
C PRO B 330 54.41 -30.69 41.27
N PHE B 331 53.84 -31.91 41.10
CA PHE B 331 54.71 -33.09 40.88
C PHE B 331 55.16 -33.21 39.44
N ALA B 332 54.39 -32.58 38.52
CA ALA B 332 54.61 -32.91 37.11
C ALA B 332 56.06 -32.50 36.70
N ARG B 333 56.58 -31.40 37.21
CA ARG B 333 57.92 -30.85 36.78
C ARG B 333 59.05 -31.77 37.26
N TYR B 334 58.76 -32.75 38.12
CA TYR B 334 59.89 -33.61 38.56
C TYR B 334 60.21 -34.66 37.51
N LEU B 335 59.39 -34.76 36.46
CA LEU B 335 59.80 -35.54 35.27
C LEU B 335 61.20 -35.08 34.78
N PHE B 336 61.45 -33.78 34.73
CA PHE B 336 62.70 -33.30 34.11
C PHE B 336 63.93 -33.78 34.86
N PRO B 337 64.09 -33.53 36.17
CA PRO B 337 65.28 -34.06 36.88
C PRO B 337 65.29 -35.59 36.92
N THR B 338 64.11 -36.24 36.95
CA THR B 338 64.10 -37.72 36.89
C THR B 338 64.82 -38.19 35.62
N LEU B 339 64.47 -37.62 34.48
CA LEU B 339 65.07 -38.07 33.21
C LEU B 339 66.53 -37.61 33.15
N GLY B 340 66.83 -36.43 33.67
CA GLY B 340 68.17 -35.85 33.69
C GLY B 340 69.13 -36.73 34.50
N LYS B 341 68.61 -37.49 35.49
CA LYS B 341 69.46 -38.40 36.31
C LYS B 341 69.65 -39.72 35.56
N GLY B 342 69.04 -39.85 34.39
CA GLY B 342 69.08 -41.11 33.67
C GLY B 342 67.95 -42.03 34.04
N GLY B 343 66.92 -41.49 34.66
CA GLY B 343 65.76 -42.29 35.06
C GLY B 343 65.21 -43.05 33.87
N ILE B 344 64.64 -44.22 34.12
CA ILE B 344 64.00 -45.12 33.15
C ILE B 344 62.50 -44.86 33.07
N GLY B 345 61.89 -44.14 34.02
CA GLY B 345 60.46 -44.00 34.01
C GLY B 345 59.95 -43.17 35.17
N PHE B 346 58.67 -42.80 35.04
CA PHE B 346 57.99 -41.81 35.88
C PHE B 346 56.52 -42.10 35.77
N SER B 347 55.87 -42.32 36.89
CA SER B 347 54.48 -42.83 36.85
C SER B 347 53.65 -42.17 37.94
N PRO B 348 52.87 -41.11 37.66
CA PRO B 348 51.94 -40.51 38.60
C PRO B 348 50.87 -41.53 39.01
N PHE B 349 50.52 -41.46 40.28
CA PHE B 349 49.52 -42.35 40.89
C PHE B 349 48.11 -41.74 40.87
N GLY B 350 47.13 -42.58 40.54
CA GLY B 350 45.69 -42.36 40.68
C GLY B 350 45.12 -41.68 39.49
N MET B 351 45.66 -42.02 38.30
CA MET B 351 45.21 -41.40 37.04
C MET B 351 44.05 -42.24 36.51
N ASP B 352 42.91 -42.19 37.17
CA ASP B 352 41.65 -42.80 36.62
C ASP B 352 40.44 -42.11 37.25
N ASP B 353 39.27 -42.37 36.65
CA ASP B 353 38.07 -41.64 37.01
C ASP B 353 37.18 -42.55 37.83
N THR B 354 37.75 -43.32 38.72
CA THR B 354 36.94 -44.26 39.51
C THR B 354 36.42 -43.63 40.80
N ASP B 355 36.35 -42.29 40.88
CA ASP B 355 35.71 -41.51 41.95
C ASP B 355 36.51 -41.67 43.24
N TYR B 356 37.81 -41.45 43.14
CA TYR B 356 38.68 -41.41 44.31
C TYR B 356 39.76 -40.38 44.13
N THR B 357 40.12 -39.68 45.20
CA THR B 357 41.37 -38.90 45.22
C THR B 357 42.10 -39.21 46.51
N ASN B 358 43.41 -39.31 46.42
CA ASN B 358 44.23 -39.57 47.65
C ASN B 358 44.68 -38.25 48.26
N TYR B 359 44.10 -37.13 47.84
CA TYR B 359 44.30 -35.86 48.57
C TYR B 359 44.17 -36.14 50.07
N PRO B 360 45.06 -35.63 50.94
CA PRO B 360 46.09 -34.61 50.70
C PRO B 360 47.38 -35.02 49.97
N LEU B 361 47.57 -36.29 49.65
CA LEU B 361 48.80 -36.74 48.95
C LEU B 361 48.79 -36.20 47.52
N GLY B 362 47.68 -36.36 46.83
CA GLY B 362 47.55 -36.04 45.37
C GLY B 362 46.58 -34.88 45.24
N ALA B 363 45.97 -34.77 44.04
CA ALA B 363 45.13 -33.64 43.65
C ALA B 363 43.82 -33.69 44.44
N LYS B 364 43.36 -32.52 44.83
CA LYS B 364 42.09 -32.40 45.57
C LYS B 364 41.00 -32.80 44.58
N VAL B 365 41.04 -32.39 43.32
CA VAL B 365 39.93 -32.86 42.42
C VAL B 365 40.56 -33.49 41.16
N TYR B 366 39.97 -34.59 40.70
CA TYR B 366 40.48 -35.32 39.53
C TYR B 366 39.62 -34.94 38.35
N ASN B 367 40.22 -34.17 37.45
CA ASN B 367 39.53 -33.71 36.23
C ASN B 367 40.55 -33.57 35.10
N ASP B 368 40.09 -33.06 33.96
CA ASP B 368 40.95 -32.98 32.76
C ASP B 368 42.14 -32.10 33.08
N GLU B 369 41.92 -31.06 33.86
CA GLU B 369 43.00 -30.11 34.22
C GLU B 369 44.10 -30.87 34.99
N THR B 370 43.71 -31.76 35.92
CA THR B 370 44.70 -32.58 36.67
C THR B 370 45.56 -33.35 35.68
N ILE B 371 44.91 -34.00 34.72
CA ILE B 371 45.63 -34.82 33.74
C ILE B 371 46.55 -33.94 32.88
N GLU B 372 46.03 -32.80 32.44
CA GLU B 372 46.75 -31.94 31.48
C GLU B 372 48.10 -31.52 32.03
N GLN B 373 48.27 -31.37 33.37
CA GLN B 373 49.58 -30.88 33.91
C GLN B 373 50.65 -31.90 33.57
N PHE B 374 50.30 -33.19 33.54
CA PHE B 374 51.21 -34.29 33.14
C PHE B 374 51.25 -34.38 31.62
N ALA B 375 50.11 -34.25 30.97
CA ALA B 375 50.08 -34.41 29.50
C ALA B 375 51.02 -33.38 28.89
N GLN B 376 51.05 -32.17 29.41
CA GLN B 376 51.93 -31.12 28.82
C GLN B 376 53.44 -31.48 28.92
N VAL B 377 53.88 -32.14 30.00
CA VAL B 377 55.32 -32.43 30.10
C VAL B 377 55.57 -33.71 29.29
N TYR B 378 54.67 -34.70 29.32
CA TYR B 378 54.84 -35.91 28.49
C TYR B 378 54.98 -35.54 26.99
N ARG B 379 54.26 -34.53 26.51
CA ARG B 379 54.38 -34.12 25.07
C ARG B 379 55.77 -33.62 24.70
N LEU B 380 56.60 -33.20 25.66
CA LEU B 380 58.03 -32.84 25.37
C LEU B 380 58.89 -34.07 25.12
N VAL B 381 58.52 -35.20 25.74
CA VAL B 381 59.40 -36.39 25.71
C VAL B 381 58.90 -37.44 24.72
N ASN B 382 57.60 -37.61 24.59
CA ASN B 382 57.04 -38.67 23.72
C ASN B 382 57.64 -38.59 22.30
N PRO B 383 57.70 -37.40 21.66
CA PRO B 383 58.20 -37.32 20.30
C PRO B 383 59.64 -37.76 20.09
N MET B 384 60.43 -37.82 21.15
CA MET B 384 61.86 -38.18 21.07
C MET B 384 62.14 -39.35 22.04
N MET B 385 61.13 -40.13 22.38
CA MET B 385 61.28 -41.11 23.52
C MET B 385 62.43 -42.06 23.28
N ARG B 386 62.49 -42.68 22.12
CA ARG B 386 63.56 -43.66 21.85
C ARG B 386 64.89 -42.98 21.74
N GLU B 387 64.96 -41.80 21.12
CA GLU B 387 66.27 -41.12 21.00
C GLU B 387 66.75 -40.68 22.40
N TRP B 388 65.86 -40.13 23.23
CA TRP B 388 66.25 -39.65 24.55
C TRP B 388 66.78 -40.87 25.36
N ALA B 389 66.09 -41.98 25.26
CA ALA B 389 66.40 -43.19 26.09
C ALA B 389 67.80 -43.63 25.69
N ARG B 390 68.10 -43.65 24.37
CA ARG B 390 69.45 -44.00 23.87
C ARG B 390 70.50 -43.01 24.44
N LEU B 391 70.26 -41.70 24.36
CA LEU B 391 71.26 -40.69 24.81
C LEU B 391 71.43 -40.81 26.32
N SER B 392 70.34 -41.08 27.02
CA SER B 392 70.39 -41.20 28.50
C SER B 392 71.37 -42.32 28.87
N TYR B 393 71.30 -43.42 28.14
CA TYR B 393 72.09 -44.64 28.44
C TYR B 393 73.53 -44.46 27.99
N GLN B 394 73.71 -44.07 26.74
CA GLN B 394 74.99 -44.13 25.97
C GLN B 394 75.74 -42.81 26.14
N GLY B 395 75.06 -41.73 26.45
CA GLY B 395 75.67 -40.39 26.39
C GLY B 395 75.47 -39.59 27.66
N GLN B 396 75.35 -38.30 27.46
CA GLN B 396 75.30 -37.31 28.50
C GLN B 396 73.92 -36.61 28.39
N VAL B 397 73.11 -36.68 29.43
CA VAL B 397 71.85 -35.91 29.59
C VAL B 397 71.88 -35.09 30.88
N TRP B 398 71.03 -34.07 30.91
CA TRP B 398 70.84 -33.17 32.03
C TRP B 398 69.35 -32.86 32.07
N GLY B 399 68.83 -32.59 33.25
CA GLY B 399 67.40 -32.26 33.42
C GLY B 399 67.23 -31.53 34.74
N VAL B 400 66.47 -30.46 34.75
CA VAL B 400 66.26 -29.57 35.91
C VAL B 400 64.77 -29.18 35.99
N ALA B 401 64.27 -28.97 37.19
CA ALA B 401 62.94 -28.47 37.48
C ALA B 401 63.07 -27.14 38.20
N GLU B 402 62.04 -26.33 38.07
CA GLU B 402 61.97 -25.04 38.78
C GLU B 402 62.22 -25.27 40.29
N PRO B 403 63.28 -24.67 40.87
CA PRO B 403 63.76 -25.03 42.21
C PRO B 403 63.07 -24.34 43.39
N LEU B 404 62.20 -23.40 43.13
CA LEU B 404 61.38 -22.73 44.15
C LEU B 404 59.99 -23.27 44.02
N ASP B 405 59.41 -23.68 45.15
CA ASP B 405 58.02 -24.13 45.18
C ASP B 405 57.12 -22.90 45.12
N SER B 406 55.85 -23.11 44.87
CA SER B 406 54.88 -22.00 44.79
C SER B 406 54.85 -21.28 46.14
N THR B 407 54.81 -19.96 46.12
CA THR B 407 54.76 -19.12 47.33
C THR B 407 53.46 -19.44 48.07
N THR B 408 53.58 -19.61 49.38
CA THR B 408 52.45 -19.91 50.31
C THR B 408 51.77 -18.58 50.70
N GLU B 409 50.59 -18.66 51.30
CA GLU B 409 49.88 -17.44 51.80
C GLU B 409 50.78 -16.75 52.84
N THR B 410 51.49 -17.55 53.65
CA THR B 410 52.51 -17.06 54.63
C THR B 410 53.41 -16.03 53.94
N GLN B 411 53.91 -16.36 52.75
CA GLN B 411 54.84 -15.47 52.01
C GLN B 411 54.03 -14.38 51.27
N LYS B 412 52.72 -14.58 51.12
CA LYS B 412 51.86 -13.57 50.42
C LYS B 412 51.68 -12.39 51.39
N ILE B 413 51.83 -12.64 52.68
CA ILE B 413 51.76 -11.60 53.76
C ILE B 413 53.19 -11.26 54.19
N PRO B 420 59.84 -1.89 51.07
CA PRO B 420 60.69 -1.37 50.01
C PRO B 420 62.04 -2.08 49.91
N GLU B 421 62.99 -1.71 50.77
CA GLU B 421 64.38 -2.26 50.75
C GLU B 421 64.32 -3.78 50.78
N GLU B 422 63.47 -4.36 51.64
CA GLU B 422 63.38 -5.82 51.88
C GLU B 422 62.74 -6.56 50.70
N LYS B 423 61.62 -6.09 50.16
CA LYS B 423 60.92 -6.70 49.00
C LYS B 423 61.91 -6.72 47.82
N GLU B 424 62.68 -5.65 47.60
CA GLU B 424 63.71 -5.58 46.52
C GLU B 424 64.79 -6.64 46.75
N GLN B 425 65.24 -6.87 47.99
CA GLN B 425 66.35 -7.85 48.20
C GLN B 425 65.76 -9.27 48.02
N HIS B 426 64.52 -9.46 48.46
CA HIS B 426 63.78 -10.72 48.22
C HIS B 426 63.68 -11.00 46.71
N LYS B 427 63.37 -10.01 45.87
CA LYS B 427 63.25 -10.22 44.38
C LYS B 427 64.63 -10.71 43.89
N LYS B 428 65.73 -10.05 44.27
CA LYS B 428 67.12 -10.44 43.88
C LYS B 428 67.36 -11.89 44.37
N ASP B 429 66.97 -12.24 45.59
CA ASP B 429 67.26 -13.60 46.12
C ASP B 429 66.46 -14.67 45.38
N ARG B 430 65.21 -14.39 45.03
CA ARG B 430 64.37 -15.36 44.26
C ARG B 430 64.97 -15.49 42.84
N ALA B 431 65.37 -14.37 42.24
CA ALA B 431 65.92 -14.39 40.86
C ALA B 431 67.14 -15.31 40.83
N SER B 432 67.99 -15.14 41.83
CA SER B 432 69.24 -15.92 41.98
C SER B 432 68.88 -17.42 42.16
N ALA B 433 67.93 -17.75 43.03
CA ALA B 433 67.52 -19.17 43.28
C ALA B 433 66.89 -19.77 42.03
N LEU B 434 66.24 -18.93 41.22
CA LEU B 434 65.51 -19.39 40.02
C LEU B 434 66.45 -19.37 38.86
N THR B 435 67.75 -19.42 39.12
CA THR B 435 68.80 -19.45 38.04
C THR B 435 69.64 -20.71 38.27
N GLN B 436 69.65 -21.65 37.34
CA GLN B 436 70.42 -22.90 37.47
C GLN B 436 71.54 -22.96 36.43
N GLN B 437 72.71 -23.42 36.85
CA GLN B 437 73.86 -23.57 35.94
C GLN B 437 74.09 -25.04 35.66
N LEU B 438 74.26 -25.38 34.38
CA LEU B 438 74.60 -26.75 33.95
C LEU B 438 75.92 -26.73 33.21
N ASP B 439 76.86 -27.61 33.55
CA ASP B 439 78.18 -27.69 32.86
C ASP B 439 78.07 -28.75 31.78
N LEU B 440 78.02 -28.33 30.51
CA LEU B 440 77.80 -29.29 29.38
C LEU B 440 79.09 -29.60 28.64
N GLY B 441 80.26 -29.41 29.27
CA GLY B 441 81.55 -29.67 28.65
C GLY B 441 82.21 -28.38 28.19
N LEU B 442 82.23 -28.12 26.87
CA LEU B 442 82.83 -26.86 26.33
C LEU B 442 81.85 -25.70 26.53
N TRP B 443 80.57 -26.02 26.75
CA TRP B 443 79.47 -25.05 26.90
C TRP B 443 78.77 -25.23 28.24
N ASP B 444 78.25 -24.17 28.78
CA ASP B 444 77.38 -24.17 29.97
C ASP B 444 75.99 -23.71 29.54
N ALA B 445 74.96 -24.17 30.25
CA ALA B 445 73.58 -23.71 30.01
C ALA B 445 73.12 -23.05 31.29
N GLU B 446 72.47 -21.90 31.17
CA GLU B 446 71.82 -21.25 32.32
C GLU B 446 70.31 -21.34 32.13
N VAL B 447 69.61 -21.96 33.07
CA VAL B 447 68.13 -22.12 32.96
C VAL B 447 67.51 -21.16 33.99
N THR B 448 66.52 -20.40 33.59
CA THR B 448 65.82 -19.42 34.43
C THR B 448 64.31 -19.60 34.21
N TYR B 449 63.53 -19.18 35.18
CA TYR B 449 62.10 -19.50 35.21
C TYR B 449 61.29 -18.23 35.48
N GLY B 450 60.22 -18.06 34.72
CA GLY B 450 59.26 -16.98 35.00
C GLY B 450 59.73 -15.64 34.46
N ARG B 451 59.89 -15.55 33.14
CA ARG B 451 60.32 -14.26 32.62
C ARG B 451 59.82 -14.13 31.19
N PRO B 452 59.79 -12.89 30.66
CA PRO B 452 59.36 -12.69 29.28
C PRO B 452 60.30 -13.37 28.27
N MET B 453 59.83 -13.49 27.03
CA MET B 453 60.55 -14.13 25.92
C MET B 453 61.48 -13.15 25.18
N PHE B 454 61.51 -11.90 25.60
CA PHE B 454 62.34 -10.80 25.06
C PHE B 454 62.92 -10.01 26.26
N TRP B 455 64.12 -9.49 26.09
CA TRP B 455 64.84 -8.62 27.06
C TRP B 455 65.32 -9.49 28.24
N VAL B 456 65.81 -8.87 29.29
CA VAL B 456 66.61 -9.54 30.36
C VAL B 456 66.01 -9.22 31.72
N THR B 457 64.73 -8.89 31.81
CA THR B 457 64.08 -8.69 33.11
C THR B 457 64.35 -9.92 33.97
N PRO B 458 64.78 -9.79 35.25
CA PRO B 458 65.19 -10.94 36.04
C PRO B 458 64.07 -11.97 36.21
N PRO B 459 64.35 -13.30 36.35
CA PRO B 459 63.35 -14.46 36.58
C PRO B 459 62.56 -14.21 37.90
N GLU B 460 61.25 -14.38 37.85
CA GLU B 460 60.34 -14.16 39.01
C GLU B 460 59.62 -15.48 39.35
N GLY B 461 59.83 -16.52 38.56
CA GLY B 461 59.18 -17.82 38.66
C GLY B 461 57.79 -17.91 38.05
N ASN B 462 57.33 -19.12 37.82
CA ASN B 462 55.99 -19.43 37.30
C ASN B 462 55.03 -19.56 38.48
N THR B 463 53.78 -19.24 38.25
CA THR B 463 52.73 -19.34 39.31
C THR B 463 51.63 -20.24 38.77
N PRO B 464 51.52 -21.51 39.19
CA PRO B 464 52.39 -22.12 40.22
C PRO B 464 53.77 -22.53 39.69
N ALA B 465 54.68 -22.97 40.55
CA ALA B 465 55.99 -23.46 40.05
C ALA B 465 55.74 -24.62 39.08
N ALA B 466 56.42 -24.69 37.94
CA ALA B 466 56.07 -25.71 36.95
C ALA B 466 57.16 -25.92 35.91
N GLY B 467 58.21 -25.12 35.89
CA GLY B 467 59.09 -25.18 34.71
C GLY B 467 60.15 -26.23 34.78
N GLY B 468 60.80 -26.53 33.65
CA GLY B 468 61.98 -27.40 33.67
C GLY B 468 62.64 -27.46 32.34
N ALA B 469 63.70 -28.26 32.23
CA ALA B 469 64.50 -28.33 30.98
C ALA B 469 65.16 -29.67 30.86
N LEU B 470 65.21 -30.19 29.63
CA LEU B 470 66.00 -31.40 29.32
C LEU B 470 67.08 -31.01 28.31
N ILE B 471 68.32 -31.50 28.50
CA ILE B 471 69.45 -31.29 27.52
C ILE B 471 70.19 -32.62 27.34
N ALA B 472 70.39 -33.02 26.11
CA ALA B 472 71.23 -34.18 25.73
C ALA B 472 72.39 -33.71 24.86
N GLN B 473 73.59 -34.23 25.06
CA GLN B 473 74.72 -33.80 24.22
C GLN B 473 74.74 -34.72 23.01
N LEU B 474 74.86 -34.14 21.82
CA LEU B 474 74.93 -34.87 20.53
C LEU B 474 76.39 -34.88 20.05
N ASP B 475 77.14 -33.82 20.34
CA ASP B 475 78.55 -33.68 19.92
C ASP B 475 79.20 -32.62 20.81
N ASP B 476 80.49 -32.42 20.67
CA ASP B 476 81.24 -31.40 21.44
C ASP B 476 80.51 -30.07 21.50
N ASN B 477 79.86 -29.64 20.43
CA ASN B 477 79.26 -28.28 20.35
C ASN B 477 77.77 -28.36 20.03
N GLU B 478 77.16 -29.53 20.15
CA GLU B 478 75.74 -29.67 19.71
C GLU B 478 74.94 -30.34 20.80
N TYR B 479 73.75 -29.83 21.03
CA TYR B 479 72.82 -30.29 22.10
C TYR B 479 71.41 -30.42 21.55
N LEU B 480 70.68 -31.38 22.10
CA LEU B 480 69.23 -31.52 22.00
C LEU B 480 68.67 -30.85 23.23
N VAL B 481 67.73 -29.95 23.03
CA VAL B 481 67.12 -29.11 24.06
C VAL B 481 65.60 -29.11 23.93
N THR B 482 64.91 -29.33 25.06
CA THR B 482 63.46 -29.08 25.15
C THR B 482 63.20 -28.64 26.58
N ALA B 483 62.43 -27.61 26.75
CA ALA B 483 62.17 -26.99 28.04
C ALA B 483 60.70 -26.55 28.11
N TYR B 484 60.28 -26.12 29.28
CA TYR B 484 58.87 -25.87 29.60
C TYR B 484 58.82 -24.72 30.61
N LYS B 485 58.17 -23.62 30.23
CA LYS B 485 57.97 -22.44 31.06
C LYS B 485 59.33 -22.04 31.62
N ALA B 486 60.31 -21.81 30.77
CA ALA B 486 61.68 -21.54 31.18
C ALA B 486 62.46 -20.91 30.02
N ARG B 487 63.55 -20.29 30.35
CA ARG B 487 64.55 -19.81 29.34
C ARG B 487 65.81 -20.64 29.50
N VAL B 488 66.40 -21.07 28.38
CA VAL B 488 67.71 -21.79 28.42
C VAL B 488 68.67 -20.93 27.62
N GLU B 489 69.75 -20.50 28.25
CA GLU B 489 70.83 -19.69 27.63
C GLU B 489 72.16 -20.45 27.65
N PHE B 490 72.88 -20.46 26.52
CA PHE B 490 74.17 -21.14 26.34
C PHE B 490 75.29 -20.12 26.36
N LYS B 491 76.43 -20.49 26.93
CA LYS B 491 77.67 -19.68 27.11
C LYS B 491 78.85 -20.64 27.12
N PRO B 492 80.08 -20.16 26.83
CA PRO B 492 81.27 -20.99 26.90
C PRO B 492 81.43 -21.39 28.37
N SER B 493 81.90 -22.62 28.61
CA SER B 493 82.16 -23.20 29.97
C SER B 493 83.45 -22.62 30.50
N GLN B 494 84.36 -22.20 29.64
CA GLN B 494 85.66 -21.65 30.11
C GLN B 494 86.08 -20.46 29.24
N GLU B 495 87.00 -19.68 29.77
CA GLU B 495 87.55 -18.47 29.13
C GLU B 495 88.05 -18.87 27.71
N LEU B 496 87.79 -18.05 26.69
CA LEU B 496 88.10 -18.44 25.30
C LEU B 496 89.45 -17.87 24.84
N ALA B 497 90.15 -17.10 25.67
CA ALA B 497 91.52 -16.63 25.33
C ALA B 497 91.49 -15.96 23.94
N GLY B 498 90.73 -14.89 23.88
CA GLY B 498 90.70 -13.98 22.71
C GLY B 498 89.68 -14.38 21.66
N LYS B 499 89.02 -15.53 21.82
CA LYS B 499 87.98 -15.95 20.84
C LYS B 499 86.65 -15.33 21.23
N LYS B 500 85.73 -15.24 20.25
CA LYS B 500 84.30 -14.92 20.51
CA LYS B 500 84.30 -14.92 20.51
C LYS B 500 83.41 -16.17 20.38
N PHE B 501 82.14 -16.04 20.77
CA PHE B 501 81.25 -17.21 20.65
C PHE B 501 79.90 -16.76 20.18
N MET B 502 79.17 -17.67 19.57
CA MET B 502 77.77 -17.42 19.15
C MET B 502 77.04 -18.77 19.01
N ILE B 503 75.73 -18.73 18.99
CA ILE B 503 74.93 -19.85 18.48
C ILE B 503 75.25 -19.92 16.98
N GLU B 504 75.62 -21.05 16.47
CA GLU B 504 75.87 -21.21 15.03
C GLU B 504 74.51 -21.46 14.38
N ARG B 505 73.73 -22.39 14.95
CA ARG B 505 72.38 -22.70 14.43
C ARG B 505 71.51 -23.35 15.49
N VAL B 506 70.25 -22.99 15.49
CA VAL B 506 69.19 -23.67 16.28
C VAL B 506 68.12 -24.16 15.31
N GLU B 507 67.89 -25.44 15.28
CA GLU B 507 66.80 -26.01 14.48
C GLU B 507 65.72 -26.60 15.38
N GLU B 508 64.47 -26.26 15.09
CA GLU B 508 63.32 -26.98 15.66
C GLU B 508 62.97 -28.13 14.73
N GLY B 509 62.77 -29.33 15.26
CA GLY B 509 62.33 -30.45 14.44
C GLY B 509 61.86 -31.62 15.23
N ARG B 510 61.90 -32.77 14.58
CA ARG B 510 61.43 -34.06 15.15
C ARG B 510 62.28 -35.19 14.62
N PHE B 511 62.18 -36.32 15.30
CA PHE B 511 62.87 -37.53 14.81
C PHE B 511 61.82 -38.30 14.03
N GLU B 512 62.13 -38.65 12.78
CA GLU B 512 61.23 -39.50 11.99
C GLU B 512 62.00 -40.78 11.62
N LYS B 513 61.51 -41.91 12.12
CA LYS B 513 62.18 -43.24 12.00
C LYS B 513 63.64 -43.09 12.38
N GLY B 514 63.95 -42.41 13.50
CA GLY B 514 65.33 -42.20 14.01
C GLY B 514 66.17 -41.16 13.23
N LYS B 515 65.64 -40.49 12.19
CA LYS B 515 66.40 -39.44 11.44
C LYS B 515 65.82 -38.07 11.82
N TRP B 516 66.69 -37.07 12.02
CA TRP B 516 66.27 -35.70 12.35
C TRP B 516 65.62 -35.01 11.15
N VAL B 517 64.42 -34.45 11.33
CA VAL B 517 63.71 -33.67 10.26
C VAL B 517 63.62 -32.23 10.75
N MET B 518 64.25 -31.28 10.06
CA MET B 518 64.18 -29.86 10.45
C MET B 518 62.80 -29.31 10.06
N GLU B 519 62.10 -28.60 10.94
CA GLU B 519 60.87 -27.87 10.62
C GLU B 519 61.21 -26.41 10.41
N ARG B 520 62.05 -25.80 11.26
CA ARG B 520 62.40 -24.36 11.11
C ARG B 520 63.67 -24.06 11.84
N VAL B 521 64.32 -22.98 11.49
CA VAL B 521 65.47 -22.44 12.22
C VAL B 521 64.96 -21.38 13.21
N TRP B 522 65.33 -21.49 14.47
CA TRP B 522 65.12 -20.38 15.42
C TRP B 522 66.25 -19.40 15.22
N ASN B 523 65.92 -18.14 15.04
CA ASN B 523 66.93 -17.10 14.90
C ASN B 523 66.34 -15.75 15.35
N GLY B 524 67.12 -14.69 15.34
CA GLY B 524 66.61 -13.36 15.68
C GLY B 524 66.10 -13.34 17.12
N ASP B 525 64.92 -12.80 17.32
CA ASP B 525 64.18 -12.63 18.57
C ASP B 525 64.22 -13.98 19.31
N GLN B 526 64.10 -15.06 18.59
CA GLN B 526 63.91 -16.42 19.18
C GLN B 526 65.24 -16.91 19.75
N THR B 527 66.38 -16.36 19.40
CA THR B 527 67.69 -16.79 20.02
C THR B 527 68.47 -15.66 20.70
N ASP B 528 68.03 -14.43 20.60
CA ASP B 528 68.75 -13.28 21.14
C ASP B 528 68.67 -13.25 22.66
N TRP B 529 67.63 -13.80 23.25
CA TRP B 529 67.34 -13.62 24.69
C TRP B 529 67.25 -15.04 25.28
N GLY B 530 68.21 -15.89 24.87
CA GLY B 530 68.18 -17.33 25.13
C GLY B 530 67.06 -18.02 24.36
N LEU B 531 66.79 -19.27 24.74
CA LEU B 531 65.74 -20.10 24.15
C LEU B 531 64.57 -20.14 25.10
N ASN B 532 63.47 -19.52 24.71
CA ASN B 532 62.27 -19.34 25.56
C ASN B 532 61.20 -20.34 25.23
N PHE B 533 60.73 -21.07 26.24
CA PHE B 533 59.71 -22.10 26.09
C PHE B 533 58.50 -21.74 26.94
N THR B 534 57.29 -21.99 26.42
CA THR B 534 56.06 -21.80 27.20
C THR B 534 55.58 -23.18 27.62
N ASP B 535 54.33 -23.44 27.37
CA ASP B 535 53.71 -24.76 27.63
C ASP B 535 53.66 -25.67 26.41
N ARG B 536 54.07 -25.20 25.25
CA ARG B 536 53.96 -26.03 24.04
C ARG B 536 55.30 -26.70 23.77
N PRO B 537 55.24 -27.91 23.15
CA PRO B 537 56.43 -28.70 22.92
C PRO B 537 57.24 -28.11 21.77
N HIS B 538 58.52 -27.90 21.96
CA HIS B 538 59.53 -27.64 20.89
C HIS B 538 60.80 -28.44 21.18
N LEU B 539 61.25 -29.22 20.24
CA LEU B 539 62.50 -29.95 20.35
C LEU B 539 63.51 -29.23 19.46
N LEU B 540 64.60 -28.81 20.06
CA LEU B 540 65.63 -27.99 19.33
C LEU B 540 66.96 -28.72 19.24
N ARG B 541 67.72 -28.54 18.18
CA ARG B 541 69.15 -28.92 18.15
C ARG B 541 69.87 -27.58 18.12
N VAL B 542 70.73 -27.42 19.08
CA VAL B 542 71.53 -26.22 19.33
C VAL B 542 72.97 -26.55 18.98
N LYS B 543 73.53 -25.82 18.02
CA LYS B 543 74.98 -25.91 17.66
C LYS B 543 75.65 -24.59 18.08
N MET B 544 76.66 -24.64 18.94
CA MET B 544 77.42 -23.48 19.43
C MET B 544 78.76 -23.39 18.67
N ALA B 545 79.31 -22.19 18.52
CA ALA B 545 80.64 -22.00 17.88
C ALA B 545 81.42 -20.96 18.64
N SER B 546 82.71 -21.22 18.78
CA SER B 546 83.68 -20.18 19.14
C SER B 546 84.37 -19.83 17.82
N TYR B 547 84.76 -18.56 17.67
CA TYR B 547 85.38 -18.06 16.43
C TYR B 547 86.41 -16.99 16.80
N SER B 548 87.43 -16.93 15.98
CA SER B 548 88.58 -15.99 16.09
C SER B 548 88.16 -14.64 15.53
N VAL B 549 88.57 -13.56 16.19
CA VAL B 549 88.48 -12.18 15.64
C VAL B 549 89.88 -11.56 15.49
N GLN B 550 90.96 -12.34 15.63
CA GLN B 550 92.34 -11.81 15.79
C GLN B 550 92.71 -11.09 14.48
N ALA C 12 -12.26 -4.45 2.64
CA ALA C 12 -11.22 -4.19 3.73
C ALA C 12 -11.43 -2.81 4.35
N PRO C 13 -12.15 -2.68 5.51
CA PRO C 13 -12.47 -1.36 6.05
C PRO C 13 -11.17 -0.60 6.36
N LEU C 14 -11.16 0.72 6.09
CA LEU C 14 -10.05 1.62 6.50
C LEU C 14 -9.87 1.56 8.04
N PRO C 15 -8.60 1.67 8.60
CA PRO C 15 -8.20 1.97 10.04
C PRO C 15 -8.96 3.26 10.35
N GLU C 16 -9.56 3.38 11.53
CA GLU C 16 -10.17 4.66 11.98
C GLU C 16 -10.13 4.70 13.50
N LEU C 17 -10.04 5.89 14.05
CA LEU C 17 -10.06 6.12 15.49
C LEU C 17 -11.50 6.46 15.93
N LEU C 18 -12.12 5.58 16.74
CA LEU C 18 -13.49 5.83 17.25
C LEU C 18 -13.31 6.45 18.61
N SER C 19 -14.19 7.37 18.95
CA SER C 19 -14.24 8.00 20.30
C SER C 19 -15.73 8.07 20.68
N ASN C 20 -16.09 7.52 21.81
CA ASN C 20 -17.52 7.34 22.21
C ASN C 20 -17.52 7.09 23.71
N ASN C 21 -18.29 7.89 24.45
CA ASN C 21 -18.51 7.79 25.92
C ASN C 21 -17.19 8.06 26.66
N GLY C 22 -16.39 9.01 26.19
CA GLY C 22 -15.06 9.32 26.73
C GLY C 22 -14.02 8.20 26.54
N LYS C 23 -14.29 7.16 25.75
CA LYS C 23 -13.31 6.07 25.45
C LYS C 23 -12.96 6.12 23.96
N HIS C 24 -11.99 5.30 23.55
CA HIS C 24 -11.38 5.34 22.19
C HIS C 24 -10.95 3.94 21.79
N ALA C 25 -11.04 3.66 20.52
CA ALA C 25 -10.55 2.43 19.91
C ALA C 25 -9.81 2.81 18.62
N LEU C 26 -8.74 2.13 18.30
CA LEU C 26 -8.12 2.18 16.95
C LEU C 26 -8.68 0.97 16.27
N MET C 27 -9.59 1.16 15.30
CA MET C 27 -10.17 0.03 14.56
C MET C 27 -9.22 -0.28 13.45
N VAL C 28 -8.87 -1.53 13.33
CA VAL C 28 -8.06 -2.14 12.24
C VAL C 28 -8.75 -3.41 11.77
N ASP C 29 -9.07 -3.47 10.47
CA ASP C 29 -9.77 -4.61 9.84
C ASP C 29 -11.11 -4.77 10.56
N GLY C 30 -11.69 -3.64 11.00
CA GLY C 30 -13.07 -3.53 11.51
C GLY C 30 -13.21 -3.95 12.95
N ALA C 31 -12.14 -3.96 13.72
CA ALA C 31 -12.26 -4.27 15.17
C ALA C 31 -11.18 -3.54 15.93
N PRO C 32 -11.35 -3.28 17.24
CA PRO C 32 -10.31 -2.60 18.01
C PRO C 32 -8.99 -3.34 17.94
N TYR C 33 -7.91 -2.59 17.97
CA TYR C 33 -6.54 -3.09 17.80
C TYR C 33 -5.66 -2.37 18.82
N ILE C 34 -4.66 -3.06 19.34
CA ILE C 34 -3.60 -2.41 20.15
C ILE C 34 -2.30 -2.45 19.34
N ILE C 35 -1.64 -1.33 19.25
CA ILE C 35 -0.29 -1.25 18.66
C ILE C 35 0.70 -1.67 19.73
N LEU C 36 1.24 -2.85 19.60
CA LEU C 36 2.42 -3.29 20.39
C LEU C 36 3.60 -2.99 19.49
N GLY C 37 4.10 -1.79 19.60
CA GLY C 37 4.98 -1.27 18.54
C GLY C 37 6.43 -1.42 18.75
N SER C 38 7.16 -1.10 17.72
CA SER C 38 8.57 -0.70 17.84
C SER C 38 8.84 0.41 16.81
N GLN C 39 9.72 1.32 17.15
CA GLN C 39 10.16 2.38 16.21
C GLN C 39 11.64 2.17 15.90
N THR C 40 12.00 2.32 14.64
CA THR C 40 13.41 2.28 14.23
C THR C 40 14.17 3.52 14.76
N ASN C 41 15.48 3.47 14.63
CA ASN C 41 16.31 4.67 14.79
C ASN C 41 16.03 5.61 13.57
N ASN C 42 16.45 6.85 13.68
CA ASN C 42 16.10 7.90 12.68
C ASN C 42 16.72 7.67 11.31
N SER C 43 17.71 6.83 11.12
CA SER C 43 18.43 6.66 9.84
C SER C 43 18.21 5.24 9.27
N SER C 44 17.11 4.60 9.59
CA SER C 44 16.85 3.23 9.15
C SER C 44 15.78 3.23 8.06
N ASN C 45 15.47 4.40 7.52
CA ASN C 45 14.39 4.50 6.50
C ASN C 45 14.93 4.26 5.06
N TYR C 46 15.82 3.30 4.85
CA TYR C 46 16.40 2.96 3.56
C TYR C 46 16.31 1.47 3.39
N PRO C 47 16.12 0.87 2.16
CA PRO C 47 16.03 -0.57 1.92
C PRO C 47 17.14 -1.39 2.56
N ASP C 48 18.37 -0.91 2.50
CA ASP C 48 19.56 -1.64 3.00
C ASP C 48 19.47 -1.73 4.51
N ALA C 49 18.74 -0.81 5.19
CA ALA C 49 18.79 -0.81 6.66
C ALA C 49 17.76 -1.83 7.19
N LEU C 50 16.79 -2.25 6.38
CA LEU C 50 15.65 -3.04 6.88
C LEU C 50 16.14 -4.36 7.49
N LYS C 51 17.23 -4.90 7.00
CA LYS C 51 17.67 -6.23 7.48
C LYS C 51 18.17 -6.05 8.93
N ASP C 52 18.47 -4.86 9.36
CA ASP C 52 18.90 -4.58 10.77
C ASP C 52 17.70 -4.20 11.67
N VAL C 53 16.49 -4.14 11.10
CA VAL C 53 15.24 -3.81 11.80
C VAL C 53 14.43 -5.10 12.07
N TRP C 54 14.16 -5.92 11.04
CA TRP C 54 13.19 -7.02 11.19
C TRP C 54 13.59 -7.99 12.33
N PRO C 55 14.88 -8.39 12.47
CA PRO C 55 15.21 -9.34 13.55
C PRO C 55 14.74 -8.83 14.93
N SER C 56 14.95 -7.56 15.23
CA SER C 56 14.56 -6.95 16.53
C SER C 56 13.05 -7.02 16.67
N MET C 57 12.31 -6.65 15.58
CA MET C 57 10.85 -6.69 15.67
C MET C 57 10.38 -8.12 16.00
N GLU C 58 10.99 -9.12 15.38
CA GLU C 58 10.61 -10.52 15.61
C GLU C 58 10.98 -10.86 17.06
N LYS C 59 12.14 -10.45 17.51
CA LYS C 59 12.54 -10.82 18.91
C LYS C 59 11.55 -10.18 19.89
N MET C 60 11.10 -8.97 19.58
CA MET C 60 10.21 -8.18 20.47
C MET C 60 8.78 -8.73 20.47
N GLY C 61 8.34 -9.37 19.39
CA GLY C 61 6.94 -9.77 19.26
C GLY C 61 6.07 -8.58 18.94
N ALA C 62 6.60 -7.51 18.34
CA ALA C 62 5.82 -6.33 18.02
C ALA C 62 4.89 -6.68 16.84
N ASN C 63 3.76 -5.99 16.79
CA ASN C 63 2.74 -6.24 15.72
C ASN C 63 2.75 -5.08 14.74
N THR C 64 3.45 -4.01 15.07
CA THR C 64 3.42 -2.74 14.23
C THR C 64 4.81 -2.11 14.27
N LEU C 65 5.32 -1.68 13.13
CA LEU C 65 6.59 -0.95 13.04
C LEU C 65 6.32 0.51 12.74
N SER C 66 6.91 1.39 13.50
CA SER C 66 6.90 2.85 13.22
C SER C 66 8.21 3.17 12.54
N ILE C 67 8.18 3.79 11.33
CA ILE C 67 9.45 3.99 10.63
C ILE C 67 9.27 5.27 9.80
N PRO C 68 10.32 6.08 9.69
CA PRO C 68 10.15 7.34 8.92
C PRO C 68 10.00 7.11 7.44
N VAL C 69 9.33 8.09 6.87
CA VAL C 69 9.34 8.39 5.42
C VAL C 69 9.68 9.89 5.37
N ALA C 70 10.83 10.21 4.76
CA ALA C 70 11.39 11.57 4.75
C ALA C 70 11.00 12.29 3.46
N TRP C 71 10.66 13.54 3.59
CA TRP C 71 10.39 14.38 2.38
C TRP C 71 11.63 14.35 1.51
N GLU C 72 12.83 14.42 2.07
CA GLU C 72 14.10 14.47 1.26
C GLU C 72 14.23 13.20 0.41
N GLN C 73 13.70 12.05 0.85
CA GLN C 73 13.87 10.82 0.06
C GLN C 73 12.76 10.66 -1.00
N ILE C 74 11.55 11.13 -0.76
CA ILE C 74 10.45 10.91 -1.77
C ILE C 74 10.45 12.05 -2.78
N GLU C 75 11.01 13.20 -2.47
CA GLU C 75 10.98 14.31 -3.48
C GLU C 75 12.36 14.99 -3.48
N PRO C 76 13.51 14.32 -3.80
CA PRO C 76 14.88 14.82 -3.59
C PRO C 76 15.15 15.99 -4.51
N VAL C 77 14.43 15.96 -5.63
CA VAL C 77 14.45 17.08 -6.62
C VAL C 77 12.99 17.52 -6.79
N GLU C 78 12.71 18.83 -6.92
CA GLU C 78 11.29 19.28 -6.89
C GLU C 78 10.50 18.62 -8.01
N GLY C 79 9.37 18.00 -7.68
CA GLY C 79 8.45 17.38 -8.64
C GLY C 79 8.90 15.99 -9.08
N GLN C 80 10.06 15.49 -8.61
CA GLN C 80 10.66 14.23 -9.08
C GLN C 80 10.55 13.22 -7.92
N PHE C 81 9.43 12.50 -7.83
CA PHE C 81 9.03 11.71 -6.63
C PHE C 81 9.60 10.31 -6.78
N ASP C 82 10.02 9.77 -5.66
CA ASP C 82 10.66 8.44 -5.58
C ASP C 82 10.04 7.67 -4.40
N PHE C 83 9.26 6.63 -4.68
CA PHE C 83 8.62 5.80 -3.64
C PHE C 83 9.28 4.43 -3.57
N SER C 84 10.54 4.32 -4.01
CA SER C 84 11.28 3.02 -3.98
C SER C 84 11.42 2.49 -2.55
N PHE C 85 11.56 3.36 -1.58
CA PHE C 85 11.67 2.86 -0.19
C PHE C 85 10.31 2.31 0.30
N VAL C 86 9.22 3.07 0.10
CA VAL C 86 7.86 2.67 0.54
C VAL C 86 7.53 1.32 -0.09
N ASP C 87 7.87 1.09 -1.36
CA ASP C 87 7.52 -0.16 -2.04
C ASP C 87 8.17 -1.36 -1.32
N VAL C 88 9.48 -1.28 -1.04
CA VAL C 88 10.28 -2.33 -0.36
C VAL C 88 9.65 -2.53 1.02
N LEU C 89 9.41 -1.44 1.69
CA LEU C 89 8.89 -1.49 3.08
C LEU C 89 7.56 -2.23 3.12
N LEU C 90 6.63 -1.88 2.23
CA LEU C 90 5.29 -2.48 2.25
C LEU C 90 5.47 -3.96 1.99
N LYS C 91 6.30 -4.35 1.00
CA LYS C 91 6.38 -5.78 0.63
C LYS C 91 7.03 -6.55 1.80
N GLU C 92 8.03 -5.95 2.43
CA GLU C 92 8.76 -6.68 3.51
C GLU C 92 7.84 -6.76 4.75
N ALA C 93 7.03 -5.74 5.03
CA ALA C 93 6.10 -5.80 6.19
C ALA C 93 5.10 -6.91 5.95
N ARG C 94 4.57 -7.02 4.75
CA ARG C 94 3.48 -7.98 4.49
C ARG C 94 4.03 -9.40 4.65
N GLN C 95 5.27 -9.64 4.20
CA GLN C 95 5.92 -10.97 4.24
C GLN C 95 5.97 -11.39 5.70
N ARG C 96 6.20 -10.43 6.61
CA ARG C 96 6.31 -10.70 8.08
C ARG C 96 4.99 -10.51 8.81
N LYS C 97 3.92 -10.23 8.11
CA LYS C 97 2.51 -10.07 8.63
C LYS C 97 2.49 -9.09 9.80
N VAL C 98 3.13 -7.93 9.63
CA VAL C 98 3.09 -6.79 10.56
C VAL C 98 2.49 -5.59 9.82
N ARG C 99 2.01 -4.68 10.62
CA ARG C 99 1.45 -3.39 10.14
C ARG C 99 2.47 -2.30 10.34
N LEU C 100 2.21 -1.15 9.74
CA LEU C 100 3.16 -0.05 9.73
C LEU C 100 2.51 1.22 10.21
N VAL C 101 3.32 2.07 10.83
CA VAL C 101 2.97 3.47 11.08
C VAL C 101 4.05 4.25 10.36
N LEU C 102 3.68 5.08 9.39
CA LEU C 102 4.72 5.86 8.71
C LEU C 102 4.84 7.20 9.39
N LEU C 103 6.05 7.66 9.58
CA LEU C 103 6.37 8.95 10.23
C LEU C 103 6.83 9.93 9.13
N TRP C 104 5.98 10.90 8.83
CA TRP C 104 6.28 11.89 7.78
C TRP C 104 7.24 12.93 8.36
N PHE C 105 8.52 12.83 8.01
CA PHE C 105 9.60 13.72 8.48
C PHE C 105 9.68 14.79 7.39
N ALA C 106 9.13 15.93 7.65
CA ALA C 106 8.97 16.94 6.59
C ALA C 106 9.35 18.34 7.08
N THR C 107 8.40 19.25 7.27
CA THR C 107 8.72 20.62 7.72
C THR C 107 9.41 20.64 9.10
N TRP C 108 8.96 19.79 10.02
CA TRP C 108 9.63 19.69 11.33
C TRP C 108 9.99 18.24 11.63
N LYS C 109 11.22 18.09 12.05
CA LYS C 109 11.68 16.85 12.74
C LYS C 109 12.50 17.35 13.91
N ASN C 110 11.96 17.21 15.11
CA ASN C 110 12.64 17.73 16.31
C ASN C 110 12.95 19.23 16.11
N ASN C 111 11.94 19.98 15.68
CA ASN C 111 11.89 21.44 15.53
C ASN C 111 12.63 21.90 14.27
N ALA C 112 13.33 21.03 13.56
CA ALA C 112 14.26 21.44 12.46
C ALA C 112 13.86 20.88 11.12
N PRO C 113 14.33 21.46 9.98
CA PRO C 113 14.01 20.97 8.65
C PRO C 113 15.05 20.04 8.03
N HIS C 114 15.79 19.30 8.86
CA HIS C 114 16.89 18.46 8.35
C HIS C 114 16.41 17.41 7.35
N TYR C 115 15.16 16.95 7.44
CA TYR C 115 14.63 15.91 6.56
C TYR C 115 13.85 16.51 5.39
N ALA C 116 13.75 17.82 5.34
CA ALA C 116 13.13 18.43 4.13
C ALA C 116 14.18 18.30 3.06
N PRO C 117 13.86 18.29 1.72
CA PRO C 117 14.86 18.23 0.64
C PRO C 117 15.84 19.41 0.62
N ALA C 118 16.97 19.28 -0.06
CA ALA C 118 17.99 20.36 -0.05
C ALA C 118 17.39 21.64 -0.67
N TRP C 119 16.53 21.47 -1.65
CA TRP C 119 15.86 22.60 -2.37
C TRP C 119 14.88 23.31 -1.45
N VAL C 120 14.49 22.68 -0.34
CA VAL C 120 13.65 23.39 0.66
C VAL C 120 14.58 23.97 1.70
N LYS C 121 15.34 23.12 2.42
CA LYS C 121 16.03 23.56 3.65
C LYS C 121 17.17 24.49 3.33
N LEU C 122 17.62 24.59 2.09
CA LEU C 122 18.73 25.59 1.83
C LEU C 122 18.20 26.87 1.19
N ASP C 123 16.88 27.07 1.12
CA ASP C 123 16.29 28.27 0.44
C ASP C 123 15.40 29.05 1.41
N ASN C 124 16.00 29.88 2.27
CA ASN C 124 15.31 30.52 3.40
C ASN C 124 14.35 31.55 2.82
N ALA C 125 14.69 32.14 1.67
CA ALA C 125 13.80 33.17 1.11
C ALA C 125 12.44 32.57 0.73
N ARG C 126 12.43 31.42 0.08
CA ARG C 126 11.16 30.78 -0.31
C ARG C 126 10.51 30.09 0.90
N PHE C 127 11.32 29.46 1.72
CA PHE C 127 10.81 28.62 2.84
C PHE C 127 11.43 29.13 4.13
N PRO C 128 10.89 30.20 4.80
CA PRO C 128 11.46 31.09 5.92
C PRO C 128 11.54 30.42 7.30
N ARG C 129 12.67 30.67 7.98
CA ARG C 129 12.92 30.24 9.38
C ARG C 129 12.27 31.22 10.36
N VAL C 130 12.06 30.74 11.56
CA VAL C 130 11.66 31.54 12.73
C VAL C 130 12.75 32.60 12.93
N VAL C 131 12.33 33.84 13.13
CA VAL C 131 13.29 34.92 13.48
C VAL C 131 13.16 35.23 14.98
N LYS C 132 14.29 35.28 15.69
CA LYS C 132 14.31 35.59 17.15
C LYS C 132 13.97 37.08 17.38
N GLU C 133 13.47 37.42 18.55
CA GLU C 133 13.13 38.85 18.85
C GLU C 133 14.36 39.73 18.66
N ASP C 134 15.57 39.23 18.86
CA ASP C 134 16.79 40.04 18.67
C ASP C 134 17.16 40.01 17.18
N GLY C 135 16.28 39.44 16.34
CA GLY C 135 16.47 39.42 14.87
C GLY C 135 17.33 38.27 14.37
N ASP C 136 17.92 37.44 15.25
CA ASP C 136 18.72 36.30 14.75
C ASP C 136 17.76 35.23 14.21
N THR C 137 18.26 34.29 13.44
CA THR C 137 17.45 33.23 12.78
C THR C 137 17.73 31.86 13.41
N LEU C 138 16.69 31.12 13.75
CA LEU C 138 16.81 29.73 14.29
C LEU C 138 16.61 28.73 13.14
N ASN C 139 17.24 27.57 13.22
CA ASN C 139 17.04 26.53 12.18
C ASN C 139 15.73 25.78 12.52
N SER C 140 14.59 26.46 12.34
CA SER C 140 13.22 25.97 12.57
C SER C 140 12.30 26.74 11.62
N LEU C 141 11.57 26.01 10.79
CA LEU C 141 10.77 26.68 9.73
C LEU C 141 9.52 27.32 10.32
N SER C 142 9.24 28.58 9.91
CA SER C 142 8.05 29.30 10.39
C SER C 142 6.75 28.63 9.91
N PRO C 143 5.75 28.42 10.79
CA PRO C 143 4.47 27.88 10.37
C PRO C 143 3.63 28.87 9.55
N LEU C 144 4.05 30.12 9.51
CA LEU C 144 3.41 31.11 8.60
C LEU C 144 4.03 31.11 7.21
N GLY C 145 5.04 30.30 6.93
CA GLY C 145 5.61 30.19 5.55
C GLY C 145 4.64 29.55 4.57
N GLN C 146 3.94 30.38 3.77
CA GLN C 146 2.89 29.83 2.87
C GLN C 146 3.51 28.87 1.85
N ASN C 147 4.71 29.18 1.32
CA ASN C 147 5.33 28.31 0.30
C ASN C 147 5.67 26.97 0.92
N THR C 148 6.10 26.98 2.20
CA THR C 148 6.48 25.74 2.94
C THR C 148 5.24 24.83 3.10
N LEU C 149 4.12 25.39 3.53
CA LEU C 149 2.90 24.61 3.69
C LEU C 149 2.53 24.00 2.35
N ALA C 150 2.42 24.81 1.28
CA ALA C 150 2.03 24.26 -0.02
C ALA C 150 2.94 23.13 -0.47
N ALA C 151 4.25 23.24 -0.24
CA ALA C 151 5.23 22.25 -0.77
C ALA C 151 5.14 20.98 0.08
N ASP C 152 4.99 21.12 1.40
CA ASP C 152 4.88 19.95 2.34
C ASP C 152 3.61 19.20 1.99
N LYS C 153 2.48 19.93 1.90
CA LYS C 153 1.16 19.36 1.54
C LYS C 153 1.28 18.63 0.19
N LYS C 154 1.92 19.24 -0.81
CA LYS C 154 1.93 18.56 -2.11
C LYS C 154 2.65 17.20 -2.00
N ALA C 155 3.78 17.16 -1.28
CA ALA C 155 4.60 15.93 -1.17
C ALA C 155 3.82 14.86 -0.39
N PHE C 156 3.18 15.32 0.65
CA PHE C 156 2.32 14.44 1.55
C PHE C 156 1.18 13.83 0.76
N VAL C 157 0.49 14.65 -0.03
CA VAL C 157 -0.56 14.15 -0.95
C VAL C 157 0.03 13.05 -1.85
N GLU C 158 1.22 13.24 -2.42
CA GLU C 158 1.80 12.21 -3.32
C GLU C 158 2.05 10.92 -2.49
N LEU C 159 2.53 11.06 -1.26
CA LEU C 159 2.76 9.85 -0.46
C LEU C 159 1.40 9.19 -0.26
N MET C 160 0.36 9.97 0.07
CA MET C 160 -0.95 9.38 0.36
C MET C 160 -1.55 8.77 -0.92
N LYS C 161 -1.26 9.35 -2.10
CA LYS C 161 -1.70 8.71 -3.35
C LYS C 161 -1.02 7.38 -3.56
N TYR C 162 0.26 7.25 -3.20
CA TYR C 162 1.02 5.99 -3.35
C TYR C 162 0.37 4.91 -2.46
N LEU C 163 -0.03 5.29 -1.23
CA LEU C 163 -0.76 4.35 -0.32
C LEU C 163 -2.14 4.03 -0.89
N ALA C 164 -2.87 5.00 -1.45
CA ALA C 164 -4.21 4.72 -1.99
C ALA C 164 -4.07 3.71 -3.13
N LYS C 165 -3.06 3.85 -4.00
CA LYS C 165 -2.89 2.99 -5.19
C LYS C 165 -2.27 1.62 -4.82
N ARG C 166 -1.41 1.53 -3.81
CA ARG C 166 -0.52 0.35 -3.66
C ARG C 166 -0.64 -0.25 -2.25
N ASP C 167 -1.58 0.23 -1.42
CA ASP C 167 -1.77 -0.33 -0.04
C ASP C 167 -3.27 -0.57 0.27
N LYS C 168 -3.98 -1.27 -0.65
CA LYS C 168 -5.44 -1.49 -0.60
C LYS C 168 -5.83 -2.27 0.66
N ASP C 169 -4.95 -3.08 1.21
CA ASP C 169 -5.29 -3.85 2.44
C ASP C 169 -4.77 -3.13 3.69
N HIS C 170 -4.33 -1.90 3.54
CA HIS C 170 -3.98 -1.02 4.67
C HIS C 170 -2.92 -1.67 5.57
N THR C 171 -1.80 -2.08 4.97
CA THR C 171 -0.59 -2.51 5.73
C THR C 171 -0.25 -1.34 6.62
N VAL C 172 -0.30 -0.12 6.05
CA VAL C 172 -0.10 1.13 6.81
C VAL C 172 -1.42 1.44 7.50
N ILE C 173 -1.39 1.54 8.82
CA ILE C 173 -2.67 1.75 9.58
C ILE C 173 -2.80 3.19 10.08
N MET C 174 -1.70 3.95 10.16
CA MET C 174 -1.77 5.32 10.71
C MET C 174 -0.54 6.04 10.17
N VAL C 175 -0.60 7.37 10.17
CA VAL C 175 0.51 8.22 9.69
C VAL C 175 0.73 9.34 10.68
N GLN C 176 1.97 9.53 11.08
CA GLN C 176 2.39 10.59 11.97
C GLN C 176 2.71 11.79 11.05
N VAL C 177 2.07 12.91 11.28
CA VAL C 177 2.35 14.12 10.44
C VAL C 177 3.37 14.96 11.18
N GLN C 178 4.55 15.11 10.58
CA GLN C 178 5.76 15.79 11.09
C GLN C 178 6.30 14.99 12.28
N ASN C 179 7.36 15.44 12.84
CA ASN C 179 7.95 14.71 14.01
C ASN C 179 8.40 15.75 15.03
N GLU C 180 7.72 15.80 16.20
CA GLU C 180 8.13 16.74 17.28
C GLU C 180 8.24 18.17 16.75
N VAL C 181 7.09 18.71 16.39
CA VAL C 181 7.04 20.10 15.86
C VAL C 181 7.37 21.07 16.96
N GLY C 182 7.70 22.29 16.56
CA GLY C 182 7.88 23.39 17.51
C GLY C 182 9.21 24.07 17.23
N THR C 183 9.65 24.87 18.19
CA THR C 183 10.91 25.58 18.12
C THR C 183 11.64 25.58 19.48
N TYR C 184 12.94 25.29 19.40
CA TYR C 184 13.90 25.48 20.48
C TYR C 184 14.54 26.83 20.30
N GLY C 185 14.66 27.59 21.38
CA GLY C 185 15.41 28.85 21.38
C GLY C 185 14.55 30.09 21.17
N ALA C 186 13.23 29.96 21.08
CA ALA C 186 12.27 31.09 21.02
C ALA C 186 10.87 30.54 21.19
N VAL C 187 9.97 31.40 21.63
CA VAL C 187 8.57 31.00 21.94
C VAL C 187 7.81 30.91 20.61
N ARG C 188 8.18 31.74 19.63
CA ARG C 188 7.41 31.79 18.36
C ARG C 188 8.22 32.50 17.31
N ASP C 189 7.63 32.71 16.13
CA ASP C 189 8.31 33.49 15.10
C ASP C 189 8.05 34.96 15.39
N TYR C 190 9.07 35.81 15.28
CA TYR C 190 9.01 37.28 15.55
C TYR C 190 9.38 38.04 14.28
N SER C 191 9.33 37.37 13.14
CA SER C 191 9.55 38.02 11.81
C SER C 191 8.41 39.00 11.54
N PRO C 192 8.64 39.95 10.64
CA PRO C 192 7.56 40.86 10.21
C PRO C 192 6.26 40.15 9.84
N MET C 193 6.40 39.06 9.09
CA MET C 193 5.27 38.23 8.62
C MET C 193 4.49 37.72 9.83
N ALA C 194 5.18 37.13 10.82
CA ALA C 194 4.55 36.61 12.05
C ALA C 194 3.88 37.76 12.85
N GLN C 195 4.63 38.81 13.17
CA GLN C 195 4.20 39.99 13.98
C GLN C 195 2.82 40.51 13.50
N ALA C 196 2.67 40.66 12.18
CA ALA C 196 1.45 41.15 11.50
C ALA C 196 0.26 40.30 11.92
N VAL C 197 0.45 38.97 11.97
CA VAL C 197 -0.66 38.05 12.32
C VAL C 197 -0.86 38.11 13.83
N PHE C 198 0.25 38.24 14.56
CA PHE C 198 0.21 38.30 16.05
C PHE C 198 -0.61 39.52 16.49
N ASN C 199 -0.49 40.62 15.75
CA ASN C 199 -1.20 41.89 16.02
C ASN C 199 -2.66 41.90 15.55
N ALA C 200 -3.13 40.90 14.80
CA ALA C 200 -4.54 40.93 14.31
C ALA C 200 -5.46 40.15 15.25
N ALA C 201 -6.73 40.14 14.89
CA ALA C 201 -7.79 39.41 15.62
C ALA C 201 -7.36 37.96 15.70
N VAL C 202 -7.71 37.33 16.82
CA VAL C 202 -7.67 35.86 16.95
C VAL C 202 -8.76 35.40 16.00
N PRO C 203 -8.53 34.42 15.12
CA PRO C 203 -9.62 33.90 14.28
C PRO C 203 -10.90 33.53 15.05
N ASP C 204 -12.05 33.94 14.54
CA ASP C 204 -13.36 33.65 15.18
C ASP C 204 -13.52 32.15 15.49
N ASP C 205 -12.98 31.27 14.64
CA ASP C 205 -13.08 29.81 14.87
C ASP C 205 -12.53 29.50 16.28
N LEU C 206 -11.35 30.03 16.63
CA LEU C 206 -10.67 29.76 17.92
C LEU C 206 -11.48 30.35 19.07
N ILE C 207 -11.95 31.58 18.91
CA ILE C 207 -12.76 32.24 19.99
C ILE C 207 -14.05 31.44 20.21
N GLN C 208 -14.78 31.14 19.16
CA GLN C 208 -16.08 30.43 19.34
C GLN C 208 -15.81 29.09 20.01
N LYS C 209 -14.76 28.39 19.58
CA LYS C 209 -14.45 27.01 20.01
C LYS C 209 -14.04 27.05 21.48
N LEU C 210 -13.20 28.00 21.84
CA LEU C 210 -12.71 28.19 23.22
C LEU C 210 -13.77 28.90 24.07
N GLN C 211 -14.82 29.45 23.43
CA GLN C 211 -15.93 30.16 24.12
C GLN C 211 -15.30 31.33 24.90
N LEU C 212 -14.50 32.15 24.21
CA LEU C 212 -13.82 33.34 24.79
C LEU C 212 -14.40 34.65 24.19
N LYS C 213 -14.31 35.77 24.90
CA LYS C 213 -14.72 37.10 24.36
C LYS C 213 -13.67 37.39 23.28
N PRO C 214 -14.05 37.87 22.02
CA PRO C 214 -13.17 38.14 20.88
C PRO C 214 -12.16 39.23 21.22
N GLY C 215 -11.10 39.38 20.43
CA GLY C 215 -10.00 40.35 20.71
C GLY C 215 -8.79 39.94 19.88
N THR C 216 -7.66 40.63 19.97
CA THR C 216 -6.39 40.17 19.39
C THR C 216 -5.66 39.15 20.30
N TRP C 217 -4.54 38.61 19.82
CA TRP C 217 -3.78 37.54 20.55
C TRP C 217 -3.44 38.00 21.97
N SER C 218 -2.78 39.14 22.10
CA SER C 218 -2.39 39.75 23.40
C SER C 218 -3.58 39.96 24.34
N GLN C 219 -4.74 40.35 23.81
CA GLN C 219 -5.86 40.73 24.70
C GLN C 219 -6.56 39.46 25.11
N VAL C 220 -6.56 38.47 24.23
CA VAL C 220 -7.32 37.23 24.56
C VAL C 220 -6.50 36.41 25.55
N PHE C 221 -5.18 36.33 25.37
CA PHE C 221 -4.34 35.29 26.05
C PHE C 221 -3.27 35.89 26.97
N GLY C 222 -2.99 37.18 26.90
CA GLY C 222 -2.02 37.84 27.80
C GLY C 222 -0.63 37.18 27.82
N ARG C 223 -0.11 36.80 28.99
CA ARG C 223 1.28 36.27 29.19
C ARG C 223 1.51 35.02 28.29
N ASP C 224 0.42 34.29 27.98
CA ASP C 224 0.44 33.05 27.18
C ASP C 224 0.38 33.35 25.67
N ALA C 225 0.25 34.62 25.25
CA ALA C 225 -0.07 34.95 23.84
C ALA C 225 1.00 34.40 22.87
N ASP C 226 2.29 34.58 23.16
CA ASP C 226 3.38 34.22 22.23
C ASP C 226 3.39 32.71 22.03
N GLU C 227 3.43 31.95 23.14
CA GLU C 227 3.42 30.47 23.07
C GLU C 227 2.14 29.99 22.38
N PHE C 228 0.96 30.48 22.77
CA PHE C 228 -0.33 29.99 22.24
C PHE C 228 -0.39 30.28 20.74
N PHE C 229 0.17 31.39 20.36
CA PHE C 229 0.15 31.77 18.92
C PHE C 229 0.94 30.75 18.07
N HIS C 230 2.18 30.45 18.52
CA HIS C 230 3.07 29.46 17.87
C HIS C 230 2.33 28.14 17.79
N ALA C 231 1.74 27.71 18.92
CA ALA C 231 0.99 26.44 18.94
C ALA C 231 -0.12 26.54 17.88
N TYR C 232 -0.88 27.64 17.86
CA TYR C 232 -2.08 27.72 16.96
C TYR C 232 -1.61 27.57 15.51
N GLN C 233 -0.58 28.30 15.19
CA GLN C 233 -0.07 28.40 13.77
C GLN C 233 0.54 27.07 13.35
N ILE C 234 1.25 26.35 14.24
CA ILE C 234 1.74 25.00 13.86
C ILE C 234 0.54 24.06 13.74
N ALA C 235 -0.41 24.12 14.68
CA ALA C 235 -1.59 23.23 14.66
C ALA C 235 -2.36 23.44 13.34
N ARG C 236 -2.52 24.70 12.96
CA ARG C 236 -3.21 24.96 11.67
C ARG C 236 -2.42 24.39 10.47
N TYR C 237 -1.11 24.55 10.48
CA TYR C 237 -0.23 24.03 9.40
C TYR C 237 -0.41 22.51 9.30
N CYS C 238 -0.31 21.86 10.46
CA CYS C 238 -0.38 20.38 10.53
C CYS C 238 -1.78 19.93 10.12
N ASP C 239 -2.81 20.67 10.51
CA ASP C 239 -4.19 20.30 10.16
C ASP C 239 -4.39 20.40 8.64
N GLU C 240 -3.85 21.44 8.03
CA GLU C 240 -3.99 21.61 6.54
C GLU C 240 -3.28 20.46 5.83
N VAL C 241 -2.10 20.02 6.31
CA VAL C 241 -1.37 18.87 5.70
C VAL C 241 -2.24 17.62 5.88
N THR C 242 -2.75 17.41 7.09
CA THR C 242 -3.56 16.24 7.44
C THR C 242 -4.79 16.21 6.54
N VAL C 243 -5.52 17.30 6.44
CA VAL C 243 -6.80 17.29 5.64
C VAL C 243 -6.44 16.94 4.20
N ALA C 244 -5.39 17.55 3.67
CA ALA C 244 -4.99 17.31 2.26
C ALA C 244 -4.70 15.81 2.05
N GLY C 245 -3.99 15.21 3.02
CA GLY C 245 -3.68 13.80 2.83
C GLY C 245 -4.89 12.92 3.02
N LYS C 246 -5.69 13.23 4.01
CA LYS C 246 -6.94 12.44 4.29
C LYS C 246 -7.96 12.49 3.14
N ALA C 247 -7.98 13.59 2.37
CA ALA C 247 -8.84 13.62 1.19
C ALA C 247 -8.37 12.56 0.18
N ILE C 248 -7.07 12.20 0.19
CA ILE C 248 -6.57 11.10 -0.69
C ILE C 248 -6.87 9.73 -0.08
N LYS C 249 -6.50 9.56 1.18
CA LYS C 249 -6.71 8.28 1.89
C LYS C 249 -6.94 8.63 3.35
N ASN C 250 -8.16 8.39 3.78
CA ASN C 250 -8.64 8.82 5.12
C ASN C 250 -8.08 7.88 6.17
N LEU C 251 -6.77 7.77 6.28
CA LEU C 251 -6.17 7.01 7.40
C LEU C 251 -6.19 7.87 8.67
N PRO C 252 -6.16 7.23 9.86
CA PRO C 252 -5.92 7.99 11.08
C PRO C 252 -4.58 8.71 11.01
N MET C 253 -4.48 9.91 11.58
CA MET C 253 -3.22 10.66 11.48
C MET C 253 -3.03 11.39 12.81
N TYR C 254 -1.81 11.46 13.28
CA TYR C 254 -1.56 12.04 14.61
C TYR C 254 -0.29 12.85 14.62
N VAL C 255 -0.10 13.58 15.69
CA VAL C 255 1.18 14.29 15.95
C VAL C 255 1.78 13.75 17.25
N ASN C 256 3.08 13.79 17.34
CA ASN C 256 3.86 13.33 18.56
C ASN C 256 4.63 14.51 19.19
N VAL C 257 4.61 14.59 20.51
CA VAL C 257 5.06 15.77 21.25
C VAL C 257 6.39 15.51 21.93
N ALA C 258 7.28 16.48 21.78
CA ALA C 258 8.51 16.67 22.57
C ALA C 258 8.04 17.31 23.88
N LEU C 259 7.76 16.45 24.85
CA LEU C 259 7.08 16.85 26.09
C LEU C 259 7.88 17.87 26.85
N ARG C 260 7.16 18.70 27.61
CA ARG C 260 7.75 19.48 28.69
C ARG C 260 7.51 18.65 29.97
N ASN C 261 8.36 18.86 30.93
CA ASN C 261 8.20 18.24 32.27
C ASN C 261 6.93 18.79 32.91
N PRO C 262 5.90 17.95 33.15
CA PRO C 262 4.60 18.48 33.56
C PRO C 262 4.64 19.11 34.95
N PHE C 263 5.63 18.74 35.75
CA PHE C 263 5.71 19.27 37.13
C PHE C 263 6.71 20.41 37.23
N ASN C 264 7.53 20.63 36.22
CA ASN C 264 8.65 21.59 36.31
C ASN C 264 9.11 21.88 34.89
N PRO C 265 8.25 22.51 34.07
CA PRO C 265 8.50 22.59 32.64
C PRO C 265 9.65 23.49 32.18
N GLY C 266 9.99 24.52 32.96
CA GLY C 266 10.89 25.56 32.48
C GLY C 266 10.13 26.40 31.45
N LEU C 267 10.86 27.06 30.58
CA LEU C 267 10.30 28.10 29.67
C LEU C 267 10.10 27.58 28.26
N PRO C 268 9.02 28.01 27.56
CA PRO C 268 8.89 27.72 26.14
C PRO C 268 10.13 28.24 25.38
N GLY C 269 10.64 27.38 24.51
CA GLY C 269 11.94 27.56 23.88
C GLY C 269 13.02 26.74 24.57
N GLN C 270 12.94 26.52 25.90
CA GLN C 270 13.89 25.58 26.57
C GLN C 270 13.36 24.21 26.18
N TYR C 271 12.05 24.03 26.37
CA TYR C 271 11.27 22.92 25.75
C TYR C 271 10.80 23.41 24.40
N SER C 272 10.27 22.48 23.61
CA SER C 272 9.96 22.74 22.18
C SER C 272 8.66 23.55 22.15
N SER C 273 8.77 24.87 21.91
CA SER C 273 7.59 25.76 21.96
C SER C 273 6.67 25.47 20.75
N GLY C 274 5.38 25.36 20.95
CA GLY C 274 4.38 25.26 19.87
C GLY C 274 3.90 23.86 19.62
N GLY C 275 4.61 22.85 20.11
CA GLY C 275 4.10 21.50 20.02
C GLY C 275 2.98 21.30 21.05
N GLY C 276 2.34 20.14 20.96
CA GLY C 276 1.16 19.80 21.80
C GLY C 276 1.54 19.50 23.25
N THR C 277 2.28 20.40 23.88
CA THR C 277 2.60 20.31 25.34
C THR C 277 1.33 20.49 26.17
N ASP C 278 1.37 20.15 27.47
CA ASP C 278 0.10 19.92 28.20
C ASP C 278 -0.69 21.22 28.32
N ASN C 279 0.00 22.34 28.38
CA ASN C 279 -0.63 23.69 28.50
C ASN C 279 -1.35 24.15 27.22
N VAL C 280 -1.13 23.53 26.03
CA VAL C 280 -1.66 24.04 24.72
C VAL C 280 -2.52 22.97 24.04
N LEU C 281 -2.82 21.88 24.75
CA LEU C 281 -3.72 20.85 24.19
C LEU C 281 -5.04 21.48 23.73
N HIS C 282 -5.55 22.42 24.51
CA HIS C 282 -6.83 23.09 24.28
C HIS C 282 -6.70 23.89 22.96
N ILE C 283 -5.53 24.47 22.68
CA ILE C 283 -5.31 25.23 21.41
C ILE C 283 -5.21 24.25 20.23
N TRP C 284 -4.42 23.18 20.38
CA TRP C 284 -4.27 22.18 19.34
C TRP C 284 -5.61 21.54 19.03
N LYS C 285 -6.43 21.27 20.04
CA LYS C 285 -7.72 20.57 19.80
C LYS C 285 -8.65 21.53 19.06
N ALA C 286 -8.58 22.81 19.33
CA ALA C 286 -9.49 23.77 18.64
C ALA C 286 -8.97 24.08 17.23
N ALA C 287 -7.66 24.23 17.07
CA ALA C 287 -7.03 24.59 15.79
C ALA C 287 -6.95 23.41 14.84
N ALA C 288 -6.79 22.19 15.29
CA ALA C 288 -6.61 21.07 14.33
C ALA C 288 -7.60 19.94 14.55
N PRO C 289 -8.88 20.17 14.23
CA PRO C 289 -9.91 19.14 14.41
C PRO C 289 -9.74 17.90 13.55
N ASN C 290 -8.94 17.96 12.47
CA ASN C 290 -8.76 16.75 11.62
C ASN C 290 -7.61 15.88 12.14
N ILE C 291 -6.84 16.33 13.13
CA ILE C 291 -5.76 15.48 13.65
C ILE C 291 -6.43 14.55 14.68
N ASP C 292 -6.26 13.25 14.52
CA ASP C 292 -7.02 12.24 15.31
C ASP C 292 -6.58 12.25 16.78
N LEU C 293 -5.32 12.40 17.05
CA LEU C 293 -4.86 12.41 18.48
C LEU C 293 -3.51 13.12 18.57
N ILE C 294 -3.17 13.50 19.79
CA ILE C 294 -1.89 14.12 20.14
C ILE C 294 -1.14 13.15 21.07
N ALA C 295 0.00 12.62 20.64
CA ALA C 295 0.71 11.46 21.26
C ALA C 295 1.92 11.95 22.02
N PRO C 296 2.08 11.54 23.30
CA PRO C 296 3.29 11.90 24.01
C PRO C 296 4.47 11.01 23.64
N ASP C 297 5.67 11.59 23.63
CA ASP C 297 6.97 10.89 23.43
C ASP C 297 7.70 10.86 24.77
N ILE C 298 7.74 9.69 25.43
CA ILE C 298 8.09 9.69 26.87
C ILE C 298 9.54 9.25 27.09
N TYR C 299 10.39 10.09 27.66
CA TYR C 299 11.79 9.74 28.03
C TYR C 299 12.03 10.03 29.53
N PHE C 300 11.04 10.50 30.26
CA PHE C 300 11.16 10.66 31.74
C PHE C 300 11.23 9.26 32.30
N ARG C 301 12.20 8.94 33.14
CA ARG C 301 12.28 7.53 33.66
C ARG C 301 11.40 7.29 34.87
N ASP C 302 11.23 8.34 35.69
CA ASP C 302 10.58 8.28 37.03
C ASP C 302 9.07 8.09 36.93
N TYR C 303 8.55 7.19 37.77
CA TYR C 303 7.15 6.75 37.72
C TYR C 303 6.20 7.95 37.87
N LYS C 304 6.49 8.85 38.79
CA LYS C 304 5.54 9.96 39.07
C LYS C 304 5.36 10.84 37.80
N THR C 305 6.45 11.09 37.12
CA THR C 305 6.43 12.04 35.96
C THR C 305 5.74 11.27 34.84
N VAL C 306 6.09 10.03 34.60
CA VAL C 306 5.45 9.25 33.51
C VAL C 306 3.95 9.15 33.78
N SER C 307 3.55 8.81 35.04
CA SER C 307 2.14 8.64 35.40
C SER C 307 1.38 9.96 35.10
N LYS C 308 2.00 11.09 35.43
CA LYS C 308 1.37 12.40 35.21
C LYS C 308 1.17 12.63 33.68
N VAL C 309 2.19 12.32 32.91
CA VAL C 309 2.06 12.44 31.43
C VAL C 309 0.91 11.56 30.93
N LEU C 310 0.81 10.30 31.33
CA LEU C 310 -0.31 9.46 30.86
C LEU C 310 -1.63 10.10 31.28
N GLU C 311 -1.70 10.67 32.49
CA GLU C 311 -2.97 11.28 32.98
C GLU C 311 -3.40 12.42 32.01
N LEU C 312 -2.41 13.22 31.66
CA LEU C 312 -2.66 14.53 30.99
C LEU C 312 -3.01 14.26 29.52
N TYR C 313 -2.52 13.21 28.91
CA TYR C 313 -2.75 12.93 27.46
C TYR C 313 -3.97 12.03 27.28
N THR C 314 -4.53 11.38 28.35
CA THR C 314 -5.72 10.55 28.24
C THR C 314 -6.89 11.46 28.56
N ARG C 315 -7.70 11.74 27.55
CA ARG C 315 -8.77 12.78 27.64
C ARG C 315 -10.00 12.24 26.91
N PRO C 316 -11.22 12.70 27.29
CA PRO C 316 -12.42 12.32 26.54
C PRO C 316 -12.22 12.65 25.04
N ASP C 317 -11.49 13.72 24.73
CA ASP C 317 -11.21 14.16 23.32
C ASP C 317 -9.87 13.65 22.79
N ASN C 318 -9.07 12.84 23.55
CA ASN C 318 -7.70 12.45 23.12
C ASN C 318 -7.38 11.00 23.51
N ALA C 319 -7.36 10.09 22.53
CA ALA C 319 -6.93 8.69 22.65
C ALA C 319 -5.51 8.75 23.14
N LEU C 320 -5.15 7.86 24.04
CA LEU C 320 -3.73 7.75 24.49
C LEU C 320 -2.95 6.80 23.60
N PHE C 321 -1.94 7.33 22.93
CA PHE C 321 -1.00 6.52 22.13
C PHE C 321 0.39 6.93 22.58
N VAL C 322 1.12 6.00 23.22
CA VAL C 322 2.51 6.29 23.59
C VAL C 322 3.40 6.10 22.33
N ALA C 323 3.52 7.14 21.52
CA ALA C 323 4.08 7.03 20.16
C ALA C 323 5.58 6.77 20.25
N GLU C 324 6.22 7.21 21.34
CA GLU C 324 7.64 6.90 21.58
C GLU C 324 7.77 6.72 23.09
N ILE C 325 8.59 5.75 23.43
CA ILE C 325 9.11 5.70 24.80
C ILE C 325 10.55 5.25 24.78
N GLY C 326 11.30 5.55 25.85
CA GLY C 326 12.71 5.12 25.96
C GLY C 326 12.81 3.60 25.90
N ASN C 327 13.90 3.08 25.34
CA ASN C 327 14.06 1.61 25.22
C ASN C 327 14.93 1.03 26.37
N ASP C 328 15.27 1.82 27.35
CA ASP C 328 15.93 1.25 28.56
C ASP C 328 14.90 0.43 29.37
N GLN C 329 15.43 -0.48 30.19
CA GLN C 329 14.61 -1.45 30.96
C GLN C 329 13.51 -0.77 31.76
N PRO C 330 13.69 0.38 32.46
CA PRO C 330 12.63 0.94 33.29
C PRO C 330 11.36 1.28 32.54
N PHE C 331 11.47 1.48 31.20
CA PHE C 331 10.27 1.93 30.48
C PHE C 331 9.28 0.79 30.21
N ALA C 332 9.73 -0.45 30.13
CA ALA C 332 8.86 -1.57 29.70
C ALA C 332 7.58 -1.63 30.52
N ARG C 333 7.67 -1.41 31.83
CA ARG C 333 6.49 -1.63 32.70
C ARG C 333 5.40 -0.58 32.40
N TYR C 334 5.71 0.54 31.74
CA TYR C 334 4.69 1.58 31.44
C TYR C 334 3.68 1.09 30.41
N LEU C 335 3.89 -0.06 29.80
CA LEU C 335 2.88 -0.67 28.94
C LEU C 335 1.62 -0.88 29.75
N PHE C 336 1.79 -1.31 31.04
CA PHE C 336 0.59 -1.72 31.81
C PHE C 336 -0.35 -0.53 32.03
N PRO C 337 0.08 0.60 32.64
CA PRO C 337 -0.80 1.75 32.85
C PRO C 337 -1.26 2.36 31.52
N THR C 338 -0.42 2.26 30.50
CA THR C 338 -0.86 2.75 29.15
C THR C 338 -2.13 2.03 28.70
N LEU C 339 -2.14 0.70 28.71
CA LEU C 339 -3.32 -0.10 28.30
C LEU C 339 -4.41 0.12 29.34
N GLY C 340 -4.06 0.32 30.61
CA GLY C 340 -5.12 0.48 31.62
C GLY C 340 -5.93 1.73 31.51
N LYS C 341 -5.32 2.77 30.97
CA LYS C 341 -5.98 4.06 30.67
C LYS C 341 -6.79 3.91 29.39
N GLY C 342 -6.77 2.76 28.78
CA GLY C 342 -7.47 2.50 27.50
C GLY C 342 -6.63 2.99 26.33
N GLY C 343 -5.33 3.07 26.49
CA GLY C 343 -4.35 3.40 25.44
C GLY C 343 -4.49 2.50 24.24
N ILE C 344 -4.23 3.05 23.05
CA ILE C 344 -4.37 2.26 21.79
C ILE C 344 -3.04 1.71 21.34
N GLY C 345 -1.94 2.12 22.01
CA GLY C 345 -0.61 1.72 21.54
C GLY C 345 0.50 2.16 22.43
N PHE C 346 1.63 1.61 22.15
CA PHE C 346 2.88 1.80 22.90
C PHE C 346 4.02 1.38 21.99
N SER C 347 4.98 2.23 21.78
CA SER C 347 6.06 2.02 20.77
C SER C 347 7.42 2.48 21.27
N PRO C 348 8.25 1.57 21.85
CA PRO C 348 9.60 1.90 22.24
C PRO C 348 10.45 2.36 21.00
N PHE C 349 11.22 3.38 21.23
CA PHE C 349 12.13 4.00 20.25
C PHE C 349 13.48 3.31 20.19
N GLY C 350 14.01 3.15 18.97
CA GLY C 350 15.38 2.72 18.71
C GLY C 350 15.50 1.21 18.71
N MET C 351 14.48 0.48 18.29
CA MET C 351 14.53 -1.01 18.32
C MET C 351 15.11 -1.57 17.01
N ASP C 352 16.37 -1.22 16.71
CA ASP C 352 17.06 -1.84 15.58
C ASP C 352 18.55 -1.92 15.86
N ASP C 353 19.22 -2.71 15.03
CA ASP C 353 20.66 -3.03 15.25
C ASP C 353 21.53 -2.21 14.28
N THR C 354 21.25 -0.92 14.10
CA THR C 354 21.99 -0.06 13.14
C THR C 354 23.13 0.66 13.84
N ASP C 355 23.61 0.12 14.96
CA ASP C 355 24.83 0.61 15.65
C ASP C 355 24.62 2.02 16.19
N TYR C 356 23.51 2.25 16.87
CA TYR C 356 23.24 3.55 17.51
C TYR C 356 22.43 3.36 18.77
N THR C 357 22.80 4.07 19.81
CA THR C 357 21.99 4.14 21.06
C THR C 357 21.75 5.58 21.40
N ASN C 358 20.53 5.92 21.81
CA ASN C 358 20.25 7.32 22.18
C ASN C 358 20.48 7.48 23.70
N TYR C 359 21.18 6.53 24.35
CA TYR C 359 21.64 6.77 25.74
C TYR C 359 22.29 8.15 25.81
N PRO C 360 22.04 9.01 26.81
CA PRO C 360 21.31 8.66 28.06
C PRO C 360 19.77 8.62 28.06
N LEU C 361 19.12 8.90 26.92
CA LEU C 361 17.63 8.78 26.90
C LEU C 361 17.21 7.32 26.96
N GLY C 362 17.86 6.44 26.20
CA GLY C 362 17.52 5.01 26.14
C GLY C 362 18.60 4.15 26.73
N ALA C 363 18.69 2.92 26.25
CA ALA C 363 19.56 1.87 26.84
C ALA C 363 20.99 2.12 26.47
N LYS C 364 21.93 1.92 27.44
CA LYS C 364 23.39 2.16 27.22
C LYS C 364 23.86 1.24 26.08
N VAL C 365 23.41 -0.01 26.05
CA VAL C 365 23.81 -1.03 25.06
C VAL C 365 22.52 -1.58 24.45
N TYR C 366 22.61 -1.84 23.18
CA TYR C 366 21.50 -2.45 22.47
C TYR C 366 21.83 -3.88 22.17
N ASN C 367 21.16 -4.82 22.83
CA ASN C 367 21.43 -6.26 22.62
C ASN C 367 20.14 -7.03 22.87
N ASP C 368 20.22 -8.36 22.79
CA ASP C 368 19.07 -9.26 23.02
C ASP C 368 18.42 -9.00 24.39
N GLU C 369 19.18 -8.69 25.43
CA GLU C 369 18.56 -8.39 26.76
C GLU C 369 17.74 -7.11 26.65
N THR C 370 18.19 -6.08 25.91
CA THR C 370 17.41 -4.84 25.83
C THR C 370 16.02 -5.17 25.26
N ILE C 371 16.00 -5.94 24.20
CA ILE C 371 14.74 -6.30 23.50
C ILE C 371 13.84 -7.13 24.42
N GLU C 372 14.48 -8.05 25.14
CA GLU C 372 13.76 -9.02 26.00
C GLU C 372 12.92 -8.30 27.06
N GLN C 373 13.34 -7.14 27.58
CA GLN C 373 12.54 -6.41 28.58
C GLN C 373 11.19 -6.12 27.99
N PHE C 374 11.12 -5.74 26.69
CA PHE C 374 9.80 -5.44 26.10
C PHE C 374 9.10 -6.74 25.66
N ALA C 375 9.86 -7.68 25.11
CA ALA C 375 9.34 -8.97 24.62
C ALA C 375 8.58 -9.63 25.77
N GLN C 376 9.10 -9.52 26.99
CA GLN C 376 8.39 -10.23 28.10
C GLN C 376 7.04 -9.57 28.40
N VAL C 377 6.92 -8.25 28.26
CA VAL C 377 5.61 -7.62 28.59
C VAL C 377 4.68 -7.75 27.37
N TYR C 378 5.21 -7.69 26.14
CA TYR C 378 4.29 -7.91 24.98
C TYR C 378 3.67 -9.31 24.99
N ARG C 379 4.41 -10.30 25.51
CA ARG C 379 3.95 -11.71 25.58
C ARG C 379 2.69 -11.82 26.45
N LEU C 380 2.45 -10.87 27.35
CA LEU C 380 1.24 -10.91 28.20
C LEU C 380 0.03 -10.42 27.40
N VAL C 381 0.27 -9.58 26.38
CA VAL C 381 -0.87 -8.87 25.71
C VAL C 381 -1.11 -9.50 24.34
N ASN C 382 -0.06 -9.89 23.64
CA ASN C 382 -0.16 -10.55 22.32
C ASN C 382 -1.25 -11.63 22.27
N PRO C 383 -1.35 -12.54 23.27
CA PRO C 383 -2.27 -13.66 23.16
C PRO C 383 -3.77 -13.29 23.26
N MET C 384 -4.06 -12.08 23.72
CA MET C 384 -5.42 -11.59 23.94
C MET C 384 -5.57 -10.26 23.23
N MET C 385 -4.72 -9.96 22.26
CA MET C 385 -4.70 -8.55 21.79
C MET C 385 -6.10 -8.08 21.34
N ARG C 386 -6.82 -8.84 20.54
CA ARG C 386 -8.13 -8.32 20.00
C ARG C 386 -9.18 -8.29 21.13
N GLU C 387 -9.15 -9.27 22.05
CA GLU C 387 -10.15 -9.33 23.16
C GLU C 387 -9.87 -8.14 24.09
N TRP C 388 -8.62 -7.90 24.44
CA TRP C 388 -8.25 -6.75 25.29
C TRP C 388 -8.68 -5.46 24.59
N ALA C 389 -8.44 -5.40 23.27
CA ALA C 389 -8.78 -4.17 22.54
C ALA C 389 -10.30 -3.87 22.67
N ARG C 390 -11.15 -4.89 22.47
CA ARG C 390 -12.63 -4.76 22.55
C ARG C 390 -13.01 -4.39 23.99
N LEU C 391 -12.40 -5.04 25.00
CA LEU C 391 -12.78 -4.76 26.40
C LEU C 391 -12.37 -3.35 26.78
N SER C 392 -11.28 -2.85 26.24
CA SER C 392 -10.79 -1.52 26.63
C SER C 392 -11.66 -0.41 26.01
N TYR C 393 -12.26 -0.71 24.89
CA TYR C 393 -13.13 0.30 24.24
C TYR C 393 -14.53 0.31 24.87
N GLN C 394 -15.21 -0.83 24.91
CA GLN C 394 -16.64 -0.83 25.32
C GLN C 394 -16.81 -1.26 26.77
N GLY C 395 -15.72 -1.51 27.49
CA GLY C 395 -15.88 -2.03 28.86
C GLY C 395 -14.98 -1.33 29.84
N GLN C 396 -14.63 -2.02 30.94
CA GLN C 396 -13.81 -1.40 32.01
C GLN C 396 -12.52 -2.20 32.09
N VAL C 397 -11.41 -1.47 32.01
CA VAL C 397 -10.03 -2.02 32.20
C VAL C 397 -9.24 -1.12 33.16
N TRP C 398 -8.19 -1.72 33.70
CA TRP C 398 -7.29 -1.09 34.66
C TRP C 398 -5.89 -1.63 34.36
N GLY C 399 -4.89 -0.89 34.69
CA GLY C 399 -3.49 -1.27 34.46
C GLY C 399 -2.61 -0.49 35.41
N VAL C 400 -1.63 -1.18 36.02
CA VAL C 400 -0.71 -0.51 36.96
C VAL C 400 0.70 -1.00 36.69
N ALA C 401 1.66 -0.19 37.04
CA ALA C 401 3.10 -0.50 37.00
C ALA C 401 3.68 -0.30 38.42
N GLU C 402 4.76 -1.01 38.70
CA GLU C 402 5.49 -0.90 40.01
C GLU C 402 5.82 0.56 40.27
N PRO C 403 5.26 1.18 41.34
CA PRO C 403 5.29 2.63 41.54
C PRO C 403 6.57 3.19 42.14
N LEU C 404 7.52 2.36 42.57
CA LEU C 404 8.79 2.92 43.06
C LEU C 404 9.84 2.59 42.03
N ASP C 405 10.71 3.55 41.74
CA ASP C 405 11.79 3.33 40.77
C ASP C 405 12.88 2.51 41.45
N SER C 406 13.82 1.98 40.68
CA SER C 406 15.01 1.27 41.23
C SER C 406 15.73 2.22 42.18
N THR C 407 16.14 1.68 43.33
CA THR C 407 16.85 2.40 44.43
C THR C 407 18.13 3.04 43.90
N THR C 408 18.34 4.34 44.15
CA THR C 408 19.44 5.18 43.58
C THR C 408 20.67 5.00 44.46
N GLU C 409 21.83 5.52 44.05
CA GLU C 409 23.10 5.43 44.83
C GLU C 409 22.87 6.15 46.18
N THR C 410 22.42 7.41 46.11
CA THR C 410 22.16 8.24 47.31
C THR C 410 21.25 7.42 48.23
N GLN C 411 20.38 6.57 47.67
CA GLN C 411 19.43 5.77 48.48
C GLN C 411 20.20 4.66 49.20
N LYS C 412 21.10 3.93 48.51
CA LYS C 412 21.89 2.87 49.18
C LYS C 412 23.13 3.50 49.80
N GLU C 417 23.10 2.25 56.06
CA GLU C 417 24.00 3.08 56.91
C GLU C 417 23.15 3.98 57.81
N ALA C 418 22.00 3.46 58.26
CA ALA C 418 21.04 4.16 59.13
C ALA C 418 20.68 3.23 60.29
N THR C 419 20.06 3.79 61.33
CA THR C 419 19.77 3.06 62.61
C THR C 419 18.89 1.84 62.33
N PRO C 420 18.98 0.78 63.17
CA PRO C 420 18.12 -0.40 62.96
C PRO C 420 16.62 -0.04 62.94
N GLU C 421 16.21 0.97 63.71
CA GLU C 421 14.80 1.43 63.73
C GLU C 421 14.49 2.20 62.44
N GLU C 422 15.50 2.87 61.84
CA GLU C 422 15.39 3.59 60.54
C GLU C 422 15.22 2.61 59.38
N LYS C 423 16.06 1.57 59.29
CA LYS C 423 15.92 0.54 58.22
C LYS C 423 14.50 -0.04 58.32
N GLU C 424 14.17 -0.67 59.43
CA GLU C 424 12.80 -1.20 59.72
C GLU C 424 11.71 -0.21 59.26
N GLN C 425 11.73 1.05 59.67
CA GLN C 425 10.65 1.98 59.23
C GLN C 425 10.76 2.25 57.70
N HIS C 426 11.96 2.20 57.09
CA HIS C 426 12.12 2.38 55.62
C HIS C 426 11.45 1.22 54.88
N LYS C 427 11.69 -0.01 55.33
CA LYS C 427 11.08 -1.23 54.75
C LYS C 427 9.55 -1.11 54.87
N LYS C 428 9.04 -0.58 55.98
CA LYS C 428 7.56 -0.45 56.17
C LYS C 428 7.06 0.57 55.16
N ASP C 429 7.81 1.68 54.97
CA ASP C 429 7.45 2.78 54.00
C ASP C 429 7.40 2.21 52.57
N ARG C 430 8.45 1.46 52.18
CA ARG C 430 8.55 0.83 50.84
C ARG C 430 7.38 -0.13 50.65
N ALA C 431 7.01 -0.89 51.69
CA ALA C 431 5.94 -1.91 51.51
C ALA C 431 4.63 -1.22 51.17
N SER C 432 4.32 -0.16 51.88
CA SER C 432 3.06 0.64 51.78
C SER C 432 3.00 1.27 50.37
N ALA C 433 4.13 1.78 49.93
CA ALA C 433 4.31 2.43 48.62
C ALA C 433 4.22 1.41 47.45
N LEU C 434 4.60 0.15 47.70
CA LEU C 434 4.61 -0.96 46.73
C LEU C 434 3.29 -1.73 46.79
N THR C 435 2.26 -1.12 47.38
CA THR C 435 0.90 -1.68 47.48
C THR C 435 -0.07 -0.72 46.77
N GLN C 436 -0.77 -1.17 45.74
CA GLN C 436 -1.75 -0.31 45.03
C GLN C 436 -3.14 -0.94 45.17
N GLN C 437 -4.17 -0.12 45.33
CA GLN C 437 -5.58 -0.55 45.37
C GLN C 437 -6.26 -0.16 44.07
N LEU C 438 -7.08 -1.03 43.55
CA LEU C 438 -7.92 -0.74 42.38
C LEU C 438 -9.37 -1.04 42.73
N ASP C 439 -10.26 -0.10 42.38
CA ASP C 439 -11.71 -0.26 42.59
C ASP C 439 -12.33 -0.89 41.34
N LEU C 440 -12.80 -2.12 41.42
CA LEU C 440 -13.32 -2.91 40.29
C LEU C 440 -14.84 -3.09 40.39
N GLY C 441 -15.52 -2.24 41.15
CA GLY C 441 -16.99 -2.30 41.28
C GLY C 441 -17.41 -2.99 42.58
N LEU C 442 -17.90 -4.21 42.49
CA LEU C 442 -18.23 -5.07 43.67
C LEU C 442 -16.95 -5.55 44.37
N TRP C 443 -15.83 -5.58 43.71
CA TRP C 443 -14.55 -6.21 44.16
C TRP C 443 -13.43 -5.20 44.00
N ASP C 444 -12.44 -5.27 44.87
CA ASP C 444 -11.18 -4.50 44.78
C ASP C 444 -10.05 -5.48 44.52
N ALA C 445 -8.95 -4.96 44.03
CA ALA C 445 -7.71 -5.72 43.84
C ALA C 445 -6.66 -4.92 44.55
N GLU C 446 -5.76 -5.61 45.23
CA GLU C 446 -4.54 -5.03 45.78
C GLU C 446 -3.36 -5.64 44.99
N VAL C 447 -2.53 -4.81 44.41
CA VAL C 447 -1.35 -5.26 43.65
C VAL C 447 -0.12 -4.91 44.46
N THR C 448 0.74 -5.91 44.63
CA THR C 448 2.00 -5.72 45.34
C THR C 448 3.14 -6.26 44.48
N TYR C 449 4.34 -5.77 44.78
CA TYR C 449 5.56 -6.06 43.99
C TYR C 449 6.72 -6.57 44.82
N GLY C 450 7.31 -7.69 44.40
CA GLY C 450 8.65 -8.14 44.86
C GLY C 450 8.48 -8.94 46.15
N ARG C 451 7.78 -10.04 46.07
CA ARG C 451 7.50 -10.86 47.29
C ARG C 451 7.43 -12.30 46.84
N PRO C 452 7.62 -13.26 47.74
CA PRO C 452 7.45 -14.65 47.39
C PRO C 452 6.02 -14.97 46.90
N MET C 453 5.84 -16.20 46.40
CA MET C 453 4.56 -16.68 45.82
C MET C 453 3.77 -17.42 46.91
N PHE C 454 4.32 -17.39 48.12
CA PHE C 454 3.73 -18.11 49.25
C PHE C 454 3.89 -17.24 50.51
N TRP C 455 2.88 -17.21 51.37
CA TRP C 455 2.93 -16.53 52.69
C TRP C 455 2.77 -15.03 52.44
N VAL C 456 3.05 -14.19 53.45
CA VAL C 456 2.60 -12.77 53.38
C VAL C 456 3.72 -11.85 53.78
N THR C 457 4.98 -12.23 53.64
CA THR C 457 6.12 -11.30 53.86
C THR C 457 5.86 -10.01 53.08
N PRO C 458 5.94 -8.83 53.69
CA PRO C 458 5.65 -7.60 52.94
C PRO C 458 6.47 -7.41 51.67
N PRO C 459 5.90 -6.73 50.68
CA PRO C 459 6.66 -6.48 49.45
C PRO C 459 7.93 -5.60 49.59
N GLU C 460 8.97 -5.96 48.82
CA GLU C 460 10.24 -5.22 48.85
C GLU C 460 10.56 -4.68 47.47
N GLY C 461 9.74 -5.00 46.46
CA GLY C 461 9.99 -4.45 45.13
C GLY C 461 10.85 -5.38 44.34
N ASN C 462 10.75 -5.25 42.99
CA ASN C 462 11.67 -5.98 42.09
C ASN C 462 12.96 -5.18 41.93
N THR C 463 14.08 -5.85 41.68
CA THR C 463 15.38 -5.22 41.39
C THR C 463 15.82 -5.68 40.01
N PRO C 464 15.78 -4.84 38.96
CA PRO C 464 15.19 -3.49 38.99
C PRO C 464 13.66 -3.43 39.01
N ALA C 465 13.11 -2.23 39.18
CA ALA C 465 11.66 -2.02 39.16
C ALA C 465 11.12 -2.50 37.81
N ALA C 466 10.09 -3.32 37.78
CA ALA C 466 9.68 -3.99 36.53
C ALA C 466 8.24 -4.45 36.48
N GLY C 467 7.54 -4.51 37.61
CA GLY C 467 6.27 -5.24 37.64
C GLY C 467 5.11 -4.44 37.11
N GLY C 468 4.00 -5.11 36.91
CA GLY C 468 2.71 -4.48 36.64
C GLY C 468 1.59 -5.48 36.55
N ALA C 469 0.39 -5.02 36.20
CA ALA C 469 -0.80 -5.88 36.10
C ALA C 469 -1.80 -5.21 35.20
N LEU C 470 -2.53 -6.06 34.53
CA LEU C 470 -3.71 -5.69 33.73
C LEU C 470 -4.95 -6.38 34.33
N ILE C 471 -6.05 -5.69 34.37
CA ILE C 471 -7.34 -6.30 34.70
C ILE C 471 -8.44 -5.80 33.76
N ALA C 472 -9.27 -6.67 33.21
CA ALA C 472 -10.48 -6.29 32.44
C ALA C 472 -11.69 -6.88 33.15
N GLN C 473 -12.78 -6.13 33.27
CA GLN C 473 -14.07 -6.70 33.79
C GLN C 473 -14.78 -7.48 32.71
N LEU C 474 -15.19 -8.68 33.02
CA LEU C 474 -16.02 -9.53 32.11
C LEU C 474 -17.47 -9.48 32.55
N ASP C 475 -17.72 -9.42 33.86
CA ASP C 475 -19.07 -9.43 34.43
C ASP C 475 -18.97 -8.77 35.79
N ASP C 476 -20.09 -8.63 36.49
CA ASP C 476 -20.15 -8.10 37.88
C ASP C 476 -19.08 -8.77 38.78
N ASN C 477 -18.90 -10.08 38.65
CA ASN C 477 -18.03 -10.84 39.56
C ASN C 477 -16.88 -11.54 38.81
N GLU C 478 -16.60 -11.22 37.52
CA GLU C 478 -15.65 -11.98 36.70
C GLU C 478 -14.66 -11.01 36.03
N TYR C 479 -13.36 -11.30 36.18
CA TYR C 479 -12.30 -10.41 35.65
C TYR C 479 -11.31 -11.24 34.86
N LEU C 480 -10.77 -10.61 33.82
CA LEU C 480 -9.58 -11.14 33.09
C LEU C 480 -8.36 -10.50 33.77
N VAL C 481 -7.33 -11.26 34.06
CA VAL C 481 -6.15 -10.74 34.79
C VAL C 481 -4.89 -11.31 34.19
N THR C 482 -3.92 -10.44 33.96
CA THR C 482 -2.54 -10.89 33.69
C THR C 482 -1.62 -9.90 34.39
N ALA C 483 -0.55 -10.39 35.00
CA ALA C 483 0.39 -9.49 35.68
C ALA C 483 1.83 -10.01 35.48
N TYR C 484 2.78 -9.28 36.01
CA TYR C 484 4.20 -9.53 35.72
C TYR C 484 4.97 -9.10 36.94
N LYS C 485 5.65 -10.07 37.57
CA LYS C 485 6.51 -9.81 38.75
C LYS C 485 5.73 -9.07 39.81
N ALA C 486 4.56 -9.62 40.14
CA ALA C 486 3.59 -8.94 41.02
C ALA C 486 2.69 -10.01 41.66
N ARG C 487 2.02 -9.57 42.68
CA ARG C 487 0.90 -10.33 43.32
C ARG C 487 -0.39 -9.50 43.23
N VAL C 488 -1.47 -10.11 42.75
CA VAL C 488 -2.82 -9.52 42.61
C VAL C 488 -3.72 -10.25 43.61
N GLU C 489 -4.34 -9.51 44.50
CA GLU C 489 -5.25 -10.12 45.50
C GLU C 489 -6.63 -9.46 45.37
N PHE C 490 -7.70 -10.25 45.28
CA PHE C 490 -9.10 -9.75 45.19
C PHE C 490 -9.74 -9.66 46.58
N LYS C 491 -10.57 -8.66 46.83
CA LYS C 491 -11.41 -8.61 48.05
C LYS C 491 -12.71 -7.89 47.73
N PRO C 492 -13.74 -7.97 48.58
CA PRO C 492 -14.91 -7.11 48.42
C PRO C 492 -14.55 -5.63 48.53
N SER C 493 -15.20 -4.80 47.70
CA SER C 493 -14.98 -3.33 47.66
C SER C 493 -15.72 -2.65 48.83
N GLN C 494 -16.86 -3.21 49.24
CA GLN C 494 -17.74 -2.69 50.31
C GLN C 494 -17.80 -3.75 51.42
N GLU C 495 -18.25 -3.38 52.62
CA GLU C 495 -18.44 -4.30 53.81
C GLU C 495 -19.48 -5.40 53.50
N LEU C 496 -19.23 -6.66 53.87
CA LEU C 496 -20.15 -7.78 53.53
C LEU C 496 -21.36 -7.80 54.49
N LYS C 499 -22.40 -11.73 55.19
CA LYS C 499 -21.86 -12.70 54.16
C LYS C 499 -20.33 -12.85 54.26
N LYS C 500 -19.83 -13.91 53.63
CA LYS C 500 -18.38 -14.18 53.46
C LYS C 500 -18.05 -14.04 51.97
N PHE C 501 -16.76 -14.05 51.63
CA PHE C 501 -16.33 -14.09 50.22
C PHE C 501 -15.19 -15.08 50.00
N MET C 502 -15.13 -15.55 48.76
CA MET C 502 -14.04 -16.38 48.31
C MET C 502 -13.84 -16.16 46.81
N ILE C 503 -12.73 -16.61 46.31
CA ILE C 503 -12.52 -16.84 44.86
C ILE C 503 -13.44 -18.01 44.56
N GLU C 504 -14.28 -17.95 43.57
CA GLU C 504 -15.08 -19.12 43.18
C GLU C 504 -14.23 -19.98 42.26
N ARG C 505 -13.54 -19.37 41.27
CA ARG C 505 -12.77 -20.18 40.31
C ARG C 505 -11.78 -19.30 39.57
N VAL C 506 -10.57 -19.77 39.44
CA VAL C 506 -9.54 -19.09 38.61
C VAL C 506 -9.15 -20.07 37.53
N GLU C 507 -9.41 -19.69 36.26
CA GLU C 507 -9.00 -20.52 35.11
C GLU C 507 -7.83 -19.83 34.42
N GLU C 508 -6.80 -20.58 34.08
CA GLU C 508 -5.72 -20.08 33.19
C GLU C 508 -6.11 -20.57 31.80
N GLY C 509 -5.94 -19.73 30.76
CA GLY C 509 -6.32 -20.26 29.45
C GLY C 509 -5.93 -19.28 28.36
N ARG C 510 -6.63 -19.36 27.25
CA ARG C 510 -6.31 -18.49 26.09
C ARG C 510 -7.59 -18.35 25.29
N PHE C 511 -7.49 -17.49 24.28
CA PHE C 511 -8.57 -17.21 23.33
C PHE C 511 -8.18 -17.90 22.04
N GLU C 512 -9.11 -18.66 21.47
CA GLU C 512 -8.88 -19.43 20.23
C GLU C 512 -10.10 -19.14 19.38
N LYS C 513 -9.91 -18.44 18.27
CA LYS C 513 -10.99 -17.93 17.37
C LYS C 513 -11.99 -17.17 18.25
N GLY C 514 -11.52 -16.24 19.10
CA GLY C 514 -12.39 -15.48 20.01
C GLY C 514 -13.02 -16.28 21.16
N LYS C 515 -12.92 -17.64 21.25
CA LYS C 515 -13.54 -18.43 22.37
C LYS C 515 -12.52 -18.65 23.48
N TRP C 516 -12.97 -18.55 24.75
CA TRP C 516 -12.12 -18.94 25.88
C TRP C 516 -11.85 -20.46 25.90
N VAL C 517 -10.58 -20.86 26.02
CA VAL C 517 -10.18 -22.27 26.12
C VAL C 517 -9.49 -22.43 27.47
N MET C 518 -10.06 -23.23 28.36
CA MET C 518 -9.41 -23.41 29.69
C MET C 518 -8.26 -24.38 29.55
N GLU C 519 -7.15 -24.10 30.24
CA GLU C 519 -5.96 -24.95 30.25
C GLU C 519 -5.92 -25.68 31.61
N ARG C 520 -6.11 -24.91 32.65
CA ARG C 520 -6.05 -25.43 34.03
C ARG C 520 -6.67 -24.45 35.00
N VAL C 521 -7.11 -24.99 36.16
CA VAL C 521 -7.70 -24.19 37.24
C VAL C 521 -6.60 -23.88 38.25
N TRP C 522 -6.43 -22.63 38.61
CA TRP C 522 -5.48 -22.25 39.68
C TRP C 522 -6.26 -22.46 40.97
N ASN C 523 -5.68 -23.17 41.91
CA ASN C 523 -6.37 -23.34 43.20
C ASN C 523 -5.30 -23.66 44.27
N GLY C 524 -5.72 -23.82 45.51
CA GLY C 524 -4.75 -24.15 46.56
C GLY C 524 -3.63 -23.11 46.67
N ASP C 525 -2.37 -23.52 46.75
CA ASP C 525 -1.21 -22.61 46.91
C ASP C 525 -1.24 -21.50 45.81
N GLN C 526 -1.87 -21.78 44.66
CA GLN C 526 -1.76 -20.80 43.56
C GLN C 526 -2.79 -19.68 43.80
N THR C 527 -3.75 -19.79 44.70
CA THR C 527 -4.75 -18.72 44.98
C THR C 527 -4.82 -18.35 46.47
N ASP C 528 -4.12 -19.06 47.34
CA ASP C 528 -4.21 -18.78 48.80
C ASP C 528 -3.51 -17.50 49.17
N TRP C 529 -2.48 -17.11 48.43
CA TRP C 529 -1.64 -15.94 48.79
C TRP C 529 -1.72 -14.96 47.61
N GLY C 530 -2.94 -14.74 47.15
CA GLY C 530 -3.19 -13.98 45.92
C GLY C 530 -2.76 -14.72 44.69
N LEU C 531 -2.73 -13.97 43.57
CA LEU C 531 -2.37 -14.52 42.23
C LEU C 531 -0.96 -14.00 41.90
N ASN C 532 0.04 -14.88 41.93
CA ASN C 532 1.45 -14.49 41.90
C ASN C 532 1.99 -14.76 40.50
N PHE C 533 2.60 -13.74 39.93
CA PHE C 533 3.10 -13.82 38.54
C PHE C 533 4.60 -13.56 38.57
N THR C 534 5.34 -14.28 37.76
CA THR C 534 6.77 -14.02 37.59
C THR C 534 6.99 -13.29 36.26
N ASP C 535 7.91 -13.77 35.48
CA ASP C 535 8.18 -13.17 34.15
C ASP C 535 7.43 -13.92 33.07
N ARG C 536 6.85 -15.08 33.36
CA ARG C 536 6.17 -15.88 32.31
C ARG C 536 4.71 -15.45 32.16
N PRO C 537 4.14 -15.54 30.93
CA PRO C 537 2.78 -15.08 30.71
C PRO C 537 1.73 -16.11 31.22
N HIS C 538 0.73 -15.61 31.91
CA HIS C 538 -0.46 -16.38 32.32
C HIS C 538 -1.67 -15.47 32.24
N LEU C 539 -2.65 -15.90 31.46
CA LEU C 539 -3.95 -15.18 31.35
C LEU C 539 -5.00 -15.88 32.18
N LEU C 540 -5.53 -15.16 33.12
CA LEU C 540 -6.54 -15.74 34.07
C LEU C 540 -7.93 -15.13 33.90
N ARG C 541 -8.97 -15.97 34.01
CA ARG C 541 -10.34 -15.51 34.31
C ARG C 541 -10.62 -15.79 35.81
N VAL C 542 -10.84 -14.74 36.56
CA VAL C 542 -11.08 -14.74 38.03
C VAL C 542 -12.54 -14.50 38.35
N LYS C 543 -13.19 -15.51 38.93
CA LYS C 543 -14.63 -15.43 39.31
C LYS C 543 -14.67 -15.38 40.85
N MET C 544 -15.20 -14.30 41.38
CA MET C 544 -15.37 -14.02 42.84
C MET C 544 -16.82 -14.33 43.22
N ALA C 545 -17.00 -14.80 44.49
CA ALA C 545 -18.33 -15.01 45.06
C ALA C 545 -18.39 -14.52 46.51
N SER C 546 -19.53 -13.89 46.82
CA SER C 546 -20.02 -13.64 48.19
C SER C 546 -21.03 -14.74 48.46
N TYR C 547 -21.01 -15.25 49.68
CA TYR C 547 -21.92 -16.35 50.07
C TYR C 547 -22.39 -16.10 51.49
N SER C 548 -23.61 -16.55 51.71
CA SER C 548 -24.33 -16.43 53.00
C SER C 548 -23.79 -17.48 53.97
N VAL C 549 -23.58 -17.09 55.23
CA VAL C 549 -23.27 -18.03 56.35
C VAL C 549 -24.43 -18.02 57.37
N GLN C 550 -25.54 -17.35 57.01
CA GLN C 550 -26.75 -17.26 57.86
C GLN C 550 -27.59 -18.54 57.68
N ALA D 12 -7.53 -27.16 -45.58
CA ALA D 12 -7.32 -25.98 -44.68
C ALA D 12 -6.45 -26.47 -43.53
N PRO D 13 -5.22 -25.97 -43.33
CA PRO D 13 -4.36 -26.48 -42.26
C PRO D 13 -4.96 -26.08 -40.91
N LEU D 14 -4.77 -26.90 -39.92
CA LEU D 14 -5.28 -26.56 -38.56
C LEU D 14 -4.71 -25.26 -38.07
N PRO D 15 -5.46 -24.47 -37.32
CA PRO D 15 -4.84 -23.38 -36.61
C PRO D 15 -3.81 -23.93 -35.64
N GLU D 16 -2.81 -23.14 -35.35
CA GLU D 16 -1.69 -23.59 -34.52
C GLU D 16 -1.04 -22.38 -33.89
N LEU D 17 -0.57 -22.56 -32.63
CA LEU D 17 0.25 -21.54 -32.01
C LEU D 17 1.72 -21.90 -32.14
N LEU D 18 2.47 -21.04 -32.80
CA LEU D 18 3.92 -21.21 -33.11
C LEU D 18 4.69 -20.38 -32.11
N SER D 19 5.77 -20.93 -31.58
CA SER D 19 6.67 -20.24 -30.64
C SER D 19 8.11 -20.53 -31.06
N ASN D 20 8.81 -19.52 -31.57
CA ASN D 20 10.20 -19.69 -32.00
C ASN D 20 10.98 -18.43 -31.64
N ASN D 21 12.18 -18.62 -31.10
CA ASN D 21 13.15 -17.54 -30.77
C ASN D 21 12.47 -16.43 -29.97
N GLY D 22 11.63 -16.79 -29.00
CA GLY D 22 11.00 -15.84 -28.09
C GLY D 22 9.88 -15.09 -28.76
N LYS D 23 9.48 -15.50 -29.95
CA LYS D 23 8.36 -14.86 -30.67
C LYS D 23 7.21 -15.86 -30.80
N HIS D 24 6.01 -15.38 -31.09
CA HIS D 24 4.82 -16.24 -31.22
C HIS D 24 3.91 -15.75 -32.35
N ALA D 25 3.18 -16.67 -32.92
CA ALA D 25 2.20 -16.36 -33.96
C ALA D 25 1.04 -17.33 -33.75
N LEU D 26 -0.18 -16.82 -33.83
CA LEU D 26 -1.32 -17.70 -34.02
C LEU D 26 -1.48 -17.89 -35.52
N MET D 27 -1.29 -19.08 -35.99
CA MET D 27 -1.44 -19.42 -37.43
C MET D 27 -2.87 -19.80 -37.71
N VAL D 28 -3.55 -19.07 -38.64
CA VAL D 28 -4.92 -19.39 -39.08
C VAL D 28 -4.91 -19.45 -40.62
N ASP D 29 -5.40 -20.54 -41.18
CA ASP D 29 -5.33 -20.82 -42.64
C ASP D 29 -3.91 -20.69 -43.16
N GLY D 30 -2.93 -21.09 -42.35
CA GLY D 30 -1.52 -21.26 -42.73
C GLY D 30 -0.71 -19.96 -42.72
N ALA D 31 -1.16 -18.91 -42.04
CA ALA D 31 -0.42 -17.66 -41.91
C ALA D 31 -0.72 -17.02 -40.57
N PRO D 32 0.21 -16.23 -40.03
CA PRO D 32 -0.08 -15.48 -38.81
C PRO D 32 -1.40 -14.69 -38.87
N TYR D 33 -2.07 -14.64 -37.73
CA TYR D 33 -3.41 -14.02 -37.63
C TYR D 33 -3.52 -13.23 -36.33
N ILE D 34 -4.27 -12.15 -36.34
CA ILE D 34 -4.52 -11.30 -35.16
C ILE D 34 -5.98 -11.40 -34.85
N ILE D 35 -6.32 -11.86 -33.63
CA ILE D 35 -7.71 -11.81 -33.19
C ILE D 35 -8.05 -10.37 -32.80
N LEU D 36 -8.90 -9.75 -33.57
CA LEU D 36 -9.49 -8.45 -33.24
C LEU D 36 -10.87 -8.78 -32.79
N GLY D 37 -10.97 -9.17 -31.51
CA GLY D 37 -12.18 -9.92 -31.14
C GLY D 37 -13.21 -9.15 -30.40
N SER D 38 -14.26 -9.89 -30.03
CA SER D 38 -15.30 -9.42 -29.11
C SER D 38 -15.82 -10.64 -28.36
N GLN D 39 -16.16 -10.45 -27.10
CA GLN D 39 -16.73 -11.59 -26.35
C GLN D 39 -18.14 -11.19 -25.93
N THR D 40 -19.06 -12.14 -26.00
CA THR D 40 -20.42 -11.89 -25.58
C THR D 40 -20.50 -11.79 -24.06
N ASN D 41 -21.63 -11.35 -23.60
CA ASN D 41 -22.01 -11.54 -22.18
C ASN D 41 -22.20 -13.03 -21.92
N ASN D 42 -22.28 -13.35 -20.61
CA ASN D 42 -22.22 -14.75 -20.17
C ASN D 42 -23.49 -15.56 -20.41
N SER D 43 -24.62 -14.95 -20.76
CA SER D 43 -25.89 -15.64 -21.01
C SER D 43 -26.31 -15.47 -22.48
N SER D 44 -25.34 -15.28 -23.37
CA SER D 44 -25.66 -15.11 -24.81
C SER D 44 -25.42 -16.38 -25.62
N ASN D 45 -25.14 -17.51 -24.94
CA ASN D 45 -24.74 -18.75 -25.59
C ASN D 45 -25.98 -19.57 -25.98
N TYR D 46 -27.00 -18.95 -26.59
CA TYR D 46 -28.23 -19.68 -26.97
C TYR D 46 -28.64 -19.13 -28.32
N PRO D 47 -29.24 -19.91 -29.24
CA PRO D 47 -29.65 -19.46 -30.61
C PRO D 47 -30.41 -18.13 -30.63
N ASP D 48 -31.34 -17.97 -29.72
CA ASP D 48 -32.25 -16.81 -29.64
C ASP D 48 -31.44 -15.57 -29.32
N ALA D 49 -30.32 -15.68 -28.66
CA ALA D 49 -29.56 -14.48 -28.25
C ALA D 49 -28.65 -13.97 -29.39
N LEU D 50 -28.34 -14.81 -30.39
CA LEU D 50 -27.31 -14.46 -31.41
C LEU D 50 -27.74 -13.21 -32.20
N LYS D 51 -29.02 -12.98 -32.37
CA LYS D 51 -29.49 -11.74 -33.06
C LYS D 51 -29.06 -10.49 -32.29
N ASP D 52 -28.69 -10.56 -31.01
CA ASP D 52 -28.31 -9.43 -30.17
C ASP D 52 -26.77 -9.34 -30.10
N VAL D 53 -26.09 -10.24 -30.77
CA VAL D 53 -24.62 -10.32 -30.78
C VAL D 53 -24.12 -9.81 -32.15
N TRP D 54 -24.64 -10.38 -33.22
CA TRP D 54 -24.02 -10.12 -34.55
C TRP D 54 -23.98 -8.63 -34.85
N PRO D 55 -25.01 -7.82 -34.57
CA PRO D 55 -24.95 -6.41 -34.95
C PRO D 55 -23.77 -5.66 -34.31
N SER D 56 -23.47 -5.94 -33.02
CA SER D 56 -22.33 -5.29 -32.33
C SER D 56 -21.02 -5.72 -32.99
N MET D 57 -20.92 -7.00 -33.36
CA MET D 57 -19.65 -7.49 -33.94
C MET D 57 -19.40 -6.75 -35.28
N GLU D 58 -20.48 -6.60 -36.05
CA GLU D 58 -20.39 -5.90 -37.35
C GLU D 58 -19.93 -4.45 -37.13
N LYS D 59 -20.60 -3.73 -36.25
CA LYS D 59 -20.27 -2.35 -35.91
C LYS D 59 -18.87 -2.20 -35.36
N MET D 60 -18.38 -3.23 -34.65
CA MET D 60 -17.05 -3.17 -34.07
C MET D 60 -16.01 -3.48 -35.12
N GLY D 61 -16.34 -4.23 -36.17
CA GLY D 61 -15.33 -4.64 -37.16
C GLY D 61 -14.49 -5.77 -36.62
N ALA D 62 -15.00 -6.50 -35.61
CA ALA D 62 -14.23 -7.62 -35.06
C ALA D 62 -14.12 -8.76 -36.08
N ASN D 63 -13.04 -9.55 -36.04
CA ASN D 63 -12.85 -10.70 -36.94
C ASN D 63 -13.14 -12.03 -36.23
N THR D 64 -13.28 -12.00 -34.92
CA THR D 64 -13.40 -13.24 -34.14
C THR D 64 -14.35 -12.97 -33.00
N LEU D 65 -15.23 -13.92 -32.75
CA LEU D 65 -16.20 -13.83 -31.64
C LEU D 65 -15.81 -14.89 -30.59
N SER D 66 -15.66 -14.46 -29.35
CA SER D 66 -15.53 -15.41 -28.21
C SER D 66 -16.91 -15.59 -27.59
N ILE D 67 -17.32 -16.83 -27.37
CA ILE D 67 -18.66 -17.09 -26.85
C ILE D 67 -18.62 -18.38 -26.05
N PRO D 68 -19.40 -18.47 -24.98
CA PRO D 68 -19.42 -19.72 -24.25
C PRO D 68 -20.10 -20.86 -24.96
N VAL D 69 -19.62 -22.07 -24.61
CA VAL D 69 -20.32 -23.35 -24.80
C VAL D 69 -20.31 -24.00 -23.40
N ALA D 70 -21.48 -24.15 -22.83
CA ALA D 70 -21.57 -24.58 -21.41
C ALA D 70 -21.77 -26.09 -21.35
N TRP D 71 -21.07 -26.73 -20.41
CA TRP D 71 -21.28 -28.17 -20.12
C TRP D 71 -22.77 -28.42 -19.84
N GLU D 72 -23.42 -27.55 -19.10
CA GLU D 72 -24.87 -27.74 -18.80
C GLU D 72 -25.73 -27.77 -20.08
N GLN D 73 -25.35 -27.02 -21.15
CA GLN D 73 -26.23 -27.04 -22.36
C GLN D 73 -25.89 -28.22 -23.26
N ILE D 74 -24.65 -28.72 -23.28
CA ILE D 74 -24.33 -29.82 -24.24
C ILE D 74 -24.58 -31.20 -23.61
N GLU D 75 -24.60 -31.28 -22.27
CA GLU D 75 -24.84 -32.63 -21.67
C GLU D 75 -25.84 -32.44 -20.56
N PRO D 76 -27.13 -31.95 -20.77
CA PRO D 76 -28.07 -31.58 -19.71
C PRO D 76 -28.46 -32.78 -18.83
N VAL D 77 -28.42 -33.95 -19.41
CA VAL D 77 -28.72 -35.25 -18.77
C VAL D 77 -27.51 -36.10 -19.08
N GLU D 78 -26.92 -36.80 -18.10
CA GLU D 78 -25.65 -37.49 -18.35
C GLU D 78 -25.77 -38.44 -19.56
N GLY D 79 -24.79 -38.36 -20.47
CA GLY D 79 -24.72 -39.17 -21.70
C GLY D 79 -25.70 -38.71 -22.79
N GLN D 80 -26.47 -37.66 -22.58
CA GLN D 80 -27.46 -37.22 -23.60
C GLN D 80 -26.97 -35.89 -24.16
N PHE D 81 -26.19 -35.93 -25.24
CA PHE D 81 -25.50 -34.73 -25.76
C PHE D 81 -26.43 -33.94 -26.68
N ASP D 82 -26.31 -32.63 -26.60
CA ASP D 82 -27.12 -31.65 -27.34
C ASP D 82 -26.18 -30.58 -27.93
N PHE D 83 -25.91 -30.66 -29.23
CA PHE D 83 -25.06 -29.67 -29.93
C PHE D 83 -25.90 -28.72 -30.78
N SER D 84 -27.18 -28.54 -30.49
CA SER D 84 -28.10 -27.67 -31.31
C SER D 84 -27.58 -26.23 -31.30
N PHE D 85 -27.01 -25.71 -30.19
CA PHE D 85 -26.46 -24.35 -30.14
C PHE D 85 -25.21 -24.27 -31.01
N VAL D 86 -24.31 -25.22 -30.93
CA VAL D 86 -23.03 -25.10 -31.66
C VAL D 86 -23.34 -25.17 -33.13
N ASP D 87 -24.32 -25.92 -33.49
CA ASP D 87 -24.70 -26.08 -34.93
C ASP D 87 -25.15 -24.70 -35.48
N VAL D 88 -26.04 -24.02 -34.78
CA VAL D 88 -26.58 -22.68 -35.15
C VAL D 88 -25.41 -21.72 -35.20
N LEU D 89 -24.58 -21.75 -34.15
CA LEU D 89 -23.47 -20.77 -34.01
C LEU D 89 -22.53 -20.90 -35.22
N LEU D 90 -22.13 -22.11 -35.56
CA LEU D 90 -21.11 -22.33 -36.62
C LEU D 90 -21.75 -21.78 -37.91
N LYS D 91 -23.01 -22.08 -38.13
CA LYS D 91 -23.64 -21.67 -39.42
C LYS D 91 -23.77 -20.14 -39.51
N GLU D 92 -24.21 -19.53 -38.42
CA GLU D 92 -24.35 -18.05 -38.36
C GLU D 92 -22.97 -17.37 -38.46
N ALA D 93 -21.92 -17.85 -37.79
CA ALA D 93 -20.55 -17.29 -37.94
C ALA D 93 -20.11 -17.39 -39.39
N ARG D 94 -20.29 -18.51 -40.01
CA ARG D 94 -19.88 -18.72 -41.43
C ARG D 94 -20.58 -17.73 -42.35
N GLN D 95 -21.85 -17.51 -42.14
CA GLN D 95 -22.64 -16.56 -42.99
C GLN D 95 -22.01 -15.15 -42.85
N ARG D 96 -21.53 -14.81 -41.66
N ARG D 96 -21.54 -14.81 -41.66
CA ARG D 96 -20.95 -13.48 -41.39
CA ARG D 96 -20.96 -13.47 -41.39
C ARG D 96 -19.44 -13.46 -41.61
C ARG D 96 -19.45 -13.46 -41.61
N LYS D 97 -18.86 -14.57 -42.05
CA LYS D 97 -17.41 -14.69 -42.39
C LYS D 97 -16.55 -14.24 -41.19
N VAL D 98 -16.90 -14.74 -40.00
CA VAL D 98 -16.10 -14.45 -38.79
C VAL D 98 -15.65 -15.79 -38.21
N ARG D 99 -14.59 -15.75 -37.45
CA ARG D 99 -14.08 -16.98 -36.79
C ARG D 99 -14.54 -16.97 -35.32
N LEU D 100 -14.34 -18.09 -34.64
CA LEU D 100 -14.89 -18.26 -33.27
C LEU D 100 -13.82 -18.78 -32.34
N VAL D 101 -13.92 -18.31 -31.10
CA VAL D 101 -13.18 -18.94 -29.98
C VAL D 101 -14.27 -19.42 -29.03
N LEU D 102 -14.36 -20.75 -28.85
CA LEU D 102 -15.37 -21.31 -27.94
C LEU D 102 -14.80 -21.29 -26.52
N LEU D 103 -15.63 -20.92 -25.58
CA LEU D 103 -15.17 -20.85 -24.16
C LEU D 103 -15.90 -22.02 -23.41
N TRP D 104 -15.14 -23.04 -23.01
CA TRP D 104 -15.71 -24.23 -22.29
C TRP D 104 -15.97 -23.86 -20.83
N PHE D 105 -17.23 -23.60 -20.51
CA PHE D 105 -17.72 -23.25 -19.18
C PHE D 105 -18.16 -24.59 -18.55
N ALA D 106 -17.35 -25.10 -17.61
CA ALA D 106 -17.53 -26.51 -17.16
C ALA D 106 -17.17 -26.57 -15.66
N THR D 107 -16.12 -27.29 -15.30
CA THR D 107 -15.73 -27.45 -13.88
C THR D 107 -15.56 -26.10 -13.19
N TRP D 108 -14.92 -25.14 -13.85
CA TRP D 108 -14.81 -23.79 -13.24
C TRP D 108 -15.32 -22.74 -14.24
N LYS D 109 -16.19 -21.91 -13.75
CA LYS D 109 -16.53 -20.56 -14.35
C LYS D 109 -16.40 -19.58 -13.20
N ASN D 110 -15.39 -18.73 -13.21
CA ASN D 110 -15.18 -17.73 -12.12
C ASN D 110 -15.16 -18.51 -10.78
N ASN D 111 -14.38 -19.58 -10.75
CA ASN D 111 -14.12 -20.44 -9.54
C ASN D 111 -15.27 -21.40 -9.23
N ALA D 112 -16.45 -21.31 -9.84
CA ALA D 112 -17.70 -21.96 -9.39
C ALA D 112 -18.21 -22.90 -10.45
N PRO D 113 -19.04 -23.94 -10.12
CA PRO D 113 -19.59 -24.93 -11.04
C PRO D 113 -20.96 -24.58 -11.61
N HIS D 114 -21.27 -23.28 -11.70
CA HIS D 114 -22.63 -22.87 -12.12
C HIS D 114 -23.01 -23.38 -13.49
N TYR D 115 -22.04 -23.54 -14.36
CA TYR D 115 -22.31 -23.97 -15.75
C TYR D 115 -22.08 -25.44 -15.94
N ALA D 116 -21.75 -26.16 -14.83
CA ALA D 116 -21.74 -27.61 -14.87
C ALA D 116 -23.19 -28.07 -14.88
N PRO D 117 -23.66 -29.26 -15.44
CA PRO D 117 -25.06 -29.71 -15.45
C PRO D 117 -25.55 -29.89 -13.99
N ALA D 118 -26.86 -29.87 -13.77
CA ALA D 118 -27.50 -30.06 -12.44
C ALA D 118 -27.02 -31.37 -11.88
N TRP D 119 -26.86 -32.39 -12.72
CA TRP D 119 -26.48 -33.76 -12.17
C TRP D 119 -25.02 -33.75 -11.71
N VAL D 120 -24.27 -32.70 -12.03
CA VAL D 120 -22.89 -32.50 -11.54
C VAL D 120 -22.93 -31.57 -10.35
N LYS D 121 -23.40 -30.35 -10.50
CA LYS D 121 -23.25 -29.33 -9.48
C LYS D 121 -24.11 -29.61 -8.24
N LEU D 122 -25.10 -30.47 -8.31
CA LEU D 122 -26.01 -30.73 -7.17
C LEU D 122 -25.60 -32.05 -6.51
N ASP D 123 -24.54 -32.71 -6.98
CA ASP D 123 -24.08 -34.03 -6.44
C ASP D 123 -22.65 -33.94 -5.82
N ASN D 124 -22.59 -33.42 -4.61
CA ASN D 124 -21.29 -33.14 -3.97
C ASN D 124 -20.63 -34.46 -3.56
N ALA D 125 -21.39 -35.51 -3.38
CA ALA D 125 -20.78 -36.81 -3.02
C ALA D 125 -19.93 -37.33 -4.18
N ARG D 126 -20.45 -37.24 -5.39
CA ARG D 126 -19.71 -37.72 -6.59
C ARG D 126 -18.66 -36.70 -7.06
N PHE D 127 -18.98 -35.44 -6.99
CA PHE D 127 -18.16 -34.40 -7.64
C PHE D 127 -17.88 -33.38 -6.55
N PRO D 128 -16.87 -33.55 -5.64
CA PRO D 128 -16.80 -32.77 -4.40
C PRO D 128 -16.24 -31.36 -4.48
N ARG D 129 -16.71 -30.53 -3.57
CA ARG D 129 -16.23 -29.17 -3.38
C ARG D 129 -14.98 -29.11 -2.56
N VAL D 130 -14.27 -28.01 -2.75
CA VAL D 130 -13.20 -27.51 -1.87
C VAL D 130 -13.72 -27.42 -0.42
N VAL D 131 -12.91 -27.94 0.52
CA VAL D 131 -13.25 -27.86 1.96
C VAL D 131 -12.25 -26.94 2.61
N LYS D 132 -12.70 -25.99 3.40
CA LYS D 132 -11.78 -25.03 4.07
C LYS D 132 -11.08 -25.70 5.26
N GLU D 133 -10.04 -25.03 5.77
CA GLU D 133 -9.27 -25.51 6.95
C GLU D 133 -10.24 -25.72 8.11
N ASP D 134 -11.24 -24.86 8.26
CA ASP D 134 -12.24 -24.91 9.36
C ASP D 134 -13.35 -25.94 9.09
N GLY D 135 -13.31 -26.71 7.99
CA GLY D 135 -14.28 -27.77 7.68
C GLY D 135 -15.52 -27.21 6.98
N ASP D 136 -15.61 -25.91 6.69
CA ASP D 136 -16.76 -25.35 5.91
C ASP D 136 -16.54 -25.66 4.41
N THR D 137 -17.57 -25.75 3.58
CA THR D 137 -17.42 -26.11 2.15
C THR D 137 -17.60 -24.84 1.30
N LEU D 138 -16.77 -24.64 0.31
CA LEU D 138 -16.97 -23.53 -0.68
C LEU D 138 -17.58 -24.08 -1.95
N ASN D 139 -18.28 -23.19 -2.69
CA ASN D 139 -18.95 -23.63 -3.93
C ASN D 139 -17.89 -23.55 -5.04
N SER D 140 -16.89 -24.39 -4.97
CA SER D 140 -15.74 -24.46 -5.88
C SER D 140 -15.33 -25.92 -5.96
N LEU D 141 -15.43 -26.53 -7.11
CA LEU D 141 -15.12 -27.96 -7.25
C LEU D 141 -13.61 -28.22 -7.05
N SER D 142 -13.34 -29.27 -6.28
CA SER D 142 -11.93 -29.61 -6.01
C SER D 142 -11.26 -30.24 -7.24
N PRO D 143 -10.00 -29.84 -7.63
CA PRO D 143 -9.11 -30.35 -8.79
C PRO D 143 -8.80 -31.82 -8.49
N LEU D 144 -9.10 -32.27 -7.26
CA LEU D 144 -8.74 -33.68 -6.85
C LEU D 144 -9.95 -34.62 -6.97
N GLY D 145 -11.12 -34.09 -7.35
CA GLY D 145 -12.28 -34.93 -7.65
C GLY D 145 -12.05 -35.72 -8.90
N GLN D 146 -11.70 -36.99 -8.79
CA GLN D 146 -11.41 -37.81 -9.99
C GLN D 146 -12.68 -38.01 -10.82
N ASN D 147 -13.85 -38.05 -10.20
CA ASN D 147 -15.07 -38.29 -11.00
C ASN D 147 -15.29 -37.02 -11.83
N THR D 148 -15.00 -35.88 -11.24
CA THR D 148 -15.29 -34.55 -11.85
C THR D 148 -14.44 -34.45 -13.12
N LEU D 149 -13.18 -34.75 -13.00
CA LEU D 149 -12.21 -34.69 -14.12
C LEU D 149 -12.65 -35.65 -15.21
N ALA D 150 -13.03 -36.90 -14.86
CA ALA D 150 -13.50 -37.87 -15.88
C ALA D 150 -14.71 -37.27 -16.64
N ALA D 151 -15.67 -36.68 -15.95
CA ALA D 151 -16.97 -36.28 -16.51
C ALA D 151 -16.74 -35.06 -17.42
N ASP D 152 -15.96 -34.13 -16.93
CA ASP D 152 -15.63 -32.85 -17.69
C ASP D 152 -14.92 -33.30 -19.00
N LYS D 153 -13.89 -34.13 -18.83
CA LYS D 153 -13.12 -34.62 -19.98
C LYS D 153 -14.02 -35.32 -21.00
N LYS D 154 -14.95 -36.17 -20.55
CA LYS D 154 -15.82 -36.90 -21.47
C LYS D 154 -16.67 -35.91 -22.26
N ALA D 155 -17.18 -34.88 -21.61
CA ALA D 155 -18.06 -33.91 -22.30
C ALA D 155 -17.21 -33.07 -23.30
N PHE D 156 -16.04 -32.66 -22.89
CA PHE D 156 -15.13 -31.84 -23.70
C PHE D 156 -14.77 -32.64 -24.93
N VAL D 157 -14.52 -33.92 -24.75
CA VAL D 157 -14.18 -34.78 -25.90
C VAL D 157 -15.34 -34.82 -26.91
N GLU D 158 -16.58 -34.90 -26.44
CA GLU D 158 -17.77 -34.91 -27.33
C GLU D 158 -17.83 -33.57 -28.06
N LEU D 159 -17.51 -32.50 -27.40
CA LEU D 159 -17.55 -31.15 -28.06
C LEU D 159 -16.50 -31.15 -29.18
N MET D 160 -15.30 -31.61 -28.90
CA MET D 160 -14.19 -31.62 -29.87
C MET D 160 -14.50 -32.65 -30.92
N LYS D 161 -15.21 -33.75 -30.63
CA LYS D 161 -15.68 -34.65 -31.72
C LYS D 161 -16.64 -33.92 -32.67
N TYR D 162 -17.52 -33.11 -32.12
CA TYR D 162 -18.51 -32.38 -32.93
C TYR D 162 -17.75 -31.45 -33.88
N LEU D 163 -16.74 -30.75 -33.39
CA LEU D 163 -15.97 -29.82 -34.27
C LEU D 163 -15.14 -30.65 -35.25
N ALA D 164 -14.60 -31.82 -34.86
CA ALA D 164 -13.84 -32.65 -35.83
C ALA D 164 -14.75 -33.03 -37.01
N LYS D 165 -16.04 -33.34 -36.76
CA LYS D 165 -16.99 -33.88 -37.75
C LYS D 165 -17.68 -32.73 -38.50
N ARG D 166 -17.86 -31.58 -37.89
CA ARG D 166 -18.78 -30.54 -38.42
C ARG D 166 -18.05 -29.22 -38.67
N ASP D 167 -16.74 -29.11 -38.38
CA ASP D 167 -16.04 -27.82 -38.60
C ASP D 167 -14.70 -28.05 -39.32
N LYS D 168 -14.79 -28.72 -40.46
CA LYS D 168 -13.61 -29.10 -41.28
C LYS D 168 -12.83 -27.85 -41.77
N ASP D 169 -13.46 -26.67 -41.93
CA ASP D 169 -12.75 -25.42 -42.36
C ASP D 169 -12.30 -24.59 -41.14
N HIS D 170 -12.46 -25.11 -39.91
CA HIS D 170 -11.91 -24.47 -38.69
C HIS D 170 -12.49 -23.07 -38.51
N THR D 171 -13.80 -22.98 -38.54
CA THR D 171 -14.48 -21.72 -38.17
C THR D 171 -14.06 -21.40 -36.75
N VAL D 172 -13.99 -22.45 -35.93
CA VAL D 172 -13.45 -22.31 -34.55
C VAL D 172 -11.93 -22.45 -34.63
N ILE D 173 -11.20 -21.45 -34.19
CA ILE D 173 -9.72 -21.41 -34.32
C ILE D 173 -9.03 -21.70 -32.98
N MET D 174 -9.74 -21.57 -31.86
CA MET D 174 -9.12 -21.79 -30.54
C MET D 174 -10.22 -22.13 -29.55
N VAL D 175 -9.86 -22.78 -28.42
CA VAL D 175 -10.85 -23.15 -27.37
C VAL D 175 -10.23 -22.77 -26.03
N GLN D 176 -10.98 -22.05 -25.24
CA GLN D 176 -10.63 -21.69 -23.85
C GLN D 176 -11.13 -22.85 -22.96
N VAL D 177 -10.22 -23.46 -22.17
CA VAL D 177 -10.60 -24.63 -21.35
C VAL D 177 -10.88 -24.10 -19.95
N GLN D 178 -12.12 -24.28 -19.51
CA GLN D 178 -12.66 -23.62 -18.29
C GLN D 178 -12.69 -22.10 -18.43
N ASN D 179 -13.05 -21.40 -17.40
CA ASN D 179 -13.09 -19.92 -17.39
C ASN D 179 -12.73 -19.41 -16.00
N GLU D 180 -11.60 -18.79 -15.84
CA GLU D 180 -11.16 -18.16 -14.56
C GLU D 180 -11.22 -19.24 -13.47
N VAL D 181 -10.33 -20.18 -13.58
CA VAL D 181 -10.27 -21.31 -12.63
C VAL D 181 -9.76 -20.80 -11.28
N GLY D 182 -9.92 -21.61 -10.22
CA GLY D 182 -9.34 -21.26 -8.91
C GLY D 182 -10.43 -21.29 -7.86
N THR D 183 -10.11 -20.78 -6.67
CA THR D 183 -11.06 -20.71 -5.56
C THR D 183 -10.98 -19.38 -4.84
N TYR D 184 -12.12 -18.80 -4.59
CA TYR D 184 -12.24 -17.61 -3.74
C TYR D 184 -12.49 -18.13 -2.32
N GLY D 185 -11.82 -17.56 -1.31
CA GLY D 185 -12.24 -17.82 0.07
C GLY D 185 -11.43 -18.91 0.75
N ALA D 186 -10.54 -19.56 0.04
CA ALA D 186 -9.58 -20.55 0.60
C ALA D 186 -8.37 -20.60 -0.32
N VAL D 187 -7.24 -21.12 0.12
CA VAL D 187 -6.01 -21.18 -0.75
C VAL D 187 -6.02 -22.48 -1.53
N ARG D 188 -6.58 -23.57 -0.96
CA ARG D 188 -6.62 -24.90 -1.59
C ARG D 188 -7.71 -25.75 -0.94
N ASP D 189 -7.88 -26.96 -1.45
CA ASP D 189 -8.78 -27.95 -0.82
C ASP D 189 -8.05 -28.47 0.40
N TYR D 190 -8.73 -28.49 1.54
CA TYR D 190 -8.17 -29.08 2.78
C TYR D 190 -8.97 -30.31 3.16
N SER D 191 -9.75 -30.87 2.24
CA SER D 191 -10.52 -32.11 2.51
C SER D 191 -9.51 -33.19 2.88
N PRO D 192 -9.97 -34.25 3.59
CA PRO D 192 -9.13 -35.44 3.78
C PRO D 192 -8.49 -36.00 2.51
N MET D 193 -9.26 -36.02 1.43
CA MET D 193 -8.74 -36.53 0.13
C MET D 193 -7.59 -35.62 -0.35
N ALA D 194 -7.71 -34.30 -0.23
CA ALA D 194 -6.63 -33.39 -0.68
C ALA D 194 -5.44 -33.47 0.28
N GLN D 195 -5.73 -33.47 1.57
CA GLN D 195 -4.64 -33.51 2.59
C GLN D 195 -3.72 -34.73 2.33
N ALA D 196 -4.30 -35.88 1.96
CA ALA D 196 -3.52 -37.14 1.72
C ALA D 196 -2.51 -36.94 0.58
N VAL D 197 -2.86 -36.10 -0.42
CA VAL D 197 -1.97 -35.82 -1.61
C VAL D 197 -0.97 -34.74 -1.17
N PHE D 198 -1.44 -33.77 -0.40
CA PHE D 198 -0.60 -32.67 0.10
C PHE D 198 0.51 -33.20 1.03
N ASN D 199 0.14 -34.15 1.88
CA ASN D 199 1.08 -34.76 2.87
C ASN D 199 2.11 -35.68 2.20
N ALA D 200 1.92 -36.07 0.95
CA ALA D 200 2.74 -36.99 0.15
C ALA D 200 3.79 -36.21 -0.67
N ALA D 201 4.70 -36.96 -1.31
CA ALA D 201 5.80 -36.44 -2.16
C ALA D 201 5.25 -35.50 -3.27
N VAL D 202 5.91 -34.38 -3.50
CA VAL D 202 5.70 -33.61 -4.75
C VAL D 202 6.01 -34.53 -5.92
N PRO D 203 5.16 -34.64 -6.96
CA PRO D 203 5.51 -35.47 -8.13
C PRO D 203 6.88 -35.13 -8.72
N ASP D 204 7.65 -36.19 -9.10
CA ASP D 204 9.05 -36.05 -9.55
C ASP D 204 9.15 -35.09 -10.75
N ASP D 205 8.19 -35.12 -11.69
CA ASP D 205 8.22 -34.28 -12.91
C ASP D 205 8.31 -32.80 -12.54
N LEU D 206 7.47 -32.34 -11.64
CA LEU D 206 7.55 -30.92 -11.17
C LEU D 206 8.93 -30.70 -10.60
N ILE D 207 9.34 -31.54 -9.61
CA ILE D 207 10.65 -31.37 -8.92
C ILE D 207 11.76 -31.16 -9.96
N GLN D 208 11.82 -32.04 -10.98
CA GLN D 208 12.88 -32.04 -12.02
C GLN D 208 12.76 -30.79 -12.89
N LYS D 209 11.56 -30.41 -13.38
CA LYS D 209 11.38 -29.18 -14.21
C LYS D 209 11.77 -27.91 -13.42
N LEU D 210 11.50 -27.84 -12.10
CA LEU D 210 11.83 -26.61 -11.31
C LEU D 210 13.22 -26.74 -10.68
N GLN D 211 13.90 -27.86 -10.91
CA GLN D 211 15.30 -28.11 -10.45
C GLN D 211 15.33 -27.96 -8.91
N LEU D 212 14.38 -28.58 -8.20
CA LEU D 212 14.30 -28.47 -6.71
C LEU D 212 14.83 -29.78 -6.10
N LYS D 213 14.91 -29.85 -4.77
CA LYS D 213 15.33 -31.10 -4.07
C LYS D 213 14.03 -31.85 -3.68
N PRO D 214 13.92 -33.22 -3.82
CA PRO D 214 12.73 -33.97 -3.44
C PRO D 214 12.18 -33.68 -2.04
N GLY D 215 10.89 -33.90 -1.87
CA GLY D 215 10.22 -33.67 -0.58
C GLY D 215 8.73 -33.60 -0.72
N THR D 216 8.03 -33.40 0.39
CA THR D 216 6.57 -33.22 0.39
C THR D 216 6.31 -31.76 -0.03
N TRP D 217 5.05 -31.44 -0.27
CA TRP D 217 4.63 -30.06 -0.58
C TRP D 217 5.18 -29.07 0.44
N SER D 218 4.91 -29.29 1.74
CA SER D 218 5.29 -28.33 2.82
C SER D 218 6.83 -28.24 2.81
N GLN D 219 7.53 -29.36 2.64
CA GLN D 219 9.00 -29.35 2.71
C GLN D 219 9.57 -28.54 1.55
N VAL D 220 9.06 -28.77 0.33
CA VAL D 220 9.72 -28.20 -0.90
C VAL D 220 9.33 -26.73 -1.01
N PHE D 221 8.07 -26.34 -0.70
CA PHE D 221 7.55 -24.99 -1.10
C PHE D 221 7.33 -24.07 0.08
N GLY D 222 7.34 -24.59 1.30
CA GLY D 222 7.28 -23.76 2.52
C GLY D 222 6.03 -22.94 2.55
N ARG D 223 6.19 -21.62 2.63
CA ARG D 223 5.12 -20.59 2.76
C ARG D 223 4.19 -20.72 1.56
N ASP D 224 4.69 -21.20 0.44
CA ASP D 224 3.94 -21.19 -0.84
C ASP D 224 3.25 -22.55 -1.09
N ALA D 225 3.40 -23.53 -0.18
CA ALA D 225 2.92 -24.89 -0.48
C ALA D 225 1.42 -24.89 -0.79
N ASP D 226 0.61 -24.19 0.00
CA ASP D 226 -0.84 -24.39 -0.18
C ASP D 226 -1.25 -23.84 -1.56
N GLU D 227 -0.71 -22.68 -1.93
CA GLU D 227 -1.11 -21.97 -3.19
C GLU D 227 -0.49 -22.71 -4.37
N PHE D 228 0.75 -23.18 -4.26
CA PHE D 228 1.41 -23.94 -5.34
C PHE D 228 0.71 -25.28 -5.54
N PHE D 229 0.29 -25.92 -4.43
CA PHE D 229 -0.49 -27.17 -4.48
C PHE D 229 -1.76 -26.93 -5.30
N HIS D 230 -2.55 -25.90 -4.91
CA HIS D 230 -3.84 -25.68 -5.63
C HIS D 230 -3.52 -25.39 -7.12
N ALA D 231 -2.52 -24.57 -7.38
CA ALA D 231 -2.18 -24.24 -8.80
C ALA D 231 -1.74 -25.48 -9.58
N TYR D 232 -0.95 -26.35 -8.93
CA TYR D 232 -0.50 -27.57 -9.61
C TYR D 232 -1.73 -28.45 -9.92
N GLN D 233 -2.60 -28.68 -8.90
CA GLN D 233 -3.66 -29.66 -9.07
C GLN D 233 -4.62 -29.14 -10.14
N ILE D 234 -4.89 -27.85 -10.15
CA ILE D 234 -5.80 -27.28 -11.20
C ILE D 234 -5.11 -27.34 -12.58
N ALA D 235 -3.85 -26.97 -12.67
CA ALA D 235 -3.11 -27.04 -13.95
C ALA D 235 -3.12 -28.47 -14.43
N ARG D 236 -2.89 -29.47 -13.58
CA ARG D 236 -2.94 -30.86 -14.10
C ARG D 236 -4.35 -31.21 -14.61
N TYR D 237 -5.39 -30.78 -13.92
CA TYR D 237 -6.77 -31.08 -14.30
C TYR D 237 -7.03 -30.45 -15.67
N CYS D 238 -6.69 -29.19 -15.82
CA CYS D 238 -6.90 -28.49 -17.14
C CYS D 238 -6.04 -29.11 -18.22
N ASP D 239 -4.83 -29.54 -17.91
CA ASP D 239 -3.96 -30.16 -18.94
C ASP D 239 -4.56 -31.50 -19.39
N GLU D 240 -5.12 -32.29 -18.46
CA GLU D 240 -5.70 -33.58 -18.88
C GLU D 240 -6.90 -33.35 -19.81
N VAL D 241 -7.77 -32.39 -19.47
CA VAL D 241 -8.95 -32.06 -20.30
C VAL D 241 -8.40 -31.65 -21.67
N THR D 242 -7.38 -30.80 -21.68
CA THR D 242 -6.81 -30.23 -22.93
C THR D 242 -6.25 -31.34 -23.82
N VAL D 243 -5.46 -32.25 -23.24
CA VAL D 243 -4.82 -33.39 -23.97
C VAL D 243 -5.92 -34.26 -24.56
N ALA D 244 -7.01 -34.56 -23.81
CA ALA D 244 -8.08 -35.46 -24.29
C ALA D 244 -8.77 -34.82 -25.51
N GLY D 245 -8.97 -33.53 -25.44
CA GLY D 245 -9.68 -32.82 -26.53
C GLY D 245 -8.78 -32.66 -27.73
N LYS D 246 -7.49 -32.39 -27.50
CA LYS D 246 -6.49 -32.24 -28.61
C LYS D 246 -6.34 -33.55 -29.34
N ALA D 247 -6.45 -34.67 -28.66
CA ALA D 247 -6.35 -35.97 -29.32
C ALA D 247 -7.48 -36.12 -30.34
N ILE D 248 -8.59 -35.41 -30.19
CA ILE D 248 -9.74 -35.50 -31.13
C ILE D 248 -9.53 -34.48 -32.24
N LYS D 249 -9.25 -33.24 -31.85
CA LYS D 249 -8.89 -32.21 -32.85
C LYS D 249 -7.89 -31.26 -32.26
N ASN D 250 -6.70 -31.16 -32.85
CA ASN D 250 -5.57 -30.46 -32.18
C ASN D 250 -5.65 -28.94 -32.40
N LEU D 251 -6.70 -28.26 -31.93
CA LEU D 251 -6.80 -26.79 -31.99
C LEU D 251 -5.94 -26.24 -30.85
N PRO D 252 -5.48 -25.00 -31.01
CA PRO D 252 -4.89 -24.26 -29.92
C PRO D 252 -5.88 -24.16 -28.75
N MET D 253 -5.37 -24.26 -27.53
CA MET D 253 -6.22 -24.19 -26.34
C MET D 253 -5.50 -23.39 -25.29
N TYR D 254 -6.26 -22.66 -24.49
CA TYR D 254 -5.67 -21.74 -23.51
C TYR D 254 -6.54 -21.66 -22.26
N VAL D 255 -6.00 -21.06 -21.23
CA VAL D 255 -6.75 -20.72 -19.98
C VAL D 255 -6.66 -19.21 -19.79
N ASN D 256 -7.69 -18.65 -19.17
CA ASN D 256 -7.84 -17.23 -18.88
C ASN D 256 -7.76 -17.00 -17.39
N VAL D 257 -7.07 -15.96 -17.04
CA VAL D 257 -6.76 -15.73 -15.60
C VAL D 257 -7.55 -14.62 -14.97
N ALA D 258 -8.21 -14.93 -13.83
CA ALA D 258 -8.71 -13.92 -12.89
C ALA D 258 -7.49 -13.28 -12.24
N LEU D 259 -7.06 -12.12 -12.74
CA LEU D 259 -5.75 -11.59 -12.34
C LEU D 259 -5.76 -11.16 -10.87
N ARG D 260 -4.60 -11.31 -10.21
CA ARG D 260 -4.36 -10.56 -8.98
C ARG D 260 -3.69 -9.25 -9.42
N ASN D 261 -3.82 -8.24 -8.59
CA ASN D 261 -3.16 -6.94 -8.81
C ASN D 261 -1.64 -7.15 -8.75
N PRO D 262 -0.85 -6.91 -9.84
CA PRO D 262 0.57 -7.24 -9.87
C PRO D 262 1.43 -6.42 -8.89
N PHE D 263 0.95 -5.24 -8.52
CA PHE D 263 1.65 -4.33 -7.61
C PHE D 263 1.18 -4.48 -6.16
N ASN D 264 0.04 -5.07 -5.91
CA ASN D 264 -0.62 -5.04 -4.57
C ASN D 264 -1.60 -6.21 -4.56
N PRO D 265 -1.08 -7.44 -4.71
CA PRO D 265 -1.92 -8.61 -4.95
C PRO D 265 -2.88 -9.00 -3.83
N GLY D 266 -2.52 -8.74 -2.58
CA GLY D 266 -3.36 -9.33 -1.53
C GLY D 266 -2.99 -10.80 -1.41
N LEU D 267 -3.86 -11.58 -0.80
CA LEU D 267 -3.51 -12.98 -0.48
C LEU D 267 -4.33 -13.93 -1.32
N PRO D 268 -3.81 -15.13 -1.62
CA PRO D 268 -4.54 -16.14 -2.34
C PRO D 268 -5.84 -16.47 -1.58
N GLY D 269 -6.96 -16.47 -2.30
CA GLY D 269 -8.31 -16.64 -1.72
C GLY D 269 -9.05 -15.32 -1.70
N GLN D 270 -8.32 -14.22 -1.58
CA GLN D 270 -8.85 -12.85 -1.81
C GLN D 270 -8.95 -12.77 -3.32
N TYR D 271 -7.85 -13.04 -3.99
CA TYR D 271 -7.89 -13.29 -5.48
C TYR D 271 -8.18 -14.75 -5.68
N SER D 272 -8.42 -15.18 -6.89
CA SER D 272 -8.75 -16.59 -7.19
C SER D 272 -7.51 -17.45 -7.07
N SER D 273 -7.37 -18.20 -5.97
CA SER D 273 -6.17 -19.00 -5.77
C SER D 273 -6.14 -20.14 -6.79
N GLY D 274 -4.95 -20.45 -7.31
CA GLY D 274 -4.68 -21.63 -8.12
C GLY D 274 -4.75 -21.31 -9.60
N GLY D 275 -5.40 -20.19 -9.92
CA GLY D 275 -5.41 -19.80 -11.34
C GLY D 275 -4.01 -19.38 -11.78
N GLY D 276 -3.82 -19.10 -13.06
CA GLY D 276 -2.53 -18.68 -13.61
C GLY D 276 -2.08 -17.30 -13.22
N THR D 277 -2.12 -16.92 -11.93
CA THR D 277 -1.60 -15.62 -11.46
C THR D 277 -0.07 -15.54 -11.65
N ASP D 278 0.45 -14.34 -11.64
CA ASP D 278 1.84 -14.04 -12.00
C ASP D 278 2.80 -14.84 -11.13
N ASN D 279 2.45 -15.13 -9.90
CA ASN D 279 3.39 -15.81 -8.99
C ASN D 279 3.42 -17.34 -9.22
N VAL D 280 2.50 -17.95 -9.98
CA VAL D 280 2.40 -19.41 -10.20
C VAL D 280 2.50 -19.76 -11.67
N LEU D 281 2.93 -18.80 -12.51
CA LEU D 281 3.14 -19.08 -13.93
C LEU D 281 4.13 -20.22 -14.06
N HIS D 282 5.17 -20.26 -13.26
CA HIS D 282 6.19 -21.33 -13.36
C HIS D 282 5.54 -22.70 -13.03
N ILE D 283 4.63 -22.73 -12.10
CA ILE D 283 3.92 -24.00 -11.76
C ILE D 283 3.06 -24.42 -12.96
N TRP D 284 2.28 -23.45 -13.49
CA TRP D 284 1.38 -23.80 -14.59
C TRP D 284 2.20 -24.31 -15.78
N LYS D 285 3.31 -23.63 -16.11
CA LYS D 285 4.12 -24.02 -17.30
C LYS D 285 4.68 -25.43 -17.14
N ALA D 286 5.13 -25.74 -15.92
CA ALA D 286 5.73 -27.07 -15.65
C ALA D 286 4.63 -28.15 -15.66
N ALA D 287 3.46 -27.84 -15.06
CA ALA D 287 2.37 -28.81 -14.86
C ALA D 287 1.58 -29.07 -16.11
N ALA D 288 1.42 -28.05 -16.98
CA ALA D 288 0.41 -28.14 -18.06
C ALA D 288 1.09 -27.89 -19.40
N PRO D 289 2.03 -28.76 -19.89
CA PRO D 289 2.89 -28.65 -21.15
C PRO D 289 1.94 -28.52 -22.37
N ASN D 290 0.70 -28.95 -22.22
CA ASN D 290 -0.24 -29.07 -23.37
C ASN D 290 -1.12 -27.83 -23.53
N ILE D 291 -1.22 -26.98 -22.53
CA ILE D 291 -1.96 -25.72 -22.66
C ILE D 291 -1.10 -24.72 -23.44
N ASP D 292 -1.61 -24.18 -24.56
CA ASP D 292 -0.73 -23.36 -25.43
C ASP D 292 -0.36 -22.03 -24.81
N LEU D 293 -1.26 -21.36 -24.10
CA LEU D 293 -0.91 -20.11 -23.42
C LEU D 293 -1.83 -19.85 -22.22
N ILE D 294 -1.40 -18.91 -21.40
CA ILE D 294 -2.16 -18.42 -20.23
C ILE D 294 -2.44 -16.95 -20.49
N ALA D 295 -3.71 -16.63 -20.63
CA ALA D 295 -4.17 -15.30 -21.09
C ALA D 295 -4.68 -14.48 -19.90
N PRO D 296 -4.25 -13.23 -19.75
CA PRO D 296 -4.79 -12.36 -18.74
C PRO D 296 -6.17 -11.80 -19.10
N ASP D 297 -7.05 -11.66 -18.12
CA ASP D 297 -8.38 -10.99 -18.25
C ASP D 297 -8.25 -9.63 -17.58
N ILE D 298 -8.20 -8.56 -18.35
CA ILE D 298 -7.79 -7.28 -17.78
C ILE D 298 -8.94 -6.30 -17.50
N TYR D 299 -9.18 -5.96 -16.25
CA TYR D 299 -10.22 -4.98 -15.85
C TYR D 299 -9.59 -3.83 -15.07
N PHE D 300 -8.27 -3.84 -14.89
CA PHE D 300 -7.61 -2.67 -14.25
C PHE D 300 -7.61 -1.54 -15.31
N ARG D 301 -8.00 -0.36 -14.93
CA ARG D 301 -8.14 0.78 -15.90
C ARG D 301 -6.83 1.52 -16.10
N ASP D 302 -6.04 1.61 -15.03
CA ASP D 302 -4.86 2.51 -15.02
C ASP D 302 -3.71 1.96 -15.87
N TYR D 303 -3.09 2.86 -16.59
CA TYR D 303 -2.01 2.53 -17.54
C TYR D 303 -0.88 1.74 -16.87
N LYS D 304 -0.38 2.17 -15.70
CA LYS D 304 0.76 1.46 -15.05
C LYS D 304 0.44 -0.02 -14.80
N THR D 305 -0.72 -0.29 -14.25
CA THR D 305 -1.09 -1.67 -13.85
C THR D 305 -1.32 -2.49 -15.11
N VAL D 306 -2.08 -1.95 -16.05
CA VAL D 306 -2.27 -2.68 -17.33
C VAL D 306 -0.92 -2.96 -17.98
N SER D 307 -0.04 -1.97 -18.13
CA SER D 307 1.29 -2.17 -18.75
C SER D 307 2.05 -3.30 -18.02
N LYS D 308 1.97 -3.30 -16.67
CA LYS D 308 2.66 -4.34 -15.87
C LYS D 308 2.10 -5.74 -16.19
N VAL D 309 0.80 -5.87 -16.38
CA VAL D 309 0.16 -7.17 -16.70
C VAL D 309 0.68 -7.64 -18.04
N LEU D 310 0.72 -6.70 -19.00
CA LEU D 310 1.12 -7.10 -20.35
C LEU D 310 2.57 -7.57 -20.26
N GLU D 311 3.41 -6.88 -19.46
CA GLU D 311 4.82 -7.27 -19.33
C GLU D 311 4.89 -8.72 -18.75
N LEU D 312 4.12 -8.99 -17.71
CA LEU D 312 4.25 -10.28 -16.95
C LEU D 312 3.75 -11.45 -17.79
N TYR D 313 2.80 -11.22 -18.69
CA TYR D 313 2.16 -12.30 -19.45
C TYR D 313 2.81 -12.49 -20.82
N THR D 314 3.68 -11.57 -21.25
CA THR D 314 4.44 -11.73 -22.49
C THR D 314 5.77 -12.32 -22.10
N ARG D 315 5.99 -13.58 -22.42
CA ARG D 315 7.22 -14.34 -22.08
C ARG D 315 7.68 -15.15 -23.29
N PRO D 316 8.97 -15.57 -23.32
CA PRO D 316 9.39 -16.49 -24.37
C PRO D 316 8.50 -17.72 -24.39
N ASP D 317 8.04 -18.19 -23.21
CA ASP D 317 7.21 -19.42 -23.16
C ASP D 317 5.72 -19.07 -23.18
N ASN D 318 5.31 -17.82 -23.38
CA ASN D 318 3.88 -17.44 -23.20
C ASN D 318 3.53 -16.31 -24.19
N ALA D 319 2.85 -16.68 -25.26
CA ALA D 319 2.28 -15.73 -26.24
C ALA D 319 1.24 -14.89 -25.53
N LEU D 320 1.18 -13.63 -25.88
CA LEU D 320 0.26 -12.71 -25.23
C LEU D 320 -1.07 -12.75 -25.96
N PHE D 321 -2.14 -13.01 -25.22
CA PHE D 321 -3.51 -12.95 -25.73
C PHE D 321 -4.33 -12.27 -24.67
N VAL D 322 -4.86 -11.09 -24.95
CA VAL D 322 -5.72 -10.39 -23.96
C VAL D 322 -7.08 -10.96 -24.22
N ALA D 323 -7.35 -12.09 -23.57
CA ALA D 323 -8.56 -12.91 -23.76
C ALA D 323 -9.83 -12.15 -23.37
N GLU D 324 -9.71 -11.25 -22.42
CA GLU D 324 -10.79 -10.38 -21.97
C GLU D 324 -10.18 -9.04 -21.57
N ILE D 325 -10.90 -7.98 -21.88
CA ILE D 325 -10.57 -6.66 -21.38
C ILE D 325 -11.90 -5.92 -21.21
N GLY D 326 -11.95 -4.97 -20.29
CA GLY D 326 -13.15 -4.19 -20.06
C GLY D 326 -13.63 -3.50 -21.34
N ASN D 327 -14.91 -3.20 -21.40
CA ASN D 327 -15.51 -2.56 -22.61
C ASN D 327 -15.65 -1.04 -22.47
N ASP D 328 -15.20 -0.43 -21.41
CA ASP D 328 -15.24 1.00 -21.18
C ASP D 328 -14.23 1.68 -22.10
N GLN D 329 -14.47 2.96 -22.36
CA GLN D 329 -13.58 3.73 -23.28
C GLN D 329 -12.09 3.61 -22.97
N PRO D 330 -11.62 3.70 -21.70
CA PRO D 330 -10.18 3.70 -21.45
C PRO D 330 -9.42 2.46 -21.92
N PHE D 331 -10.13 1.36 -22.20
CA PHE D 331 -9.50 0.07 -22.51
C PHE D 331 -9.10 -0.02 -23.95
N ALA D 332 -9.73 0.78 -24.82
CA ALA D 332 -9.52 0.52 -26.26
C ALA D 332 -8.06 0.78 -26.60
N ARG D 333 -7.43 1.81 -26.01
CA ARG D 333 -6.04 2.16 -26.43
C ARG D 333 -5.04 1.06 -26.07
N TYR D 334 -5.41 0.08 -25.24
CA TYR D 334 -4.41 -0.94 -24.87
C TYR D 334 -4.23 -1.96 -25.98
N LEU D 335 -5.03 -1.89 -27.04
CA LEU D 335 -4.80 -2.70 -28.24
C LEU D 335 -3.37 -2.41 -28.71
N PHE D 336 -2.94 -1.16 -28.62
CA PHE D 336 -1.67 -0.78 -29.26
C PHE D 336 -0.47 -1.43 -28.60
N PRO D 337 -0.26 -1.30 -27.26
CA PRO D 337 0.82 -2.03 -26.63
C PRO D 337 0.64 -3.55 -26.67
N THR D 338 -0.60 -4.04 -26.64
CA THR D 338 -0.83 -5.50 -26.85
C THR D 338 -0.19 -5.97 -28.16
N LEU D 339 -0.53 -5.31 -29.29
CA LEU D 339 0.06 -5.73 -30.58
C LEU D 339 1.56 -5.47 -30.56
N GLY D 340 1.97 -4.39 -29.93
CA GLY D 340 3.36 -3.96 -29.85
C GLY D 340 4.24 -5.04 -29.19
N LYS D 341 3.68 -5.76 -28.20
CA LYS D 341 4.41 -6.83 -27.48
C LYS D 341 4.48 -8.07 -28.33
N GLY D 342 3.84 -8.10 -29.49
CA GLY D 342 3.79 -9.34 -30.28
C GLY D 342 2.49 -10.10 -30.05
N GLY D 343 1.53 -9.48 -29.35
CA GLY D 343 0.23 -10.06 -29.02
C GLY D 343 -0.47 -10.70 -30.18
N ILE D 344 -1.17 -11.80 -29.95
CA ILE D 344 -1.92 -12.50 -31.03
C ILE D 344 -3.36 -12.00 -31.04
N GLY D 345 -3.77 -11.22 -30.08
CA GLY D 345 -5.21 -10.87 -30.06
C GLY D 345 -5.64 -10.12 -28.83
N PHE D 346 -6.85 -9.62 -28.91
CA PHE D 346 -7.39 -8.63 -27.97
C PHE D 346 -8.90 -8.74 -28.09
N SER D 347 -9.62 -8.94 -26.99
CA SER D 347 -11.06 -9.30 -27.03
C SER D 347 -11.81 -8.59 -25.94
N PRO D 348 -12.39 -7.39 -26.18
CA PRO D 348 -13.25 -6.75 -25.19
C PRO D 348 -14.45 -7.61 -24.79
N PHE D 349 -14.80 -7.58 -23.50
CA PHE D 349 -15.83 -8.40 -22.91
C PHE D 349 -17.19 -7.65 -22.88
N GLY D 350 -18.26 -8.31 -23.23
CA GLY D 350 -19.62 -7.79 -23.05
C GLY D 350 -20.07 -7.00 -24.29
N MET D 351 -19.63 -7.41 -25.45
CA MET D 351 -19.99 -6.64 -26.69
C MET D 351 -21.30 -7.20 -27.27
N ASP D 352 -22.41 -7.11 -26.54
CA ASP D 352 -23.71 -7.52 -27.11
C ASP D 352 -24.80 -6.68 -26.49
N ASP D 353 -25.98 -6.74 -27.12
CA ASP D 353 -27.11 -5.90 -26.70
C ASP D 353 -28.16 -6.75 -26.00
N THR D 354 -27.70 -7.57 -25.06
CA THR D 354 -28.62 -8.49 -24.33
C THR D 354 -29.05 -7.86 -23.00
N ASP D 355 -28.96 -6.54 -22.89
CA ASP D 355 -29.54 -5.79 -21.75
C ASP D 355 -28.75 -6.11 -20.47
N TYR D 356 -27.46 -6.01 -20.55
CA TYR D 356 -26.54 -6.24 -19.40
C TYR D 356 -25.30 -5.42 -19.54
N THR D 357 -24.87 -4.79 -18.46
CA THR D 357 -23.55 -4.13 -18.38
C THR D 357 -22.85 -4.62 -17.12
N ASN D 358 -21.58 -4.83 -17.21
CA ASN D 358 -20.77 -5.28 -16.06
C ASN D 358 -20.17 -4.09 -15.33
N TYR D 359 -20.60 -2.86 -15.64
CA TYR D 359 -20.21 -1.71 -14.80
C TYR D 359 -20.38 -2.08 -13.33
N PRO D 360 -19.41 -1.80 -12.44
CA PRO D 360 -18.29 -0.88 -12.71
C PRO D 360 -17.06 -1.43 -13.46
N LEU D 361 -17.02 -2.71 -13.80
CA LEU D 361 -15.83 -3.26 -14.51
C LEU D 361 -15.79 -2.65 -15.93
N GLY D 362 -16.93 -2.58 -16.58
CA GLY D 362 -17.05 -2.15 -18.00
C GLY D 362 -17.78 -0.84 -18.12
N ALA D 363 -18.33 -0.61 -19.30
CA ALA D 363 -19.06 0.65 -19.61
C ALA D 363 -20.37 0.71 -18.82
N LYS D 364 -20.73 1.88 -18.36
CA LYS D 364 -21.97 2.12 -17.61
C LYS D 364 -23.16 1.95 -18.56
N VAL D 365 -23.02 2.40 -19.81
CA VAL D 365 -24.10 2.27 -20.83
C VAL D 365 -23.51 1.55 -22.02
N TYR D 366 -24.28 0.64 -22.60
CA TYR D 366 -23.92 -0.08 -23.82
C TYR D 366 -24.74 0.48 -24.96
N ASN D 367 -24.05 1.22 -25.81
CA ASN D 367 -24.71 1.79 -27.03
C ASN D 367 -23.68 1.87 -28.14
N ASP D 368 -24.08 2.50 -29.27
CA ASP D 368 -23.19 2.56 -30.45
C ASP D 368 -21.86 3.24 -30.10
N GLU D 369 -21.88 4.24 -29.21
CA GLU D 369 -20.68 5.01 -28.84
C GLU D 369 -19.72 4.09 -28.06
N THR D 370 -20.22 3.19 -27.21
CA THR D 370 -19.37 2.16 -26.56
C THR D 370 -18.59 1.39 -27.63
N ILE D 371 -19.28 0.87 -28.65
CA ILE D 371 -18.70 -0.03 -29.64
C ILE D 371 -17.71 0.83 -30.45
N GLU D 372 -18.07 2.07 -30.73
CA GLU D 372 -17.28 2.90 -31.66
C GLU D 372 -15.88 3.12 -31.09
N GLN D 373 -15.72 3.13 -29.75
CA GLN D 373 -14.35 3.38 -29.23
C GLN D 373 -13.42 2.24 -29.67
N PHE D 374 -13.87 1.01 -29.71
CA PHE D 374 -13.10 -0.11 -30.24
C PHE D 374 -13.12 -0.14 -31.78
N ALA D 375 -14.24 0.18 -32.42
CA ALA D 375 -14.28 0.15 -33.88
C ALA D 375 -13.17 1.09 -34.43
N GLN D 376 -12.93 2.22 -33.79
CA GLN D 376 -11.93 3.19 -34.31
C GLN D 376 -10.53 2.60 -34.28
N VAL D 377 -10.15 1.90 -33.20
CA VAL D 377 -8.79 1.34 -33.16
C VAL D 377 -8.69 0.09 -34.07
N TYR D 378 -9.74 -0.72 -34.18
CA TYR D 378 -9.77 -1.91 -35.03
C TYR D 378 -9.60 -1.46 -36.49
N ARG D 379 -10.06 -0.26 -36.78
CA ARG D 379 -9.92 0.20 -38.21
C ARG D 379 -8.48 0.47 -38.60
N LEU D 380 -7.58 0.70 -37.65
CA LEU D 380 -6.15 0.88 -37.98
C LEU D 380 -5.51 -0.44 -38.30
N VAL D 381 -6.03 -1.54 -37.74
CA VAL D 381 -5.32 -2.83 -37.88
C VAL D 381 -5.96 -3.69 -38.96
N ASN D 382 -7.28 -3.70 -39.07
CA ASN D 382 -8.01 -4.55 -40.05
C ASN D 382 -7.39 -4.45 -41.44
N PRO D 383 -7.10 -3.24 -41.95
CA PRO D 383 -6.54 -3.15 -43.31
C PRO D 383 -5.18 -3.77 -43.54
N MET D 384 -4.44 -4.05 -42.49
CA MET D 384 -3.13 -4.66 -42.60
C MET D 384 -3.03 -5.90 -41.73
N MET D 385 -4.15 -6.56 -41.44
CA MET D 385 -4.11 -7.55 -40.30
C MET D 385 -3.04 -8.63 -40.60
N ARG D 386 -3.06 -9.24 -41.79
CA ARG D 386 -2.17 -10.36 -42.17
C ARG D 386 -0.75 -9.84 -42.24
N GLU D 387 -0.54 -8.65 -42.80
CA GLU D 387 0.82 -8.12 -42.94
C GLU D 387 1.39 -7.82 -41.52
N TRP D 388 0.59 -7.16 -40.69
CA TRP D 388 1.04 -6.85 -39.31
C TRP D 388 1.35 -8.17 -38.58
N ALA D 389 0.48 -9.15 -38.68
CA ALA D 389 0.69 -10.43 -37.96
C ALA D 389 2.03 -11.05 -38.37
N ARG D 390 2.35 -11.06 -39.66
CA ARG D 390 3.63 -11.63 -40.14
C ARG D 390 4.78 -10.77 -39.60
N LEU D 391 4.73 -9.43 -39.72
CA LEU D 391 5.84 -8.60 -39.18
C LEU D 391 6.04 -8.85 -37.68
N SER D 392 4.94 -9.01 -36.96
CA SER D 392 5.04 -9.19 -35.50
C SER D 392 5.83 -10.47 -35.17
N TYR D 393 5.55 -11.54 -35.89
CA TYR D 393 6.18 -12.87 -35.64
C TYR D 393 7.63 -12.90 -36.16
N GLN D 394 7.82 -12.54 -37.41
CA GLN D 394 9.10 -12.67 -38.14
C GLN D 394 10.00 -11.48 -37.84
N GLY D 395 9.44 -10.31 -37.59
CA GLY D 395 10.30 -9.11 -37.49
C GLY D 395 10.13 -8.29 -36.23
N GLN D 396 10.33 -6.99 -36.37
CA GLN D 396 10.33 -6.04 -35.26
C GLN D 396 9.11 -5.13 -35.34
N VAL D 397 8.33 -5.12 -34.28
CA VAL D 397 7.14 -4.25 -34.11
C VAL D 397 7.25 -3.54 -32.77
N TRP D 398 6.51 -2.46 -32.65
CA TRP D 398 6.43 -1.63 -31.42
C TRP D 398 5.03 -1.09 -31.33
N GLY D 399 4.57 -0.83 -30.13
CA GLY D 399 3.23 -0.30 -29.92
C GLY D 399 3.16 0.40 -28.63
N VAL D 400 2.51 1.54 -28.58
CA VAL D 400 2.41 2.36 -27.35
C VAL D 400 1.00 2.92 -27.24
N ALA D 401 0.56 3.18 -26.04
CA ALA D 401 -0.71 3.84 -25.67
C ALA D 401 -0.42 5.07 -24.84
N GLU D 402 -1.36 6.00 -24.83
CA GLU D 402 -1.29 7.26 -24.07
C GLU D 402 -1.06 6.92 -22.59
N PRO D 403 0.09 7.32 -22.01
CA PRO D 403 0.57 6.83 -20.72
C PRO D 403 -0.03 7.55 -19.52
N LEU D 404 -0.83 8.60 -19.72
CA LEU D 404 -1.56 9.20 -18.56
C LEU D 404 -3.02 8.85 -18.71
N ASP D 405 -3.64 8.49 -17.59
CA ASP D 405 -5.08 8.20 -17.49
C ASP D 405 -5.83 9.55 -17.50
N SER D 406 -7.11 9.54 -17.81
CA SER D 406 -7.88 10.81 -17.86
C SER D 406 -7.77 11.49 -16.50
N THR D 407 -7.71 12.80 -16.50
CA THR D 407 -7.68 13.64 -15.29
C THR D 407 -8.97 13.43 -14.51
N THR D 408 -8.89 13.15 -13.21
CA THR D 408 -10.07 12.94 -12.33
C THR D 408 -10.76 14.28 -12.09
N GLU D 409 -12.08 14.28 -11.85
CA GLU D 409 -12.80 15.52 -11.44
C GLU D 409 -12.04 16.12 -10.24
N THR D 410 -11.75 15.29 -9.23
CA THR D 410 -11.07 15.75 -8.00
C THR D 410 -9.77 16.42 -8.44
N GLN D 411 -9.09 15.88 -9.46
CA GLN D 411 -7.79 16.40 -9.94
C GLN D 411 -8.01 17.73 -10.65
N LYS D 412 -9.15 17.91 -11.32
CA LYS D 412 -9.53 19.18 -11.97
C LYS D 412 -9.70 20.27 -10.90
N ILE D 413 -10.13 19.92 -9.69
CA ILE D 413 -10.30 20.88 -8.55
C ILE D 413 -8.93 21.43 -8.12
N TRP D 414 -7.97 20.57 -7.80
CA TRP D 414 -6.55 20.95 -7.55
C TRP D 414 -6.04 21.89 -8.67
N ASN D 415 -6.12 21.51 -9.94
CA ASN D 415 -5.77 22.44 -11.04
C ASN D 415 -6.62 23.70 -10.89
N ALA D 418 -5.34 26.18 -8.36
CA ALA D 418 -3.95 26.31 -7.85
C ALA D 418 -3.33 27.63 -8.33
N THR D 419 -2.02 27.84 -8.10
CA THR D 419 -1.27 29.08 -8.46
C THR D 419 -1.10 29.25 -9.96
N PRO D 420 -0.43 30.33 -10.42
CA PRO D 420 -0.12 30.49 -11.84
C PRO D 420 1.15 29.70 -12.22
N GLU D 421 2.17 29.82 -11.37
CA GLU D 421 3.47 29.10 -11.54
C GLU D 421 3.18 27.58 -11.47
N GLU D 422 2.30 27.23 -10.55
CA GLU D 422 1.86 25.84 -10.28
C GLU D 422 1.29 25.26 -11.57
N LYS D 423 0.25 25.90 -12.15
CA LYS D 423 -0.35 25.47 -13.43
C LYS D 423 0.82 25.24 -14.38
N GLU D 424 1.65 26.26 -14.58
CA GLU D 424 2.77 26.25 -15.57
C GLU D 424 3.59 24.97 -15.39
N GLN D 425 3.96 24.66 -14.15
CA GLN D 425 4.85 23.50 -13.89
C GLN D 425 4.11 22.17 -14.14
N HIS D 426 2.82 22.11 -13.83
CA HIS D 426 2.05 20.87 -14.00
C HIS D 426 2.06 20.54 -15.50
N LYS D 427 1.88 21.57 -16.33
CA LYS D 427 1.79 21.42 -17.81
C LYS D 427 3.11 20.86 -18.35
N LYS D 428 4.26 21.37 -17.88
CA LYS D 428 5.60 20.88 -18.29
C LYS D 428 5.76 19.40 -17.90
N ASP D 429 5.28 19.04 -16.72
CA ASP D 429 5.40 17.65 -16.20
C ASP D 429 4.50 16.70 -17.01
N ARG D 430 3.25 17.10 -17.29
CA ARG D 430 2.33 16.30 -18.16
C ARG D 430 2.94 16.18 -19.56
N ALA D 431 3.52 17.25 -20.11
CA ALA D 431 4.11 17.17 -21.47
C ALA D 431 5.19 16.10 -21.51
N SER D 432 6.05 16.08 -20.49
CA SER D 432 7.16 15.11 -20.45
C SER D 432 6.59 13.68 -20.35
N ALA D 433 5.58 13.50 -19.51
CA ALA D 433 4.93 12.19 -19.26
C ALA D 433 4.15 11.74 -20.52
N LEU D 434 3.73 12.69 -21.37
CA LEU D 434 3.00 12.33 -22.60
C LEU D 434 3.94 12.21 -23.77
N THR D 435 5.19 12.04 -23.55
CA THR D 435 6.24 11.87 -24.56
C THR D 435 6.90 10.48 -24.40
N GLN D 436 6.85 9.66 -25.42
CA GLN D 436 7.43 8.31 -25.37
C GLN D 436 8.51 8.14 -26.43
N GLN D 437 9.62 7.50 -26.09
CA GLN D 437 10.73 7.24 -27.03
C GLN D 437 10.74 5.78 -27.37
N LEU D 438 10.98 5.46 -28.63
CA LEU D 438 11.10 4.08 -29.11
C LEU D 438 12.39 4.00 -29.91
N ASP D 439 13.21 3.01 -29.60
CA ASP D 439 14.48 2.73 -30.28
C ASP D 439 14.18 1.77 -31.43
N LEU D 440 14.19 2.29 -32.66
CA LEU D 440 13.92 1.44 -33.81
C LEU D 440 15.18 1.11 -34.58
N GLY D 441 16.33 1.06 -33.91
CA GLY D 441 17.58 0.61 -34.61
C GLY D 441 18.45 1.78 -35.01
N LEU D 442 18.56 2.10 -36.30
CA LEU D 442 19.29 3.33 -36.70
C LEU D 442 18.44 4.58 -36.46
N TRP D 443 17.13 4.43 -36.31
CA TRP D 443 16.19 5.55 -36.07
C TRP D 443 15.45 5.37 -34.74
N ASP D 444 15.06 6.48 -34.14
CA ASP D 444 14.14 6.52 -33.00
C ASP D 444 12.84 7.22 -33.38
N ALA D 445 11.75 6.87 -32.71
CA ALA D 445 10.48 7.59 -32.83
C ALA D 445 10.20 8.21 -31.48
N GLU D 446 9.61 9.37 -31.51
CA GLU D 446 9.07 10.03 -30.32
C GLU D 446 7.58 10.15 -30.52
N VAL D 447 6.77 9.65 -29.60
CA VAL D 447 5.30 9.64 -29.71
C VAL D 447 4.81 10.61 -28.67
N THR D 448 3.92 11.53 -29.06
CA THR D 448 3.35 12.55 -28.20
C THR D 448 1.84 12.62 -28.39
N TYR D 449 1.12 13.09 -27.37
CA TYR D 449 -0.36 12.95 -27.35
C TYR D 449 -1.04 14.25 -27.04
N GLY D 450 -1.98 14.66 -27.91
CA GLY D 450 -2.89 15.75 -27.66
C GLY D 450 -2.25 17.09 -27.94
N ARG D 451 -2.02 17.32 -29.23
CA ARG D 451 -1.41 18.57 -29.69
C ARG D 451 -1.89 18.85 -31.12
N PRO D 452 -1.75 20.09 -31.55
CA PRO D 452 -2.15 20.41 -32.93
C PRO D 452 -1.28 19.66 -33.92
N MET D 453 -1.76 19.78 -35.16
CA MET D 453 -1.14 19.07 -36.26
C MET D 453 -0.08 20.00 -36.93
N PHE D 454 0.10 21.17 -36.38
CA PHE D 454 1.04 22.19 -36.86
C PHE D 454 1.73 22.84 -35.68
N TRP D 455 3.02 23.12 -35.85
CA TRP D 455 3.88 23.85 -34.89
C TRP D 455 4.17 22.87 -33.71
N VAL D 456 4.70 23.36 -32.62
CA VAL D 456 5.36 22.48 -31.61
C VAL D 456 4.87 22.82 -30.20
N THR D 457 3.66 23.31 -30.07
CA THR D 457 3.05 23.52 -28.76
C THR D 457 3.17 22.19 -28.04
N PRO D 458 3.68 22.15 -26.80
CA PRO D 458 3.89 20.88 -26.07
C PRO D 458 2.58 20.11 -25.95
N PRO D 459 2.57 18.72 -25.91
CA PRO D 459 1.37 17.88 -25.78
C PRO D 459 0.64 18.05 -24.46
N GLU D 460 -0.70 18.01 -24.51
CA GLU D 460 -1.57 18.20 -23.31
C GLU D 460 -2.43 16.96 -23.05
N GLY D 461 -2.37 15.95 -23.90
CA GLY D 461 -3.17 14.73 -23.77
C GLY D 461 -4.53 14.89 -24.42
N ASN D 462 -5.10 13.75 -24.77
CA ASN D 462 -6.47 13.66 -25.30
C ASN D 462 -7.43 13.59 -24.09
N THR D 463 -8.64 14.10 -24.23
CA THR D 463 -9.67 14.03 -23.18
C THR D 463 -10.84 13.33 -23.81
N PRO D 464 -11.15 12.09 -23.46
CA PRO D 464 -10.37 11.30 -22.51
C PRO D 464 -9.10 10.75 -23.11
N ALA D 465 -8.26 10.15 -22.26
CA ALA D 465 -7.03 9.48 -22.75
C ALA D 465 -7.43 8.42 -23.75
N ALA D 466 -6.74 8.35 -24.90
CA ALA D 466 -7.20 7.47 -26.00
C ALA D 466 -6.18 7.16 -27.06
N GLY D 467 -5.06 7.89 -27.09
CA GLY D 467 -4.14 7.74 -28.23
C GLY D 467 -3.25 6.53 -28.21
N GLY D 468 -2.62 6.24 -29.32
CA GLY D 468 -1.53 5.26 -29.37
C GLY D 468 -0.92 5.14 -30.75
N ALA D 469 0.02 4.25 -30.91
CA ALA D 469 0.74 4.11 -32.17
C ALA D 469 1.25 2.71 -32.33
N LEU D 470 1.41 2.29 -33.58
CA LEU D 470 2.00 1.04 -33.99
C LEU D 470 3.09 1.32 -35.00
N ILE D 471 4.25 0.69 -34.83
CA ILE D 471 5.37 0.74 -35.79
C ILE D 471 5.87 -0.66 -36.09
N ALA D 472 6.11 -0.96 -37.37
CA ALA D 472 6.77 -2.18 -37.83
C ALA D 472 7.98 -1.81 -38.70
N GLN D 473 9.11 -2.43 -38.44
CA GLN D 473 10.35 -2.24 -39.23
C GLN D 473 10.24 -3.02 -40.54
N LEU D 474 10.39 -2.34 -41.67
CA LEU D 474 10.43 -3.04 -42.99
C LEU D 474 11.87 -3.23 -43.47
N ASP D 475 12.73 -2.28 -43.18
CA ASP D 475 14.14 -2.34 -43.59
C ASP D 475 14.93 -1.45 -42.60
N ASP D 476 16.24 -1.35 -42.73
CA ASP D 476 17.05 -0.53 -41.80
C ASP D 476 16.51 0.88 -41.70
N ASN D 477 16.00 1.45 -42.81
CA ASN D 477 15.61 2.87 -42.76
C ASN D 477 14.14 3.06 -43.09
N GLU D 478 13.35 1.98 -43.12
CA GLU D 478 11.95 2.11 -43.55
C GLU D 478 11.06 1.43 -42.50
N TYR D 479 9.97 2.10 -42.14
CA TYR D 479 8.99 1.63 -41.13
C TYR D 479 7.56 1.70 -41.70
N LEU D 480 6.65 0.84 -41.19
CA LEU D 480 5.21 0.93 -41.37
C LEU D 480 4.67 1.57 -40.11
N VAL D 481 3.83 2.60 -40.23
CA VAL D 481 3.39 3.42 -39.06
C VAL D 481 1.92 3.67 -39.19
N THR D 482 1.17 3.45 -38.12
CA THR D 482 -0.22 3.95 -38.00
C THR D 482 -0.44 4.37 -36.58
N ALA D 483 -1.10 5.45 -36.33
CA ALA D 483 -1.31 5.96 -34.98
C ALA D 483 -2.70 6.62 -34.86
N TYR D 484 -3.05 7.03 -33.67
CA TYR D 484 -4.41 7.40 -33.29
C TYR D 484 -4.32 8.50 -32.29
N LYS D 485 -4.80 9.70 -32.62
CA LYS D 485 -4.81 10.86 -31.69
C LYS D 485 -3.38 11.04 -31.11
N ALA D 486 -2.37 11.15 -31.97
CA ALA D 486 -0.98 11.20 -31.54
C ALA D 486 -0.12 11.77 -32.65
N ARG D 487 1.00 12.24 -32.28
CA ARG D 487 2.08 12.67 -33.18
C ARG D 487 3.22 11.67 -33.08
N VAL D 488 3.77 11.27 -34.22
CA VAL D 488 4.95 10.39 -34.28
C VAL D 488 6.05 11.16 -35.02
N GLU D 489 7.20 11.32 -34.39
CA GLU D 489 8.38 12.01 -34.98
C GLU D 489 9.56 11.07 -35.04
N PHE D 490 10.26 11.08 -36.13
CA PHE D 490 11.46 10.25 -36.32
C PHE D 490 12.73 11.09 -36.17
N LYS D 491 13.80 10.47 -35.68
CA LYS D 491 15.11 11.10 -35.48
C LYS D 491 16.14 9.97 -35.49
N PRO D 492 17.43 10.32 -35.68
CA PRO D 492 18.53 9.34 -35.62
C PRO D 492 18.59 8.77 -34.19
N SER D 493 18.87 7.47 -34.15
CA SER D 493 19.03 6.74 -32.88
C SER D 493 20.40 7.04 -32.28
N GLN D 494 21.38 7.46 -33.08
CA GLN D 494 22.75 7.70 -32.58
C GLN D 494 23.38 8.83 -33.39
N GLU D 495 24.51 9.32 -32.96
CA GLU D 495 25.27 10.44 -33.58
C GLU D 495 25.55 10.05 -35.04
N LEU D 496 25.52 11.05 -35.93
N LEU D 496 25.54 11.06 -35.92
CA LEU D 496 25.62 10.81 -37.37
CA LEU D 496 25.63 10.81 -37.37
C LEU D 496 27.02 11.11 -37.92
C LEU D 496 27.02 11.11 -37.92
N ALA D 497 27.97 11.50 -37.07
CA ALA D 497 29.38 11.74 -37.46
C ALA D 497 29.47 12.77 -38.58
N GLY D 498 28.65 13.84 -38.54
CA GLY D 498 28.75 14.99 -39.47
C GLY D 498 27.66 14.91 -40.53
N LYS D 499 26.88 13.83 -40.58
CA LYS D 499 25.82 13.70 -41.60
C LYS D 499 24.63 14.47 -41.07
N LYS D 500 23.75 14.89 -41.95
CA LYS D 500 22.42 15.39 -41.51
C LYS D 500 21.38 14.29 -41.81
N PHE D 501 20.13 14.52 -41.44
CA PHE D 501 19.08 13.52 -41.73
C PHE D 501 17.81 14.21 -42.17
N MET D 502 17.01 13.45 -42.89
CA MET D 502 15.66 13.87 -43.23
C MET D 502 14.77 12.67 -43.45
N ILE D 503 13.47 12.96 -43.47
CA ILE D 503 12.49 12.05 -44.06
C ILE D 503 12.81 11.99 -45.56
N GLU D 504 13.02 10.81 -46.12
CA GLU D 504 13.24 10.69 -47.57
C GLU D 504 11.87 10.69 -48.22
N ARG D 505 10.91 9.93 -47.67
CA ARG D 505 9.59 9.83 -48.25
C ARG D 505 8.58 9.18 -47.29
N VAL D 506 7.40 9.76 -47.20
CA VAL D 506 6.29 9.12 -46.45
C VAL D 506 5.18 8.84 -47.46
N GLU D 507 4.79 7.59 -47.62
CA GLU D 507 3.64 7.26 -48.51
C GLU D 507 2.49 6.79 -47.67
N GLU D 508 1.28 7.27 -47.94
CA GLU D 508 0.05 6.71 -47.33
C GLU D 508 -0.47 5.67 -48.30
N GLY D 509 -0.89 4.52 -47.85
CA GLY D 509 -1.33 3.49 -48.78
C GLY D 509 -2.03 2.32 -48.06
N ARG D 510 -2.08 1.23 -48.77
CA ARG D 510 -2.78 0.02 -48.33
C ARG D 510 -2.22 -1.21 -48.99
N PHE D 511 -2.46 -2.38 -48.35
CA PHE D 511 -2.08 -3.68 -48.93
C PHE D 511 -3.28 -4.20 -49.72
N GLU D 512 -3.03 -4.64 -50.96
CA GLU D 512 -3.99 -5.30 -51.91
C GLU D 512 -3.26 -6.55 -52.41
N LYS D 513 -3.85 -7.75 -52.30
CA LYS D 513 -3.18 -9.02 -52.71
C LYS D 513 -1.79 -9.06 -52.07
N GLY D 514 -1.63 -8.51 -50.85
CA GLY D 514 -0.34 -8.47 -50.11
C GLY D 514 0.71 -7.57 -50.76
N LYS D 515 0.33 -6.77 -51.76
CA LYS D 515 1.24 -5.76 -52.34
C LYS D 515 0.86 -4.38 -51.82
N TRP D 516 1.85 -3.55 -51.50
CA TRP D 516 1.64 -2.14 -51.13
C TRP D 516 1.14 -1.32 -52.33
N VAL D 517 0.09 -0.57 -52.10
CA VAL D 517 -0.47 0.34 -53.15
C VAL D 517 -0.39 1.73 -52.57
N MET D 518 0.36 2.61 -53.20
N MET D 518 0.35 2.61 -53.21
CA MET D 518 0.49 4.01 -52.73
CA MET D 518 0.49 4.00 -52.75
C MET D 518 -0.78 4.80 -53.11
C MET D 518 -0.78 4.80 -53.11
N GLU D 519 -1.28 5.58 -52.16
CA GLU D 519 -2.44 6.49 -52.40
C GLU D 519 -1.90 7.91 -52.61
N ARG D 520 -1.02 8.36 -51.74
CA ARG D 520 -0.47 9.73 -51.79
C ARG D 520 0.81 9.80 -50.99
N VAL D 521 1.57 10.82 -51.21
CA VAL D 521 2.80 11.10 -50.45
C VAL D 521 2.45 12.14 -49.43
N TRP D 522 2.70 11.90 -48.15
CA TRP D 522 2.70 13.01 -47.18
C TRP D 522 3.99 13.81 -47.34
N ASN D 523 3.86 15.11 -47.34
CA ASN D 523 5.02 16.03 -47.42
C ASN D 523 4.64 17.40 -46.88
N GLY D 524 5.57 18.34 -46.88
CA GLY D 524 5.28 19.70 -46.42
C GLY D 524 4.65 19.72 -45.06
N ASP D 525 3.53 20.38 -44.90
CA ASP D 525 2.89 20.55 -43.58
C ASP D 525 2.68 19.16 -42.94
N GLN D 526 2.33 18.14 -43.70
CA GLN D 526 1.97 16.82 -43.15
C GLN D 526 3.22 16.13 -42.53
N THR D 527 4.46 16.55 -42.83
CA THR D 527 5.69 15.89 -42.31
C THR D 527 6.59 16.86 -41.56
N ASP D 528 6.27 18.16 -41.58
CA ASP D 528 7.17 19.17 -40.97
C ASP D 528 7.13 19.09 -39.45
N TRP D 529 6.01 18.63 -38.91
CA TRP D 529 5.77 18.74 -37.44
C TRP D 529 5.50 17.32 -36.93
N GLY D 530 6.26 16.38 -37.42
CA GLY D 530 6.00 14.95 -37.15
C GLY D 530 4.90 14.40 -38.03
N LEU D 531 4.36 13.22 -37.68
CA LEU D 531 3.29 12.55 -38.46
C LEU D 531 2.06 12.60 -37.55
N ASN D 532 1.10 13.45 -37.85
CA ASN D 532 -0.06 13.73 -36.96
C ASN D 532 -1.25 12.88 -37.36
N PHE D 533 -1.83 12.15 -36.39
CA PHE D 533 -2.99 11.29 -36.60
C PHE D 533 -4.15 11.76 -35.74
N THR D 534 -5.36 11.64 -36.26
CA THR D 534 -6.57 12.00 -35.52
C THR D 534 -7.29 10.67 -35.23
N ASP D 535 -8.58 10.62 -35.44
CA ASP D 535 -9.33 9.37 -35.21
C ASP D 535 -9.48 8.58 -36.50
N ARG D 536 -9.05 9.13 -37.64
CA ARG D 536 -9.23 8.41 -38.90
C ARG D 536 -8.04 7.51 -39.21
N PRO D 537 -8.21 6.37 -39.86
CA PRO D 537 -7.09 5.48 -40.15
C PRO D 537 -6.20 5.96 -41.30
N HIS D 538 -4.90 5.91 -41.11
CA HIS D 538 -3.90 6.20 -42.18
C HIS D 538 -2.72 5.27 -41.94
N LEU D 539 -2.38 4.48 -42.92
CA LEU D 539 -1.24 3.56 -42.82
C LEU D 539 -0.09 4.16 -43.65
N LEU D 540 1.05 4.41 -43.01
CA LEU D 540 2.16 5.06 -43.73
C LEU D 540 3.37 4.13 -43.85
N ARG D 541 4.18 4.37 -44.89
CA ARG D 541 5.50 3.74 -45.08
C ARG D 541 6.49 4.90 -44.98
N VAL D 542 7.29 4.94 -43.96
CA VAL D 542 8.21 6.05 -43.65
C VAL D 542 9.64 5.65 -43.98
N LYS D 543 10.23 6.29 -45.00
CA LYS D 543 11.68 6.09 -45.33
C LYS D 543 12.50 7.28 -44.79
N MET D 544 13.47 7.02 -43.92
CA MET D 544 14.42 8.02 -43.38
C MET D 544 15.76 7.93 -44.11
N ALA D 545 16.52 9.04 -44.16
CA ALA D 545 17.85 9.02 -44.79
C ALA D 545 18.78 9.97 -44.06
N SER D 546 20.00 9.50 -43.81
CA SER D 546 21.14 10.38 -43.48
C SER D 546 21.78 10.78 -44.80
N TYR D 547 22.37 11.95 -44.82
CA TYR D 547 23.02 12.42 -46.06
C TYR D 547 24.22 13.26 -45.69
N SER D 548 25.18 13.25 -46.62
CA SER D 548 26.44 13.99 -46.44
C SER D 548 26.23 15.46 -46.76
N VAL D 549 26.86 16.37 -46.02
CA VAL D 549 26.92 17.81 -46.44
C VAL D 549 28.38 18.29 -46.57
N GLN D 550 29.37 17.38 -46.59
CA GLN D 550 30.82 17.77 -46.64
C GLN D 550 31.28 17.83 -48.11
N ALA E 12 -69.73 -18.03 -26.55
CA ALA E 12 -68.83 -17.22 -25.68
C ALA E 12 -69.46 -17.09 -24.31
N PRO E 13 -68.84 -17.61 -23.23
CA PRO E 13 -69.43 -17.42 -21.91
C PRO E 13 -69.33 -15.97 -21.43
N LEU E 14 -70.29 -15.58 -20.57
CA LEU E 14 -70.35 -14.22 -20.01
C LEU E 14 -69.11 -14.02 -19.16
N PRO E 15 -68.53 -12.81 -19.18
CA PRO E 15 -67.59 -12.40 -18.16
C PRO E 15 -68.25 -12.53 -16.77
N GLU E 16 -67.43 -12.89 -15.77
CA GLU E 16 -67.97 -12.99 -14.41
C GLU E 16 -66.84 -12.84 -13.40
N LEU E 17 -67.16 -12.27 -12.26
CA LEU E 17 -66.18 -12.16 -11.18
C LEU E 17 -66.42 -13.35 -10.24
N LEU E 18 -65.38 -14.16 -10.08
CA LEU E 18 -65.39 -15.35 -9.21
C LEU E 18 -64.67 -14.96 -7.92
N SER E 19 -65.17 -15.43 -6.77
CA SER E 19 -64.58 -15.17 -5.43
C SER E 19 -64.57 -16.49 -4.61
N ASN E 20 -63.40 -17.09 -4.42
CA ASN E 20 -63.35 -18.40 -3.71
C ASN E 20 -62.16 -18.37 -2.75
N ASN E 21 -62.37 -18.79 -1.48
CA ASN E 21 -61.27 -18.91 -0.48
C ASN E 21 -60.43 -17.61 -0.36
N GLY E 22 -61.04 -16.41 -0.35
CA GLY E 22 -60.33 -15.13 -0.18
C GLY E 22 -59.65 -14.61 -1.47
N LYS E 23 -59.81 -15.36 -2.57
CA LYS E 23 -59.15 -15.10 -3.86
C LYS E 23 -60.25 -14.73 -4.88
N HIS E 24 -59.86 -14.01 -5.92
CA HIS E 24 -60.81 -13.45 -6.89
C HIS E 24 -60.25 -13.54 -8.30
N ALA E 25 -61.12 -13.67 -9.28
CA ALA E 25 -60.68 -13.66 -10.69
C ALA E 25 -61.77 -13.03 -11.53
N LEU E 26 -61.38 -12.17 -12.47
CA LEU E 26 -62.32 -11.71 -13.50
C LEU E 26 -62.21 -12.70 -14.64
N MET E 27 -63.25 -13.48 -14.89
CA MET E 27 -63.24 -14.46 -16.00
C MET E 27 -63.68 -13.72 -17.25
N VAL E 28 -62.89 -13.81 -18.31
CA VAL E 28 -63.26 -13.25 -19.64
C VAL E 28 -63.00 -14.37 -20.63
N ASP E 29 -64.04 -14.75 -21.37
CA ASP E 29 -63.95 -15.86 -22.35
C ASP E 29 -63.51 -17.13 -21.62
N GLY E 30 -64.01 -17.32 -20.40
CA GLY E 30 -63.91 -18.63 -19.74
C GLY E 30 -62.59 -18.80 -19.00
N ALA E 31 -61.78 -17.75 -18.83
CA ALA E 31 -60.49 -17.89 -18.13
C ALA E 31 -60.14 -16.58 -17.43
N PRO E 32 -59.34 -16.59 -16.34
CA PRO E 32 -58.94 -15.36 -15.68
C PRO E 32 -58.27 -14.40 -16.67
N TYR E 33 -58.53 -13.14 -16.43
CA TYR E 33 -58.11 -12.01 -17.25
C TYR E 33 -57.60 -10.88 -16.36
N ILE E 34 -56.61 -10.15 -16.83
CA ILE E 34 -56.17 -8.92 -16.12
C ILE E 34 -56.53 -7.72 -17.01
N ILE E 35 -57.16 -6.71 -16.45
CA ILE E 35 -57.38 -5.44 -17.17
C ILE E 35 -56.14 -4.60 -17.12
N LEU E 36 -55.44 -4.51 -18.24
CA LEU E 36 -54.31 -3.58 -18.40
C LEU E 36 -54.93 -2.40 -19.14
N GLY E 37 -55.46 -1.49 -18.38
CA GLY E 37 -56.49 -0.57 -18.89
C GLY E 37 -55.95 0.80 -19.22
N SER E 38 -56.91 1.59 -19.66
CA SER E 38 -56.71 3.03 -19.85
C SER E 38 -58.11 3.63 -19.83
N GLN E 39 -58.26 4.78 -19.23
CA GLN E 39 -59.56 5.44 -19.28
C GLN E 39 -59.41 6.76 -20.05
N THR E 40 -60.42 7.07 -20.87
CA THR E 40 -60.36 8.37 -21.51
C THR E 40 -60.59 9.52 -20.53
N ASN E 41 -60.42 10.74 -21.00
CA ASN E 41 -60.94 11.91 -20.32
C ASN E 41 -62.48 11.92 -20.36
N ASN E 42 -63.10 12.80 -19.59
CA ASN E 42 -64.55 12.79 -19.29
C ASN E 42 -65.42 13.24 -20.48
N SER E 43 -64.81 13.86 -21.49
CA SER E 43 -65.56 14.41 -22.64
C SER E 43 -65.19 13.72 -23.95
N SER E 44 -64.82 12.47 -23.92
CA SER E 44 -64.28 11.70 -25.05
C SER E 44 -65.33 10.71 -25.54
N ASN E 45 -66.53 10.75 -24.97
CA ASN E 45 -67.59 9.72 -25.19
C ASN E 45 -68.44 10.06 -26.43
N TYR E 46 -67.78 10.49 -27.52
CA TYR E 46 -68.48 10.85 -28.78
C TYR E 46 -67.71 10.23 -29.90
N PRO E 47 -68.39 9.82 -31.01
CA PRO E 47 -67.71 9.26 -32.17
C PRO E 47 -66.52 10.11 -32.64
N ASP E 48 -66.64 11.44 -32.68
CA ASP E 48 -65.56 12.31 -33.22
C ASP E 48 -64.28 12.25 -32.38
N ALA E 49 -64.42 11.99 -31.08
CA ALA E 49 -63.29 12.02 -30.12
C ALA E 49 -62.53 10.70 -30.15
N LEU E 50 -63.08 9.60 -30.68
CA LEU E 50 -62.38 8.30 -30.60
C LEU E 50 -61.05 8.33 -31.38
N LYS E 51 -60.90 9.15 -32.44
CA LYS E 51 -59.62 9.17 -33.17
C LYS E 51 -58.54 9.71 -32.24
N ASP E 52 -58.91 10.40 -31.17
CA ASP E 52 -57.91 10.98 -30.23
C ASP E 52 -57.66 10.01 -29.05
N VAL E 53 -58.36 8.88 -29.06
CA VAL E 53 -58.27 7.85 -27.98
C VAL E 53 -57.47 6.67 -28.48
N TRP E 54 -57.78 6.10 -29.66
CA TRP E 54 -57.14 4.81 -30.03
C TRP E 54 -55.63 4.87 -30.08
N PRO E 55 -54.97 5.94 -30.64
CA PRO E 55 -53.53 5.91 -30.78
C PRO E 55 -52.87 5.74 -29.41
N SER E 56 -53.39 6.40 -28.40
CA SER E 56 -52.85 6.33 -27.01
C SER E 56 -52.99 4.86 -26.54
N MET E 57 -54.13 4.24 -26.77
CA MET E 57 -54.37 2.84 -26.29
C MET E 57 -53.36 1.91 -26.97
N GLU E 58 -53.07 2.10 -28.24
CA GLU E 58 -52.09 1.28 -29.01
C GLU E 58 -50.69 1.54 -28.43
N LYS E 59 -50.27 2.77 -28.26
CA LYS E 59 -48.93 3.10 -27.68
C LYS E 59 -48.81 2.52 -26.28
N MET E 60 -49.92 2.51 -25.53
CA MET E 60 -49.88 2.09 -24.11
C MET E 60 -49.80 0.56 -24.07
N GLY E 61 -50.30 -0.18 -25.06
CA GLY E 61 -50.40 -1.63 -25.04
C GLY E 61 -51.52 -2.03 -24.13
N ALA E 62 -52.50 -1.16 -23.92
CA ALA E 62 -53.67 -1.49 -23.07
C ALA E 62 -54.47 -2.62 -23.71
N ASN E 63 -55.13 -3.47 -22.93
CA ASN E 63 -56.03 -4.49 -23.51
C ASN E 63 -57.50 -4.10 -23.32
N THR E 64 -57.78 -3.08 -22.52
CA THR E 64 -59.16 -2.72 -22.11
C THR E 64 -59.26 -1.22 -22.02
N LEU E 65 -60.32 -0.64 -22.59
CA LEU E 65 -60.57 0.80 -22.50
C LEU E 65 -61.83 1.07 -21.67
N SER E 66 -61.69 1.89 -20.65
CA SER E 66 -62.81 2.42 -19.83
C SER E 66 -63.25 3.73 -20.50
N ILE E 67 -64.53 3.86 -20.75
CA ILE E 67 -65.01 5.12 -21.38
C ILE E 67 -66.43 5.35 -20.92
N PRO E 68 -66.88 6.62 -20.77
CA PRO E 68 -68.25 6.89 -20.35
C PRO E 68 -69.29 6.58 -21.42
N VAL E 69 -70.42 6.11 -20.97
CA VAL E 69 -71.71 6.24 -21.68
C VAL E 69 -72.56 7.12 -20.81
N ALA E 70 -73.05 8.24 -21.31
CA ALA E 70 -73.79 9.21 -20.49
C ALA E 70 -75.28 9.07 -20.65
N TRP E 71 -76.02 9.15 -19.54
CA TRP E 71 -77.49 9.14 -19.60
C TRP E 71 -77.95 10.30 -20.53
N GLU E 72 -77.27 11.44 -20.48
CA GLU E 72 -77.73 12.59 -21.34
C GLU E 72 -77.60 12.24 -22.84
N GLN E 73 -76.70 11.36 -23.23
CA GLN E 73 -76.49 11.04 -24.65
C GLN E 73 -77.37 9.91 -25.11
N ILE E 74 -77.71 8.93 -24.26
CA ILE E 74 -78.57 7.83 -24.75
C ILE E 74 -80.05 8.16 -24.61
N GLU E 75 -80.42 9.08 -23.73
CA GLU E 75 -81.84 9.40 -23.57
C GLU E 75 -82.03 10.90 -23.53
N PRO E 76 -81.68 11.72 -24.59
CA PRO E 76 -81.62 13.17 -24.55
C PRO E 76 -83.00 13.81 -24.33
N VAL E 77 -84.03 13.12 -24.77
CA VAL E 77 -85.48 13.44 -24.59
C VAL E 77 -86.08 12.18 -23.99
N GLU E 78 -86.89 12.36 -22.96
CA GLU E 78 -87.43 11.17 -22.24
C GLU E 78 -88.11 10.21 -23.23
N GLY E 79 -87.67 8.95 -23.23
CA GLY E 79 -88.30 7.88 -24.01
C GLY E 79 -87.71 7.79 -25.39
N GLN E 80 -86.83 8.71 -25.73
CA GLN E 80 -86.23 8.74 -27.09
C GLN E 80 -84.76 8.31 -26.99
N PHE E 81 -84.49 7.02 -27.16
CA PHE E 81 -83.13 6.46 -26.95
C PHE E 81 -82.29 6.61 -28.21
N ASP E 82 -81.01 6.84 -28.00
CA ASP E 82 -79.97 7.01 -29.04
C ASP E 82 -78.74 6.24 -28.61
N PHE E 83 -78.43 5.16 -29.30
CA PHE E 83 -77.27 4.32 -29.03
C PHE E 83 -76.20 4.50 -30.11
N SER E 84 -76.28 5.57 -30.89
CA SER E 84 -75.32 5.77 -32.02
C SER E 84 -73.85 5.77 -31.54
N PHE E 85 -73.58 6.30 -30.35
CA PHE E 85 -72.20 6.34 -29.87
C PHE E 85 -71.79 4.89 -29.54
N VAL E 86 -72.68 4.14 -28.91
CA VAL E 86 -72.32 2.77 -28.43
C VAL E 86 -72.11 1.86 -29.62
N ASP E 87 -72.87 2.06 -30.72
CA ASP E 87 -72.64 1.31 -31.97
C ASP E 87 -71.22 1.49 -32.48
N VAL E 88 -70.80 2.75 -32.70
CA VAL E 88 -69.49 3.14 -33.24
C VAL E 88 -68.40 2.60 -32.30
N LEU E 89 -68.61 2.82 -30.99
CA LEU E 89 -67.57 2.41 -30.01
C LEU E 89 -67.36 0.90 -30.07
N LEU E 90 -68.43 0.13 -30.06
CA LEU E 90 -68.29 -1.35 -30.14
C LEU E 90 -67.52 -1.72 -31.40
N LYS E 91 -67.94 -1.17 -32.55
CA LYS E 91 -67.29 -1.57 -33.81
C LYS E 91 -65.81 -1.21 -33.81
N GLU E 92 -65.46 -0.02 -33.33
CA GLU E 92 -64.08 0.47 -33.42
C GLU E 92 -63.24 -0.35 -32.44
N ALA E 93 -63.79 -0.65 -31.23
CA ALA E 93 -63.05 -1.48 -30.24
C ALA E 93 -62.75 -2.85 -30.87
N ARG E 94 -63.72 -3.45 -31.55
CA ARG E 94 -63.49 -4.79 -32.13
C ARG E 94 -62.42 -4.72 -33.20
N GLN E 95 -62.43 -3.63 -33.97
CA GLN E 95 -61.42 -3.49 -35.04
C GLN E 95 -60.03 -3.50 -34.41
N ARG E 96 -59.88 -2.84 -33.24
CA ARG E 96 -58.59 -2.71 -32.55
C ARG E 96 -58.33 -3.89 -31.61
N LYS E 97 -59.22 -4.88 -31.57
CA LYS E 97 -59.12 -6.12 -30.72
C LYS E 97 -58.86 -5.75 -29.27
N VAL E 98 -59.59 -4.78 -28.78
CA VAL E 98 -59.59 -4.47 -27.34
C VAL E 98 -61.00 -4.65 -26.77
N ARG E 99 -61.02 -4.72 -25.45
CA ARG E 99 -62.29 -4.88 -24.75
C ARG E 99 -62.65 -3.55 -24.10
N LEU E 100 -63.89 -3.45 -23.63
CA LEU E 100 -64.38 -2.20 -23.04
C LEU E 100 -64.92 -2.39 -21.60
N VAL E 101 -64.73 -1.38 -20.83
CA VAL E 101 -65.54 -1.18 -19.58
C VAL E 101 -66.35 0.10 -19.84
N LEU E 102 -67.66 0.03 -19.85
CA LEU E 102 -68.54 1.20 -19.98
C LEU E 102 -68.75 1.83 -18.63
N LEU E 103 -68.64 3.13 -18.52
CA LEU E 103 -68.90 3.87 -17.27
C LEU E 103 -70.25 4.57 -17.37
N TRP E 104 -71.23 4.13 -16.60
CA TRP E 104 -72.60 4.67 -16.66
C TRP E 104 -72.64 5.97 -15.89
N PHE E 105 -72.56 7.11 -16.60
CA PHE E 105 -72.60 8.43 -15.98
C PHE E 105 -74.04 8.89 -15.93
N ALA E 106 -74.65 8.88 -14.76
CA ALA E 106 -76.10 9.06 -14.68
C ALA E 106 -76.47 9.91 -13.46
N THR E 107 -77.13 9.31 -12.45
CA THR E 107 -77.57 10.09 -11.30
C THR E 107 -76.39 10.76 -10.62
N TRP E 108 -75.27 10.07 -10.45
CA TRP E 108 -74.04 10.67 -9.92
C TRP E 108 -72.86 10.50 -10.88
N LYS E 109 -72.16 11.60 -11.05
CA LYS E 109 -70.85 11.71 -11.67
C LYS E 109 -70.12 12.74 -10.82
N ASN E 110 -69.20 12.25 -10.01
CA ASN E 110 -68.46 13.08 -9.03
C ASN E 110 -69.46 13.81 -8.13
N ASN E 111 -70.43 13.10 -7.62
CA ASN E 111 -71.46 13.60 -6.67
C ASN E 111 -72.61 14.35 -7.34
N ALA E 112 -72.50 14.68 -8.65
CA ALA E 112 -73.40 15.66 -9.30
C ALA E 112 -74.16 14.99 -10.44
N PRO E 113 -75.29 15.60 -10.90
CA PRO E 113 -76.14 15.09 -11.97
C PRO E 113 -75.79 15.74 -13.34
N HIS E 114 -74.54 16.14 -13.56
CA HIS E 114 -74.25 16.90 -14.82
C HIS E 114 -74.45 16.04 -16.08
N TYR E 115 -74.29 14.73 -16.03
CA TYR E 115 -74.46 13.81 -17.17
C TYR E 115 -75.88 13.25 -17.27
N ALA E 116 -76.75 13.62 -16.36
CA ALA E 116 -78.17 13.34 -16.48
C ALA E 116 -78.75 14.26 -17.57
N PRO E 117 -79.76 13.78 -18.30
CA PRO E 117 -80.44 14.59 -19.28
C PRO E 117 -80.95 15.90 -18.73
N ALA E 118 -81.10 16.93 -19.59
CA ALA E 118 -81.65 18.22 -19.17
C ALA E 118 -83.01 18.06 -18.49
N TRP E 119 -83.87 17.17 -18.96
CA TRP E 119 -85.25 16.96 -18.44
C TRP E 119 -85.14 16.26 -17.06
N VAL E 120 -83.95 15.78 -16.67
CA VAL E 120 -83.76 15.29 -15.27
C VAL E 120 -83.11 16.38 -14.44
N LYS E 121 -81.92 16.84 -14.84
CA LYS E 121 -81.11 17.68 -13.95
C LYS E 121 -81.71 19.05 -13.78
N LEU E 122 -82.60 19.50 -14.68
CA LEU E 122 -83.21 20.83 -14.51
C LEU E 122 -84.58 20.73 -13.86
N ASP E 123 -85.03 19.55 -13.41
CA ASP E 123 -86.39 19.38 -12.80
C ASP E 123 -86.22 18.84 -11.36
N ASN E 124 -86.01 19.75 -10.44
CA ASN E 124 -85.75 19.38 -9.03
C ASN E 124 -87.03 18.87 -8.39
N ALA E 125 -88.20 19.35 -8.78
CA ALA E 125 -89.47 18.88 -8.16
C ALA E 125 -89.63 17.35 -8.37
N ARG E 126 -89.37 16.87 -9.57
CA ARG E 126 -89.52 15.46 -9.95
C ARG E 126 -88.31 14.64 -9.46
N PHE E 127 -87.10 15.22 -9.56
CA PHE E 127 -85.79 14.57 -9.35
C PHE E 127 -85.02 15.38 -8.32
N PRO E 128 -85.32 15.20 -7.00
CA PRO E 128 -84.85 16.16 -6.01
C PRO E 128 -83.42 15.98 -5.50
N ARG E 129 -82.85 17.12 -5.17
CA ARG E 129 -81.49 17.30 -4.64
C ARG E 129 -81.48 17.15 -3.12
N VAL E 130 -80.33 16.74 -2.64
CA VAL E 130 -79.98 16.73 -1.22
C VAL E 130 -80.21 18.11 -0.67
N VAL E 131 -80.86 18.17 0.49
CA VAL E 131 -81.08 19.43 1.21
C VAL E 131 -80.20 19.40 2.45
N LYS E 132 -79.48 20.47 2.69
CA LYS E 132 -78.56 20.57 3.87
C LYS E 132 -79.41 20.75 5.13
N GLU E 133 -78.81 20.54 6.29
CA GLU E 133 -79.46 20.74 7.61
C GLU E 133 -79.98 22.19 7.73
N ASP E 134 -79.25 23.17 7.18
CA ASP E 134 -79.60 24.63 7.20
C ASP E 134 -80.67 24.96 6.15
N GLY E 135 -81.07 23.99 5.33
CA GLY E 135 -82.13 24.20 4.34
C GLY E 135 -81.60 24.64 2.98
N ASP E 136 -80.31 24.88 2.81
CA ASP E 136 -79.78 25.18 1.44
C ASP E 136 -79.74 23.86 0.65
N THR E 137 -79.77 23.97 -0.67
CA THR E 137 -79.82 22.79 -1.57
C THR E 137 -78.44 22.60 -2.17
N LEU E 138 -77.96 21.37 -2.27
CA LEU E 138 -76.70 21.06 -3.02
C LEU E 138 -77.00 20.44 -4.39
N ASN E 139 -76.07 20.57 -5.33
CA ASN E 139 -76.26 19.98 -6.68
C ASN E 139 -75.79 18.49 -6.69
N SER E 140 -76.54 17.65 -5.95
CA SER E 140 -76.31 16.20 -5.75
C SER E 140 -77.71 15.60 -5.59
N LEU E 141 -78.15 14.70 -6.46
CA LEU E 141 -79.52 14.15 -6.41
C LEU E 141 -79.67 13.23 -5.18
N SER E 142 -80.76 13.38 -4.50
CA SER E 142 -81.05 12.52 -3.30
C SER E 142 -81.24 11.10 -3.75
N PRO E 143 -80.61 10.11 -3.03
CA PRO E 143 -80.91 8.71 -3.27
C PRO E 143 -82.30 8.25 -2.76
N LEU E 144 -83.07 9.12 -2.13
CA LEU E 144 -84.47 8.79 -1.74
C LEU E 144 -85.46 9.36 -2.77
N GLY E 145 -84.95 9.94 -3.87
CA GLY E 145 -85.90 10.36 -4.92
C GLY E 145 -86.31 9.14 -5.73
N GLN E 146 -87.54 8.69 -5.56
CA GLN E 146 -88.00 7.46 -6.22
C GLN E 146 -88.18 7.67 -7.73
N ASN E 147 -88.52 8.88 -8.17
CA ASN E 147 -88.65 9.09 -9.63
C ASN E 147 -87.28 8.96 -10.28
N THR E 148 -86.26 9.44 -9.63
CA THR E 148 -84.84 9.49 -10.15
C THR E 148 -84.38 8.06 -10.31
N LEU E 149 -84.62 7.26 -9.27
CA LEU E 149 -84.26 5.84 -9.34
C LEU E 149 -84.98 5.17 -10.48
N ALA E 150 -86.30 5.39 -10.65
CA ALA E 150 -87.08 4.70 -11.72
C ALA E 150 -86.51 5.11 -13.08
N ALA E 151 -86.23 6.39 -13.22
CA ALA E 151 -85.76 6.94 -14.52
C ALA E 151 -84.33 6.46 -14.89
N ASP E 152 -83.39 6.40 -13.95
CA ASP E 152 -82.01 5.91 -14.19
C ASP E 152 -82.10 4.44 -14.51
N LYS E 153 -82.86 3.70 -13.72
CA LYS E 153 -83.04 2.25 -13.95
C LYS E 153 -83.56 2.04 -15.38
N LYS E 154 -84.59 2.78 -15.80
CA LYS E 154 -85.18 2.54 -17.13
C LYS E 154 -84.07 2.70 -18.17
N ALA E 155 -83.32 3.77 -18.08
CA ALA E 155 -82.32 4.07 -19.14
C ALA E 155 -81.20 3.02 -19.12
N PHE E 156 -80.75 2.67 -17.91
CA PHE E 156 -79.71 1.63 -17.74
C PHE E 156 -80.18 0.32 -18.38
N VAL E 157 -81.42 -0.02 -18.16
CA VAL E 157 -82.01 -1.25 -18.73
C VAL E 157 -81.99 -1.15 -20.25
N GLU E 158 -82.35 0.02 -20.80
CA GLU E 158 -82.28 0.17 -22.31
C GLU E 158 -80.83 0.01 -22.77
N LEU E 159 -79.84 0.55 -22.04
CA LEU E 159 -78.41 0.37 -22.42
C LEU E 159 -78.06 -1.11 -22.37
N MET E 160 -78.51 -1.83 -21.32
CA MET E 160 -78.12 -3.25 -21.25
C MET E 160 -78.88 -4.08 -22.30
N LYS E 161 -80.04 -3.64 -22.73
CA LYS E 161 -80.73 -4.35 -23.84
C LYS E 161 -79.98 -4.16 -25.14
N TYR E 162 -79.34 -3.00 -25.28
CA TYR E 162 -78.57 -2.74 -26.50
C TYR E 162 -77.40 -3.72 -26.53
N LEU E 163 -76.67 -3.85 -25.42
CA LEU E 163 -75.54 -4.80 -25.37
C LEU E 163 -76.04 -6.24 -25.54
N ALA E 164 -77.15 -6.61 -24.91
CA ALA E 164 -77.69 -7.97 -25.03
C ALA E 164 -77.96 -8.27 -26.48
N LYS E 165 -78.45 -7.29 -27.25
CA LYS E 165 -78.72 -7.65 -28.67
C LYS E 165 -77.55 -7.37 -29.60
N ARG E 166 -76.65 -6.46 -29.30
CA ARG E 166 -75.58 -6.08 -30.26
C ARG E 166 -74.18 -6.41 -29.81
N ASP E 167 -74.02 -7.11 -28.69
CA ASP E 167 -72.68 -7.45 -28.13
C ASP E 167 -72.62 -8.88 -27.58
N LYS E 168 -72.92 -9.83 -28.43
CA LYS E 168 -72.97 -11.29 -28.20
C LYS E 168 -71.58 -11.83 -27.78
N ASP E 169 -70.46 -11.22 -28.23
CA ASP E 169 -69.09 -11.75 -27.97
C ASP E 169 -68.53 -11.00 -26.77
N HIS E 170 -69.34 -10.16 -26.09
CA HIS E 170 -68.96 -9.48 -24.82
C HIS E 170 -67.70 -8.61 -25.04
N THR E 171 -67.72 -7.79 -26.09
CA THR E 171 -66.69 -6.75 -26.23
C THR E 171 -66.64 -5.97 -24.90
N VAL E 172 -67.83 -5.60 -24.38
CA VAL E 172 -68.01 -4.96 -23.05
C VAL E 172 -67.92 -6.09 -22.03
N ILE E 173 -66.87 -6.06 -21.23
CA ILE E 173 -66.68 -7.10 -20.17
C ILE E 173 -67.17 -6.66 -18.80
N MET E 174 -67.35 -5.39 -18.54
CA MET E 174 -67.79 -4.91 -17.20
C MET E 174 -68.43 -3.52 -17.33
N VAL E 175 -69.29 -3.19 -16.41
CA VAL E 175 -69.99 -1.88 -16.40
C VAL E 175 -69.83 -1.25 -15.04
N GLN E 176 -69.44 0.01 -15.02
CA GLN E 176 -69.36 0.82 -13.78
C GLN E 176 -70.69 1.50 -13.64
N VAL E 177 -71.39 1.28 -12.51
CA VAL E 177 -72.73 1.82 -12.29
C VAL E 177 -72.51 3.13 -11.57
N GLN E 178 -72.84 4.28 -12.17
CA GLN E 178 -72.54 5.62 -11.69
C GLN E 178 -71.01 5.90 -11.70
N ASN E 179 -70.61 7.07 -11.22
CA ASN E 179 -69.17 7.43 -11.19
C ASN E 179 -68.94 8.29 -9.96
N GLU E 180 -68.25 7.76 -8.97
CA GLU E 180 -67.93 8.52 -7.72
C GLU E 180 -69.21 9.08 -7.15
N VAL E 181 -70.04 8.19 -6.64
CA VAL E 181 -71.29 8.61 -5.97
C VAL E 181 -71.00 9.31 -4.65
N GLY E 182 -72.01 9.94 -4.12
CA GLY E 182 -71.90 10.66 -2.85
C GLY E 182 -72.27 12.11 -2.93
N THR E 183 -71.97 12.84 -1.89
CA THR E 183 -72.29 14.25 -1.75
C THR E 183 -71.15 15.00 -1.06
N TYR E 184 -70.76 16.12 -1.69
CA TYR E 184 -69.84 17.11 -1.14
C TYR E 184 -70.70 18.18 -0.49
N GLY E 185 -70.28 18.65 0.70
CA GLY E 185 -70.88 19.82 1.35
C GLY E 185 -71.95 19.45 2.36
N ALA E 186 -72.41 18.19 2.45
CA ALA E 186 -73.38 17.73 3.45
C ALA E 186 -73.12 16.22 3.71
N VAL E 187 -73.58 15.70 4.84
CA VAL E 187 -73.29 14.26 5.14
C VAL E 187 -74.40 13.39 4.56
N ARG E 188 -75.61 13.91 4.44
CA ARG E 188 -76.75 13.15 3.89
C ARG E 188 -77.82 14.12 3.38
N ASP E 189 -78.93 13.61 2.89
CA ASP E 189 -80.09 14.48 2.59
C ASP E 189 -80.80 14.82 3.90
N TYR E 190 -81.04 16.09 4.20
CA TYR E 190 -81.84 16.51 5.38
C TYR E 190 -83.22 17.04 4.95
N SER E 191 -83.69 16.65 3.77
CA SER E 191 -85.03 17.05 3.32
C SER E 191 -86.07 16.40 4.26
N PRO E 192 -87.29 16.94 4.31
CA PRO E 192 -88.39 16.27 5.04
C PRO E 192 -88.59 14.82 4.59
N MET E 193 -88.56 14.55 3.29
CA MET E 193 -88.66 13.17 2.71
C MET E 193 -87.53 12.32 3.35
N ALA E 194 -86.28 12.79 3.28
CA ALA E 194 -85.12 12.02 3.83
C ALA E 194 -85.26 11.82 5.36
N GLN E 195 -85.61 12.88 6.08
CA GLN E 195 -85.66 12.91 7.56
C GLN E 195 -86.76 11.93 8.03
N ALA E 196 -87.84 11.76 7.29
CA ALA E 196 -88.91 10.80 7.70
C ALA E 196 -88.38 9.36 7.55
N VAL E 197 -87.50 9.09 6.58
CA VAL E 197 -86.88 7.72 6.46
C VAL E 197 -85.82 7.49 7.56
N PHE E 198 -85.05 8.52 7.84
CA PHE E 198 -84.01 8.50 8.90
C PHE E 198 -84.65 8.28 10.28
N ASN E 199 -85.72 9.00 10.57
CA ASN E 199 -86.37 8.90 11.91
C ASN E 199 -87.01 7.52 12.08
N ALA E 200 -87.26 6.77 10.97
CA ALA E 200 -87.91 5.43 11.02
C ALA E 200 -86.90 4.32 11.33
N ALA E 201 -87.42 3.11 11.47
CA ALA E 201 -86.66 1.89 11.84
C ALA E 201 -85.55 1.72 10.83
N VAL E 202 -84.33 1.39 11.27
CA VAL E 202 -83.31 0.90 10.27
C VAL E 202 -83.86 -0.39 9.68
N PRO E 203 -83.83 -0.60 8.32
CA PRO E 203 -84.35 -1.81 7.67
C PRO E 203 -83.81 -3.11 8.27
N ASP E 204 -84.71 -4.10 8.42
CA ASP E 204 -84.41 -5.33 9.17
C ASP E 204 -83.28 -6.08 8.43
N ASP E 205 -83.20 -6.06 7.11
CA ASP E 205 -82.18 -6.85 6.38
C ASP E 205 -80.78 -6.39 6.84
N LEU E 206 -80.62 -5.08 7.06
CA LEU E 206 -79.30 -4.47 7.39
C LEU E 206 -78.99 -4.84 8.82
N ILE E 207 -79.96 -4.62 9.70
CA ILE E 207 -79.85 -5.02 11.13
C ILE E 207 -79.44 -6.49 11.14
N GLN E 208 -80.08 -7.38 10.37
CA GLN E 208 -79.76 -8.86 10.44
C GLN E 208 -78.30 -9.08 9.99
N LYS E 209 -77.88 -8.50 8.88
CA LYS E 209 -76.55 -8.78 8.29
C LYS E 209 -75.44 -8.20 9.14
N LEU E 210 -75.65 -7.04 9.72
CA LEU E 210 -74.66 -6.61 10.74
C LEU E 210 -75.04 -7.29 12.08
N GLN E 211 -74.30 -7.14 13.14
CA GLN E 211 -74.74 -7.94 14.33
C GLN E 211 -75.53 -7.03 15.27
N LEU E 212 -76.64 -6.39 14.84
CA LEU E 212 -77.12 -5.19 15.60
C LEU E 212 -78.49 -5.38 16.25
N LYS E 213 -78.79 -4.51 17.21
CA LYS E 213 -80.08 -4.40 17.96
C LYS E 213 -81.01 -3.46 17.19
N PRO E 214 -82.29 -3.88 16.87
CA PRO E 214 -83.40 -3.10 16.12
C PRO E 214 -83.45 -1.67 16.71
N GLY E 215 -83.79 -0.69 15.83
CA GLY E 215 -83.91 0.72 16.28
C GLY E 215 -83.90 1.68 15.10
N THR E 216 -83.96 2.98 15.39
CA THR E 216 -83.93 4.00 14.35
C THR E 216 -82.48 4.23 13.99
N TRP E 217 -82.25 5.01 12.92
CA TRP E 217 -80.88 5.28 12.48
C TRP E 217 -80.08 5.90 13.62
N SER E 218 -80.61 6.92 14.26
CA SER E 218 -79.88 7.61 15.36
C SER E 218 -79.63 6.64 16.51
N GLN E 219 -80.58 5.76 16.76
CA GLN E 219 -80.37 4.82 17.92
C GLN E 219 -79.32 3.76 17.59
N VAL E 220 -79.38 3.18 16.39
CA VAL E 220 -78.46 2.05 16.06
C VAL E 220 -77.03 2.56 15.83
N PHE E 221 -76.83 3.70 15.15
CA PHE E 221 -75.46 4.06 14.69
C PHE E 221 -74.83 5.27 15.41
N GLY E 222 -75.60 6.04 16.19
CA GLY E 222 -75.07 7.14 17.04
C GLY E 222 -74.38 8.20 16.21
N ARG E 223 -73.10 8.48 16.46
CA ARG E 223 -72.30 9.55 15.80
C ARG E 223 -72.15 9.19 14.30
N ASP E 224 -72.39 7.95 13.87
CA ASP E 224 -72.16 7.58 12.45
C ASP E 224 -73.48 7.51 11.70
N ALA E 225 -74.59 7.85 12.32
CA ALA E 225 -75.93 7.62 11.75
C ALA E 225 -76.04 8.39 10.44
N ASP E 226 -75.64 9.66 10.43
CA ASP E 226 -75.90 10.50 9.22
C ASP E 226 -75.16 9.90 8.01
N GLU E 227 -73.89 9.57 8.18
CA GLU E 227 -73.03 9.10 7.04
C GLU E 227 -73.44 7.67 6.68
N PHE E 228 -73.72 6.81 7.66
CA PHE E 228 -74.10 5.43 7.31
C PHE E 228 -75.46 5.42 6.61
N PHE E 229 -76.35 6.34 6.95
CA PHE E 229 -77.68 6.44 6.28
C PHE E 229 -77.49 6.84 4.80
N HIS E 230 -76.69 7.84 4.54
CA HIS E 230 -76.40 8.23 3.12
C HIS E 230 -75.76 7.06 2.37
N ALA E 231 -74.75 6.40 2.94
CA ALA E 231 -74.10 5.26 2.27
C ALA E 231 -75.15 4.20 1.99
N TYR E 232 -75.98 3.89 3.00
CA TYR E 232 -76.98 2.83 2.82
C TYR E 232 -77.93 3.19 1.66
N GLN E 233 -78.44 4.41 1.66
CA GLN E 233 -79.48 4.80 0.65
C GLN E 233 -78.83 4.79 -0.75
N ILE E 234 -77.62 5.28 -0.86
CA ILE E 234 -76.92 5.26 -2.18
C ILE E 234 -76.63 3.83 -2.60
N ALA E 235 -76.10 3.02 -1.69
CA ALA E 235 -75.77 1.64 -2.03
C ALA E 235 -77.06 0.94 -2.48
N ARG E 236 -78.20 1.19 -1.81
CA ARG E 236 -79.50 0.57 -2.19
C ARG E 236 -79.89 1.04 -3.59
N TYR E 237 -79.76 2.31 -3.84
CA TYR E 237 -80.10 2.86 -5.20
C TYR E 237 -79.24 2.19 -6.24
N CYS E 238 -77.93 2.15 -6.00
CA CYS E 238 -76.99 1.52 -6.97
C CYS E 238 -77.27 0.04 -7.15
N ASP E 239 -77.56 -0.66 -6.08
CA ASP E 239 -77.89 -2.09 -6.20
C ASP E 239 -79.16 -2.29 -7.08
N GLU E 240 -80.18 -1.46 -6.94
CA GLU E 240 -81.44 -1.59 -7.68
C GLU E 240 -81.15 -1.37 -9.18
N VAL E 241 -80.32 -0.39 -9.50
CA VAL E 241 -79.95 -0.13 -10.93
C VAL E 241 -79.21 -1.36 -11.45
N THR E 242 -78.23 -1.83 -10.70
CA THR E 242 -77.41 -3.01 -11.04
C THR E 242 -78.28 -4.25 -11.28
N VAL E 243 -79.23 -4.56 -10.38
CA VAL E 243 -80.07 -5.77 -10.49
C VAL E 243 -80.86 -5.67 -11.77
N ALA E 244 -81.45 -4.48 -12.02
CA ALA E 244 -82.31 -4.28 -13.20
C ALA E 244 -81.50 -4.54 -14.49
N GLY E 245 -80.29 -4.01 -14.55
CA GLY E 245 -79.44 -4.20 -15.72
C GLY E 245 -78.96 -5.63 -15.86
N LYS E 246 -78.56 -6.27 -14.74
CA LYS E 246 -78.10 -7.68 -14.78
C LYS E 246 -79.23 -8.59 -15.22
N ALA E 247 -80.48 -8.27 -14.91
CA ALA E 247 -81.65 -9.06 -15.33
C ALA E 247 -81.69 -9.08 -16.87
N ILE E 248 -81.15 -8.06 -17.54
CA ILE E 248 -81.12 -8.07 -19.04
C ILE E 248 -79.86 -8.83 -19.50
N LYS E 249 -78.71 -8.49 -18.93
CA LYS E 249 -77.44 -9.12 -19.34
C LYS E 249 -76.55 -9.10 -18.12
N ASN E 250 -76.20 -10.28 -17.64
CA ASN E 250 -75.54 -10.44 -16.31
C ASN E 250 -74.02 -10.23 -16.42
N LEU E 251 -73.54 -9.04 -16.81
CA LEU E 251 -72.12 -8.69 -16.76
C LEU E 251 -71.74 -8.32 -15.33
N PRO E 252 -70.43 -8.39 -14.91
CA PRO E 252 -69.74 -7.87 -13.66
C PRO E 252 -70.15 -6.39 -13.69
N MET E 253 -70.50 -5.82 -12.55
CA MET E 253 -70.78 -4.39 -12.44
C MET E 253 -70.15 -3.91 -11.15
N TYR E 254 -69.61 -2.73 -11.15
CA TYR E 254 -68.89 -2.26 -9.93
C TYR E 254 -69.14 -0.78 -9.72
N VAL E 255 -68.66 -0.27 -8.62
CA VAL E 255 -68.71 1.13 -8.23
C VAL E 255 -67.31 1.59 -7.94
N ASN E 256 -67.03 2.84 -8.23
CA ASN E 256 -65.69 3.41 -8.07
C ASN E 256 -65.77 4.50 -7.01
N VAL E 257 -64.77 4.57 -6.17
CA VAL E 257 -64.84 5.45 -4.98
C VAL E 257 -63.93 6.70 -5.11
N ALA E 258 -64.52 7.84 -4.81
CA ALA E 258 -63.79 9.08 -4.54
C ALA E 258 -63.23 8.89 -3.13
N LEU E 259 -62.02 8.43 -3.04
CA LEU E 259 -61.41 8.02 -1.72
C LEU E 259 -61.31 9.16 -0.75
N ARG E 260 -61.45 8.79 0.50
CA ARG E 260 -60.94 9.64 1.59
C ARG E 260 -59.56 9.20 1.95
N ASN E 261 -58.77 10.13 2.47
CA ASN E 261 -57.37 9.86 2.84
C ASN E 261 -57.46 8.86 3.99
N PRO E 262 -56.80 7.70 3.90
CA PRO E 262 -57.04 6.63 4.88
C PRO E 262 -56.35 6.94 6.21
N PHE E 263 -55.38 7.88 6.22
CA PHE E 263 -54.62 8.28 7.44
C PHE E 263 -55.14 9.56 8.10
N ASN E 264 -55.92 10.36 7.38
CA ASN E 264 -56.32 11.71 7.80
C ASN E 264 -57.51 12.08 6.93
N PRO E 265 -58.64 11.35 7.07
CA PRO E 265 -59.77 11.48 6.17
C PRO E 265 -60.51 12.80 6.20
N GLY E 266 -60.50 13.46 7.35
CA GLY E 266 -61.38 14.61 7.61
C GLY E 266 -62.84 14.17 7.73
N LEU E 267 -63.79 15.05 7.40
CA LEU E 267 -65.21 14.82 7.72
C LEU E 267 -65.98 14.43 6.47
N PRO E 268 -67.01 13.59 6.64
CA PRO E 268 -67.88 13.26 5.52
C PRO E 268 -68.49 14.60 5.01
N GLY E 269 -68.50 14.79 3.69
CA GLY E 269 -68.94 16.07 3.12
C GLY E 269 -67.73 16.88 2.68
N GLN E 270 -66.59 16.75 3.37
CA GLN E 270 -65.31 17.29 2.85
C GLN E 270 -64.86 16.28 1.82
N TYR E 271 -64.89 15.00 2.20
CA TYR E 271 -64.79 13.91 1.24
C TYR E 271 -66.20 13.59 0.75
N SER E 272 -66.30 12.78 -0.27
CA SER E 272 -67.61 12.44 -0.87
C SER E 272 -68.40 11.50 0.06
N SER E 273 -69.33 12.07 0.79
CA SER E 273 -70.12 11.32 1.81
C SER E 273 -71.00 10.29 1.11
N GLY E 274 -71.03 9.08 1.58
CA GLY E 274 -71.94 8.08 1.06
C GLY E 274 -71.31 7.14 0.08
N GLY E 275 -70.20 7.50 -0.55
CA GLY E 275 -69.49 6.58 -1.39
C GLY E 275 -68.96 5.39 -0.59
N GLY E 276 -68.33 4.45 -1.28
CA GLY E 276 -67.66 3.29 -0.65
C GLY E 276 -66.32 3.65 -0.01
N THR E 277 -66.30 4.63 0.87
CA THR E 277 -65.06 4.94 1.64
C THR E 277 -64.77 3.84 2.66
N ASP E 278 -63.55 3.81 3.13
CA ASP E 278 -63.03 2.63 3.87
C ASP E 278 -63.91 2.37 5.09
N ASN E 279 -64.54 3.40 5.63
CA ASN E 279 -65.35 3.31 6.86
C ASN E 279 -66.80 2.83 6.61
N VAL E 280 -67.31 2.73 5.41
CA VAL E 280 -68.69 2.31 5.14
C VAL E 280 -68.67 1.13 4.20
N LEU E 281 -67.53 0.46 4.06
CA LEU E 281 -67.47 -0.74 3.19
C LEU E 281 -68.42 -1.76 3.74
N HIS E 282 -68.49 -1.87 5.07
CA HIS E 282 -69.45 -2.88 5.67
C HIS E 282 -70.91 -2.55 5.31
N ILE E 283 -71.26 -1.27 5.22
CA ILE E 283 -72.62 -0.82 4.86
C ILE E 283 -72.83 -1.17 3.40
N TRP E 284 -71.85 -0.82 2.54
CA TRP E 284 -71.99 -1.13 1.11
C TRP E 284 -72.15 -2.62 0.84
N LYS E 285 -71.40 -3.49 1.50
CA LYS E 285 -71.44 -4.93 1.18
C LYS E 285 -72.77 -5.55 1.69
N ALA E 286 -73.31 -5.03 2.77
CA ALA E 286 -74.62 -5.49 3.28
C ALA E 286 -75.74 -4.99 2.37
N ALA E 287 -75.69 -3.73 2.00
CA ALA E 287 -76.81 -3.06 1.30
C ALA E 287 -76.84 -3.52 -0.13
N ALA E 288 -75.67 -3.75 -0.77
CA ALA E 288 -75.60 -3.90 -2.25
C ALA E 288 -75.00 -5.22 -2.63
N PRO E 289 -75.64 -6.36 -2.34
CA PRO E 289 -75.00 -7.65 -2.57
C PRO E 289 -74.88 -8.01 -4.05
N ASN E 290 -75.62 -7.29 -4.92
CA ASN E 290 -75.53 -7.53 -6.39
C ASN E 290 -74.39 -6.71 -7.02
N ILE E 291 -73.77 -5.79 -6.29
CA ILE E 291 -72.61 -5.05 -6.86
C ILE E 291 -71.36 -5.89 -6.67
N ASP E 292 -70.64 -6.17 -7.77
CA ASP E 292 -69.57 -7.21 -7.73
C ASP E 292 -68.39 -6.75 -6.88
N LEU E 293 -67.95 -5.52 -7.01
CA LEU E 293 -66.78 -5.01 -6.24
C LEU E 293 -66.82 -3.50 -6.11
N ILE E 294 -66.12 -2.99 -5.14
CA ILE E 294 -66.01 -1.54 -4.87
C ILE E 294 -64.57 -1.19 -5.17
N ALA E 295 -64.35 -0.30 -6.15
CA ALA E 295 -63.00 -0.05 -6.70
C ALA E 295 -62.45 1.33 -6.32
N PRO E 296 -61.18 1.51 -5.81
CA PRO E 296 -60.46 2.77 -5.34
C PRO E 296 -60.12 3.55 -6.62
N ASP E 297 -60.41 4.84 -6.64
CA ASP E 297 -59.85 5.79 -7.64
C ASP E 297 -58.64 6.45 -7.00
N ILE E 298 -57.42 6.09 -7.40
CA ILE E 298 -56.20 6.51 -6.65
C ILE E 298 -55.48 7.71 -7.28
N TYR E 299 -55.45 8.82 -6.55
CA TYR E 299 -54.71 10.07 -6.93
C TYR E 299 -53.68 10.45 -5.89
N PHE E 300 -53.62 9.72 -4.76
CA PHE E 300 -52.48 9.90 -3.83
C PHE E 300 -51.16 9.43 -4.51
N ARG E 301 -50.08 10.20 -4.45
CA ARG E 301 -48.84 9.89 -5.21
C ARG E 301 -47.89 9.07 -4.35
N ASP E 302 -48.03 9.24 -3.04
CA ASP E 302 -47.02 8.68 -2.10
C ASP E 302 -47.28 7.24 -1.67
N TYR E 303 -46.19 6.52 -1.67
CA TYR E 303 -46.15 5.07 -1.54
C TYR E 303 -46.93 4.65 -0.30
N LYS E 304 -46.77 5.36 0.80
CA LYS E 304 -47.40 4.85 2.08
C LYS E 304 -48.91 4.91 1.99
N THR E 305 -49.45 5.98 1.41
CA THR E 305 -50.92 6.17 1.29
C THR E 305 -51.49 5.23 0.22
N VAL E 306 -50.81 5.09 -0.95
CA VAL E 306 -51.29 4.18 -1.99
C VAL E 306 -51.31 2.78 -1.41
N SER E 307 -50.23 2.40 -0.74
CA SER E 307 -50.12 1.02 -0.20
C SER E 307 -51.28 0.75 0.75
N LYS E 308 -51.61 1.74 1.60
CA LYS E 308 -52.72 1.59 2.57
C LYS E 308 -54.06 1.45 1.84
N VAL E 309 -54.25 2.19 0.73
CA VAL E 309 -55.53 2.04 -0.02
C VAL E 309 -55.61 0.63 -0.59
N LEU E 310 -54.53 0.09 -1.16
CA LEU E 310 -54.56 -1.27 -1.76
C LEU E 310 -54.91 -2.25 -0.67
N GLU E 311 -54.34 -2.02 0.53
CA GLU E 311 -54.62 -2.91 1.68
C GLU E 311 -56.11 -2.89 2.04
N LEU E 312 -56.68 -1.70 2.19
CA LEU E 312 -58.09 -1.52 2.64
C LEU E 312 -59.04 -2.05 1.62
N TYR E 313 -58.70 -1.96 0.32
CA TYR E 313 -59.69 -2.38 -0.70
C TYR E 313 -59.53 -3.83 -1.10
N THR E 314 -58.44 -4.50 -0.73
CA THR E 314 -58.25 -5.92 -1.03
C THR E 314 -58.82 -6.69 0.15
N ARG E 315 -59.95 -7.34 -0.04
CA ARG E 315 -60.65 -8.03 1.09
C ARG E 315 -61.14 -9.39 0.65
N PRO E 316 -61.37 -10.34 1.59
CA PRO E 316 -61.98 -11.57 1.16
C PRO E 316 -63.29 -11.33 0.38
N ASP E 317 -64.05 -10.32 0.74
CA ASP E 317 -65.32 -10.02 0.06
C ASP E 317 -65.10 -9.00 -1.06
N ASN E 318 -63.86 -8.56 -1.38
CA ASN E 318 -63.74 -7.44 -2.37
C ASN E 318 -62.52 -7.65 -3.23
N ALA E 319 -62.71 -8.03 -4.51
CA ALA E 319 -61.61 -8.14 -5.50
C ALA E 319 -61.05 -6.73 -5.72
N LEU E 320 -59.74 -6.63 -5.87
CA LEU E 320 -59.07 -5.33 -6.04
C LEU E 320 -59.08 -4.96 -7.54
N PHE E 321 -59.70 -3.82 -7.87
CA PHE E 321 -59.63 -3.31 -9.27
C PHE E 321 -59.28 -1.85 -9.10
N VAL E 322 -58.11 -1.45 -9.62
CA VAL E 322 -57.72 -0.03 -9.51
C VAL E 322 -58.40 0.68 -10.70
N ALA E 323 -59.61 1.13 -10.50
CA ALA E 323 -60.55 1.53 -11.57
C ALA E 323 -60.04 2.84 -12.17
N GLU E 324 -59.34 3.65 -11.42
CA GLU E 324 -58.67 4.86 -11.89
C GLU E 324 -57.44 5.05 -11.10
N ILE E 325 -56.39 5.52 -11.73
CA ILE E 325 -55.19 5.97 -11.02
C ILE E 325 -54.65 7.16 -11.82
N GLY E 326 -53.91 8.04 -11.17
CA GLY E 326 -53.23 9.17 -11.85
C GLY E 326 -52.38 8.73 -13.01
N ASN E 327 -52.25 9.61 -14.02
CA ASN E 327 -51.45 9.21 -15.18
C ASN E 327 -50.07 9.86 -15.21
N ASP E 328 -49.61 10.42 -14.08
CA ASP E 328 -48.25 10.92 -13.91
C ASP E 328 -47.30 9.77 -13.63
N GLN E 329 -46.06 9.95 -13.98
CA GLN E 329 -44.98 8.96 -13.92
C GLN E 329 -45.02 8.19 -12.58
N PRO E 330 -45.18 8.83 -11.41
CA PRO E 330 -44.99 8.04 -10.18
C PRO E 330 -46.00 6.91 -10.02
N PHE E 331 -47.14 6.98 -10.70
CA PHE E 331 -48.23 6.03 -10.57
C PHE E 331 -47.95 4.70 -11.24
N ALA E 332 -47.10 4.66 -12.25
CA ALA E 332 -46.98 3.46 -13.08
C ALA E 332 -46.50 2.27 -12.25
N ARG E 333 -45.61 2.53 -11.30
CA ARG E 333 -45.05 1.36 -10.56
C ARG E 333 -46.12 0.71 -9.65
N TYR E 334 -47.23 1.36 -9.35
CA TYR E 334 -48.31 0.74 -8.51
C TYR E 334 -49.01 -0.41 -9.20
N LEU E 335 -48.77 -0.66 -10.47
CA LEU E 335 -49.25 -1.88 -11.12
C LEU E 335 -48.73 -3.10 -10.35
N PHE E 336 -47.48 -3.02 -9.90
CA PHE E 336 -46.80 -4.25 -9.39
C PHE E 336 -47.53 -4.71 -8.10
N PRO E 337 -47.65 -3.85 -7.05
CA PRO E 337 -48.39 -4.25 -5.84
C PRO E 337 -49.88 -4.52 -6.07
N THR E 338 -50.49 -3.82 -7.09
CA THR E 338 -51.85 -4.13 -7.50
C THR E 338 -51.94 -5.60 -7.89
N LEU E 339 -51.13 -6.05 -8.84
CA LEU E 339 -51.17 -7.43 -9.32
C LEU E 339 -50.72 -8.37 -8.16
N GLY E 340 -49.77 -7.92 -7.35
CA GLY E 340 -49.22 -8.74 -6.23
C GLY E 340 -50.32 -9.08 -5.22
N LYS E 341 -51.32 -8.22 -5.07
CA LYS E 341 -52.42 -8.41 -4.15
C LYS E 341 -53.51 -9.29 -4.78
N GLY E 342 -53.32 -9.81 -5.98
CA GLY E 342 -54.37 -10.55 -6.69
C GLY E 342 -55.34 -9.61 -7.40
N GLY E 343 -54.89 -8.40 -7.67
CA GLY E 343 -55.74 -7.41 -8.36
C GLY E 343 -56.19 -7.92 -9.70
N ILE E 344 -57.37 -7.50 -10.16
CA ILE E 344 -57.89 -7.99 -11.47
C ILE E 344 -57.67 -6.91 -12.53
N GLY E 345 -57.21 -5.73 -12.15
CA GLY E 345 -57.03 -4.68 -13.18
C GLY E 345 -56.45 -3.42 -12.64
N PHE E 346 -56.10 -2.53 -13.57
CA PHE E 346 -55.39 -1.30 -13.32
C PHE E 346 -55.65 -0.40 -14.54
N SER E 347 -56.17 0.78 -14.29
CA SER E 347 -56.59 1.69 -15.39
C SER E 347 -56.20 3.14 -15.14
N PRO E 348 -55.07 3.64 -15.64
CA PRO E 348 -54.72 5.04 -15.55
C PRO E 348 -55.76 5.92 -16.22
N PHE E 349 -56.03 7.04 -15.62
CA PHE E 349 -57.06 7.99 -16.09
C PHE E 349 -56.46 9.07 -17.01
N GLY E 350 -57.20 9.39 -18.08
CA GLY E 350 -56.80 10.57 -18.89
C GLY E 350 -55.90 10.20 -20.07
N MET E 351 -55.94 8.97 -20.57
CA MET E 351 -55.02 8.48 -21.63
C MET E 351 -55.64 8.75 -23.00
N ASP E 352 -55.79 10.03 -23.28
CA ASP E 352 -56.21 10.39 -24.67
C ASP E 352 -55.60 11.77 -25.01
N ASP E 353 -55.68 12.10 -26.30
CA ASP E 353 -55.07 13.33 -26.82
C ASP E 353 -56.20 14.32 -27.10
N THR E 354 -57.10 14.53 -26.20
CA THR E 354 -58.25 15.46 -26.42
C THR E 354 -57.93 16.81 -25.82
N ASP E 355 -56.65 17.11 -25.62
CA ASP E 355 -56.19 18.45 -25.14
C ASP E 355 -56.73 18.72 -23.76
N TYR E 356 -56.49 17.77 -22.86
CA TYR E 356 -56.90 18.02 -21.45
C TYR E 356 -55.93 17.25 -20.58
N THR E 357 -55.45 17.90 -19.53
N THR E 357 -55.45 17.90 -19.55
CA THR E 357 -54.67 17.29 -18.42
CA THR E 357 -54.69 17.25 -18.44
C THR E 357 -55.35 17.59 -17.09
C THR E 357 -55.35 17.58 -17.11
N ASN E 358 -55.45 16.56 -16.25
CA ASN E 358 -56.05 16.80 -14.91
C ASN E 358 -54.95 17.10 -13.91
N TYR E 359 -53.76 17.47 -14.32
CA TYR E 359 -52.75 18.04 -13.43
C TYR E 359 -53.39 19.14 -12.61
N PRO E 360 -53.22 19.21 -11.29
CA PRO E 360 -52.18 18.49 -10.55
C PRO E 360 -52.45 17.05 -10.10
N LEU E 361 -53.60 16.49 -10.42
CA LEU E 361 -53.85 15.05 -10.13
C LEU E 361 -52.94 14.18 -10.98
N GLY E 362 -52.88 14.47 -12.26
CA GLY E 362 -52.13 13.68 -13.21
C GLY E 362 -50.95 14.41 -13.79
N ALA E 363 -50.51 13.94 -14.97
CA ALA E 363 -49.28 14.44 -15.63
C ALA E 363 -49.53 15.89 -16.06
N LYS E 364 -48.54 16.71 -15.93
CA LYS E 364 -48.63 18.14 -16.34
C LYS E 364 -48.73 18.19 -17.87
N VAL E 365 -47.97 17.38 -18.56
CA VAL E 365 -48.00 17.32 -20.05
C VAL E 365 -48.47 15.94 -20.47
N TYR E 366 -49.37 15.87 -21.44
CA TYR E 366 -49.73 14.59 -22.05
C TYR E 366 -49.00 14.44 -23.39
N ASN E 367 -48.07 13.54 -23.45
CA ASN E 367 -47.27 13.27 -24.69
C ASN E 367 -46.82 11.81 -24.71
N ASP E 368 -45.99 11.43 -25.67
CA ASP E 368 -45.57 10.02 -25.85
C ASP E 368 -44.83 9.53 -24.61
N GLU E 369 -44.08 10.41 -23.95
CA GLU E 369 -43.29 10.03 -22.76
C GLU E 369 -44.29 9.72 -21.64
N THR E 370 -45.38 10.46 -21.51
CA THR E 370 -46.42 10.15 -20.47
C THR E 370 -46.90 8.73 -20.65
N ILE E 371 -47.23 8.36 -21.90
CA ILE E 371 -47.81 7.03 -22.17
C ILE E 371 -46.75 5.98 -21.92
N GLU E 372 -45.55 6.26 -22.33
CA GLU E 372 -44.42 5.28 -22.32
C GLU E 372 -44.19 4.83 -20.85
N GLN E 373 -44.47 5.67 -19.87
CA GLN E 373 -44.18 5.19 -18.46
C GLN E 373 -45.09 3.99 -18.13
N PHE E 374 -46.32 3.94 -18.65
CA PHE E 374 -47.26 2.84 -18.46
C PHE E 374 -46.94 1.73 -19.45
N ALA E 375 -46.62 2.08 -20.70
CA ALA E 375 -46.33 1.05 -21.69
C ALA E 375 -45.17 0.17 -21.19
N GLN E 376 -44.20 0.76 -20.53
CA GLN E 376 -43.05 -0.04 -20.10
C GLN E 376 -43.46 -1.12 -19.09
N VAL E 377 -44.37 -0.77 -18.21
CA VAL E 377 -44.75 -1.73 -17.13
C VAL E 377 -45.77 -2.71 -17.73
N TYR E 378 -46.65 -2.26 -18.65
CA TYR E 378 -47.57 -3.22 -19.29
C TYR E 378 -46.86 -4.27 -20.11
N ARG E 379 -45.70 -3.94 -20.66
CA ARG E 379 -44.87 -4.86 -21.47
C ARG E 379 -44.37 -6.01 -20.64
N LEU E 380 -44.37 -5.87 -19.30
CA LEU E 380 -43.91 -7.05 -18.49
C LEU E 380 -45.05 -8.02 -18.25
N VAL E 381 -46.30 -7.58 -18.33
CA VAL E 381 -47.47 -8.41 -17.98
C VAL E 381 -48.14 -8.98 -19.24
N ASN E 382 -48.27 -8.12 -20.26
CA ASN E 382 -48.98 -8.52 -21.51
C ASN E 382 -48.52 -9.92 -21.95
N PRO E 383 -47.22 -10.22 -22.06
CA PRO E 383 -46.82 -11.48 -22.67
C PRO E 383 -47.16 -12.71 -21.82
N MET E 384 -47.60 -12.49 -20.58
CA MET E 384 -48.02 -13.62 -19.74
C MET E 384 -49.37 -13.34 -19.12
N MET E 385 -50.23 -12.52 -19.73
CA MET E 385 -51.39 -12.00 -19.03
C MET E 385 -52.25 -13.19 -18.54
N ARG E 386 -52.62 -14.12 -19.42
CA ARG E 386 -53.55 -15.23 -19.05
C ARG E 386 -52.88 -16.09 -17.97
N GLU E 387 -51.59 -16.32 -18.11
CA GLU E 387 -50.88 -17.24 -17.17
C GLU E 387 -50.84 -16.54 -15.81
N TRP E 388 -50.39 -15.30 -15.75
CA TRP E 388 -50.35 -14.52 -14.49
C TRP E 388 -51.75 -14.55 -13.85
N ALA E 389 -52.80 -14.29 -14.61
CA ALA E 389 -54.19 -14.20 -14.10
C ALA E 389 -54.58 -15.53 -13.44
N ARG E 390 -54.24 -16.64 -14.03
CA ARG E 390 -54.55 -17.99 -13.48
C ARG E 390 -53.72 -18.18 -12.18
N LEU E 391 -52.44 -17.84 -12.20
CA LEU E 391 -51.55 -18.00 -10.99
C LEU E 391 -52.05 -17.13 -9.84
N SER E 392 -52.58 -15.96 -10.13
CA SER E 392 -53.04 -14.99 -9.14
C SER E 392 -54.31 -15.51 -8.46
N TYR E 393 -55.18 -16.17 -9.20
CA TYR E 393 -56.42 -16.75 -8.65
C TYR E 393 -56.09 -18.08 -7.93
N GLN E 394 -55.39 -18.97 -8.60
CA GLN E 394 -55.36 -20.35 -8.04
C GLN E 394 -54.04 -20.63 -7.34
N GLY E 395 -53.16 -19.66 -7.27
CA GLY E 395 -51.85 -19.86 -6.64
C GLY E 395 -51.44 -18.70 -5.76
N GLN E 396 -50.13 -18.58 -5.66
CA GLN E 396 -49.49 -17.57 -4.82
C GLN E 396 -48.76 -16.62 -5.76
N VAL E 397 -49.02 -15.36 -5.55
CA VAL E 397 -48.29 -14.27 -6.30
C VAL E 397 -47.88 -13.20 -5.32
N TRP E 398 -46.87 -12.43 -5.70
CA TRP E 398 -46.35 -11.31 -4.93
C TRP E 398 -46.01 -10.19 -5.93
N GLY E 399 -46.04 -8.99 -5.45
CA GLY E 399 -45.73 -7.81 -6.25
C GLY E 399 -45.27 -6.72 -5.32
N VAL E 400 -44.20 -6.00 -5.68
CA VAL E 400 -43.75 -4.88 -4.88
C VAL E 400 -43.44 -3.67 -5.79
N ALA E 401 -43.49 -2.49 -5.24
CA ALA E 401 -43.06 -1.26 -5.93
C ALA E 401 -41.94 -0.62 -5.13
N GLU E 402 -41.07 0.14 -5.81
CA GLU E 402 -40.04 0.95 -5.16
C GLU E 402 -40.65 1.80 -4.07
N PRO E 403 -40.22 1.61 -2.79
CA PRO E 403 -40.98 2.15 -1.68
C PRO E 403 -40.62 3.54 -1.17
N LEU E 404 -39.61 4.19 -1.76
CA LEU E 404 -39.33 5.61 -1.50
C LEU E 404 -39.85 6.39 -2.73
N ASP E 405 -40.53 7.49 -2.46
CA ASP E 405 -40.95 8.43 -3.53
C ASP E 405 -39.68 9.16 -3.96
N SER E 406 -39.71 9.77 -5.13
CA SER E 406 -38.65 10.65 -5.61
C SER E 406 -38.32 11.71 -4.58
N THR E 407 -37.04 11.85 -4.32
CA THR E 407 -36.50 12.91 -3.42
C THR E 407 -36.96 14.29 -3.87
N THR E 408 -37.57 15.02 -2.97
CA THR E 408 -38.12 16.40 -3.17
C THR E 408 -36.95 17.41 -3.24
N GLU E 409 -37.22 18.62 -3.74
CA GLU E 409 -36.26 19.77 -3.76
C GLU E 409 -35.87 20.14 -2.32
N THR E 410 -36.87 20.19 -1.42
CA THR E 410 -36.77 20.45 0.04
C THR E 410 -35.82 19.43 0.68
N GLN E 411 -35.70 18.21 0.13
CA GLN E 411 -34.75 17.16 0.64
C GLN E 411 -33.41 17.27 -0.14
N LYS E 412 -33.40 17.71 -1.39
CA LYS E 412 -32.10 17.85 -2.08
C LYS E 412 -31.29 18.89 -1.29
N ILE E 413 -31.96 19.91 -0.75
CA ILE E 413 -31.32 20.99 0.07
C ILE E 413 -30.84 20.39 1.41
N TRP E 414 -31.74 19.78 2.18
CA TRP E 414 -31.47 19.19 3.52
C TRP E 414 -30.19 18.35 3.56
N ASN E 415 -29.95 17.52 2.53
CA ASN E 415 -28.73 16.68 2.42
C ASN E 415 -27.53 17.62 2.25
N ALA E 418 -26.50 18.82 6.14
CA ALA E 418 -26.03 17.42 6.23
C ALA E 418 -24.52 17.39 6.45
N THR E 419 -24.09 17.17 7.69
CA THR E 419 -22.64 17.25 8.06
C THR E 419 -21.98 15.87 7.94
N PRO E 420 -21.27 15.60 6.81
CA PRO E 420 -20.46 14.39 6.54
C PRO E 420 -20.94 13.00 7.03
N GLU E 421 -21.03 12.79 8.34
CA GLU E 421 -21.48 11.49 8.92
C GLU E 421 -23.00 11.34 8.74
N GLU E 422 -23.71 12.46 8.64
CA GLU E 422 -25.18 12.47 8.50
C GLU E 422 -25.56 11.88 7.14
N LYS E 423 -24.75 12.22 6.11
CA LYS E 423 -24.90 11.81 4.68
C LYS E 423 -24.69 10.30 4.55
N GLU E 424 -23.60 9.78 5.13
CA GLU E 424 -23.32 8.31 5.16
C GLU E 424 -24.55 7.63 5.78
N GLN E 425 -25.05 8.14 6.92
CA GLN E 425 -26.18 7.52 7.67
C GLN E 425 -27.40 7.59 6.76
N HIS E 426 -27.57 8.73 6.11
CA HIS E 426 -28.70 8.95 5.20
C HIS E 426 -28.65 7.89 4.10
N LYS E 427 -27.48 7.69 3.46
CA LYS E 427 -27.35 6.71 2.36
C LYS E 427 -27.67 5.32 2.93
N LYS E 428 -27.22 5.01 4.17
CA LYS E 428 -27.44 3.67 4.77
C LYS E 428 -28.94 3.47 5.05
N ASP E 429 -29.60 4.50 5.57
CA ASP E 429 -31.04 4.44 5.88
C ASP E 429 -31.83 4.29 4.57
N ARG E 430 -31.46 5.03 3.52
CA ARG E 430 -32.12 4.87 2.23
C ARG E 430 -31.91 3.46 1.69
N ALA E 431 -30.71 2.92 1.73
CA ALA E 431 -30.44 1.56 1.23
C ALA E 431 -31.37 0.57 1.96
N SER E 432 -31.45 0.65 3.27
CA SER E 432 -32.30 -0.27 4.05
C SER E 432 -33.81 -0.14 3.67
N ALA E 433 -34.32 1.06 3.51
CA ALA E 433 -35.71 1.33 3.06
C ALA E 433 -35.92 0.83 1.60
N LEU E 434 -34.89 0.82 0.75
CA LEU E 434 -35.00 0.34 -0.68
C LEU E 434 -34.68 -1.14 -0.81
N THR E 435 -34.81 -1.90 0.31
CA THR E 435 -34.61 -3.33 0.37
C THR E 435 -35.94 -3.93 0.84
N GLN E 436 -36.57 -4.74 0.05
CA GLN E 436 -37.82 -5.40 0.45
C GLN E 436 -37.59 -6.90 0.55
N GLN E 437 -38.24 -7.51 1.54
CA GLN E 437 -38.20 -8.99 1.72
CA GLN E 437 -38.21 -8.98 1.75
C GLN E 437 -39.58 -9.60 1.43
N LEU E 438 -39.56 -10.69 0.70
CA LEU E 438 -40.77 -11.49 0.39
C LEU E 438 -40.52 -12.93 0.85
N ASP E 439 -41.49 -13.47 1.56
CA ASP E 439 -41.48 -14.86 2.07
C ASP E 439 -42.19 -15.76 1.05
N LEU E 440 -41.47 -16.54 0.26
CA LEU E 440 -42.10 -17.33 -0.85
C LEU E 440 -42.20 -18.80 -0.46
N GLY E 441 -42.15 -19.11 0.84
CA GLY E 441 -42.29 -20.50 1.32
C GLY E 441 -40.97 -21.06 1.80
N LEU E 442 -40.32 -21.91 1.02
CA LEU E 442 -38.97 -22.44 1.31
C LEU E 442 -37.92 -21.41 0.99
N TRP E 443 -38.28 -20.44 0.13
CA TRP E 443 -37.30 -19.45 -0.34
C TRP E 443 -37.83 -18.06 -0.08
N ASP E 444 -36.92 -17.11 0.09
CA ASP E 444 -37.30 -15.69 0.20
C ASP E 444 -36.72 -14.97 -1.00
N ALA E 445 -37.35 -13.87 -1.36
CA ALA E 445 -36.67 -12.95 -2.33
C ALA E 445 -36.39 -11.64 -1.63
N GLU E 446 -35.30 -11.02 -2.02
CA GLU E 446 -34.95 -9.67 -1.58
C GLU E 446 -34.98 -8.77 -2.85
N VAL E 447 -35.80 -7.75 -2.82
CA VAL E 447 -35.87 -6.80 -3.96
C VAL E 447 -35.18 -5.49 -3.55
N THR E 448 -34.26 -5.01 -4.41
CA THR E 448 -33.57 -3.77 -4.16
C THR E 448 -33.64 -2.89 -5.41
N TYR E 449 -33.53 -1.61 -5.20
CA TYR E 449 -33.74 -0.63 -6.31
C TYR E 449 -32.58 0.35 -6.49
N GLY E 450 -32.09 0.44 -7.71
CA GLY E 450 -31.20 1.56 -8.07
C GLY E 450 -29.75 1.16 -7.77
N ARG E 451 -29.26 0.16 -8.47
CA ARG E 451 -27.88 -0.27 -8.30
C ARG E 451 -27.40 -0.88 -9.59
N PRO E 452 -26.08 -1.02 -9.72
CA PRO E 452 -25.51 -1.70 -10.86
C PRO E 452 -25.92 -3.15 -11.00
N MET E 453 -25.62 -3.75 -12.14
CA MET E 453 -26.01 -5.10 -12.51
C MET E 453 -24.92 -6.08 -12.04
N PHE E 454 -23.84 -5.56 -11.50
CA PHE E 454 -22.59 -6.29 -11.15
C PHE E 454 -22.14 -5.78 -9.78
N TRP E 455 -21.66 -6.71 -8.96
CA TRP E 455 -21.18 -6.38 -7.58
C TRP E 455 -22.36 -5.99 -6.65
N VAL E 456 -22.03 -5.47 -5.46
CA VAL E 456 -23.00 -5.37 -4.34
C VAL E 456 -22.98 -3.94 -3.80
N THR E 457 -22.64 -2.96 -4.63
CA THR E 457 -22.80 -1.57 -4.20
C THR E 457 -24.24 -1.42 -3.68
N PRO E 458 -24.47 -0.84 -2.50
CA PRO E 458 -25.82 -0.74 -1.98
C PRO E 458 -26.79 0.09 -2.80
N PRO E 459 -28.09 -0.23 -2.71
CA PRO E 459 -29.08 0.48 -3.53
C PRO E 459 -29.25 1.96 -3.18
N GLU E 460 -29.53 2.76 -4.23
CA GLU E 460 -29.68 4.23 -4.06
C GLU E 460 -31.00 4.68 -4.63
N GLY E 461 -31.75 3.79 -5.25
CA GLY E 461 -33.07 4.14 -5.79
C GLY E 461 -32.96 4.64 -7.24
N ASN E 462 -34.09 4.55 -7.93
CA ASN E 462 -34.18 5.06 -9.32
C ASN E 462 -34.55 6.54 -9.26
N THR E 463 -34.11 7.31 -10.24
CA THR E 463 -34.47 8.75 -10.36
C THR E 463 -35.14 8.94 -11.73
N PRO E 464 -36.53 9.08 -11.69
CA PRO E 464 -37.39 9.10 -10.53
C PRO E 464 -37.70 7.69 -10.01
N ALA E 465 -38.38 7.63 -8.86
CA ALA E 465 -38.78 6.32 -8.31
C ALA E 465 -39.60 5.60 -9.37
N ALA E 466 -39.36 4.32 -9.63
CA ALA E 466 -40.09 3.67 -10.76
C ALA E 466 -40.09 2.14 -10.74
N GLY E 467 -39.26 1.55 -9.89
CA GLY E 467 -39.08 0.11 -10.02
C GLY E 467 -40.14 -0.76 -9.32
N GLY E 468 -40.11 -2.03 -9.64
CA GLY E 468 -40.99 -3.03 -8.99
C GLY E 468 -40.71 -4.41 -9.52
N ALA E 469 -41.43 -5.42 -8.97
CA ALA E 469 -41.19 -6.81 -9.28
C ALA E 469 -42.51 -7.57 -9.10
N LEU E 470 -42.67 -8.62 -9.88
CA LEU E 470 -43.73 -9.61 -9.82
C LEU E 470 -43.09 -10.98 -9.66
N ILE E 471 -43.69 -11.80 -8.76
CA ILE E 471 -43.21 -13.19 -8.58
C ILE E 471 -44.44 -14.10 -8.42
N ALA E 472 -44.48 -15.19 -9.16
CA ALA E 472 -45.54 -16.22 -8.98
C ALA E 472 -44.86 -17.52 -8.60
N GLN E 473 -45.43 -18.30 -7.68
CA GLN E 473 -44.86 -19.62 -7.38
C GLN E 473 -45.42 -20.66 -8.33
N LEU E 474 -44.55 -21.40 -9.00
CA LEU E 474 -44.93 -22.52 -9.90
C LEU E 474 -44.87 -23.84 -9.11
N ASP E 475 -43.88 -23.98 -8.20
CA ASP E 475 -43.76 -25.21 -7.35
C ASP E 475 -43.01 -24.81 -6.10
N ASP E 476 -42.72 -25.81 -5.23
CA ASP E 476 -42.02 -25.53 -3.97
C ASP E 476 -40.71 -24.76 -4.18
N ASN E 477 -40.00 -25.06 -5.24
CA ASN E 477 -38.67 -24.48 -5.45
C ASN E 477 -38.61 -23.71 -6.78
N GLU E 478 -39.75 -23.36 -7.38
CA GLU E 478 -39.67 -22.71 -8.73
C GLU E 478 -40.59 -21.54 -8.79
N TYR E 479 -40.13 -20.43 -9.37
CA TYR E 479 -40.90 -19.18 -9.36
C TYR E 479 -40.86 -18.58 -10.78
N LEU E 480 -41.92 -17.90 -11.14
CA LEU E 480 -41.94 -16.99 -12.33
C LEU E 480 -41.58 -15.61 -11.83
N VAL E 481 -40.70 -14.91 -12.52
CA VAL E 481 -40.20 -13.64 -12.01
C VAL E 481 -40.05 -12.64 -13.16
N THR E 482 -40.62 -11.47 -12.99
CA THR E 482 -40.26 -10.34 -13.89
C THR E 482 -40.18 -9.09 -13.05
N ALA E 483 -39.28 -8.19 -13.42
CA ALA E 483 -39.10 -7.00 -12.61
C ALA E 483 -38.65 -5.84 -13.51
N TYR E 484 -38.50 -4.72 -12.91
CA TYR E 484 -38.28 -3.45 -13.62
C TYR E 484 -37.42 -2.57 -12.75
N LYS E 485 -36.26 -2.14 -13.30
CA LYS E 485 -35.33 -1.22 -12.64
C LYS E 485 -35.12 -1.68 -11.17
N ALA E 486 -34.82 -2.95 -11.06
CA ALA E 486 -34.65 -3.58 -9.73
C ALA E 486 -33.71 -4.77 -9.85
N ARG E 487 -33.24 -5.22 -8.71
CA ARG E 487 -32.51 -6.51 -8.57
C ARG E 487 -33.35 -7.43 -7.63
N VAL E 488 -33.47 -8.66 -8.02
CA VAL E 488 -34.23 -9.70 -7.26
C VAL E 488 -33.21 -10.78 -6.89
N GLU E 489 -33.04 -11.03 -5.57
CA GLU E 489 -32.07 -12.04 -5.10
C GLU E 489 -32.82 -13.09 -4.26
N PHE E 490 -32.57 -14.34 -4.51
CA PHE E 490 -33.21 -15.49 -3.84
C PHE E 490 -32.29 -16.07 -2.75
N LYS E 491 -32.93 -16.49 -1.64
CA LYS E 491 -32.17 -17.08 -0.51
C LYS E 491 -33.11 -17.99 0.24
N PRO E 492 -32.58 -18.93 1.05
CA PRO E 492 -33.51 -19.77 1.79
C PRO E 492 -34.40 -18.95 2.75
N SER E 493 -35.62 -19.40 2.98
CA SER E 493 -36.56 -18.74 3.93
C SER E 493 -36.22 -19.20 5.35
N GLN E 494 -35.52 -20.28 5.48
CA GLN E 494 -35.24 -20.75 6.88
C GLN E 494 -33.92 -21.49 6.87
N GLU E 495 -33.41 -21.74 8.04
CA GLU E 495 -32.17 -22.53 8.27
C GLU E 495 -32.22 -23.82 7.46
N LEU E 496 -31.10 -24.19 6.87
CA LEU E 496 -31.10 -25.39 5.98
C LEU E 496 -30.58 -26.62 6.72
N ALA E 497 -30.28 -26.51 8.00
CA ALA E 497 -29.84 -27.69 8.82
C ALA E 497 -28.51 -28.25 8.23
N GLY E 498 -27.58 -27.41 7.75
CA GLY E 498 -26.28 -27.85 7.20
C GLY E 498 -26.24 -28.03 5.69
N LYS E 499 -27.37 -27.91 5.00
CA LYS E 499 -27.24 -27.98 3.50
C LYS E 499 -26.78 -26.61 3.01
N LYS E 500 -26.32 -26.56 1.77
CA LYS E 500 -26.01 -25.29 1.08
C LYS E 500 -27.09 -25.06 0.06
N PHE E 501 -27.05 -23.90 -0.63
CA PHE E 501 -28.10 -23.63 -1.64
C PHE E 501 -27.47 -22.91 -2.83
N MET E 502 -28.21 -23.02 -3.94
CA MET E 502 -27.84 -22.22 -5.11
C MET E 502 -29.07 -22.07 -6.00
N ILE E 503 -28.87 -21.25 -7.02
CA ILE E 503 -29.78 -21.30 -8.19
C ILE E 503 -29.50 -22.59 -8.91
N GLU E 504 -30.52 -23.37 -9.26
CA GLU E 504 -30.32 -24.57 -10.07
C GLU E 504 -30.36 -24.10 -11.50
N ARG E 505 -31.35 -23.29 -11.82
CA ARG E 505 -31.44 -22.83 -13.24
C ARG E 505 -32.35 -21.62 -13.35
N VAL E 506 -31.96 -20.64 -14.14
CA VAL E 506 -32.84 -19.50 -14.48
C VAL E 506 -33.04 -19.55 -16.02
N GLU E 507 -34.28 -19.57 -16.48
CA GLU E 507 -34.53 -19.60 -17.96
C GLU E 507 -35.27 -18.30 -18.26
N GLU E 508 -34.84 -17.56 -19.32
CA GLU E 508 -35.71 -16.50 -19.85
C GLU E 508 -36.57 -17.09 -20.94
N GLY E 509 -37.84 -16.72 -20.98
CA GLY E 509 -38.67 -17.25 -22.05
C GLY E 509 -40.02 -16.58 -22.18
N ARG E 510 -40.99 -17.30 -22.76
CA ARG E 510 -42.31 -16.79 -22.99
C ARG E 510 -43.28 -17.95 -23.02
N PHE E 511 -44.55 -17.64 -22.95
CA PHE E 511 -45.62 -18.64 -23.08
C PHE E 511 -46.17 -18.57 -24.50
N GLU E 512 -46.21 -19.70 -25.14
CA GLU E 512 -46.86 -19.83 -26.45
C GLU E 512 -47.90 -20.94 -26.34
N LYS E 513 -49.16 -20.61 -26.56
CA LYS E 513 -50.29 -21.58 -26.49
C LYS E 513 -50.29 -22.20 -25.09
N GLY E 514 -50.02 -21.37 -24.09
CA GLY E 514 -50.01 -21.80 -22.68
C GLY E 514 -48.79 -22.64 -22.32
N LYS E 515 -47.90 -22.90 -23.28
CA LYS E 515 -46.66 -23.70 -23.02
C LYS E 515 -45.46 -22.77 -22.84
N TRP E 516 -44.57 -23.14 -21.96
CA TRP E 516 -43.33 -22.35 -21.75
C TRP E 516 -42.34 -22.65 -22.88
N VAL E 517 -41.81 -21.60 -23.50
CA VAL E 517 -40.73 -21.72 -24.50
C VAL E 517 -39.47 -21.01 -23.95
N MET E 518 -38.38 -21.73 -23.77
CA MET E 518 -37.12 -21.17 -23.26
C MET E 518 -36.43 -20.42 -24.41
N GLU E 519 -35.96 -19.24 -24.14
CA GLU E 519 -35.11 -18.48 -25.11
C GLU E 519 -33.63 -18.65 -24.74
N ARG E 520 -33.28 -18.51 -23.46
CA ARG E 520 -31.89 -18.66 -23.03
C ARG E 520 -31.86 -18.94 -21.51
N VAL E 521 -30.68 -19.36 -21.06
CA VAL E 521 -30.41 -19.55 -19.62
C VAL E 521 -29.64 -18.35 -19.13
N TRP E 522 -30.08 -17.71 -18.04
CA TRP E 522 -29.26 -16.68 -17.38
C TRP E 522 -28.28 -17.40 -16.45
N ASN E 523 -27.03 -17.12 -16.55
CA ASN E 523 -26.01 -17.76 -15.66
C ASN E 523 -24.82 -16.82 -15.55
N GLY E 524 -23.77 -17.22 -14.84
CA GLY E 524 -22.58 -16.41 -14.61
C GLY E 524 -22.92 -15.01 -14.16
N ASP E 525 -22.40 -13.98 -14.86
CA ASP E 525 -22.62 -12.60 -14.38
C ASP E 525 -24.12 -12.32 -14.20
N GLN E 526 -24.96 -12.92 -15.02
CA GLN E 526 -26.40 -12.62 -15.00
C GLN E 526 -27.08 -13.17 -13.73
N THR E 527 -26.44 -14.08 -12.98
CA THR E 527 -27.13 -14.61 -11.75
C THR E 527 -26.21 -14.46 -10.54
N ASP E 528 -24.95 -14.05 -10.70
CA ASP E 528 -23.99 -13.92 -9.59
C ASP E 528 -24.45 -12.84 -8.62
N TRP E 529 -25.06 -11.77 -9.10
CA TRP E 529 -25.35 -10.56 -8.33
C TRP E 529 -26.87 -10.35 -8.33
N GLY E 530 -27.66 -11.40 -8.03
CA GLY E 530 -29.10 -11.31 -8.13
C GLY E 530 -29.52 -11.29 -9.60
N LEU E 531 -30.77 -11.02 -9.82
CA LEU E 531 -31.40 -11.02 -11.16
C LEU E 531 -31.62 -9.55 -11.39
N ASN E 532 -30.85 -8.94 -12.33
CA ASN E 532 -30.92 -7.49 -12.53
C ASN E 532 -31.79 -7.15 -13.76
N PHE E 533 -32.72 -6.27 -13.51
CA PHE E 533 -33.67 -5.81 -14.54
C PHE E 533 -33.51 -4.34 -14.78
N THR E 534 -33.65 -3.97 -16.07
CA THR E 534 -33.67 -2.54 -16.42
C THR E 534 -35.08 -2.15 -16.79
N ASP E 535 -35.23 -1.48 -17.93
CA ASP E 535 -36.56 -1.05 -18.39
C ASP E 535 -37.10 -2.03 -19.46
N ARG E 536 -36.34 -3.02 -19.88
CA ARG E 536 -36.74 -3.97 -20.90
C ARG E 536 -37.41 -5.18 -20.28
N PRO E 537 -38.39 -5.78 -20.92
CA PRO E 537 -39.06 -6.96 -20.41
C PRO E 537 -38.27 -8.25 -20.51
N HIS E 538 -38.20 -8.98 -19.38
CA HIS E 538 -37.60 -10.33 -19.31
C HIS E 538 -38.48 -11.15 -18.37
N LEU E 539 -38.93 -12.26 -18.82
CA LEU E 539 -39.74 -13.18 -17.99
C LEU E 539 -38.86 -14.39 -17.66
N LEU E 540 -38.73 -14.66 -16.34
CA LEU E 540 -37.80 -15.72 -15.96
C LEU E 540 -38.56 -16.83 -15.18
N ARG E 541 -38.07 -18.03 -15.34
CA ARG E 541 -38.42 -19.17 -14.46
C ARG E 541 -37.17 -19.45 -13.62
N VAL E 542 -37.28 -19.32 -12.31
CA VAL E 542 -36.13 -19.47 -11.39
C VAL E 542 -36.33 -20.73 -10.53
N LYS E 543 -35.43 -21.69 -10.68
CA LYS E 543 -35.51 -22.94 -9.90
C LYS E 543 -34.40 -22.85 -8.87
N MET E 544 -34.71 -23.00 -7.59
CA MET E 544 -33.68 -22.94 -6.54
C MET E 544 -33.47 -24.38 -6.01
N ALA E 545 -32.30 -24.67 -5.43
CA ALA E 545 -32.06 -25.99 -4.83
C ALA E 545 -31.25 -25.85 -3.54
N SER E 546 -31.65 -26.65 -2.55
CA SER E 546 -30.71 -26.93 -1.44
C SER E 546 -29.91 -28.18 -1.80
N TYR E 547 -28.69 -28.33 -1.24
CA TYR E 547 -27.92 -29.53 -1.58
C TYR E 547 -27.00 -29.90 -0.44
N SER E 548 -26.81 -31.21 -0.34
CA SER E 548 -25.92 -31.72 0.72
C SER E 548 -24.45 -31.55 0.37
N VAL E 549 -23.62 -31.27 1.37
CA VAL E 549 -22.14 -31.29 1.23
C VAL E 549 -21.55 -32.21 2.30
N GLN E 550 -22.41 -32.96 3.00
CA GLN E 550 -22.01 -33.75 4.20
C GLN E 550 -20.87 -34.70 3.85
N ALA F 12 -8.69 30.23 -77.92
CA ALA F 12 -8.84 31.04 -76.63
C ALA F 12 -7.55 31.81 -76.36
N PRO F 13 -7.60 33.12 -76.01
CA PRO F 13 -6.37 33.86 -75.72
C PRO F 13 -5.78 33.31 -74.42
N LEU F 14 -4.48 33.39 -74.32
CA LEU F 14 -3.68 33.10 -73.11
C LEU F 14 -4.17 34.01 -72.01
N PRO F 15 -4.22 33.52 -70.76
CA PRO F 15 -4.39 34.44 -69.68
C PRO F 15 -3.18 35.36 -69.62
N GLU F 16 -3.39 36.52 -69.03
CA GLU F 16 -2.37 37.58 -68.99
C GLU F 16 -2.61 38.46 -67.79
N LEU F 17 -1.54 38.91 -67.13
CA LEU F 17 -1.66 39.96 -66.11
C LEU F 17 -1.36 41.29 -66.77
N LEU F 18 -2.37 42.15 -66.81
CA LEU F 18 -2.27 43.51 -67.42
C LEU F 18 -2.05 44.53 -66.31
N SER F 19 -1.23 45.53 -66.55
CA SER F 19 -0.99 46.66 -65.61
C SER F 19 -1.03 47.96 -66.42
N ASN F 20 -1.85 48.90 -65.98
CA ASN F 20 -2.04 50.17 -66.70
C ASN F 20 -2.57 51.19 -65.71
N ASN F 21 -1.88 52.31 -65.59
CA ASN F 21 -2.27 53.45 -64.71
C ASN F 21 -2.23 53.01 -63.25
N GLY F 22 -1.23 52.18 -62.88
CA GLY F 22 -1.08 51.64 -61.51
C GLY F 22 -2.25 50.76 -61.09
N LYS F 23 -3.07 50.27 -62.04
CA LYS F 23 -4.18 49.32 -61.74
C LYS F 23 -3.87 48.04 -62.54
N HIS F 24 -4.52 46.96 -62.21
CA HIS F 24 -4.12 45.64 -62.76
C HIS F 24 -5.32 44.77 -63.05
N ALA F 25 -5.12 43.80 -63.91
CA ALA F 25 -6.22 42.86 -64.16
C ALA F 25 -5.62 41.53 -64.56
N LEU F 26 -6.22 40.48 -64.04
CA LEU F 26 -5.94 39.15 -64.54
C LEU F 26 -6.93 38.88 -65.68
N MET F 27 -6.42 38.83 -66.89
CA MET F 27 -7.26 38.50 -68.05
C MET F 27 -7.32 37.01 -68.18
N VAL F 28 -8.54 36.46 -68.18
CA VAL F 28 -8.82 35.04 -68.49
C VAL F 28 -9.90 35.00 -69.56
N ASP F 29 -9.63 34.35 -70.70
CA ASP F 29 -10.55 34.23 -71.86
C ASP F 29 -10.89 35.63 -72.31
N GLY F 30 -9.92 36.53 -72.25
CA GLY F 30 -10.03 37.85 -72.96
C GLY F 30 -10.70 38.91 -72.13
N ALA F 31 -10.96 38.66 -70.83
CA ALA F 31 -11.58 39.70 -70.00
C ALA F 31 -11.09 39.61 -68.55
N PRO F 32 -11.11 40.71 -67.78
CA PRO F 32 -10.73 40.64 -66.37
C PRO F 32 -11.44 39.51 -65.65
N TYR F 33 -10.71 38.91 -64.69
CA TYR F 33 -11.21 37.72 -63.91
C TYR F 33 -10.78 37.83 -62.44
N ILE F 34 -11.66 37.41 -61.51
CA ILE F 34 -11.31 37.39 -60.06
C ILE F 34 -11.19 35.93 -59.66
N ILE F 35 -10.06 35.62 -59.04
CA ILE F 35 -9.91 34.25 -58.52
C ILE F 35 -10.62 34.24 -57.15
N LEU F 36 -11.70 33.51 -57.08
CA LEU F 36 -12.39 33.20 -55.82
C LEU F 36 -11.88 31.79 -55.55
N GLY F 37 -10.73 31.69 -54.87
CA GLY F 37 -9.98 30.44 -54.94
C GLY F 37 -10.10 29.60 -53.69
N SER F 38 -9.46 28.48 -53.78
CA SER F 38 -9.27 27.61 -52.61
C SER F 38 -7.99 26.83 -52.90
N GLN F 39 -7.14 26.70 -51.88
CA GLN F 39 -5.93 25.91 -52.03
C GLN F 39 -6.07 24.62 -51.19
N THR F 40 -5.64 23.53 -51.72
CA THR F 40 -5.63 22.22 -51.00
C THR F 40 -4.57 22.25 -49.89
N ASN F 41 -4.61 21.22 -49.06
CA ASN F 41 -3.48 20.95 -48.14
C ASN F 41 -2.31 20.51 -48.98
N ASN F 42 -1.12 20.45 -48.38
CA ASN F 42 0.18 20.18 -49.07
C ASN F 42 0.36 18.73 -49.55
N SER F 43 -0.45 17.77 -49.08
CA SER F 43 -0.33 16.37 -49.51
C SER F 43 -1.57 15.90 -50.27
N SER F 44 -2.25 16.82 -50.98
CA SER F 44 -3.47 16.46 -51.76
C SER F 44 -3.19 16.38 -53.26
N ASN F 45 -1.93 16.43 -53.61
CA ASN F 45 -1.45 16.47 -55.01
C ASN F 45 -1.36 15.08 -55.63
N TYR F 46 -2.32 14.20 -55.37
CA TYR F 46 -2.32 12.82 -55.91
C TYR F 46 -3.75 12.48 -56.38
N PRO F 47 -3.88 11.64 -57.42
CA PRO F 47 -5.20 11.25 -57.92
C PRO F 47 -6.22 10.81 -56.84
N ASP F 48 -5.78 9.97 -55.91
CA ASP F 48 -6.68 9.40 -54.89
C ASP F 48 -7.11 10.51 -53.93
N ALA F 49 -6.35 11.61 -53.79
CA ALA F 49 -6.73 12.69 -52.85
C ALA F 49 -7.82 13.59 -53.43
N LEU F 50 -7.99 13.62 -54.78
CA LEU F 50 -8.87 14.64 -55.37
C LEU F 50 -10.34 14.46 -54.95
N LYS F 51 -10.77 13.25 -54.66
CA LYS F 51 -12.13 12.98 -54.15
C LYS F 51 -12.37 13.73 -52.81
N ASP F 52 -11.34 14.13 -52.10
CA ASP F 52 -11.50 14.81 -50.78
C ASP F 52 -11.32 16.34 -50.96
N VAL F 53 -11.14 16.77 -52.23
CA VAL F 53 -10.88 18.18 -52.56
C VAL F 53 -12.16 18.73 -53.21
N TRP F 54 -12.68 18.01 -54.20
CA TRP F 54 -13.75 18.62 -55.03
C TRP F 54 -14.99 18.99 -54.23
N PRO F 55 -15.46 18.16 -53.27
CA PRO F 55 -16.72 18.53 -52.59
C PRO F 55 -16.61 19.86 -51.84
N SER F 56 -15.45 20.12 -51.23
CA SER F 56 -15.15 21.39 -50.54
C SER F 56 -15.17 22.54 -51.58
N MET F 57 -14.57 22.34 -52.73
CA MET F 57 -14.57 23.43 -53.72
C MET F 57 -16.03 23.73 -54.14
N GLU F 58 -16.88 22.73 -54.23
CA GLU F 58 -18.29 22.94 -54.67
C GLU F 58 -19.05 23.67 -53.57
N LYS F 59 -18.84 23.25 -52.31
CA LYS F 59 -19.53 23.91 -51.18
C LYS F 59 -19.09 25.37 -51.04
N MET F 60 -17.83 25.64 -51.34
CA MET F 60 -17.23 26.99 -51.22
C MET F 60 -17.75 27.91 -52.37
N GLY F 61 -18.13 27.32 -53.50
CA GLY F 61 -18.45 28.14 -54.71
C GLY F 61 -17.19 28.75 -55.29
N ALA F 62 -16.02 28.16 -55.06
CA ALA F 62 -14.75 28.65 -55.60
C ALA F 62 -14.75 28.45 -57.13
N ASN F 63 -14.10 29.40 -57.84
CA ASN F 63 -13.97 29.28 -59.32
C ASN F 63 -12.58 28.78 -59.74
N THR F 64 -11.58 28.73 -58.82
CA THR F 64 -10.23 28.33 -59.15
C THR F 64 -9.61 27.52 -58.01
N LEU F 65 -8.96 26.44 -58.32
CA LEU F 65 -8.26 25.61 -57.27
C LEU F 65 -6.77 25.84 -57.42
N SER F 66 -6.05 26.11 -56.32
CA SER F 66 -4.60 26.12 -56.28
C SER F 66 -4.16 24.78 -55.68
N ILE F 67 -3.29 24.08 -56.34
CA ILE F 67 -2.87 22.71 -55.92
C ILE F 67 -1.44 22.48 -56.32
N PRO F 68 -0.60 21.87 -55.45
CA PRO F 68 0.76 21.61 -55.84
C PRO F 68 0.94 20.64 -57.00
N VAL F 69 1.96 20.95 -57.81
CA VAL F 69 2.63 19.92 -58.65
C VAL F 69 4.08 19.84 -58.21
N ALA F 70 4.48 18.67 -57.68
CA ALA F 70 5.80 18.54 -57.07
C ALA F 70 6.84 18.05 -58.09
N TRP F 71 8.03 18.61 -58.00
CA TRP F 71 9.20 18.10 -58.76
C TRP F 71 9.42 16.64 -58.43
N GLU F 72 9.34 16.26 -57.11
CA GLU F 72 9.52 14.81 -56.79
C GLU F 72 8.51 13.90 -57.53
N GLN F 73 7.29 14.34 -57.85
CA GLN F 73 6.27 13.45 -58.46
C GLN F 73 6.42 13.42 -60.00
N ILE F 74 6.87 14.54 -60.58
CA ILE F 74 6.97 14.57 -62.06
C ILE F 74 8.31 14.07 -62.55
N GLU F 75 9.34 14.10 -61.73
CA GLU F 75 10.67 13.59 -62.15
C GLU F 75 11.25 12.72 -61.04
N PRO F 76 10.63 11.58 -60.73
CA PRO F 76 11.07 10.80 -59.57
C PRO F 76 12.48 10.20 -59.73
N VAL F 77 12.89 9.99 -60.97
CA VAL F 77 14.19 9.43 -61.40
C VAL F 77 14.65 10.37 -62.49
N GLU F 78 15.89 10.85 -62.40
CA GLU F 78 16.36 11.95 -63.33
C GLU F 78 16.08 11.60 -64.82
N GLY F 79 15.34 12.47 -65.51
CA GLY F 79 15.03 12.33 -66.95
C GLY F 79 13.89 11.38 -67.25
N GLN F 80 13.17 10.85 -66.25
CA GLN F 80 12.01 9.93 -66.46
C GLN F 80 10.76 10.64 -65.96
N PHE F 81 10.04 11.33 -66.85
CA PHE F 81 8.98 12.27 -66.41
C PHE F 81 7.68 11.49 -66.28
N ASP F 82 6.83 11.96 -65.37
CA ASP F 82 5.52 11.33 -65.05
C ASP F 82 4.51 12.44 -64.78
N PHE F 83 3.64 12.69 -65.74
CA PHE F 83 2.59 13.73 -65.66
C PHE F 83 1.23 13.05 -65.35
N SER F 84 1.20 11.83 -64.82
CA SER F 84 -0.08 11.12 -64.63
C SER F 84 -1.01 11.89 -63.67
N PHE F 85 -0.48 12.62 -62.72
CA PHE F 85 -1.30 13.38 -61.75
C PHE F 85 -1.87 14.57 -62.52
N VAL F 86 -1.01 15.23 -63.33
CA VAL F 86 -1.50 16.43 -64.05
C VAL F 86 -2.59 16.00 -65.06
N ASP F 87 -2.48 14.84 -65.65
CA ASP F 87 -3.53 14.34 -66.56
C ASP F 87 -4.86 14.25 -65.82
N VAL F 88 -4.90 13.59 -64.68
CA VAL F 88 -6.16 13.36 -63.92
C VAL F 88 -6.70 14.71 -63.44
N LEU F 89 -5.82 15.55 -62.91
CA LEU F 89 -6.23 16.86 -62.34
C LEU F 89 -6.87 17.74 -63.45
N LEU F 90 -6.19 17.90 -64.60
CA LEU F 90 -6.82 18.69 -65.70
C LEU F 90 -8.18 18.11 -66.06
N LYS F 91 -8.31 16.80 -66.25
CA LYS F 91 -9.58 16.17 -66.63
C LYS F 91 -10.66 16.47 -65.59
N GLU F 92 -10.33 16.32 -64.30
CA GLU F 92 -11.34 16.45 -63.22
C GLU F 92 -11.76 17.91 -63.05
N ALA F 93 -10.83 18.83 -63.22
CA ALA F 93 -11.06 20.29 -63.12
C ALA F 93 -12.01 20.70 -64.26
N ARG F 94 -11.75 20.20 -65.46
CA ARG F 94 -12.62 20.51 -66.61
C ARG F 94 -14.04 20.00 -66.37
N GLN F 95 -14.16 18.77 -65.88
CA GLN F 95 -15.48 18.15 -65.63
C GLN F 95 -16.27 19.02 -64.64
N ARG F 96 -15.59 19.75 -63.76
CA ARG F 96 -16.26 20.58 -62.76
C ARG F 96 -16.33 22.06 -63.12
N LYS F 97 -15.77 22.43 -64.27
CA LYS F 97 -15.85 23.79 -64.84
C LYS F 97 -15.19 24.74 -63.85
N VAL F 98 -14.04 24.34 -63.32
CA VAL F 98 -13.19 25.26 -62.53
C VAL F 98 -11.81 25.43 -63.20
N ARG F 99 -11.13 26.49 -62.80
CA ARG F 99 -9.78 26.76 -63.32
C ARG F 99 -8.76 26.31 -62.31
N LEU F 100 -7.51 26.26 -62.74
CA LEU F 100 -6.40 25.82 -61.84
C LEU F 100 -5.27 26.85 -61.76
N VAL F 101 -4.62 26.92 -60.59
CA VAL F 101 -3.33 27.57 -60.37
C VAL F 101 -2.44 26.44 -59.85
N LEU F 102 -1.43 26.14 -60.62
CA LEU F 102 -0.50 25.08 -60.21
C LEU F 102 0.58 25.69 -59.35
N LEU F 103 1.02 24.99 -58.30
CA LEU F 103 2.07 25.52 -57.42
C LEU F 103 3.29 24.63 -57.60
N TRP F 104 4.33 25.14 -58.25
CA TRP F 104 5.56 24.36 -58.52
C TRP F 104 6.38 24.20 -57.26
N PHE F 105 6.22 23.06 -56.58
CA PHE F 105 7.03 22.79 -55.38
C PHE F 105 8.30 22.07 -55.83
N ALA F 106 9.43 22.76 -55.69
CA ALA F 106 10.69 22.35 -56.33
C ALA F 106 11.89 22.69 -55.46
N THR F 107 12.75 23.58 -55.93
CA THR F 107 13.95 24.01 -55.18
C THR F 107 13.55 24.44 -53.76
N TRP F 108 12.54 25.29 -53.61
CA TRP F 108 12.08 25.73 -52.27
C TRP F 108 10.60 25.41 -52.10
N LYS F 109 10.28 24.90 -50.93
CA LYS F 109 8.90 24.80 -50.42
C LYS F 109 9.04 25.09 -48.93
N ASN F 110 8.57 26.24 -48.49
CA ASN F 110 8.81 26.77 -47.13
C ASN F 110 10.31 26.67 -46.78
N ASN F 111 11.18 27.12 -47.69
CA ASN F 111 12.64 27.29 -47.49
C ASN F 111 13.41 26.01 -47.78
N ALA F 112 12.71 24.86 -47.92
CA ALA F 112 13.39 23.57 -47.88
C ALA F 112 13.20 22.79 -49.18
N PRO F 113 14.06 21.79 -49.53
CA PRO F 113 13.91 20.98 -50.73
C PRO F 113 13.11 19.70 -50.56
N HIS F 114 12.18 19.66 -49.60
CA HIS F 114 11.41 18.42 -49.32
C HIS F 114 10.68 17.87 -50.53
N TYR F 115 10.27 18.77 -51.46
CA TYR F 115 9.53 18.34 -52.66
C TYR F 115 10.43 18.19 -53.89
N ALA F 116 11.73 18.35 -53.71
CA ALA F 116 12.71 17.96 -54.73
C ALA F 116 12.83 16.43 -54.69
N PRO F 117 13.05 15.81 -55.86
CA PRO F 117 13.22 14.36 -55.94
C PRO F 117 14.34 13.86 -55.01
N ALA F 118 14.31 12.57 -54.65
CA ALA F 118 15.40 12.02 -53.80
C ALA F 118 16.77 12.29 -54.46
N TRP F 119 16.91 12.10 -55.77
CA TRP F 119 18.23 12.28 -56.44
C TRP F 119 18.68 13.72 -56.38
N VAL F 120 17.78 14.64 -56.03
CA VAL F 120 18.16 16.04 -55.76
C VAL F 120 18.44 16.30 -54.28
N LYS F 121 17.47 16.11 -53.41
CA LYS F 121 17.60 16.55 -52.00
C LYS F 121 18.60 15.67 -51.19
N LEU F 122 18.96 14.49 -51.67
CA LEU F 122 19.95 13.64 -50.94
C LEU F 122 21.35 13.76 -51.57
N ASP F 123 21.52 14.64 -52.57
CA ASP F 123 22.83 14.85 -53.25
C ASP F 123 23.34 16.27 -53.06
N ASN F 124 23.97 16.53 -51.93
CA ASN F 124 24.40 17.88 -51.51
C ASN F 124 25.65 18.30 -52.28
N ALA F 125 26.44 17.35 -52.80
CA ALA F 125 27.66 17.65 -53.57
C ALA F 125 27.19 18.31 -54.89
N ARG F 126 26.26 17.68 -55.60
CA ARG F 126 25.66 18.19 -56.86
C ARG F 126 24.75 19.40 -56.61
N PHE F 127 23.99 19.40 -55.50
CA PHE F 127 22.92 20.42 -55.26
C PHE F 127 23.09 21.01 -53.89
N PRO F 128 23.92 22.04 -53.78
CA PRO F 128 24.33 22.58 -52.49
C PRO F 128 23.38 23.42 -51.63
N ARG F 129 23.46 23.11 -50.34
CA ARG F 129 22.73 23.80 -49.29
C ARG F 129 23.46 25.05 -48.85
N VAL F 130 22.68 25.95 -48.30
CA VAL F 130 23.16 27.19 -47.65
C VAL F 130 24.09 26.81 -46.52
N VAL F 131 25.24 27.48 -46.42
CA VAL F 131 26.18 27.20 -45.31
C VAL F 131 26.12 28.43 -44.42
N LYS F 132 25.98 28.24 -43.12
CA LYS F 132 25.96 29.38 -42.18
C LYS F 132 27.37 29.95 -41.94
N GLU F 133 27.39 31.14 -41.33
CA GLU F 133 28.60 31.92 -40.95
C GLU F 133 29.54 31.01 -40.14
N ASP F 134 28.94 30.18 -39.26
CA ASP F 134 29.67 29.30 -38.32
C ASP F 134 30.11 27.98 -38.95
N GLY F 135 29.76 27.75 -40.21
CA GLY F 135 30.18 26.54 -40.95
C GLY F 135 29.14 25.43 -40.95
N ASP F 136 28.12 25.47 -40.09
CA ASP F 136 27.02 24.45 -40.15
C ASP F 136 26.16 24.67 -41.42
N THR F 137 25.50 23.61 -41.88
CA THR F 137 24.65 23.59 -43.08
C THR F 137 23.18 23.58 -42.67
N LEU F 138 22.32 24.24 -43.45
CA LEU F 138 20.85 24.31 -43.26
C LEU F 138 20.22 23.61 -44.44
N ASN F 139 19.01 23.11 -44.23
CA ASN F 139 18.30 22.30 -45.24
C ASN F 139 17.55 23.29 -46.13
N SER F 140 18.34 24.10 -46.82
CA SER F 140 17.74 25.14 -47.71
C SER F 140 18.74 25.26 -48.86
N LEU F 141 18.29 24.95 -50.08
CA LEU F 141 19.24 24.91 -51.22
C LEU F 141 19.74 26.33 -51.53
N SER F 142 21.03 26.45 -51.78
CA SER F 142 21.66 27.76 -52.10
C SER F 142 21.14 28.24 -53.44
N PRO F 143 20.76 29.51 -53.60
CA PRO F 143 20.35 30.02 -54.92
C PRO F 143 21.53 30.15 -55.89
N LEU F 144 22.75 29.90 -55.39
CA LEU F 144 23.98 29.96 -56.21
C LEU F 144 24.34 28.57 -56.75
N GLY F 145 23.55 27.56 -56.36
CA GLY F 145 23.74 26.22 -56.94
C GLY F 145 23.34 26.21 -58.40
N GLN F 146 24.30 26.16 -59.32
CA GLN F 146 24.06 26.26 -60.79
C GLN F 146 23.42 24.95 -61.28
N ASN F 147 23.82 23.81 -60.69
CA ASN F 147 23.28 22.48 -61.11
C ASN F 147 21.81 22.46 -60.70
N THR F 148 21.52 23.09 -59.56
CA THR F 148 20.18 23.09 -58.94
C THR F 148 19.28 23.88 -59.91
N LEU F 149 19.76 25.08 -60.30
CA LEU F 149 18.98 25.98 -61.19
C LEU F 149 18.76 25.21 -62.48
N ALA F 150 19.75 24.55 -63.06
CA ALA F 150 19.59 23.89 -64.39
C ALA F 150 18.62 22.71 -64.30
N ALA F 151 18.64 21.99 -63.16
CA ALA F 151 17.77 20.80 -62.96
C ALA F 151 16.32 21.27 -62.81
N ASP F 152 16.11 22.28 -61.98
CA ASP F 152 14.74 22.79 -61.64
C ASP F 152 14.15 23.36 -62.93
N LYS F 153 14.91 24.24 -63.59
CA LYS F 153 14.56 24.86 -64.88
C LYS F 153 14.14 23.76 -65.84
N LYS F 154 14.94 22.72 -66.01
CA LYS F 154 14.68 21.58 -66.92
C LYS F 154 13.31 20.93 -66.63
N ALA F 155 13.05 20.61 -65.38
CA ALA F 155 11.79 19.94 -65.01
C ALA F 155 10.62 20.90 -65.19
N PHE F 156 10.77 22.15 -64.77
CA PHE F 156 9.70 23.17 -64.95
C PHE F 156 9.40 23.29 -66.44
N VAL F 157 10.44 23.31 -67.27
CA VAL F 157 10.17 23.39 -68.71
C VAL F 157 9.33 22.20 -69.16
N GLU F 158 9.57 20.99 -68.63
CA GLU F 158 8.82 19.77 -69.06
C GLU F 158 7.36 19.97 -68.68
N LEU F 159 7.12 20.52 -67.50
CA LEU F 159 5.75 20.77 -67.00
C LEU F 159 5.09 21.77 -67.93
N MET F 160 5.80 22.86 -68.30
CA MET F 160 5.17 23.91 -69.17
C MET F 160 5.00 23.32 -70.57
N LYS F 161 5.86 22.43 -70.99
CA LYS F 161 5.64 21.73 -72.29
C LYS F 161 4.39 20.85 -72.24
N TYR F 162 4.15 20.16 -71.13
CA TYR F 162 2.93 19.32 -70.94
C TYR F 162 1.68 20.21 -71.12
N LEU F 163 1.68 21.37 -70.46
CA LEU F 163 0.53 22.32 -70.54
C LEU F 163 0.44 22.94 -71.94
N ALA F 164 1.55 23.22 -72.59
CA ALA F 164 1.52 23.77 -73.99
C ALA F 164 0.82 22.75 -74.87
N LYS F 165 1.13 21.48 -74.73
CA LYS F 165 0.58 20.43 -75.60
C LYS F 165 -0.80 20.04 -75.13
N ARG F 166 -1.08 19.97 -73.81
CA ARG F 166 -2.32 19.29 -73.35
C ARG F 166 -3.34 20.22 -72.72
N ASP F 167 -3.05 21.51 -72.61
CA ASP F 167 -4.00 22.44 -71.97
C ASP F 167 -4.25 23.67 -72.86
N LYS F 168 -4.71 23.41 -74.09
CA LYS F 168 -4.83 24.49 -75.13
C LYS F 168 -5.98 25.44 -74.83
N ASP F 169 -6.90 25.10 -73.93
CA ASP F 169 -7.97 26.02 -73.49
C ASP F 169 -7.63 26.71 -72.16
N HIS F 170 -6.42 26.50 -71.64
CA HIS F 170 -5.88 27.22 -70.46
C HIS F 170 -6.74 26.89 -69.25
N THR F 171 -7.00 25.61 -69.01
CA THR F 171 -7.63 25.22 -67.69
C THR F 171 -6.73 25.81 -66.59
N VAL F 172 -5.43 25.69 -66.78
CA VAL F 172 -4.43 26.33 -65.90
C VAL F 172 -4.23 27.77 -66.30
N ILE F 173 -4.55 28.69 -65.39
CA ILE F 173 -4.53 30.14 -65.73
C ILE F 173 -3.31 30.84 -65.14
N MET F 174 -2.61 30.20 -64.22
CA MET F 174 -1.47 30.86 -63.53
C MET F 174 -0.63 29.75 -62.86
N VAL F 175 0.66 29.99 -62.77
CA VAL F 175 1.62 29.04 -62.14
C VAL F 175 2.38 29.77 -61.08
N GLN F 176 2.47 29.16 -59.89
CA GLN F 176 3.27 29.70 -58.78
C GLN F 176 4.65 29.06 -58.87
N VAL F 177 5.70 29.84 -58.98
CA VAL F 177 7.07 29.29 -59.20
C VAL F 177 7.69 29.19 -57.81
N GLN F 178 7.89 27.95 -57.35
CA GLN F 178 8.38 27.64 -55.97
C GLN F 178 7.26 27.95 -54.98
N ASN F 179 7.57 27.80 -53.68
CA ASN F 179 6.55 28.07 -52.65
C ASN F 179 7.30 28.58 -51.41
N GLU F 180 7.06 29.82 -51.01
CA GLU F 180 7.70 30.46 -49.84
C GLU F 180 9.23 30.20 -49.88
N VAL F 181 9.87 30.81 -50.82
CA VAL F 181 11.32 30.72 -50.97
C VAL F 181 12.00 31.42 -49.78
N GLY F 182 13.28 31.17 -49.63
CA GLY F 182 14.00 31.88 -48.56
C GLY F 182 14.73 30.87 -47.68
N THR F 183 15.22 31.32 -46.53
CA THR F 183 16.08 30.53 -45.63
C THR F 183 15.68 30.93 -44.22
N TYR F 184 15.30 29.94 -43.43
CA TYR F 184 15.20 30.10 -41.97
C TYR F 184 16.53 29.73 -41.33
N GLY F 185 16.99 30.52 -40.34
CA GLY F 185 18.19 30.26 -39.49
C GLY F 185 19.51 30.79 -40.07
N ALA F 186 19.48 31.55 -41.15
CA ALA F 186 20.64 32.33 -41.67
C ALA F 186 20.09 33.41 -42.61
N VAL F 187 20.88 34.44 -42.85
CA VAL F 187 20.47 35.57 -43.74
C VAL F 187 20.76 35.21 -45.19
N ARG F 188 21.83 34.52 -45.49
CA ARG F 188 22.22 34.15 -46.86
C ARG F 188 23.12 32.92 -46.79
N ASP F 189 23.60 32.48 -47.95
CA ASP F 189 24.63 31.44 -48.09
C ASP F 189 25.98 32.11 -47.76
N TYR F 190 26.77 31.44 -46.95
CA TYR F 190 28.12 31.90 -46.61
C TYR F 190 29.14 30.88 -47.08
N SER F 191 28.73 29.85 -47.85
CA SER F 191 29.67 28.99 -48.59
C SER F 191 30.78 29.84 -49.26
N PRO F 192 32.00 29.30 -49.43
CA PRO F 192 33.02 29.96 -50.28
C PRO F 192 32.47 30.31 -51.68
N MET F 193 31.72 29.41 -52.31
CA MET F 193 31.00 29.73 -53.58
C MET F 193 30.20 31.05 -53.42
N ALA F 194 29.38 31.23 -52.36
CA ALA F 194 28.54 32.44 -52.23
C ALA F 194 29.36 33.63 -51.76
N GLN F 195 30.39 33.43 -50.96
CA GLN F 195 31.25 34.57 -50.51
C GLN F 195 31.90 35.26 -51.71
N ALA F 196 32.38 34.47 -52.67
CA ALA F 196 33.14 34.98 -53.85
C ALA F 196 32.21 35.90 -54.66
N VAL F 197 30.94 35.53 -54.75
CA VAL F 197 29.95 36.37 -55.47
C VAL F 197 29.69 37.62 -54.64
N PHE F 198 29.53 37.47 -53.34
CA PHE F 198 29.22 38.59 -52.41
C PHE F 198 30.35 39.61 -52.39
N ASN F 199 31.58 39.12 -52.49
CA ASN F 199 32.84 39.90 -52.39
C ASN F 199 33.10 40.66 -53.71
N ALA F 200 32.48 40.21 -54.82
CA ALA F 200 32.56 40.80 -56.18
C ALA F 200 31.58 41.97 -56.29
N ALA F 201 31.48 42.60 -57.46
CA ALA F 201 30.76 43.87 -57.68
C ALA F 201 29.26 43.54 -57.78
N VAL F 202 28.42 44.43 -57.26
CA VAL F 202 26.94 44.31 -57.44
C VAL F 202 26.70 44.39 -58.93
N PRO F 203 26.02 43.42 -59.57
CA PRO F 203 25.71 43.51 -61.00
C PRO F 203 25.19 44.89 -61.46
N ASP F 204 25.64 45.35 -62.63
CA ASP F 204 25.36 46.73 -63.08
C ASP F 204 23.86 46.92 -63.31
N ASP F 205 23.13 45.91 -63.80
CA ASP F 205 21.68 46.07 -64.13
C ASP F 205 20.91 46.38 -62.82
N LEU F 206 21.35 45.87 -61.66
CA LEU F 206 20.70 46.25 -60.39
C LEU F 206 21.10 47.67 -59.97
N ILE F 207 22.35 48.04 -60.23
CA ILE F 207 22.89 49.37 -59.84
C ILE F 207 22.08 50.49 -60.52
N GLN F 208 21.73 50.33 -61.79
CA GLN F 208 21.00 51.36 -62.60
C GLN F 208 19.55 51.45 -62.16
N LYS F 209 18.91 50.30 -61.97
CA LYS F 209 17.47 50.24 -61.64
C LYS F 209 17.20 50.99 -60.32
N LEU F 210 18.08 50.85 -59.34
CA LEU F 210 17.86 51.51 -58.02
C LEU F 210 18.49 52.91 -57.96
N GLN F 211 19.20 53.34 -59.01
CA GLN F 211 19.96 54.63 -59.07
C GLN F 211 20.92 54.71 -57.87
N LEU F 212 21.82 53.74 -57.72
CA LEU F 212 22.84 53.72 -56.63
C LEU F 212 24.26 53.90 -57.18
N LYS F 213 25.21 54.15 -56.27
CA LYS F 213 26.67 54.26 -56.54
C LYS F 213 27.27 52.85 -56.70
N PRO F 214 28.01 52.50 -57.81
CA PRO F 214 28.58 51.16 -58.06
C PRO F 214 29.56 50.61 -57.01
N GLY F 215 29.75 49.29 -56.95
CA GLY F 215 30.68 48.67 -55.97
C GLY F 215 30.23 47.29 -55.48
N THR F 216 30.82 46.84 -54.34
CA THR F 216 30.53 45.49 -53.80
C THR F 216 29.22 45.53 -53.03
N TRP F 217 28.74 44.34 -52.77
CA TRP F 217 27.50 44.21 -51.98
C TRP F 217 27.63 44.96 -50.65
N SER F 218 28.73 44.76 -49.92
CA SER F 218 28.95 45.44 -48.61
C SER F 218 29.04 46.97 -48.76
N GLN F 219 29.72 47.50 -49.77
CA GLN F 219 29.86 49.00 -49.82
C GLN F 219 28.50 49.64 -50.12
N VAL F 220 27.77 49.05 -51.08
CA VAL F 220 26.47 49.58 -51.59
C VAL F 220 25.39 49.44 -50.52
N PHE F 221 25.22 48.22 -50.00
CA PHE F 221 24.04 47.91 -49.19
C PHE F 221 24.32 47.99 -47.68
N GLY F 222 25.59 47.94 -47.27
CA GLY F 222 26.01 48.10 -45.86
C GLY F 222 25.37 47.01 -44.99
N ARG F 223 24.60 47.41 -43.98
CA ARG F 223 23.97 46.48 -43.00
C ARG F 223 23.07 45.48 -43.75
N ASP F 224 22.47 45.90 -44.87
CA ASP F 224 21.42 45.12 -45.57
C ASP F 224 22.05 44.23 -46.64
N ALA F 225 23.38 44.27 -46.84
CA ALA F 225 24.01 43.52 -47.96
C ALA F 225 23.65 42.02 -47.88
N ASP F 226 23.70 41.45 -46.69
CA ASP F 226 23.49 39.99 -46.55
C ASP F 226 22.08 39.62 -47.05
N GLU F 227 21.08 40.27 -46.48
CA GLU F 227 19.65 40.01 -46.85
C GLU F 227 19.36 40.42 -48.30
N PHE F 228 19.86 41.58 -48.75
CA PHE F 228 19.60 42.00 -50.15
C PHE F 228 20.30 41.06 -51.10
N PHE F 229 21.46 40.53 -50.70
CA PHE F 229 22.22 39.56 -51.52
C PHE F 229 21.39 38.29 -51.69
N HIS F 230 20.89 37.75 -50.58
CA HIS F 230 20.07 36.50 -50.64
C HIS F 230 18.80 36.76 -51.49
N ALA F 231 18.09 37.85 -51.23
CA ALA F 231 16.88 38.20 -52.01
C ALA F 231 17.27 38.29 -53.51
N TYR F 232 18.34 39.01 -53.83
CA TYR F 232 18.74 39.19 -55.23
C TYR F 232 18.99 37.82 -55.82
N GLN F 233 19.82 37.00 -55.16
CA GLN F 233 20.16 35.71 -55.81
C GLN F 233 18.90 34.85 -55.94
N ILE F 234 18.04 34.83 -54.93
CA ILE F 234 16.83 33.96 -55.07
C ILE F 234 15.91 34.51 -56.19
N ALA F 235 15.72 35.82 -56.23
CA ALA F 235 14.84 36.46 -57.28
C ALA F 235 15.40 36.13 -58.67
N ARG F 236 16.73 36.16 -58.83
CA ARG F 236 17.35 35.80 -60.13
C ARG F 236 17.08 34.32 -60.45
N TYR F 237 17.22 33.44 -59.47
CA TYR F 237 16.97 32.02 -59.67
C TYR F 237 15.51 31.89 -60.16
N CYS F 238 14.55 32.47 -59.46
CA CYS F 238 13.12 32.32 -59.82
C CYS F 238 12.81 32.98 -61.18
N ASP F 239 13.52 34.06 -61.49
CA ASP F 239 13.28 34.77 -62.79
C ASP F 239 13.75 33.86 -63.89
N GLU F 240 14.90 33.17 -63.71
CA GLU F 240 15.40 32.28 -64.77
C GLU F 240 14.43 31.12 -64.95
N VAL F 241 13.93 30.58 -63.85
CA VAL F 241 13.03 29.41 -64.00
C VAL F 241 11.78 29.91 -64.75
N THR F 242 11.28 31.07 -64.32
CA THR F 242 10.09 31.75 -64.89
C THR F 242 10.31 31.98 -66.38
N VAL F 243 11.42 32.59 -66.77
CA VAL F 243 11.57 32.94 -68.23
C VAL F 243 11.66 31.64 -69.01
N ALA F 244 12.29 30.60 -68.47
CA ALA F 244 12.45 29.33 -69.20
C ALA F 244 11.07 28.71 -69.45
N GLY F 245 10.18 28.82 -68.49
CA GLY F 245 8.85 28.19 -68.67
C GLY F 245 7.95 29.02 -69.54
N LYS F 246 8.04 30.34 -69.39
CA LYS F 246 7.26 31.29 -70.20
C LYS F 246 7.66 31.18 -71.67
N ALA F 247 8.91 30.80 -71.95
CA ALA F 247 9.34 30.64 -73.36
C ALA F 247 8.55 29.48 -74.00
N ILE F 248 8.05 28.54 -73.18
CA ILE F 248 7.29 27.38 -73.71
C ILE F 248 5.82 27.72 -73.74
N LYS F 249 5.29 28.25 -72.61
CA LYS F 249 3.92 28.78 -72.59
C LYS F 249 3.90 30.01 -71.69
N ASN F 250 3.48 31.15 -72.23
CA ASN F 250 3.62 32.44 -71.53
C ASN F 250 2.42 32.68 -70.56
N LEU F 251 2.15 31.75 -69.65
CA LEU F 251 1.18 31.96 -68.55
C LEU F 251 1.69 33.00 -67.57
N PRO F 252 0.79 33.74 -66.85
CA PRO F 252 1.20 34.55 -65.73
C PRO F 252 1.85 33.62 -64.68
N MET F 253 2.88 34.15 -64.02
CA MET F 253 3.62 33.37 -63.01
C MET F 253 4.02 34.27 -61.87
N TYR F 254 3.85 33.74 -60.64
CA TYR F 254 4.03 34.60 -59.46
C TYR F 254 4.77 33.82 -58.37
N VAL F 255 5.20 34.55 -57.39
CA VAL F 255 5.88 33.96 -56.18
C VAL F 255 5.05 34.38 -54.95
N ASN F 256 5.02 33.48 -53.97
CA ASN F 256 4.19 33.69 -52.77
C ASN F 256 5.17 33.84 -51.61
N VAL F 257 4.87 34.74 -50.73
CA VAL F 257 5.80 35.20 -49.67
C VAL F 257 5.37 34.68 -48.30
N ALA F 258 6.36 34.07 -47.66
CA ALA F 258 6.30 33.80 -46.20
C ALA F 258 6.52 35.15 -45.57
N LEU F 259 5.47 35.81 -45.12
CA LEU F 259 5.49 37.22 -44.70
C LEU F 259 6.29 37.39 -43.41
N ARG F 260 6.97 38.49 -43.29
CA ARG F 260 7.47 39.01 -42.01
C ARG F 260 6.37 39.89 -41.46
N ASN F 261 6.27 39.97 -40.13
CA ASN F 261 5.30 40.87 -39.47
C ASN F 261 5.65 42.28 -39.92
N PRO F 262 4.75 43.05 -40.55
CA PRO F 262 5.16 44.32 -41.10
C PRO F 262 5.38 45.42 -40.05
N PHE F 263 4.87 45.25 -38.83
CA PHE F 263 5.05 46.23 -37.74
C PHE F 263 6.20 45.83 -36.80
N ASN F 264 6.50 44.54 -36.64
CA ASN F 264 7.48 44.01 -35.66
C ASN F 264 8.11 42.77 -36.28
N PRO F 265 8.91 42.90 -37.35
CA PRO F 265 9.37 41.73 -38.11
C PRO F 265 10.48 40.86 -37.51
N GLY F 266 11.27 41.41 -36.62
CA GLY F 266 12.42 40.64 -36.14
C GLY F 266 13.49 40.56 -37.22
N LEU F 267 14.39 39.57 -37.12
CA LEU F 267 15.60 39.56 -37.98
C LEU F 267 15.45 38.57 -39.10
N PRO F 268 16.10 38.88 -40.24
CA PRO F 268 16.15 37.97 -41.38
C PRO F 268 16.83 36.66 -40.94
N GLY F 269 16.14 35.54 -41.12
CA GLY F 269 16.54 34.21 -40.59
C GLY F 269 15.56 33.75 -39.55
N GLN F 270 15.04 34.67 -38.75
CA GLN F 270 13.84 34.40 -37.92
C GLN F 270 12.64 34.31 -38.83
N TYR F 271 12.36 35.37 -39.65
CA TYR F 271 11.48 35.21 -40.85
C TYR F 271 12.32 34.61 -41.95
N SER F 272 11.65 34.20 -43.05
CA SER F 272 12.27 33.52 -44.19
C SER F 272 13.08 34.54 -45.00
N SER F 273 14.37 34.64 -44.73
CA SER F 273 15.25 35.66 -45.39
C SER F 273 15.28 35.42 -46.89
N GLY F 274 15.19 36.47 -47.70
CA GLY F 274 15.41 36.29 -49.14
C GLY F 274 14.13 36.26 -49.95
N GLY F 275 13.02 35.87 -49.32
CA GLY F 275 11.72 35.90 -49.99
C GLY F 275 11.30 37.34 -50.24
N GLY F 276 10.18 37.54 -50.91
CA GLY F 276 9.65 38.88 -51.21
C GLY F 276 9.05 39.60 -50.03
N THR F 277 9.78 39.76 -48.93
CA THR F 277 9.25 40.50 -47.77
C THR F 277 9.18 41.97 -48.15
N ASP F 278 8.43 42.76 -47.39
CA ASP F 278 8.08 44.18 -47.70
C ASP F 278 9.35 45.03 -47.84
N ASN F 279 10.48 44.65 -47.21
CA ASN F 279 11.75 45.44 -47.24
C ASN F 279 12.61 45.12 -48.48
N VAL F 280 12.30 44.08 -49.27
CA VAL F 280 13.17 43.69 -50.40
C VAL F 280 12.33 43.62 -51.67
N LEU F 281 11.10 44.09 -51.61
CA LEU F 281 10.23 44.17 -52.83
C LEU F 281 10.96 44.97 -53.88
N HIS F 282 11.64 46.04 -53.51
CA HIS F 282 12.41 46.83 -54.51
C HIS F 282 13.50 45.96 -55.15
N ILE F 283 14.20 45.13 -54.37
CA ILE F 283 15.22 44.20 -54.93
C ILE F 283 14.53 43.20 -55.88
N TRP F 284 13.42 42.56 -55.45
CA TRP F 284 12.70 41.54 -56.25
C TRP F 284 12.25 42.15 -57.59
N LYS F 285 11.66 43.33 -57.54
CA LYS F 285 11.10 43.94 -58.79
C LYS F 285 12.26 44.26 -59.74
N ALA F 286 13.36 44.75 -59.22
CA ALA F 286 14.55 45.10 -60.05
C ALA F 286 15.18 43.83 -60.65
N ALA F 287 15.33 42.77 -59.84
CA ALA F 287 16.05 41.54 -60.24
C ALA F 287 15.19 40.60 -61.09
N ALA F 288 13.86 40.62 -60.96
CA ALA F 288 13.05 39.54 -61.54
C ALA F 288 11.91 40.15 -62.34
N PRO F 289 12.19 40.83 -63.50
CA PRO F 289 11.17 41.62 -64.33
C PRO F 289 10.17 40.68 -64.98
N ASN F 290 10.47 39.39 -65.00
CA ASN F 290 9.64 38.39 -65.72
C ASN F 290 8.63 37.75 -64.77
N ILE F 291 8.78 37.93 -63.46
CA ILE F 291 7.76 37.41 -62.49
C ILE F 291 6.62 38.42 -62.46
N ASP F 292 5.40 37.96 -62.71
CA ASP F 292 4.27 38.92 -62.85
C ASP F 292 3.97 39.63 -61.54
N LEU F 293 3.87 38.90 -60.40
CA LEU F 293 3.55 39.63 -59.17
C LEU F 293 4.13 38.85 -57.98
N ILE F 294 4.18 39.53 -56.84
CA ILE F 294 4.66 38.97 -55.55
C ILE F 294 3.43 38.93 -54.66
N ALA F 295 2.99 37.72 -54.25
CA ALA F 295 1.72 37.52 -53.54
C ALA F 295 1.95 37.22 -52.03
N PRO F 296 1.30 37.95 -51.14
CA PRO F 296 1.38 37.65 -49.70
C PRO F 296 0.57 36.40 -49.32
N ASP F 297 1.16 35.60 -48.41
CA ASP F 297 0.46 34.46 -47.73
C ASP F 297 0.05 34.94 -46.35
N ILE F 298 -1.24 35.14 -46.09
CA ILE F 298 -1.65 35.91 -44.87
C ILE F 298 -2.22 34.98 -43.76
N TYR F 299 -1.56 34.96 -42.63
CA TYR F 299 -2.05 34.15 -41.46
C TYR F 299 -2.16 35.03 -40.25
N PHE F 300 -1.84 36.31 -40.36
CA PHE F 300 -2.14 37.30 -39.29
C PHE F 300 -3.67 37.42 -39.16
N ARG F 301 -4.20 37.40 -37.96
CA ARG F 301 -5.70 37.38 -37.76
C ARG F 301 -6.28 38.78 -37.60
N ASP F 302 -5.44 39.68 -37.08
CA ASP F 302 -5.87 41.04 -36.63
C ASP F 302 -5.89 42.03 -37.81
N TYR F 303 -6.96 42.76 -37.81
CA TYR F 303 -7.35 43.70 -38.88
C TYR F 303 -6.22 44.70 -39.17
N LYS F 304 -5.54 45.27 -38.20
CA LYS F 304 -4.49 46.27 -38.53
C LYS F 304 -3.37 45.61 -39.29
N THR F 305 -3.00 44.40 -38.91
CA THR F 305 -1.81 43.78 -39.50
C THR F 305 -2.19 43.38 -40.91
N VAL F 306 -3.32 42.73 -41.06
CA VAL F 306 -3.76 42.29 -42.41
C VAL F 306 -3.93 43.54 -43.26
N SER F 307 -4.56 44.58 -42.76
CA SER F 307 -4.75 45.79 -43.59
C SER F 307 -3.39 46.29 -44.03
N LYS F 308 -2.44 46.32 -43.13
CA LYS F 308 -1.10 46.79 -43.47
C LYS F 308 -0.46 45.92 -44.57
N VAL F 309 -0.51 44.59 -44.48
CA VAL F 309 0.05 43.71 -45.53
C VAL F 309 -0.60 44.08 -46.89
N LEU F 310 -1.91 44.26 -46.89
CA LEU F 310 -2.63 44.52 -48.17
C LEU F 310 -2.13 45.84 -48.75
N GLU F 311 -1.92 46.84 -47.93
CA GLU F 311 -1.37 48.15 -48.33
C GLU F 311 0.03 47.97 -48.93
N LEU F 312 0.91 47.21 -48.29
CA LEU F 312 2.29 47.07 -48.78
C LEU F 312 2.34 46.25 -50.07
N TYR F 313 1.46 45.31 -50.28
CA TYR F 313 1.58 44.41 -51.45
C TYR F 313 0.77 44.97 -52.63
N THR F 314 -0.06 45.97 -52.42
CA THR F 314 -0.81 46.66 -53.51
C THR F 314 0.02 47.86 -53.93
N ARG F 315 0.62 47.76 -55.10
CA ARG F 315 1.60 48.77 -55.56
C ARG F 315 1.30 49.03 -57.03
N PRO F 316 1.70 50.20 -57.58
CA PRO F 316 1.64 50.37 -59.03
C PRO F 316 2.39 49.29 -59.80
N ASP F 317 3.51 48.79 -59.25
CA ASP F 317 4.28 47.70 -59.89
C ASP F 317 3.85 46.31 -59.36
N ASN F 318 2.72 46.16 -58.68
CA ASN F 318 2.42 44.83 -58.07
C ASN F 318 0.91 44.65 -57.87
N ALA F 319 0.29 43.82 -58.71
CA ALA F 319 -1.13 43.39 -58.58
C ALA F 319 -1.25 42.67 -57.24
N LEU F 320 -2.35 42.89 -56.58
CA LEU F 320 -2.68 42.20 -55.31
C LEU F 320 -3.36 40.84 -55.52
N PHE F 321 -2.65 39.79 -55.10
CA PHE F 321 -3.19 38.44 -55.16
C PHE F 321 -3.01 37.89 -53.77
N VAL F 322 -4.09 37.60 -53.09
CA VAL F 322 -3.95 36.98 -51.73
C VAL F 322 -3.86 35.47 -51.99
N ALA F 323 -2.66 35.00 -52.28
CA ALA F 323 -2.37 33.66 -52.80
C ALA F 323 -2.65 32.58 -51.71
N GLU F 324 -2.51 32.96 -50.43
CA GLU F 324 -2.96 32.09 -49.31
C GLU F 324 -3.50 33.03 -48.26
N ILE F 325 -4.46 32.51 -47.52
CA ILE F 325 -4.94 33.17 -46.31
C ILE F 325 -5.45 32.03 -45.42
N GLY F 326 -5.41 32.27 -44.14
CA GLY F 326 -5.93 31.23 -43.22
C GLY F 326 -7.40 30.91 -43.43
N ASN F 327 -7.83 29.70 -43.04
CA ASN F 327 -9.20 29.21 -43.33
C ASN F 327 -10.07 29.35 -42.07
N ASP F 328 -9.59 29.98 -41.00
CA ASP F 328 -10.49 30.24 -39.86
C ASP F 328 -11.49 31.33 -40.20
N GLN F 329 -12.55 31.41 -39.45
CA GLN F 329 -13.66 32.37 -39.69
C GLN F 329 -13.16 33.80 -39.87
N PRO F 330 -12.27 34.34 -39.01
CA PRO F 330 -11.98 35.76 -39.05
C PRO F 330 -11.41 36.20 -40.42
N PHE F 331 -10.87 35.26 -41.19
CA PHE F 331 -10.15 35.61 -42.43
C PHE F 331 -11.17 35.93 -43.56
N ALA F 332 -12.36 35.42 -43.50
CA ALA F 332 -13.33 35.44 -44.63
C ALA F 332 -13.57 36.90 -45.00
N ARG F 333 -13.61 37.83 -44.06
CA ARG F 333 -14.09 39.19 -44.32
C ARG F 333 -13.00 39.96 -45.08
N TYR F 334 -11.80 39.47 -45.14
CA TYR F 334 -10.67 40.18 -45.79
C TYR F 334 -10.84 40.09 -47.31
N LEU F 335 -11.79 39.31 -47.77
CA LEU F 335 -12.06 39.31 -49.24
C LEU F 335 -12.46 40.72 -49.64
N PHE F 336 -13.24 41.39 -48.85
CA PHE F 336 -13.85 42.69 -49.21
C PHE F 336 -12.73 43.70 -49.44
N PRO F 337 -11.81 43.98 -48.48
CA PRO F 337 -10.72 44.96 -48.75
C PRO F 337 -9.76 44.47 -49.83
N THR F 338 -9.53 43.18 -49.92
CA THR F 338 -8.71 42.61 -51.01
C THR F 338 -9.31 43.09 -52.34
N LEU F 339 -10.57 42.85 -52.54
CA LEU F 339 -11.20 43.27 -53.85
C LEU F 339 -11.19 44.78 -53.95
N GLY F 340 -11.47 45.48 -52.87
CA GLY F 340 -11.57 46.96 -52.93
C GLY F 340 -10.25 47.60 -53.33
N LYS F 341 -9.11 46.96 -53.05
CA LYS F 341 -7.77 47.43 -53.44
C LYS F 341 -7.53 47.16 -54.91
N GLY F 342 -8.46 46.54 -55.62
CA GLY F 342 -8.21 46.10 -56.99
C GLY F 342 -7.57 44.73 -57.06
N GLY F 343 -7.67 43.95 -55.98
CA GLY F 343 -7.07 42.62 -55.99
C GLY F 343 -7.64 41.72 -57.04
N ILE F 344 -6.83 40.83 -57.56
CA ILE F 344 -7.22 39.92 -58.67
C ILE F 344 -7.68 38.60 -58.06
N GLY F 345 -7.49 38.39 -56.73
CA GLY F 345 -7.90 37.06 -56.27
C GLY F 345 -7.60 36.86 -54.81
N PHE F 346 -8.14 35.76 -54.32
CA PHE F 346 -8.19 35.50 -52.84
C PHE F 346 -8.39 34.01 -52.68
N SER F 347 -7.46 33.37 -51.93
CA SER F 347 -7.40 31.89 -51.90
C SER F 347 -7.15 31.35 -50.49
N PRO F 348 -8.20 30.97 -49.76
CA PRO F 348 -8.00 30.34 -48.44
C PRO F 348 -7.25 29.03 -48.55
N PHE F 349 -6.36 28.75 -47.56
CA PHE F 349 -5.49 27.60 -47.60
C PHE F 349 -6.09 26.47 -46.77
N GLY F 350 -6.03 25.27 -47.31
CA GLY F 350 -6.40 24.04 -46.60
C GLY F 350 -7.86 23.69 -46.72
N MET F 351 -8.49 23.96 -47.87
CA MET F 351 -9.90 23.67 -48.08
C MET F 351 -10.06 22.28 -48.66
N ASP F 352 -9.73 21.28 -47.88
CA ASP F 352 -10.04 19.90 -48.31
C ASP F 352 -10.25 19.01 -47.05
N ASP F 353 -10.79 17.85 -47.26
CA ASP F 353 -11.18 16.93 -46.18
C ASP F 353 -10.14 15.81 -46.11
N THR F 354 -8.89 16.11 -46.18
CA THR F 354 -7.86 15.04 -46.14
C THR F 354 -7.36 14.87 -44.68
N ASP F 355 -8.18 15.26 -43.70
CA ASP F 355 -7.91 14.98 -42.25
C ASP F 355 -6.66 15.73 -41.80
N TYR F 356 -6.59 17.02 -42.10
CA TYR F 356 -5.51 17.86 -41.59
C TYR F 356 -6.02 19.27 -41.41
N THR F 357 -5.65 19.91 -40.30
N THR F 357 -5.63 19.91 -40.31
CA THR F 357 -5.91 21.35 -40.06
CA THR F 357 -5.90 21.35 -40.04
C THR F 357 -4.57 21.96 -39.66
C THR F 357 -4.56 21.96 -39.65
N ASN F 358 -4.24 23.13 -40.18
CA ASN F 358 -3.03 23.85 -39.79
C ASN F 358 -3.30 24.75 -38.59
N TYR F 359 -4.38 24.52 -37.84
CA TYR F 359 -4.53 25.21 -36.54
C TYR F 359 -3.21 25.07 -35.76
N PRO F 360 -2.64 26.12 -35.14
CA PRO F 360 -3.28 27.40 -34.87
C PRO F 360 -3.31 28.45 -36.01
N LEU F 361 -2.81 28.13 -37.20
CA LEU F 361 -2.91 29.15 -38.30
C LEU F 361 -4.34 29.26 -38.82
N GLY F 362 -4.96 28.16 -39.11
CA GLY F 362 -6.33 28.15 -39.62
C GLY F 362 -7.28 27.59 -38.60
N ALA F 363 -8.34 27.02 -39.08
CA ALA F 363 -9.52 26.63 -38.27
C ALA F 363 -9.11 25.41 -37.45
N LYS F 364 -9.58 25.38 -36.24
CA LYS F 364 -9.33 24.25 -35.33
C LYS F 364 -10.02 23.00 -35.87
N VAL F 365 -11.22 23.17 -36.42
CA VAL F 365 -11.99 22.05 -36.98
C VAL F 365 -12.37 22.36 -38.41
N TYR F 366 -12.13 21.42 -39.33
CA TYR F 366 -12.56 21.52 -40.75
C TYR F 366 -13.88 20.79 -40.98
N ASN F 367 -14.96 21.53 -41.13
CA ASN F 367 -16.26 20.93 -41.42
C ASN F 367 -17.06 21.87 -42.33
N ASP F 368 -18.32 21.56 -42.54
CA ASP F 368 -19.16 22.38 -43.49
C ASP F 368 -19.24 23.82 -42.99
N GLU F 369 -19.30 24.05 -41.67
CA GLU F 369 -19.39 25.42 -41.13
C GLU F 369 -18.08 26.17 -41.45
N THR F 370 -16.89 25.54 -41.43
CA THR F 370 -15.62 26.23 -41.80
C THR F 370 -15.71 26.74 -43.25
N ILE F 371 -16.22 25.87 -44.10
CA ILE F 371 -16.39 26.19 -45.56
C ILE F 371 -17.44 27.29 -45.70
N GLU F 372 -18.55 27.21 -44.99
CA GLU F 372 -19.70 28.12 -45.15
C GLU F 372 -19.26 29.57 -44.93
N GLN F 373 -18.35 29.84 -44.02
CA GLN F 373 -17.94 31.22 -43.76
C GLN F 373 -17.42 31.88 -45.07
N PHE F 374 -16.66 31.13 -45.88
CA PHE F 374 -16.12 31.64 -47.18
C PHE F 374 -17.22 31.54 -48.22
N ALA F 375 -18.06 30.51 -48.23
CA ALA F 375 -19.15 30.38 -49.25
C ALA F 375 -20.04 31.62 -49.15
N GLN F 376 -20.31 32.12 -47.92
CA GLN F 376 -21.21 33.28 -47.74
C GLN F 376 -20.67 34.53 -48.43
N VAL F 377 -19.38 34.79 -48.38
CA VAL F 377 -18.75 36.00 -48.97
C VAL F 377 -18.56 35.72 -50.44
N TYR F 378 -18.24 34.54 -50.86
CA TYR F 378 -18.11 34.23 -52.32
C TYR F 378 -19.44 34.46 -53.02
N ARG F 379 -20.55 34.18 -52.36
CA ARG F 379 -21.92 34.31 -52.96
C ARG F 379 -22.21 35.78 -53.29
N LEU F 380 -21.50 36.73 -52.69
CA LEU F 380 -21.74 38.17 -52.98
C LEU F 380 -21.02 38.53 -54.29
N VAL F 381 -20.01 37.80 -54.63
CA VAL F 381 -19.12 38.22 -55.74
C VAL F 381 -19.37 37.38 -56.99
N ASN F 382 -19.57 36.09 -56.84
CA ASN F 382 -19.79 35.17 -57.98
C ASN F 382 -20.85 35.73 -58.92
N PRO F 383 -22.00 36.24 -58.49
CA PRO F 383 -23.05 36.68 -59.41
C PRO F 383 -22.63 37.85 -60.30
N MET F 384 -21.62 38.61 -59.87
CA MET F 384 -21.12 39.76 -60.66
C MET F 384 -19.62 39.65 -60.99
N MET F 385 -19.03 38.47 -61.01
CA MET F 385 -17.55 38.36 -61.00
C MET F 385 -16.92 39.10 -62.20
N ARG F 386 -17.42 38.87 -63.40
CA ARG F 386 -16.85 39.55 -64.62
C ARG F 386 -17.09 41.05 -64.59
N GLU F 387 -18.27 41.49 -64.17
CA GLU F 387 -18.59 42.93 -64.08
C GLU F 387 -17.70 43.60 -63.05
N TRP F 388 -17.55 42.96 -61.90
CA TRP F 388 -16.70 43.53 -60.84
C TRP F 388 -15.28 43.58 -61.38
N ALA F 389 -14.81 42.51 -61.98
CA ALA F 389 -13.40 42.47 -62.47
C ALA F 389 -13.16 43.63 -63.44
N ARG F 390 -14.10 43.92 -64.32
N ARG F 390 -14.10 43.93 -64.33
N ARG F 390 -14.10 43.94 -64.32
CA ARG F 390 -13.94 45.02 -65.33
CA ARG F 390 -13.93 45.02 -65.33
CA ARG F 390 -13.93 45.02 -65.32
C ARG F 390 -13.89 46.39 -64.62
C ARG F 390 -13.89 46.39 -64.62
C ARG F 390 -13.89 46.39 -64.62
N LEU F 391 -14.77 46.55 -63.63
CA LEU F 391 -14.91 47.81 -62.89
C LEU F 391 -13.66 48.07 -62.04
N SER F 392 -13.10 46.99 -61.53
CA SER F 392 -11.91 47.10 -60.67
C SER F 392 -10.74 47.65 -61.50
N TYR F 393 -10.58 47.09 -62.67
CA TYR F 393 -9.44 47.37 -63.55
C TYR F 393 -9.52 48.79 -64.10
N GLN F 394 -10.65 49.10 -64.70
CA GLN F 394 -10.75 50.36 -65.50
C GLN F 394 -11.78 51.31 -64.91
N GLY F 395 -12.10 51.22 -63.63
CA GLY F 395 -13.04 52.12 -62.97
C GLY F 395 -12.69 52.27 -61.49
N GLN F 396 -13.69 52.59 -60.67
CA GLN F 396 -13.44 52.94 -59.27
C GLN F 396 -14.17 51.93 -58.41
N VAL F 397 -13.41 51.25 -57.57
CA VAL F 397 -14.02 50.33 -56.57
C VAL F 397 -13.47 50.65 -55.19
N TRP F 398 -14.22 50.16 -54.22
CA TRP F 398 -13.91 50.32 -52.77
C TRP F 398 -14.35 49.02 -52.09
N GLY F 399 -13.65 48.68 -51.02
CA GLY F 399 -14.04 47.48 -50.26
C GLY F 399 -13.54 47.63 -48.85
N VAL F 400 -14.38 47.30 -47.88
CA VAL F 400 -13.97 47.41 -46.42
C VAL F 400 -14.43 46.16 -45.67
N ALA F 401 -13.72 45.92 -44.55
CA ALA F 401 -14.05 44.81 -43.61
C ALA F 401 -14.28 45.40 -42.23
N GLU F 402 -15.07 44.69 -41.43
CA GLU F 402 -15.35 45.11 -40.04
C GLU F 402 -14.00 45.30 -39.33
N PRO F 403 -13.69 46.53 -38.85
CA PRO F 403 -12.38 46.91 -38.37
C PRO F 403 -11.98 46.51 -36.96
N LEU F 404 -12.92 46.00 -36.21
CA LEU F 404 -12.54 45.51 -34.88
C LEU F 404 -12.59 44.00 -34.95
N ASP F 405 -11.58 43.36 -34.37
CA ASP F 405 -11.57 41.90 -34.21
C ASP F 405 -12.56 41.52 -33.07
N SER F 406 -12.97 40.27 -33.03
CA SER F 406 -13.90 39.75 -31.99
C SER F 406 -13.38 40.06 -30.58
N THR F 407 -14.26 40.46 -29.67
CA THR F 407 -13.89 40.81 -28.30
C THR F 407 -13.30 39.54 -27.66
N THR F 408 -12.10 39.64 -27.09
CA THR F 408 -11.38 38.53 -26.39
C THR F 408 -12.09 38.20 -25.08
N GLU F 409 -11.87 37.02 -24.50
CA GLU F 409 -12.38 36.72 -23.15
C GLU F 409 -11.69 37.70 -22.16
N THR F 410 -10.40 38.01 -22.36
CA THR F 410 -9.63 38.94 -21.47
C THR F 410 -10.18 40.37 -21.61
N GLN F 411 -10.83 40.73 -22.74
CA GLN F 411 -11.43 42.08 -22.83
C GLN F 411 -12.84 42.09 -22.22
N LYS F 412 -13.55 40.95 -22.25
CA LYS F 412 -14.94 40.86 -21.72
C LYS F 412 -14.92 40.80 -20.19
N ILE F 413 -13.76 40.60 -19.57
CA ILE F 413 -13.58 40.67 -18.08
C ILE F 413 -13.39 42.14 -17.66
N ALA F 418 -15.75 47.48 -15.30
CA ALA F 418 -15.63 48.94 -15.44
C ALA F 418 -16.94 49.59 -15.02
N THR F 419 -16.87 50.85 -14.59
CA THR F 419 -18.02 51.66 -14.09
C THR F 419 -19.19 51.59 -15.07
N PRO F 420 -20.43 51.94 -14.64
CA PRO F 420 -21.50 52.23 -15.61
C PRO F 420 -21.13 53.29 -16.65
N GLU F 421 -20.35 54.30 -16.25
CA GLU F 421 -19.85 55.42 -17.11
C GLU F 421 -18.75 54.91 -18.06
N GLU F 422 -17.87 54.04 -17.59
CA GLU F 422 -16.76 53.50 -18.43
C GLU F 422 -17.39 52.63 -19.53
N LYS F 423 -18.37 51.78 -19.19
CA LYS F 423 -19.15 50.91 -20.13
C LYS F 423 -19.84 51.76 -21.21
N GLU F 424 -20.47 52.88 -20.85
CA GLU F 424 -21.16 53.79 -21.79
C GLU F 424 -20.12 54.41 -22.74
N GLN F 425 -18.96 54.80 -22.22
CA GLN F 425 -17.89 55.44 -23.04
C GLN F 425 -17.26 54.38 -23.98
N HIS F 426 -17.10 53.16 -23.49
CA HIS F 426 -16.47 52.09 -24.29
C HIS F 426 -17.41 51.81 -25.48
N LYS F 427 -18.73 51.78 -25.22
CA LYS F 427 -19.75 51.60 -26.30
C LYS F 427 -19.62 52.74 -27.33
N LYS F 428 -19.52 53.98 -26.88
CA LYS F 428 -19.31 55.15 -27.77
C LYS F 428 -18.06 54.90 -28.62
N ASP F 429 -16.95 54.50 -27.99
CA ASP F 429 -15.64 54.35 -28.69
C ASP F 429 -15.74 53.19 -29.71
N ARG F 430 -16.39 52.07 -29.40
CA ARG F 430 -16.56 50.92 -30.31
C ARG F 430 -17.46 51.40 -31.48
N ALA F 431 -18.52 52.14 -31.19
CA ALA F 431 -19.46 52.59 -32.27
C ALA F 431 -18.68 53.42 -33.31
N SER F 432 -17.81 54.30 -32.84
CA SER F 432 -16.99 55.20 -33.67
C SER F 432 -15.94 54.38 -34.46
N ALA F 433 -15.34 53.34 -33.86
CA ALA F 433 -14.36 52.49 -34.55
C ALA F 433 -15.06 51.59 -35.60
N LEU F 434 -16.35 51.29 -35.39
CA LEU F 434 -17.14 50.38 -36.26
C LEU F 434 -17.87 51.20 -37.32
N THR F 435 -17.42 52.44 -37.51
CA THR F 435 -18.01 53.35 -38.55
C THR F 435 -16.87 53.74 -39.52
N GLN F 436 -17.03 53.43 -40.79
CA GLN F 436 -16.02 53.66 -41.84
C GLN F 436 -16.58 54.62 -42.87
N GLN F 437 -15.77 55.58 -43.30
CA GLN F 437 -16.13 56.58 -44.33
CA GLN F 437 -16.18 56.55 -44.34
C GLN F 437 -15.43 56.22 -45.63
N LEU F 438 -16.15 56.31 -46.73
CA LEU F 438 -15.62 56.10 -48.09
C LEU F 438 -15.97 57.34 -48.93
N ASP F 439 -14.99 57.90 -49.59
CA ASP F 439 -15.19 59.09 -50.49
C ASP F 439 -15.42 58.61 -51.91
N LEU F 440 -16.64 58.71 -52.40
CA LEU F 440 -17.03 58.08 -53.68
C LEU F 440 -17.19 59.18 -54.76
N GLY F 441 -16.60 60.33 -54.55
CA GLY F 441 -16.66 61.43 -55.57
C GLY F 441 -17.61 62.51 -55.08
N LEU F 442 -18.78 62.61 -55.71
CA LEU F 442 -19.83 63.52 -55.30
C LEU F 442 -20.56 63.01 -54.08
N TRP F 443 -20.42 61.70 -53.84
CA TRP F 443 -21.16 61.09 -52.73
C TRP F 443 -20.14 60.35 -51.83
N ASP F 444 -20.50 60.16 -50.56
CA ASP F 444 -19.69 59.35 -49.65
C ASP F 444 -20.60 58.22 -49.14
N ALA F 445 -20.01 57.13 -48.70
CA ALA F 445 -20.77 56.11 -47.98
C ALA F 445 -20.17 56.00 -46.58
N GLU F 446 -21.05 55.66 -45.66
CA GLU F 446 -20.64 55.35 -44.28
C GLU F 446 -21.06 53.88 -44.03
N VAL F 447 -20.13 53.03 -43.71
CA VAL F 447 -20.37 51.61 -43.45
C VAL F 447 -20.32 51.39 -41.93
N THR F 448 -21.35 50.77 -41.38
CA THR F 448 -21.36 50.48 -39.92
C THR F 448 -21.74 49.02 -39.72
N TYR F 449 -21.36 48.43 -38.58
CA TYR F 449 -21.44 46.97 -38.43
C TYR F 449 -22.14 46.57 -37.14
N GLY F 450 -23.12 45.70 -37.22
CA GLY F 450 -23.80 45.12 -36.03
C GLY F 450 -24.86 46.02 -35.46
N ARG F 451 -25.91 46.21 -36.23
CA ARG F 451 -27.02 47.06 -35.78
C ARG F 451 -28.30 46.53 -36.39
N PRO F 452 -29.47 46.90 -35.85
CA PRO F 452 -30.73 46.50 -36.42
C PRO F 452 -30.90 47.11 -37.85
N MET F 453 -31.94 46.62 -38.53
CA MET F 453 -32.23 47.04 -39.94
C MET F 453 -33.14 48.24 -39.94
N PHE F 454 -33.55 48.68 -38.76
CA PHE F 454 -34.50 49.76 -38.52
C PHE F 454 -33.99 50.67 -37.43
N TRP F 455 -34.22 51.98 -37.58
CA TRP F 455 -33.86 53.01 -36.56
C TRP F 455 -32.33 53.20 -36.54
N VAL F 456 -31.81 53.92 -35.56
CA VAL F 456 -30.44 54.46 -35.58
C VAL F 456 -29.66 54.05 -34.31
N THR F 457 -29.99 52.94 -33.69
CA THR F 457 -29.15 52.43 -32.59
C THR F 457 -27.71 52.33 -33.06
N PRO F 458 -26.73 52.81 -32.29
CA PRO F 458 -25.34 52.78 -32.75
C PRO F 458 -24.86 51.33 -32.91
N PRO F 459 -23.93 51.13 -33.85
CA PRO F 459 -23.35 49.83 -34.11
C PRO F 459 -22.58 49.26 -32.93
N GLU F 460 -22.69 47.94 -32.74
CA GLU F 460 -22.00 47.19 -31.65
C GLU F 460 -21.11 46.10 -32.22
N GLY F 461 -21.09 45.91 -33.53
CA GLY F 461 -20.25 44.87 -34.13
C GLY F 461 -20.99 43.54 -34.19
N ASN F 462 -20.55 42.70 -35.09
CA ASN F 462 -21.00 41.34 -35.28
C ASN F 462 -20.16 40.48 -34.31
N THR F 463 -20.74 39.37 -33.90
CA THR F 463 -20.04 38.39 -33.02
C THR F 463 -20.19 37.05 -33.70
N PRO F 464 -19.12 36.46 -34.26
CA PRO F 464 -17.78 37.09 -34.30
C PRO F 464 -17.66 38.20 -35.37
N ALA F 465 -16.56 38.95 -35.39
CA ALA F 465 -16.38 40.00 -36.43
C ALA F 465 -16.50 39.33 -37.78
N ALA F 466 -17.28 39.90 -38.72
CA ALA F 466 -17.54 39.19 -39.99
C ALA F 466 -17.92 40.14 -41.14
N GLY F 467 -18.27 41.36 -40.88
CA GLY F 467 -18.96 42.13 -41.98
C GLY F 467 -17.99 42.72 -42.98
N GLY F 468 -18.62 43.25 -44.03
CA GLY F 468 -17.83 44.03 -44.98
C GLY F 468 -18.75 44.58 -46.06
N ALA F 469 -18.17 45.35 -47.01
CA ALA F 469 -18.99 45.93 -48.11
C ALA F 469 -18.08 46.11 -49.34
N LEU F 470 -18.71 46.06 -50.52
CA LEU F 470 -18.06 46.29 -51.86
C LEU F 470 -18.86 47.38 -52.56
N ILE F 471 -18.18 48.38 -53.12
CA ILE F 471 -18.92 49.44 -53.88
C ILE F 471 -18.13 49.62 -55.17
N ALA F 472 -18.83 49.77 -56.28
CA ALA F 472 -18.24 50.13 -57.57
C ALA F 472 -18.95 51.35 -58.13
N GLN F 473 -18.21 52.27 -58.72
CA GLN F 473 -18.86 53.47 -59.29
C GLN F 473 -19.26 53.16 -60.71
N LEU F 474 -20.54 53.40 -61.07
CA LEU F 474 -21.02 53.19 -62.45
C LEU F 474 -21.06 54.52 -63.17
N ASP F 475 -21.31 55.60 -62.49
CA ASP F 475 -21.38 56.98 -63.07
C ASP F 475 -21.31 57.99 -61.93
N ASP F 476 -21.38 59.29 -62.17
CA ASP F 476 -21.15 60.32 -61.13
C ASP F 476 -22.10 60.11 -59.94
N ASN F 477 -23.28 59.58 -60.19
CA ASN F 477 -24.32 59.51 -59.13
C ASN F 477 -24.82 58.07 -58.95
N GLU F 478 -24.15 57.06 -59.50
N GLU F 478 -24.14 57.06 -59.50
CA GLU F 478 -24.69 55.68 -59.49
CA GLU F 478 -24.70 55.69 -59.49
C GLU F 478 -23.61 54.70 -59.08
C GLU F 478 -23.61 54.70 -59.09
N TYR F 479 -23.99 53.79 -58.19
CA TYR F 479 -23.03 52.83 -57.62
C TYR F 479 -23.64 51.44 -57.62
N LEU F 480 -22.77 50.46 -57.68
CA LEU F 480 -23.11 49.03 -57.46
C LEU F 480 -22.66 48.72 -56.03
N VAL F 481 -23.56 48.13 -55.24
CA VAL F 481 -23.30 47.95 -53.78
C VAL F 481 -23.72 46.54 -53.39
N THR F 482 -22.80 45.84 -52.73
CA THR F 482 -23.23 44.58 -52.04
C THR F 482 -22.49 44.52 -50.70
N ALA F 483 -23.17 44.11 -49.64
CA ALA F 483 -22.48 44.15 -48.34
C ALA F 483 -22.89 42.95 -47.51
N TYR F 484 -22.31 42.82 -46.35
CA TYR F 484 -22.49 41.58 -45.54
C TYR F 484 -22.48 41.96 -44.06
N LYS F 485 -23.58 41.69 -43.36
CA LYS F 485 -23.73 41.98 -41.90
C LYS F 485 -23.32 43.40 -41.62
N ALA F 486 -23.95 44.37 -42.33
CA ALA F 486 -23.45 45.76 -42.32
C ALA F 486 -24.52 46.66 -42.85
N ARG F 487 -24.42 47.90 -42.47
CA ARG F 487 -25.33 48.94 -43.03
C ARG F 487 -24.43 49.84 -43.89
N VAL F 488 -24.99 50.25 -45.03
CA VAL F 488 -24.26 51.19 -45.96
C VAL F 488 -25.17 52.39 -46.16
N GLU F 489 -24.70 53.56 -45.79
CA GLU F 489 -25.48 54.81 -45.87
C GLU F 489 -24.80 55.76 -46.86
N PHE F 490 -25.57 56.32 -47.79
CA PHE F 490 -25.01 57.36 -48.69
C PHE F 490 -25.36 58.77 -48.29
N LYS F 491 -24.46 59.70 -48.58
CA LYS F 491 -24.64 61.12 -48.25
C LYS F 491 -23.77 61.92 -49.24
N PRO F 492 -24.05 63.23 -49.38
CA PRO F 492 -23.20 64.04 -50.27
C PRO F 492 -21.78 64.14 -49.73
N SER F 493 -20.79 64.22 -50.63
CA SER F 493 -19.35 64.29 -50.32
C SER F 493 -19.00 65.70 -49.91
N GLN F 494 -19.81 66.67 -50.31
CA GLN F 494 -19.43 68.10 -50.15
C GLN F 494 -20.72 68.91 -49.98
N GLU F 495 -20.58 70.15 -49.53
CA GLU F 495 -21.77 71.02 -49.25
C GLU F 495 -22.56 71.17 -50.56
N LEU F 496 -23.90 71.19 -50.53
CA LEU F 496 -24.74 71.24 -51.77
C LEU F 496 -25.28 72.63 -51.98
N ALA F 497 -24.77 73.63 -51.28
CA ALA F 497 -25.09 75.05 -51.58
C ALA F 497 -26.61 75.26 -51.70
N GLY F 498 -27.37 74.85 -50.71
CA GLY F 498 -28.82 75.13 -50.64
C GLY F 498 -29.70 74.00 -51.20
N LYS F 499 -29.15 73.12 -52.05
CA LYS F 499 -29.87 71.93 -52.56
C LYS F 499 -30.03 70.88 -51.47
N LYS F 500 -31.00 70.00 -51.67
N LYS F 500 -31.00 69.99 -51.67
CA LYS F 500 -31.22 68.82 -50.79
CA LYS F 500 -31.22 68.82 -50.79
C LYS F 500 -30.80 67.56 -51.54
C LYS F 500 -30.80 67.56 -51.54
N PHE F 501 -30.70 66.42 -50.87
CA PHE F 501 -30.36 65.19 -51.58
C PHE F 501 -31.30 64.10 -51.12
N MET F 502 -31.42 63.11 -51.93
CA MET F 502 -32.14 61.86 -51.56
C MET F 502 -31.57 60.72 -52.38
N ILE F 503 -31.91 59.52 -51.97
CA ILE F 503 -31.75 58.36 -52.86
C ILE F 503 -32.76 58.59 -53.96
N GLU F 504 -32.38 58.47 -55.22
CA GLU F 504 -33.35 58.53 -56.32
C GLU F 504 -33.99 57.15 -56.50
N ARG F 505 -33.16 56.14 -56.56
CA ARG F 505 -33.67 54.77 -56.74
C ARG F 505 -32.62 53.74 -56.31
N VAL F 506 -33.11 52.70 -55.63
CA VAL F 506 -32.26 51.53 -55.31
C VAL F 506 -32.94 50.35 -55.94
N GLU F 507 -32.23 49.61 -56.76
CA GLU F 507 -32.72 48.39 -57.45
C GLU F 507 -31.85 47.22 -57.04
N GLU F 508 -32.46 46.13 -56.68
CA GLU F 508 -31.79 44.84 -56.45
C GLU F 508 -31.91 44.08 -57.77
N GLY F 509 -30.87 43.38 -58.16
CA GLY F 509 -30.97 42.65 -59.42
C GLY F 509 -29.74 41.85 -59.67
N ARG F 510 -29.50 41.57 -60.93
CA ARG F 510 -28.36 40.73 -61.27
C ARG F 510 -27.92 40.99 -62.70
N PHE F 511 -26.80 40.44 -63.07
CA PHE F 511 -26.33 40.57 -64.47
C PHE F 511 -26.66 39.30 -65.21
N GLU F 512 -27.31 39.42 -66.38
CA GLU F 512 -27.46 38.22 -67.24
C GLU F 512 -26.95 38.56 -68.62
N LYS F 513 -25.98 37.77 -69.10
CA LYS F 513 -25.37 37.99 -70.43
C LYS F 513 -24.89 39.46 -70.46
N GLY F 514 -24.35 39.94 -69.34
CA GLY F 514 -23.77 41.30 -69.23
C GLY F 514 -24.78 42.43 -69.05
N LYS F 515 -26.10 42.21 -69.12
CA LYS F 515 -27.08 43.29 -68.87
C LYS F 515 -27.65 43.21 -67.45
N TRP F 516 -27.93 44.38 -66.89
CA TRP F 516 -28.61 44.51 -65.58
C TRP F 516 -30.06 44.06 -65.68
N VAL F 517 -30.47 43.18 -64.76
CA VAL F 517 -31.87 42.71 -64.68
C VAL F 517 -32.42 43.12 -63.32
N MET F 518 -33.44 43.97 -63.30
CA MET F 518 -34.07 44.44 -62.04
C MET F 518 -34.89 43.29 -61.50
N GLU F 519 -34.82 43.03 -60.20
CA GLU F 519 -35.73 42.09 -59.55
C GLU F 519 -36.74 42.91 -58.72
N ARG F 520 -36.31 43.92 -57.97
CA ARG F 520 -37.21 44.73 -57.18
C ARG F 520 -36.59 46.06 -56.86
N VAL F 521 -37.43 47.02 -56.46
CA VAL F 521 -36.93 48.30 -55.96
C VAL F 521 -36.88 48.28 -54.44
N TRP F 522 -35.75 48.60 -53.84
CA TRP F 522 -35.69 48.81 -52.36
C TRP F 522 -36.21 50.20 -52.09
N ASN F 523 -37.16 50.36 -51.22
CA ASN F 523 -37.67 51.68 -50.85
C ASN F 523 -38.26 51.61 -49.46
N GLY F 524 -38.76 52.72 -48.96
CA GLY F 524 -39.41 52.79 -47.63
C GLY F 524 -38.44 52.29 -46.55
N ASP F 525 -38.93 51.37 -45.68
CA ASP F 525 -38.10 50.89 -44.58
C ASP F 525 -36.76 50.39 -45.09
N GLN F 526 -36.69 49.81 -46.32
CA GLN F 526 -35.45 49.21 -46.81
C GLN F 526 -34.41 50.27 -47.21
N THR F 527 -34.79 51.54 -47.34
CA THR F 527 -33.79 52.62 -47.59
C THR F 527 -33.84 53.76 -46.57
N ASP F 528 -34.78 53.80 -45.67
CA ASP F 528 -34.89 54.86 -44.64
C ASP F 528 -33.68 54.89 -43.70
N TRP F 529 -33.19 53.70 -43.37
CA TRP F 529 -32.15 53.55 -42.32
C TRP F 529 -30.89 53.01 -42.94
N GLY F 530 -30.47 53.57 -44.08
CA GLY F 530 -29.33 52.99 -44.77
C GLY F 530 -29.75 51.76 -45.58
N LEU F 531 -28.80 51.06 -46.15
CA LEU F 531 -29.00 49.80 -46.88
C LEU F 531 -28.41 48.69 -45.99
N ASN F 532 -29.32 47.91 -45.41
CA ASN F 532 -28.97 46.91 -44.37
C ASN F 532 -28.84 45.53 -45.01
N PHE F 533 -27.69 44.89 -44.77
CA PHE F 533 -27.37 43.57 -45.31
C PHE F 533 -27.21 42.55 -44.13
N THR F 534 -27.71 41.35 -44.33
CA THR F 534 -27.46 40.23 -43.36
C THR F 534 -26.42 39.31 -43.97
N ASP F 535 -26.65 38.01 -43.91
CA ASP F 535 -25.69 37.02 -44.49
C ASP F 535 -26.13 36.61 -45.90
N ARG F 536 -27.27 37.12 -46.35
CA ARG F 536 -27.84 36.73 -47.67
C ARG F 536 -27.35 37.70 -48.75
N PRO F 537 -27.11 37.23 -49.98
CA PRO F 537 -26.55 38.10 -51.01
C PRO F 537 -27.62 38.98 -51.66
N HIS F 538 -27.30 40.25 -51.75
CA HIS F 538 -28.16 41.23 -52.49
C HIS F 538 -27.20 42.14 -53.27
N LEU F 539 -27.41 42.22 -54.59
CA LEU F 539 -26.61 43.18 -55.39
C LEU F 539 -27.51 44.38 -55.77
N LEU F 540 -27.11 45.59 -55.42
CA LEU F 540 -27.96 46.81 -55.55
C LEU F 540 -27.27 47.75 -56.57
N ARG F 541 -28.13 48.47 -57.26
CA ARG F 541 -27.70 49.66 -58.04
C ARG F 541 -28.35 50.86 -57.35
N VAL F 542 -27.55 51.77 -56.88
CA VAL F 542 -27.96 52.93 -56.06
C VAL F 542 -27.72 54.20 -56.87
N LYS F 543 -28.80 54.94 -57.08
CA LYS F 543 -28.73 56.24 -57.83
C LYS F 543 -29.09 57.32 -56.82
N MET F 544 -28.17 58.22 -56.57
CA MET F 544 -28.33 59.35 -55.67
C MET F 544 -28.69 60.62 -56.48
N ALA F 545 -29.43 61.55 -55.94
CA ALA F 545 -29.76 62.83 -56.60
C ALA F 545 -29.67 64.00 -55.61
N SER F 546 -29.12 65.12 -56.08
CA SER F 546 -29.26 66.40 -55.37
C SER F 546 -30.37 67.16 -56.12
N TYR F 547 -31.22 67.86 -55.40
CA TYR F 547 -32.36 68.57 -56.04
C TYR F 547 -32.58 69.93 -55.41
N SER F 548 -33.07 70.88 -56.24
CA SER F 548 -33.34 72.28 -55.81
C SER F 548 -34.60 72.35 -55.00
N VAL F 549 -34.58 73.17 -53.97
CA VAL F 549 -35.84 73.53 -53.23
C VAL F 549 -36.09 75.03 -53.30
N GLN F 550 -35.31 75.76 -54.08
CA GLN F 550 -35.58 77.22 -54.30
C GLN F 550 -36.93 77.33 -55.03
N ALA G 11 -71.80 38.22 -61.11
CA ALA G 11 -71.52 39.56 -60.57
C ALA G 11 -71.67 39.58 -59.05
N ALA G 12 -70.68 39.09 -58.33
CA ALA G 12 -70.59 39.30 -56.85
C ALA G 12 -70.81 40.78 -56.61
N PRO G 13 -71.46 41.15 -55.48
CA PRO G 13 -71.58 42.55 -55.09
C PRO G 13 -70.25 43.16 -54.63
N LEU G 14 -70.15 44.44 -54.85
CA LEU G 14 -68.96 45.24 -54.49
C LEU G 14 -68.79 45.06 -52.99
N PRO G 15 -67.54 44.94 -52.53
CA PRO G 15 -67.24 45.12 -51.09
C PRO G 15 -67.76 46.48 -50.63
N GLU G 16 -68.19 46.55 -49.39
CA GLU G 16 -68.75 47.79 -48.87
C GLU G 16 -68.59 47.80 -47.36
N LEU G 17 -68.26 48.95 -46.81
CA LEU G 17 -68.30 49.18 -45.35
C LEU G 17 -69.65 49.72 -44.94
N LEU G 18 -70.40 48.93 -44.18
CA LEU G 18 -71.69 49.34 -43.58
C LEU G 18 -71.47 49.83 -42.16
N SER G 19 -72.19 50.89 -41.78
CA SER G 19 -72.25 51.36 -40.37
C SER G 19 -73.71 51.49 -39.99
N ASN G 20 -74.09 51.00 -38.82
CA ASN G 20 -75.50 51.03 -38.38
C ASN G 20 -75.57 50.78 -36.86
N ASN G 21 -76.32 51.60 -36.12
CA ASN G 21 -76.47 51.55 -34.62
C ASN G 21 -75.10 51.63 -33.94
N GLY G 22 -74.15 52.29 -34.58
CA GLY G 22 -72.79 52.46 -34.04
C GLY G 22 -71.96 51.19 -34.16
N LYS G 23 -72.40 50.25 -34.98
CA LYS G 23 -71.62 49.04 -35.30
C LYS G 23 -71.26 49.09 -36.80
N HIS G 24 -70.28 48.31 -37.18
CA HIS G 24 -69.76 48.33 -38.55
C HIS G 24 -69.59 46.93 -39.07
N ALA G 25 -69.56 46.78 -40.39
CA ALA G 25 -69.22 45.52 -41.05
C ALA G 25 -68.52 45.80 -42.37
N LEU G 26 -67.49 45.04 -42.62
CA LEU G 26 -66.89 45.00 -43.97
C LEU G 26 -67.68 43.91 -44.71
N MET G 27 -68.49 44.32 -45.70
CA MET G 27 -69.25 43.37 -46.54
C MET G 27 -68.34 42.95 -47.68
N VAL G 28 -68.15 41.65 -47.85
CA VAL G 28 -67.38 41.01 -48.92
C VAL G 28 -68.25 39.88 -49.44
N ASP G 29 -68.57 39.92 -50.74
CA ASP G 29 -69.42 38.90 -51.42
C ASP G 29 -70.80 38.81 -50.74
N GLY G 30 -71.33 39.92 -50.27
CA GLY G 30 -72.71 40.11 -49.79
C GLY G 30 -72.87 39.80 -48.30
N ALA G 31 -71.78 39.65 -47.53
CA ALA G 31 -71.90 39.24 -46.11
C ALA G 31 -70.72 39.78 -45.31
N PRO G 32 -70.87 40.07 -43.99
CA PRO G 32 -69.76 40.54 -43.19
C PRO G 32 -68.55 39.61 -43.33
N TYR G 33 -67.38 40.22 -43.24
CA TYR G 33 -66.08 39.57 -43.43
C TYR G 33 -65.08 40.14 -42.44
N ILE G 34 -64.20 39.28 -41.95
CA ILE G 34 -63.10 39.72 -41.05
C ILE G 34 -61.78 39.56 -41.81
N ILE G 35 -61.01 40.62 -41.92
CA ILE G 35 -59.66 40.52 -42.51
C ILE G 35 -58.75 39.87 -41.42
N LEU G 36 -58.33 38.67 -41.66
CA LEU G 36 -57.26 38.00 -40.89
C LEU G 36 -56.05 38.15 -41.79
N GLY G 37 -55.34 39.21 -41.61
CA GLY G 37 -54.45 39.67 -42.70
C GLY G 37 -53.00 39.47 -42.44
N SER G 38 -52.22 39.86 -43.41
CA SER G 38 -50.76 39.98 -43.29
C SER G 38 -50.34 41.08 -44.22
N GLN G 39 -49.34 41.84 -43.84
CA GLN G 39 -48.79 42.88 -44.76
C GLN G 39 -47.35 42.53 -45.11
N THR G 40 -46.96 42.67 -46.37
CA THR G 40 -45.57 42.48 -46.81
C THR G 40 -44.65 43.54 -46.19
N ASN G 41 -43.35 43.31 -46.26
CA ASN G 41 -42.34 44.40 -46.13
C ASN G 41 -42.47 45.42 -47.26
N ASN G 42 -41.86 46.55 -47.09
CA ASN G 42 -42.07 47.73 -47.97
C ASN G 42 -41.47 47.50 -49.37
N SER G 43 -40.61 46.56 -49.60
CA SER G 43 -39.96 46.37 -50.91
C SER G 43 -40.37 45.07 -51.57
N SER G 44 -41.61 44.58 -51.33
CA SER G 44 -42.05 43.26 -51.82
C SER G 44 -43.06 43.42 -52.96
N ASN G 45 -43.21 44.68 -53.39
CA ASN G 45 -44.25 45.00 -54.38
C ASN G 45 -43.74 44.74 -55.81
N TYR G 46 -43.03 43.66 -56.05
CA TYR G 46 -42.52 43.31 -57.40
C TYR G 46 -42.78 41.84 -57.66
N PRO G 47 -42.98 41.41 -58.93
CA PRO G 47 -43.27 40.04 -59.24
C PRO G 47 -42.27 39.04 -58.64
N ASP G 48 -41.00 39.38 -58.66
CA ASP G 48 -39.92 38.45 -58.25
C ASP G 48 -40.01 38.28 -56.72
N ALA G 49 -40.60 39.21 -55.96
CA ALA G 49 -40.64 39.12 -54.48
C ALA G 49 -41.78 38.23 -54.03
N LEU G 50 -42.80 38.03 -54.83
CA LEU G 50 -44.04 37.38 -54.35
C LEU G 50 -43.72 35.94 -53.90
N LYS G 51 -42.70 35.27 -54.42
CA LYS G 51 -42.36 33.87 -54.01
C LYS G 51 -41.94 33.91 -52.54
N ASP G 52 -41.53 35.04 -52.03
CA ASP G 52 -41.06 35.15 -50.61
C ASP G 52 -42.20 35.61 -49.72
N VAL G 53 -43.40 35.85 -50.28
CA VAL G 53 -44.58 36.37 -49.55
C VAL G 53 -45.56 35.18 -49.34
N TRP G 54 -45.89 34.44 -50.40
CA TRP G 54 -46.95 33.41 -50.40
C TRP G 54 -46.68 32.37 -49.31
N PRO G 55 -45.43 31.85 -49.12
CA PRO G 55 -45.27 30.75 -48.12
C PRO G 55 -45.70 31.27 -46.75
N SER G 56 -45.30 32.49 -46.41
CA SER G 56 -45.70 33.05 -45.07
C SER G 56 -47.21 33.17 -44.95
N MET G 57 -47.91 33.61 -46.02
CA MET G 57 -49.37 33.73 -45.91
C MET G 57 -50.01 32.35 -45.67
N GLU G 58 -49.52 31.32 -46.34
CA GLU G 58 -50.07 29.94 -46.22
C GLU G 58 -49.85 29.47 -44.77
N LYS G 59 -48.65 29.67 -44.25
CA LYS G 59 -48.30 29.26 -42.85
C LYS G 59 -49.16 30.00 -41.82
N MET G 60 -49.44 31.25 -42.07
CA MET G 60 -50.16 32.09 -41.13
C MET G 60 -51.67 31.72 -41.16
N GLY G 61 -52.19 31.20 -42.26
CA GLY G 61 -53.63 31.02 -42.45
C GLY G 61 -54.31 32.36 -42.70
N ALA G 62 -53.61 33.37 -43.20
CA ALA G 62 -54.24 34.68 -43.45
C ALA G 62 -55.23 34.54 -44.63
N ASN G 63 -56.28 35.33 -44.60
CA ASN G 63 -57.30 35.31 -45.70
C ASN G 63 -57.10 36.53 -46.60
N THR G 64 -56.27 37.47 -46.23
CA THR G 64 -56.16 38.77 -46.97
C THR G 64 -54.71 39.26 -46.91
N LEU G 65 -54.11 39.68 -48.06
CA LEU G 65 -52.75 40.26 -48.08
C LEU G 65 -52.80 41.74 -48.35
N SER G 66 -52.12 42.51 -47.54
CA SER G 66 -51.94 43.98 -47.76
C SER G 66 -50.58 44.11 -48.39
N ILE G 67 -50.48 44.82 -49.51
CA ILE G 67 -49.23 44.92 -50.26
C ILE G 67 -49.27 46.26 -51.01
N PRO G 68 -48.12 46.94 -51.09
CA PRO G 68 -48.11 48.24 -51.75
C PRO G 68 -48.28 48.13 -53.27
N VAL G 69 -48.89 49.21 -53.81
CA VAL G 69 -48.81 49.49 -55.28
C VAL G 69 -48.28 50.91 -55.31
N ALA G 70 -47.08 51.10 -55.89
CA ALA G 70 -46.39 52.38 -55.75
C ALA G 70 -46.71 53.22 -57.01
N TRP G 71 -46.87 54.50 -56.80
CA TRP G 71 -47.02 55.46 -57.94
C TRP G 71 -45.79 55.36 -58.81
N GLU G 72 -44.58 55.28 -58.26
CA GLU G 72 -43.31 55.13 -59.05
C GLU G 72 -43.34 53.94 -59.99
N GLN G 73 -44.07 52.87 -59.66
CA GLN G 73 -44.02 51.66 -60.47
C GLN G 73 -45.13 51.69 -61.52
N ILE G 74 -46.24 52.33 -61.23
CA ILE G 74 -47.33 52.32 -62.24
C ILE G 74 -47.15 53.48 -63.20
N GLU G 75 -46.47 54.52 -62.79
CA GLU G 75 -46.34 55.68 -63.74
C GLU G 75 -44.89 56.13 -63.73
N PRO G 76 -43.85 55.31 -64.15
CA PRO G 76 -42.42 55.61 -64.02
C PRO G 76 -42.01 56.80 -64.89
N VAL G 77 -42.81 57.09 -65.91
CA VAL G 77 -42.63 58.28 -66.81
C VAL G 77 -44.03 58.83 -66.92
N GLU G 78 -44.19 60.12 -66.83
CA GLU G 78 -45.54 60.71 -66.81
C GLU G 78 -46.32 60.24 -68.05
N GLY G 79 -47.53 59.82 -67.81
CA GLY G 79 -48.49 59.38 -68.85
C GLY G 79 -48.21 57.98 -69.33
N GLN G 80 -47.14 57.31 -68.87
CA GLN G 80 -46.84 55.94 -69.36
C GLN G 80 -47.14 54.94 -68.27
N PHE G 81 -48.32 54.36 -68.30
CA PHE G 81 -48.79 53.46 -67.21
C PHE G 81 -48.27 52.05 -67.37
N ASP G 82 -47.91 51.43 -66.22
CA ASP G 82 -47.35 50.04 -66.22
C ASP G 82 -48.07 49.26 -65.12
N PHE G 83 -49.00 48.38 -65.47
CA PHE G 83 -49.76 47.58 -64.47
C PHE G 83 -49.29 46.14 -64.40
N SER G 84 -48.09 45.89 -64.89
CA SER G 84 -47.49 44.51 -64.94
C SER G 84 -47.45 43.87 -63.53
N PHE G 85 -47.12 44.62 -62.51
CA PHE G 85 -47.07 44.04 -61.13
C PHE G 85 -48.47 43.66 -60.72
N VAL G 86 -49.43 44.56 -60.94
CA VAL G 86 -50.82 44.35 -60.47
C VAL G 86 -51.39 43.16 -61.18
N ASP G 87 -51.06 43.02 -62.45
CA ASP G 87 -51.52 41.86 -63.24
C ASP G 87 -51.09 40.55 -62.54
N VAL G 88 -49.80 40.41 -62.29
CA VAL G 88 -49.22 39.19 -61.64
C VAL G 88 -49.81 39.04 -60.24
N LEU G 89 -49.98 40.12 -59.52
CA LEU G 89 -50.43 40.04 -58.08
C LEU G 89 -51.84 39.49 -58.05
N LEU G 90 -52.77 40.04 -58.88
CA LEU G 90 -54.14 39.53 -58.95
C LEU G 90 -54.14 38.03 -59.26
N LYS G 91 -53.37 37.62 -60.27
CA LYS G 91 -53.47 36.22 -60.74
C LYS G 91 -52.98 35.30 -59.64
N GLU G 92 -51.90 35.68 -58.98
CA GLU G 92 -51.30 34.78 -57.97
C GLU G 92 -52.17 34.78 -56.71
N ALA G 93 -52.76 35.90 -56.34
CA ALA G 93 -53.64 35.94 -55.14
C ALA G 93 -54.82 35.04 -55.41
N ARG G 94 -55.37 35.09 -56.62
CA ARG G 94 -56.51 34.23 -56.98
C ARG G 94 -56.14 32.76 -56.93
N GLN G 95 -54.96 32.36 -57.40
CA GLN G 95 -54.68 30.89 -57.40
C GLN G 95 -54.46 30.43 -55.94
N ARG G 96 -54.10 31.35 -55.03
CA ARG G 96 -53.86 31.01 -53.60
C ARG G 96 -55.11 31.25 -52.77
N LYS G 97 -56.18 31.68 -53.41
CA LYS G 97 -57.50 31.82 -52.76
C LYS G 97 -57.38 32.82 -51.59
N VAL G 98 -56.78 33.98 -51.85
CA VAL G 98 -56.77 35.05 -50.84
C VAL G 98 -57.24 36.35 -51.47
N ARG G 99 -57.62 37.25 -50.61
CA ARG G 99 -58.06 38.61 -51.02
C ARG G 99 -56.94 39.59 -50.80
N LEU G 100 -57.06 40.79 -51.35
CA LEU G 100 -56.00 41.77 -51.31
C LEU G 100 -56.55 43.07 -50.77
N VAL G 101 -55.71 43.78 -50.08
CA VAL G 101 -55.87 45.21 -49.81
C VAL G 101 -54.67 45.87 -50.45
N LEU G 102 -54.88 46.77 -51.41
CA LEU G 102 -53.71 47.41 -52.03
C LEU G 102 -53.44 48.70 -51.28
N LEU G 103 -52.19 49.02 -51.09
CA LEU G 103 -51.74 50.22 -50.38
C LEU G 103 -51.12 51.20 -51.39
N TRP G 104 -51.81 52.31 -51.62
CA TRP G 104 -51.37 53.27 -52.64
C TRP G 104 -50.28 54.14 -52.03
N PHE G 105 -49.02 53.82 -52.30
CA PHE G 105 -47.85 54.57 -51.83
C PHE G 105 -47.59 55.66 -52.89
N ALA G 106 -47.87 56.88 -52.53
CA ALA G 106 -47.90 57.98 -53.56
C ALA G 106 -47.37 59.28 -52.98
N THR G 107 -48.19 60.30 -52.81
CA THR G 107 -47.77 61.62 -52.26
C THR G 107 -47.11 61.45 -50.88
N TRP G 108 -47.69 60.61 -50.02
CA TRP G 108 -47.06 60.35 -48.68
C TRP G 108 -46.87 58.86 -48.47
N LYS G 109 -45.68 58.51 -48.04
CA LYS G 109 -45.35 57.17 -47.49
C LYS G 109 -44.50 57.52 -46.27
N ASN G 110 -45.06 57.30 -45.07
CA ASN G 110 -44.37 57.73 -43.83
C ASN G 110 -43.89 59.19 -43.97
N ASN G 111 -44.80 60.07 -44.38
CA ASN G 111 -44.61 61.54 -44.43
C ASN G 111 -43.89 61.98 -45.70
N ALA G 112 -43.32 61.08 -46.45
CA ALA G 112 -42.34 61.45 -47.51
C ALA G 112 -42.78 60.95 -48.90
N PRO G 113 -42.21 61.55 -49.98
CA PRO G 113 -42.57 61.17 -51.35
C PRO G 113 -41.63 60.20 -52.03
N HIS G 114 -41.02 59.28 -51.28
CA HIS G 114 -40.06 58.34 -51.86
C HIS G 114 -40.68 57.39 -52.86
N TYR G 115 -41.96 57.10 -52.79
CA TYR G 115 -42.65 56.19 -53.71
C TYR G 115 -43.33 56.96 -54.85
N ALA G 116 -43.26 58.29 -54.82
CA ALA G 116 -43.73 59.08 -55.97
C ALA G 116 -42.66 58.90 -57.03
N PRO G 117 -42.96 58.97 -58.39
CA PRO G 117 -42.00 58.80 -59.48
C PRO G 117 -40.89 59.85 -59.41
N ALA G 118 -39.77 59.60 -60.08
CA ALA G 118 -38.63 60.54 -60.08
C ALA G 118 -39.06 61.91 -60.61
N TRP G 119 -39.88 61.93 -61.66
CA TRP G 119 -40.39 63.21 -62.23
C TRP G 119 -41.33 63.96 -61.25
N VAL G 120 -41.87 63.30 -60.18
CA VAL G 120 -42.55 64.06 -59.12
C VAL G 120 -41.56 64.44 -58.02
N LYS G 121 -40.88 63.45 -57.40
CA LYS G 121 -40.15 63.77 -56.17
C LYS G 121 -38.89 64.60 -56.43
N LEU G 122 -38.39 64.72 -57.66
CA LEU G 122 -37.19 65.52 -57.91
C LEU G 122 -37.56 66.85 -58.58
N ASP G 123 -38.85 67.24 -58.59
CA ASP G 123 -39.35 68.52 -59.20
C ASP G 123 -40.16 69.32 -58.17
N ASN G 124 -39.42 69.96 -57.25
CA ASN G 124 -40.00 70.75 -56.15
C ASN G 124 -40.81 71.95 -56.66
N ALA G 125 -40.36 72.55 -57.77
CA ALA G 125 -41.06 73.73 -58.28
C ALA G 125 -42.50 73.34 -58.65
N ARG G 126 -42.68 72.22 -59.31
CA ARG G 126 -44.02 71.71 -59.73
C ARG G 126 -44.77 71.13 -58.54
N PHE G 127 -44.05 70.36 -57.71
CA PHE G 127 -44.66 69.55 -56.63
C PHE G 127 -43.98 69.92 -55.32
N PRO G 128 -44.42 71.01 -54.70
CA PRO G 128 -43.67 71.62 -53.59
C PRO G 128 -43.75 70.89 -52.25
N ARG G 129 -42.66 71.03 -51.51
CA ARG G 129 -42.49 70.51 -50.15
C ARG G 129 -43.00 71.50 -49.12
N VAL G 130 -43.32 70.94 -47.96
CA VAL G 130 -43.56 71.70 -46.70
C VAL G 130 -42.37 72.57 -46.40
N VAL G 131 -42.65 73.84 -46.09
CA VAL G 131 -41.56 74.78 -45.71
C VAL G 131 -41.75 75.07 -44.24
N LYS G 132 -40.68 74.95 -43.49
CA LYS G 132 -40.76 75.23 -42.04
C LYS G 132 -40.95 76.74 -41.83
N GLU G 133 -41.34 77.12 -40.63
CA GLU G 133 -41.48 78.54 -40.22
C GLU G 133 -40.12 79.26 -40.42
N ASP G 134 -38.98 78.59 -40.14
CA ASP G 134 -37.59 79.16 -40.34
C ASP G 134 -37.09 79.19 -41.81
N GLY G 135 -37.94 78.83 -42.77
CA GLY G 135 -37.60 78.85 -44.20
C GLY G 135 -36.90 77.59 -44.68
N ASP G 136 -36.47 76.67 -43.82
CA ASP G 136 -35.90 75.37 -44.28
C ASP G 136 -37.01 74.51 -44.89
N THR G 137 -36.63 73.62 -45.79
CA THR G 137 -37.56 72.71 -46.49
C THR G 137 -37.46 71.31 -45.91
N LEU G 138 -38.57 70.65 -45.72
CA LEU G 138 -38.63 69.23 -45.29
C LEU G 138 -39.02 68.34 -46.47
N ASN G 139 -38.52 67.12 -46.49
CA ASN G 139 -38.91 66.11 -47.52
C ASN G 139 -40.30 65.53 -47.24
N SER G 140 -41.32 66.35 -47.39
CA SER G 140 -42.74 66.01 -47.17
C SER G 140 -43.52 66.94 -48.11
N LEU G 141 -44.27 66.37 -49.08
CA LEU G 141 -45.03 67.18 -50.04
C LEU G 141 -46.13 67.96 -49.34
N SER G 142 -46.32 69.22 -49.73
CA SER G 142 -47.38 70.04 -49.12
C SER G 142 -48.75 69.60 -49.67
N PRO G 143 -49.86 69.49 -48.83
CA PRO G 143 -51.32 69.11 -49.16
C PRO G 143 -51.94 70.25 -50.00
N LEU G 144 -51.24 71.39 -50.04
CA LEU G 144 -51.74 72.58 -50.77
C LEU G 144 -51.13 72.63 -52.15
N GLY G 145 -50.24 71.71 -52.49
CA GLY G 145 -49.71 71.65 -53.86
C GLY G 145 -50.80 71.19 -54.83
N GLN G 146 -51.30 72.10 -55.68
CA GLN G 146 -52.41 71.69 -56.59
C GLN G 146 -51.93 70.78 -57.72
N ASN G 147 -50.71 70.91 -58.18
CA ASN G 147 -50.20 70.03 -59.25
C ASN G 147 -50.03 68.63 -58.70
N THR G 148 -49.62 68.55 -57.42
CA THR G 148 -49.35 67.22 -56.80
C THR G 148 -50.66 66.47 -56.68
N LEU G 149 -51.71 67.13 -56.14
CA LEU G 149 -53.05 66.51 -56.03
C LEU G 149 -53.52 66.03 -57.40
N ALA G 150 -53.47 66.90 -58.41
CA ALA G 150 -54.00 66.47 -59.72
C ALA G 150 -53.22 65.27 -60.24
N ALA G 151 -51.92 65.24 -60.01
CA ALA G 151 -51.13 64.14 -60.61
C ALA G 151 -51.40 62.81 -59.86
N ASP G 152 -51.48 62.92 -58.55
CA ASP G 152 -51.75 61.72 -57.68
C ASP G 152 -53.11 61.11 -58.05
N LYS G 153 -54.10 62.00 -58.15
CA LYS G 153 -55.46 61.64 -58.57
C LYS G 153 -55.46 60.95 -59.91
N LYS G 154 -54.76 61.54 -60.89
CA LYS G 154 -54.71 60.96 -62.24
C LYS G 154 -54.23 59.52 -62.20
N ALA G 155 -53.13 59.29 -61.47
CA ALA G 155 -52.51 57.96 -61.36
C ALA G 155 -53.42 57.02 -60.60
N PHE G 156 -54.04 57.49 -59.53
CA PHE G 156 -54.94 56.64 -58.69
C PHE G 156 -56.15 56.22 -59.50
N VAL G 157 -56.69 57.16 -60.32
CA VAL G 157 -57.84 56.85 -61.20
C VAL G 157 -57.46 55.75 -62.22
N GLU G 158 -56.25 55.79 -62.80
CA GLU G 158 -55.80 54.76 -63.75
C GLU G 158 -55.67 53.39 -63.00
N LEU G 159 -55.12 53.38 -61.80
CA LEU G 159 -55.09 52.10 -61.02
C LEU G 159 -56.51 51.56 -60.82
N MET G 160 -57.45 52.43 -60.45
CA MET G 160 -58.85 52.03 -60.21
CA MET G 160 -58.86 52.05 -60.21
C MET G 160 -59.52 51.61 -61.52
N LYS G 161 -59.15 52.28 -62.64
CA LYS G 161 -59.64 51.79 -63.95
C LYS G 161 -59.05 50.41 -64.30
N TYR G 162 -57.84 50.10 -63.91
CA TYR G 162 -57.31 48.75 -64.16
C TYR G 162 -58.15 47.73 -63.32
N LEU G 163 -58.46 48.06 -62.06
CA LEU G 163 -59.25 47.11 -61.22
C LEU G 163 -60.68 47.01 -61.75
N ALA G 164 -61.20 48.12 -62.32
CA ALA G 164 -62.59 48.11 -62.79
C ALA G 164 -62.68 47.10 -63.94
N LYS G 165 -61.63 46.99 -64.78
CA LYS G 165 -61.73 46.11 -65.95
C LYS G 165 -61.06 44.75 -65.73
N ARG G 166 -60.19 44.61 -64.73
CA ARG G 166 -59.43 43.36 -64.59
C ARG G 166 -59.72 42.67 -63.25
N ASP G 167 -60.66 43.18 -62.45
CA ASP G 167 -60.92 42.52 -61.13
C ASP G 167 -62.43 42.48 -60.88
N LYS G 168 -63.19 41.85 -61.78
CA LYS G 168 -64.67 41.76 -61.75
C LYS G 168 -65.18 41.16 -60.45
N ASP G 169 -64.47 40.19 -59.89
CA ASP G 169 -64.92 39.38 -58.72
C ASP G 169 -64.29 39.99 -57.46
N HIS G 170 -63.66 41.14 -57.54
CA HIS G 170 -63.21 41.95 -56.40
C HIS G 170 -62.24 41.13 -55.54
N THR G 171 -61.24 40.58 -56.16
CA THR G 171 -60.06 40.04 -55.47
C THR G 171 -59.60 41.15 -54.51
N VAL G 172 -59.51 42.39 -55.00
CA VAL G 172 -59.13 43.54 -54.16
C VAL G 172 -60.37 44.03 -53.45
N ILE G 173 -60.38 43.94 -52.10
CA ILE G 173 -61.58 44.28 -51.31
C ILE G 173 -61.52 45.68 -50.73
N MET G 174 -60.36 46.32 -50.62
CA MET G 174 -60.16 47.65 -49.95
C MET G 174 -58.87 48.24 -50.51
N VAL G 175 -58.76 49.57 -50.45
CA VAL G 175 -57.55 50.27 -50.92
C VAL G 175 -57.19 51.28 -49.85
N GLN G 176 -55.94 51.28 -49.40
CA GLN G 176 -55.40 52.29 -48.51
C GLN G 176 -54.93 53.46 -49.37
N VAL G 177 -55.49 54.61 -49.12
CA VAL G 177 -55.10 55.88 -49.81
C VAL G 177 -53.92 56.51 -49.07
N GLN G 178 -52.75 56.54 -49.71
CA GLN G 178 -51.50 57.00 -49.08
C GLN G 178 -51.07 55.99 -47.94
N ASN G 179 -49.97 56.32 -47.30
CA ASN G 179 -49.49 55.43 -46.22
C ASN G 179 -48.91 56.36 -45.14
N GLU G 180 -49.57 56.46 -43.98
CA GLU G 180 -49.06 57.29 -42.84
C GLU G 180 -48.72 58.70 -43.31
N VAL G 181 -49.75 59.43 -43.73
CA VAL G 181 -49.59 60.84 -44.13
C VAL G 181 -49.07 61.66 -42.96
N GLY G 182 -48.70 62.89 -43.29
CA GLY G 182 -48.27 63.89 -42.32
C GLY G 182 -46.90 64.44 -42.58
N THR G 183 -46.35 65.11 -41.57
CA THR G 183 -45.02 65.67 -41.67
C THR G 183 -44.33 65.47 -40.33
N TYR G 184 -43.13 64.92 -40.40
CA TYR G 184 -42.18 65.04 -39.28
C TYR G 184 -41.40 66.34 -39.40
N GLY G 185 -41.10 66.97 -38.27
CA GLY G 185 -40.13 68.06 -38.13
C GLY G 185 -40.77 69.44 -38.30
N ALA G 186 -42.05 69.50 -38.60
CA ALA G 186 -42.85 70.76 -38.67
C ALA G 186 -44.31 70.39 -38.36
N VAL G 187 -45.13 71.35 -37.89
CA VAL G 187 -46.56 71.14 -37.57
C VAL G 187 -47.39 71.29 -38.85
N ARG G 188 -46.97 72.16 -39.78
CA ARG G 188 -47.66 72.37 -41.07
C ARG G 188 -46.72 73.00 -42.12
N ASP G 189 -47.27 73.28 -43.33
CA ASP G 189 -46.52 74.03 -44.34
C ASP G 189 -46.57 75.48 -43.92
N TYR G 190 -45.44 76.15 -43.79
CA TYR G 190 -45.44 77.61 -43.55
C TYR G 190 -45.04 78.38 -44.81
N SER G 191 -45.12 77.78 -45.99
CA SER G 191 -44.83 78.41 -47.29
C SER G 191 -45.77 79.59 -47.50
N PRO G 192 -45.40 80.62 -48.30
CA PRO G 192 -46.32 81.72 -48.58
C PRO G 192 -47.68 81.21 -49.09
N MET G 193 -47.65 80.21 -49.97
CA MET G 193 -48.88 79.62 -50.53
C MET G 193 -49.70 79.03 -49.38
N ALA G 194 -49.08 78.36 -48.40
CA ALA G 194 -49.86 77.79 -47.29
C ALA G 194 -50.34 78.89 -46.33
N GLN G 195 -49.50 79.88 -46.07
CA GLN G 195 -49.82 80.96 -45.12
C GLN G 195 -51.03 81.76 -45.65
N ALA G 196 -51.13 81.90 -46.94
CA ALA G 196 -52.24 82.65 -47.55
C ALA G 196 -53.56 81.95 -47.21
N VAL G 197 -53.62 80.62 -47.27
CA VAL G 197 -54.85 79.84 -46.93
C VAL G 197 -55.04 79.84 -45.38
N PHE G 198 -53.95 79.72 -44.62
CA PHE G 198 -54.01 79.75 -43.13
C PHE G 198 -54.58 81.07 -42.67
N ASN G 199 -54.20 82.15 -43.35
CA ASN G 199 -54.63 83.53 -43.03
C ASN G 199 -56.11 83.76 -43.36
N ALA G 200 -56.71 82.94 -44.21
CA ALA G 200 -58.08 83.13 -44.73
C ALA G 200 -59.09 82.47 -43.81
N ALA G 201 -60.35 82.68 -44.10
CA ALA G 201 -61.47 82.06 -43.39
C ALA G 201 -61.30 80.54 -43.38
N VAL G 202 -61.71 79.93 -42.27
CA VAL G 202 -61.85 78.46 -42.22
C VAL G 202 -63.01 78.16 -43.15
N PRO G 203 -62.93 77.17 -44.04
CA PRO G 203 -64.06 76.77 -44.88
C PRO G 203 -65.37 76.60 -44.09
N ASP G 204 -66.44 77.12 -44.69
CA ASP G 204 -67.81 77.05 -44.13
C ASP G 204 -68.22 75.63 -43.72
N ASP G 205 -68.01 74.66 -44.60
CA ASP G 205 -68.44 73.27 -44.30
C ASP G 205 -67.80 72.83 -42.97
N LEU G 206 -66.55 73.22 -42.71
CA LEU G 206 -65.89 72.69 -41.49
C LEU G 206 -66.48 73.38 -40.26
N ILE G 207 -66.70 74.69 -40.36
CA ILE G 207 -67.29 75.51 -39.27
C ILE G 207 -68.64 74.94 -38.91
N GLN G 208 -69.44 74.63 -39.92
CA GLN G 208 -70.83 74.13 -39.73
C GLN G 208 -70.79 72.75 -39.06
N LYS G 209 -69.91 71.86 -39.51
CA LYS G 209 -69.85 70.46 -39.03
C LYS G 209 -69.35 70.44 -37.58
N LEU G 210 -68.49 71.36 -37.17
CA LEU G 210 -68.04 71.30 -35.76
C LEU G 210 -68.84 72.21 -34.85
N GLN G 211 -69.95 72.81 -35.32
CA GLN G 211 -70.81 73.75 -34.55
C GLN G 211 -69.95 74.87 -33.94
N LEU G 212 -69.15 75.56 -34.76
CA LEU G 212 -68.16 76.57 -34.27
C LEU G 212 -68.53 77.96 -34.77
N LYS G 213 -67.84 79.00 -34.27
CA LYS G 213 -68.01 80.42 -34.68
C LYS G 213 -67.11 80.71 -35.90
N PRO G 214 -67.64 81.26 -37.03
CA PRO G 214 -66.78 81.57 -38.17
C PRO G 214 -65.52 82.36 -37.76
N GLY G 215 -64.45 82.26 -38.55
CA GLY G 215 -63.22 83.04 -38.31
C GLY G 215 -62.07 82.49 -39.13
N THR G 216 -60.88 83.04 -38.95
CA THR G 216 -59.67 82.50 -39.61
C THR G 216 -59.15 81.34 -38.76
N TRP G 217 -58.13 80.64 -39.25
CA TRP G 217 -57.63 79.42 -38.59
C TRP G 217 -57.16 79.79 -37.18
N SER G 218 -56.37 80.84 -37.04
CA SER G 218 -55.84 81.19 -35.70
C SER G 218 -57.04 81.61 -34.83
N GLN G 219 -58.05 82.26 -35.39
CA GLN G 219 -59.13 82.78 -34.53
C GLN G 219 -59.98 81.63 -34.00
N VAL G 220 -60.25 80.64 -34.85
CA VAL G 220 -61.20 79.54 -34.53
C VAL G 220 -60.51 78.48 -33.68
N PHE G 221 -59.26 78.20 -33.95
CA PHE G 221 -58.63 77.02 -33.29
C PHE G 221 -57.51 77.40 -32.36
N GLY G 222 -57.11 78.68 -32.27
CA GLY G 222 -56.15 79.11 -31.22
C GLY G 222 -54.87 78.27 -31.20
N ARG G 223 -54.51 77.68 -30.05
CA ARG G 223 -53.25 76.90 -29.92
C ARG G 223 -53.25 75.67 -30.85
N ASP G 224 -54.39 75.24 -31.38
CA ASP G 224 -54.45 74.03 -32.24
C ASP G 224 -54.46 74.43 -33.71
N ALA G 225 -54.35 75.73 -34.04
CA ALA G 225 -54.60 76.17 -35.44
C ALA G 225 -53.62 75.49 -36.35
N ASP G 226 -52.33 75.50 -36.03
CA ASP G 226 -51.34 74.98 -37.01
C ASP G 226 -51.61 73.49 -37.31
N GLU G 227 -51.82 72.67 -36.28
CA GLU G 227 -51.99 71.21 -36.45
C GLU G 227 -53.31 70.92 -37.15
N PHE G 228 -54.39 71.56 -36.73
CA PHE G 228 -55.74 71.25 -37.27
C PHE G 228 -55.78 71.67 -38.76
N PHE G 229 -55.07 72.74 -39.07
CA PHE G 229 -54.90 73.24 -40.46
C PHE G 229 -54.24 72.16 -41.32
N HIS G 230 -53.12 71.61 -40.88
CA HIS G 230 -52.39 70.58 -41.65
C HIS G 230 -53.28 69.36 -41.76
N ALA G 231 -53.90 68.92 -40.65
CA ALA G 231 -54.84 67.79 -40.70
C ALA G 231 -55.95 68.06 -41.71
N TYR G 232 -56.50 69.27 -41.73
CA TYR G 232 -57.65 69.56 -42.63
C TYR G 232 -57.19 69.46 -44.09
N GLN G 233 -56.09 70.12 -44.43
CA GLN G 233 -55.58 70.17 -45.81
C GLN G 233 -55.19 68.77 -46.26
N ILE G 234 -54.61 67.94 -45.37
CA ILE G 234 -54.21 66.60 -45.86
C ILE G 234 -55.48 65.76 -46.04
N ALA G 235 -56.42 65.84 -45.10
CA ALA G 235 -57.69 65.09 -45.19
C ALA G 235 -58.41 65.47 -46.50
N ARG G 236 -58.41 66.76 -46.87
CA ARG G 236 -59.08 67.19 -48.12
C ARG G 236 -58.37 66.56 -49.30
N TYR G 237 -57.06 66.61 -49.28
CA TYR G 237 -56.25 66.04 -50.39
C TYR G 237 -56.63 64.57 -50.54
N CYS G 238 -56.60 63.84 -49.42
CA CYS G 238 -56.86 62.39 -49.48
C CYS G 238 -58.31 62.14 -49.86
N ASP G 239 -59.25 63.00 -49.43
CA ASP G 239 -60.67 62.81 -49.77
C ASP G 239 -60.83 62.99 -51.28
N GLU G 240 -60.12 63.96 -51.86
CA GLU G 240 -60.27 64.21 -53.31
C GLU G 240 -59.74 63.03 -54.12
N VAL G 241 -58.59 62.47 -53.72
CA VAL G 241 -58.03 61.25 -54.38
C VAL G 241 -59.05 60.13 -54.27
N THR G 242 -59.62 59.99 -53.09
CA THR G 242 -60.55 58.88 -52.79
C THR G 242 -61.81 59.02 -53.66
N VAL G 243 -62.39 60.20 -53.68
CA VAL G 243 -63.63 60.47 -54.48
C VAL G 243 -63.33 60.14 -55.96
N ALA G 244 -62.21 60.61 -56.52
CA ALA G 244 -61.84 60.35 -57.92
C ALA G 244 -61.77 58.86 -58.23
N GLY G 245 -61.18 58.06 -57.34
CA GLY G 245 -61.04 56.63 -57.63
C GLY G 245 -62.33 55.91 -57.38
N LYS G 246 -63.10 56.29 -56.36
CA LYS G 246 -64.41 55.63 -56.07
C LYS G 246 -65.36 55.87 -57.27
N ALA G 247 -65.17 56.97 -58.00
CA ALA G 247 -66.11 57.25 -59.09
C ALA G 247 -65.82 56.20 -60.16
N ILE G 248 -64.63 55.60 -60.18
CA ILE G 248 -64.29 54.56 -61.18
C ILE G 248 -64.76 53.20 -60.66
N LYS G 249 -64.36 52.88 -59.43
CA LYS G 249 -64.86 51.62 -58.78
C LYS G 249 -65.04 51.94 -57.32
N ASN G 250 -66.26 51.74 -56.81
CA ASN G 250 -66.63 52.23 -55.46
C ASN G 250 -66.21 51.19 -54.37
N LEU G 251 -64.92 50.87 -54.30
CA LEU G 251 -64.34 50.02 -53.22
C LEU G 251 -64.29 50.83 -51.94
N PRO G 252 -64.33 50.13 -50.79
CA PRO G 252 -63.99 50.79 -49.55
C PRO G 252 -62.55 51.30 -49.53
N MET G 253 -62.33 52.46 -48.95
CA MET G 253 -60.95 53.01 -48.96
C MET G 253 -60.68 53.66 -47.59
N TYR G 254 -59.47 53.54 -47.09
CA TYR G 254 -59.15 54.06 -45.76
C TYR G 254 -57.80 54.70 -45.73
N VAL G 255 -57.47 55.35 -44.63
CA VAL G 255 -56.11 55.90 -44.37
C VAL G 255 -55.56 55.26 -43.06
N ASN G 256 -54.28 55.04 -42.99
CA ASN G 256 -53.64 54.37 -41.83
C ASN G 256 -52.83 55.44 -41.08
N VAL G 257 -52.77 55.35 -39.77
CA VAL G 257 -52.27 56.45 -38.95
C VAL G 257 -50.95 56.06 -38.29
N ALA G 258 -49.92 56.90 -38.46
CA ALA G 258 -48.67 56.87 -37.67
C ALA G 258 -49.06 57.46 -36.33
N LEU G 259 -49.36 56.57 -35.37
CA LEU G 259 -49.96 56.99 -34.11
C LEU G 259 -49.01 57.83 -33.29
N ARG G 260 -49.59 58.77 -32.57
CA ARG G 260 -48.90 59.42 -31.41
C ARG G 260 -49.20 58.54 -30.18
N ASN G 261 -48.27 58.50 -29.22
CA ASN G 261 -48.53 57.78 -27.97
C ASN G 261 -49.75 58.45 -27.34
N PRO G 262 -50.94 57.76 -27.04
CA PRO G 262 -52.17 58.36 -26.51
C PRO G 262 -52.03 58.94 -25.10
N PHE G 263 -51.05 58.46 -24.35
CA PHE G 263 -50.86 58.94 -22.95
C PHE G 263 -49.85 60.09 -22.82
N ASN G 264 -48.90 60.21 -23.74
CA ASN G 264 -47.77 61.15 -23.64
C ASN G 264 -47.27 61.32 -25.07
N PRO G 265 -48.09 61.98 -25.91
CA PRO G 265 -47.82 62.03 -27.36
C PRO G 265 -46.64 62.90 -27.77
N GLY G 266 -46.24 63.87 -26.95
CA GLY G 266 -45.26 64.87 -27.37
C GLY G 266 -45.94 65.85 -28.30
N LEU G 267 -45.15 66.52 -29.16
CA LEU G 267 -45.63 67.67 -29.98
C LEU G 267 -45.86 67.20 -31.41
N PRO G 268 -46.85 67.78 -32.13
CA PRO G 268 -46.96 67.50 -33.55
C PRO G 268 -45.63 67.92 -34.21
N GLY G 269 -45.11 67.06 -35.10
CA GLY G 269 -43.79 67.22 -35.74
C GLY G 269 -42.77 66.32 -35.10
N GLN G 270 -42.95 66.00 -33.83
CA GLN G 270 -42.22 64.85 -33.22
C GLN G 270 -42.94 63.57 -33.62
N TYR G 271 -44.25 63.51 -33.42
CA TYR G 271 -45.11 62.56 -34.14
C TYR G 271 -45.50 63.17 -35.49
N SER G 272 -46.08 62.38 -36.35
CA SER G 272 -46.45 62.77 -37.74
C SER G 272 -47.62 63.72 -37.70
N SER G 273 -47.35 65.02 -37.83
CA SER G 273 -48.40 66.07 -37.71
C SER G 273 -49.33 65.96 -38.91
N GLY G 274 -50.63 66.01 -38.71
CA GLY G 274 -51.59 66.12 -39.81
C GLY G 274 -52.22 64.79 -40.18
N GLY G 275 -51.67 63.64 -39.81
CA GLY G 275 -52.40 62.40 -39.99
C GLY G 275 -53.52 62.27 -38.96
N GLY G 276 -54.21 61.16 -39.01
CA GLY G 276 -55.43 60.92 -38.24
C GLY G 276 -55.11 60.58 -36.79
N THR G 277 -54.34 61.40 -36.12
CA THR G 277 -54.06 61.19 -34.67
C THR G 277 -55.31 61.43 -33.85
N ASP G 278 -55.34 60.87 -32.64
CA ASP G 278 -56.58 60.84 -31.84
C ASP G 278 -57.16 62.25 -31.63
N ASN G 279 -56.31 63.27 -31.53
CA ASN G 279 -56.67 64.68 -31.26
C ASN G 279 -57.23 65.34 -32.51
N VAL G 280 -57.07 64.73 -33.70
CA VAL G 280 -57.65 65.34 -34.92
C VAL G 280 -58.65 64.45 -35.65
N LEU G 281 -59.13 63.38 -35.05
CA LEU G 281 -60.11 62.54 -35.75
C LEU G 281 -61.39 63.36 -36.06
N HIS G 282 -61.83 64.28 -35.22
CA HIS G 282 -63.03 65.11 -35.53
C HIS G 282 -62.74 65.94 -36.80
N ILE G 283 -61.51 66.46 -36.99
CA ILE G 283 -61.17 67.26 -38.23
C ILE G 283 -61.20 66.34 -39.44
N TRP G 284 -60.55 65.16 -39.33
CA TRP G 284 -60.55 64.16 -40.42
C TRP G 284 -61.97 63.76 -40.81
N LYS G 285 -62.83 63.55 -39.83
CA LYS G 285 -64.17 63.02 -40.15
C LYS G 285 -65.00 64.12 -40.83
N ALA G 286 -64.80 65.37 -40.41
CA ALA G 286 -65.55 66.54 -40.95
C ALA G 286 -65.08 66.77 -42.39
N ALA G 287 -63.76 66.69 -42.57
CA ALA G 287 -63.08 67.09 -43.81
C ALA G 287 -63.20 66.02 -44.88
N ALA G 288 -63.33 64.73 -44.52
CA ALA G 288 -63.19 63.65 -45.51
C ALA G 288 -64.30 62.62 -45.33
N PRO G 289 -65.61 62.98 -45.55
CA PRO G 289 -66.89 62.14 -45.46
C PRO G 289 -66.74 60.92 -46.38
N ASN G 290 -65.86 60.98 -47.36
CA ASN G 290 -65.75 59.89 -48.36
C ASN G 290 -64.70 58.84 -48.01
N ILE G 291 -63.84 59.12 -47.05
CA ILE G 291 -62.90 58.08 -46.55
C ILE G 291 -63.67 57.18 -45.55
N ASP G 292 -63.68 55.86 -45.78
CA ASP G 292 -64.53 54.90 -45.01
C ASP G 292 -64.12 54.82 -43.54
N LEU G 293 -62.84 54.72 -43.27
CA LEU G 293 -62.35 54.64 -41.86
C LEU G 293 -60.92 55.15 -41.74
N ILE G 294 -60.53 55.41 -40.50
CA ILE G 294 -59.16 55.84 -40.14
C ILE G 294 -58.60 54.68 -39.30
N ALA G 295 -57.57 54.03 -39.78
CA ALA G 295 -57.01 52.78 -39.18
C ALA G 295 -55.72 53.06 -38.41
N PRO G 296 -55.62 52.56 -37.16
CA PRO G 296 -54.39 52.72 -36.41
C PRO G 296 -53.33 51.70 -36.82
N ASP G 297 -52.08 52.15 -36.84
CA ASP G 297 -50.90 51.26 -37.06
C ASP G 297 -50.19 51.07 -35.70
N ILE G 298 -50.27 49.87 -35.12
CA ILE G 298 -49.92 49.73 -33.68
C ILE G 298 -48.56 49.05 -33.50
N TYR G 299 -47.63 49.75 -32.89
CA TYR G 299 -46.29 49.18 -32.56
C TYR G 299 -46.01 49.33 -31.06
N PHE G 300 -46.93 49.89 -30.29
CA PHE G 300 -46.86 49.88 -28.80
C PHE G 300 -47.04 48.40 -28.40
N ARG G 301 -46.20 47.87 -27.51
CA ARG G 301 -46.25 46.42 -27.16
C ARG G 301 -47.10 46.23 -25.91
N ASP G 302 -47.25 47.29 -25.13
CA ASP G 302 -47.81 47.16 -23.76
C ASP G 302 -49.33 47.20 -23.75
N TYR G 303 -49.96 46.30 -23.00
CA TYR G 303 -51.41 46.18 -22.98
C TYR G 303 -52.10 47.54 -22.77
N LYS G 304 -51.70 48.32 -21.79
CA LYS G 304 -52.46 49.53 -21.42
C LYS G 304 -52.48 50.50 -22.60
N THR G 305 -51.36 50.63 -23.30
CA THR G 305 -51.28 51.58 -24.45
C THR G 305 -52.07 51.04 -25.68
N VAL G 306 -51.95 49.74 -25.98
CA VAL G 306 -52.70 49.13 -27.09
C VAL G 306 -54.21 49.20 -26.80
N SER G 307 -54.68 48.84 -25.59
CA SER G 307 -56.11 48.95 -25.27
C SER G 307 -56.60 50.40 -25.46
N LYS G 308 -55.81 51.40 -25.07
CA LYS G 308 -56.22 52.79 -25.21
C LYS G 308 -56.35 53.13 -26.69
N VAL G 309 -55.42 52.71 -27.53
CA VAL G 309 -55.51 53.00 -29.00
C VAL G 309 -56.76 52.34 -29.54
N LEU G 310 -57.04 51.08 -29.13
CA LEU G 310 -58.27 50.38 -29.61
C LEU G 310 -59.52 51.14 -29.18
N GLU G 311 -59.51 51.72 -27.98
CA GLU G 311 -60.64 52.50 -27.44
C GLU G 311 -60.77 53.78 -28.29
N LEU G 312 -59.69 54.52 -28.47
CA LEU G 312 -59.78 55.80 -29.23
C LEU G 312 -60.22 55.60 -30.71
N TYR G 313 -59.86 54.51 -31.36
CA TYR G 313 -60.17 54.37 -32.81
C TYR G 313 -61.49 53.66 -33.08
N THR G 314 -62.11 53.05 -32.08
CA THR G 314 -63.41 52.39 -32.20
C THR G 314 -64.48 53.42 -31.84
N ARG G 315 -65.24 53.88 -32.82
CA ARG G 315 -66.16 54.98 -32.56
C ARG G 315 -67.45 54.69 -33.33
N PRO G 316 -68.59 55.28 -32.94
CA PRO G 316 -69.80 55.13 -33.76
C PRO G 316 -69.53 55.54 -35.21
N ASP G 317 -68.66 56.55 -35.43
CA ASP G 317 -68.35 57.09 -36.79
C ASP G 317 -67.10 56.41 -37.38
N ASN G 318 -66.50 55.38 -36.73
CA ASN G 318 -65.22 54.82 -37.21
C ASN G 318 -65.14 53.32 -36.90
N ALA G 319 -65.28 52.47 -37.90
CA ALA G 319 -65.02 51.05 -37.78
C ALA G 319 -63.56 50.88 -37.37
N LEU G 320 -63.26 49.86 -36.58
CA LEU G 320 -61.89 49.54 -36.14
C LEU G 320 -61.26 48.58 -37.14
N PHE G 321 -60.18 49.00 -37.80
CA PHE G 321 -59.37 48.09 -38.62
C PHE G 321 -57.94 48.26 -38.14
N VAL G 322 -57.33 47.22 -37.60
CA VAL G 322 -55.93 47.33 -37.17
C VAL G 322 -55.10 47.05 -38.42
N ALA G 323 -54.86 48.14 -39.16
CA ALA G 323 -54.25 48.05 -40.50
C ALA G 323 -52.82 47.58 -40.44
N GLU G 324 -52.09 47.94 -39.39
CA GLU G 324 -50.76 47.37 -39.18
C GLU G 324 -50.62 47.11 -37.69
N ILE G 325 -49.91 46.02 -37.39
CA ILE G 325 -49.53 45.79 -35.97
C ILE G 325 -48.17 45.12 -36.01
N GLY G 326 -47.34 45.28 -34.97
CA GLY G 326 -46.02 44.61 -34.94
C GLY G 326 -46.13 43.09 -35.06
N ASN G 327 -45.10 42.45 -35.60
CA ASN G 327 -45.15 41.01 -35.83
C ASN G 327 -44.40 40.25 -34.72
N ASP G 328 -44.05 40.93 -33.62
CA ASP G 328 -43.40 40.16 -32.55
C ASP G 328 -44.52 39.43 -31.76
N GLN G 329 -44.12 38.42 -30.99
CA GLN G 329 -45.03 37.55 -30.20
C GLN G 329 -46.04 38.30 -29.38
N PRO G 330 -45.70 39.38 -28.64
CA PRO G 330 -46.66 40.04 -27.76
C PRO G 330 -47.87 40.63 -28.47
N PHE G 331 -47.74 40.83 -29.79
CA PHE G 331 -48.88 41.50 -30.50
C PHE G 331 -49.99 40.52 -30.88
N ALA G 332 -49.74 39.22 -31.04
CA ALA G 332 -50.75 38.25 -31.54
C ALA G 332 -52.02 38.29 -30.68
N ARG G 333 -51.89 38.50 -29.35
CA ARG G 333 -53.08 38.35 -28.52
C ARG G 333 -54.00 39.56 -28.69
N TYR G 334 -53.53 40.63 -29.36
CA TYR G 334 -54.40 41.82 -29.54
C TYR G 334 -55.49 41.56 -30.61
N LEU G 335 -55.46 40.43 -31.26
CA LEU G 335 -56.56 40.05 -32.17
C LEU G 335 -57.85 39.95 -31.36
N PHE G 336 -57.77 39.40 -30.14
CA PHE G 336 -59.00 39.13 -29.36
C PHE G 336 -59.74 40.45 -29.09
N PRO G 337 -59.15 41.45 -28.40
CA PRO G 337 -59.87 42.68 -28.11
C PRO G 337 -60.19 43.44 -29.40
N THR G 338 -59.39 43.29 -30.45
CA THR G 338 -59.78 43.96 -31.74
C THR G 338 -61.12 43.40 -32.21
N LEU G 339 -61.26 42.07 -32.23
CA LEU G 339 -62.54 41.45 -32.66
C LEU G 339 -63.67 41.74 -31.68
N GLY G 340 -63.32 41.79 -30.40
CA GLY G 340 -64.31 42.04 -29.35
C GLY G 340 -64.92 43.43 -29.43
N LYS G 341 -64.19 44.36 -30.02
CA LYS G 341 -64.69 45.73 -30.18
C LYS G 341 -65.49 45.82 -31.46
N GLY G 342 -65.69 44.72 -32.16
CA GLY G 342 -66.38 44.78 -33.48
C GLY G 342 -65.43 45.10 -34.61
N GLY G 343 -64.14 44.96 -34.41
CA GLY G 343 -63.14 45.24 -35.48
C GLY G 343 -63.40 44.43 -36.72
N ILE G 344 -63.05 44.99 -37.87
CA ILE G 344 -63.30 44.32 -39.17
C ILE G 344 -62.02 43.64 -39.66
N GLY G 345 -60.92 43.75 -38.92
CA GLY G 345 -59.66 43.22 -39.43
C GLY G 345 -58.46 43.47 -38.54
N PHE G 346 -57.38 42.79 -38.86
CA PHE G 346 -56.14 42.76 -38.06
C PHE G 346 -55.03 42.29 -39.00
N SER G 347 -53.98 43.07 -39.18
CA SER G 347 -52.94 42.80 -40.23
C SER G 347 -51.51 43.03 -39.71
N PRO G 348 -50.85 41.97 -39.19
CA PRO G 348 -49.48 42.10 -38.78
C PRO G 348 -48.57 42.52 -39.95
N PHE G 349 -47.65 43.40 -39.67
CA PHE G 349 -46.69 43.96 -40.64
C PHE G 349 -45.45 43.11 -40.78
N GLY G 350 -44.94 42.95 -42.00
CA GLY G 350 -43.64 42.32 -42.22
C GLY G 350 -43.70 40.82 -42.30
N MET G 351 -44.79 40.23 -42.82
CA MET G 351 -44.92 38.79 -42.91
C MET G 351 -44.41 38.27 -44.26
N ASP G 352 -43.14 38.38 -44.47
CA ASP G 352 -42.51 37.80 -45.68
C ASP G 352 -41.06 37.46 -45.37
N ASP G 353 -40.44 36.70 -46.27
CA ASP G 353 -39.06 36.20 -46.08
C ASP G 353 -38.13 36.93 -47.04
N THR G 354 -38.30 38.23 -47.19
CA THR G 354 -37.39 39.04 -48.09
C THR G 354 -36.17 39.60 -47.34
N ASP G 355 -35.78 38.96 -46.27
CA ASP G 355 -34.55 39.27 -45.52
C ASP G 355 -34.62 40.68 -44.95
N TYR G 356 -35.70 40.99 -44.23
CA TYR G 356 -35.82 42.25 -43.49
C TYR G 356 -36.61 42.03 -42.24
N THR G 357 -36.14 42.60 -41.14
N THR G 357 -36.13 42.56 -41.12
CA THR G 357 -36.99 42.74 -39.94
CA THR G 357 -36.98 42.73 -39.92
C THR G 357 -36.94 44.18 -39.47
C THR G 357 -36.95 44.18 -39.48
N ASN G 358 -38.04 44.66 -39.05
CA ASN G 358 -38.24 46.02 -38.55
C ASN G 358 -38.01 46.09 -37.03
N TYR G 359 -37.43 45.05 -36.46
CA TYR G 359 -36.96 45.15 -35.06
C TYR G 359 -36.14 46.44 -34.92
N PRO G 360 -36.33 47.24 -33.86
CA PRO G 360 -37.08 46.86 -32.66
C PRO G 360 -38.60 46.99 -32.67
N LEU G 361 -39.21 47.42 -33.76
CA LEU G 361 -40.69 47.49 -33.76
C LEU G 361 -41.31 46.10 -33.76
N GLY G 362 -40.78 45.21 -34.58
CA GLY G 362 -41.31 43.86 -34.77
C GLY G 362 -40.35 42.80 -34.23
N ALA G 363 -40.48 41.61 -34.73
CA ALA G 363 -39.69 40.44 -34.25
C ALA G 363 -38.23 40.60 -34.62
N LYS G 364 -37.34 40.25 -33.73
CA LYS G 364 -35.89 40.25 -34.02
C LYS G 364 -35.51 39.29 -35.16
N VAL G 365 -36.07 38.10 -35.18
CA VAL G 365 -35.79 37.07 -36.20
C VAL G 365 -37.13 36.76 -36.83
N TYR G 366 -37.14 36.63 -38.13
CA TYR G 366 -38.32 36.18 -38.85
C TYR G 366 -38.15 34.73 -39.23
N ASN G 367 -38.93 33.86 -38.59
CA ASN G 367 -38.88 32.45 -38.96
C ASN G 367 -40.26 31.82 -38.78
N ASP G 368 -40.32 30.49 -38.89
CA ASP G 368 -41.60 29.73 -38.76
C ASP G 368 -42.24 30.00 -37.40
N GLU G 369 -41.44 30.12 -36.31
CA GLU G 369 -41.99 30.41 -34.94
C GLU G 369 -42.66 31.80 -34.93
N THR G 370 -42.10 32.79 -35.64
CA THR G 370 -42.70 34.14 -35.66
C THR G 370 -44.09 34.00 -36.25
N ILE G 371 -44.23 33.27 -37.37
CA ILE G 371 -45.50 33.15 -38.08
C ILE G 371 -46.50 32.39 -37.18
N GLU G 372 -45.99 31.38 -36.51
CA GLU G 372 -46.81 30.45 -35.73
C GLU G 372 -47.55 31.20 -34.62
N GLN G 373 -46.98 32.28 -34.06
CA GLN G 373 -47.70 33.00 -32.95
C GLN G 373 -49.02 33.56 -33.45
N PHE G 374 -49.07 34.07 -34.70
CA PHE G 374 -50.31 34.56 -35.29
C PHE G 374 -51.13 33.41 -35.85
N ALA G 375 -50.50 32.40 -36.42
CA ALA G 375 -51.24 31.26 -37.00
C ALA G 375 -52.15 30.63 -35.91
N GLN G 376 -51.62 30.54 -34.69
CA GLN G 376 -52.38 29.86 -33.62
C GLN G 376 -53.64 30.65 -33.27
N VAL G 377 -53.60 31.96 -33.26
CA VAL G 377 -54.81 32.76 -32.97
C VAL G 377 -55.71 32.86 -34.22
N TYR G 378 -55.14 32.94 -35.44
CA TYR G 378 -56.04 32.91 -36.62
C TYR G 378 -56.86 31.61 -36.69
N ARG G 379 -56.30 30.49 -36.26
CA ARG G 379 -56.94 29.17 -36.25
C ARG G 379 -58.20 29.18 -35.38
N LEU G 380 -58.31 30.10 -34.41
CA LEU G 380 -59.53 30.20 -33.56
C LEU G 380 -60.68 30.86 -34.34
N VAL G 381 -60.32 31.75 -35.29
CA VAL G 381 -61.35 32.60 -35.95
C VAL G 381 -61.68 32.05 -37.33
N ASN G 382 -60.69 31.57 -38.06
CA ASN G 382 -60.89 31.07 -39.46
C ASN G 382 -62.09 30.12 -39.54
N PRO G 383 -62.25 29.11 -38.67
CA PRO G 383 -63.37 28.19 -38.82
C PRO G 383 -64.77 28.82 -38.64
N MET G 384 -64.87 29.98 -38.01
CA MET G 384 -66.17 30.65 -37.80
C MET G 384 -66.14 32.04 -38.41
N MET G 385 -65.23 32.32 -39.35
CA MET G 385 -65.03 33.75 -39.71
C MET G 385 -66.37 34.42 -40.13
N ARG G 386 -67.15 33.80 -40.99
CA ARG G 386 -68.41 34.48 -41.45
C ARG G 386 -69.46 34.55 -40.35
N GLU G 387 -69.54 33.51 -39.52
CA GLU G 387 -70.51 33.56 -38.44
C GLU G 387 -70.06 34.61 -37.44
N TRP G 388 -68.79 34.64 -37.10
CA TRP G 388 -68.31 35.70 -36.18
C TRP G 388 -68.59 37.10 -36.78
N ALA G 389 -68.31 37.26 -38.06
CA ALA G 389 -68.46 38.59 -38.69
C ALA G 389 -69.90 39.07 -38.61
N ARG G 390 -70.84 38.17 -38.81
N ARG G 390 -70.85 38.17 -38.82
CA ARG G 390 -72.29 38.46 -38.74
CA ARG G 390 -72.29 38.50 -38.74
C ARG G 390 -72.68 38.80 -37.29
C ARG G 390 -72.68 38.80 -37.28
N LEU G 391 -72.18 38.00 -36.33
CA LEU G 391 -72.56 38.25 -34.91
C LEU G 391 -71.99 39.58 -34.42
N SER G 392 -70.80 39.93 -34.90
CA SER G 392 -70.10 41.19 -34.54
C SER G 392 -70.92 42.41 -34.98
N TYR G 393 -71.46 42.34 -36.19
CA TYR G 393 -72.22 43.47 -36.76
C TYR G 393 -73.64 43.52 -36.19
N GLN G 394 -74.32 42.39 -36.24
CA GLN G 394 -75.77 42.27 -35.95
C GLN G 394 -75.97 41.98 -34.47
N GLY G 395 -74.98 41.40 -33.80
CA GLY G 395 -75.19 40.98 -32.40
C GLY G 395 -74.23 41.53 -31.37
N GLN G 396 -74.05 40.75 -30.31
CA GLN G 396 -73.24 41.19 -29.17
C GLN G 396 -72.01 40.29 -29.07
N VAL G 397 -70.82 40.88 -29.09
CA VAL G 397 -69.54 40.11 -29.01
C VAL G 397 -68.67 40.80 -27.96
N TRP G 398 -67.77 40.00 -27.44
CA TRP G 398 -66.78 40.48 -26.46
C TRP G 398 -65.45 39.81 -26.81
N GLY G 399 -64.36 40.42 -26.44
CA GLY G 399 -63.02 39.84 -26.66
C GLY G 399 -62.05 40.45 -25.66
N VAL G 400 -61.15 39.63 -25.11
CA VAL G 400 -60.19 40.14 -24.12
C VAL G 400 -58.83 39.53 -24.47
N ALA G 401 -57.78 40.21 -24.05
CA ALA G 401 -56.41 39.69 -24.10
C ALA G 401 -55.85 39.64 -22.67
N GLU G 402 -54.84 38.80 -22.49
CA GLU G 402 -54.08 38.75 -21.22
C GLU G 402 -53.59 40.14 -20.84
N PRO G 403 -54.05 40.77 -19.74
CA PRO G 403 -53.78 42.19 -19.46
C PRO G 403 -52.47 42.55 -18.77
N LEU G 404 -51.67 41.58 -18.38
CA LEU G 404 -50.32 41.91 -17.89
C LEU G 404 -49.32 41.52 -18.98
N ASP G 405 -48.34 42.37 -19.25
CA ASP G 405 -47.27 42.06 -20.21
C ASP G 405 -46.30 41.05 -19.58
N SER G 406 -45.41 40.50 -20.37
CA SER G 406 -44.40 39.53 -19.86
C SER G 406 -43.54 40.22 -18.82
N THR G 407 -43.23 39.51 -17.75
CA THR G 407 -42.42 40.13 -16.69
C THR G 407 -41.01 40.42 -17.20
N THR G 408 -40.51 41.64 -16.93
CA THR G 408 -39.17 42.15 -17.29
C THR G 408 -38.09 41.39 -16.51
N LYS G 423 -44.12 39.33 -1.87
CA LYS G 423 -44.01 38.15 -2.77
C LYS G 423 -45.26 37.30 -2.66
N GLU G 424 -45.85 37.13 -1.46
CA GLU G 424 -47.16 36.42 -1.37
C GLU G 424 -48.25 37.40 -1.83
N GLN G 425 -48.06 38.68 -1.49
CA GLN G 425 -49.01 39.75 -1.91
C GLN G 425 -48.76 40.10 -3.39
N HIS G 426 -47.55 39.91 -3.91
CA HIS G 426 -47.33 40.17 -5.36
C HIS G 426 -48.14 39.15 -6.15
N LYS G 427 -48.08 37.88 -5.75
CA LYS G 427 -48.78 36.77 -6.45
C LYS G 427 -50.29 37.03 -6.35
N LYS G 428 -50.76 37.51 -5.20
CA LYS G 428 -52.21 37.84 -5.06
C LYS G 428 -52.59 38.95 -6.07
N ASP G 429 -51.77 40.01 -6.16
CA ASP G 429 -52.12 41.20 -6.97
C ASP G 429 -52.05 40.79 -8.46
N ARG G 430 -51.06 40.00 -8.85
CA ARG G 430 -50.99 39.49 -10.25
C ARG G 430 -52.23 38.66 -10.51
N ALA G 431 -52.67 37.82 -9.61
CA ALA G 431 -53.84 36.97 -9.84
C ALA G 431 -55.09 37.83 -10.05
N SER G 432 -55.29 38.85 -9.22
CA SER G 432 -56.43 39.77 -9.37
C SER G 432 -56.31 40.47 -10.74
N ALA G 433 -55.13 40.92 -11.11
CA ALA G 433 -54.99 41.63 -12.44
C ALA G 433 -55.21 40.68 -13.63
N LEU G 434 -54.96 39.37 -13.50
CA LEU G 434 -55.11 38.38 -14.57
C LEU G 434 -56.50 37.73 -14.55
N THR G 435 -57.48 38.41 -13.90
CA THR G 435 -58.89 38.04 -13.80
C THR G 435 -59.77 39.16 -14.41
N GLN G 436 -60.43 38.89 -15.51
CA GLN G 436 -61.29 39.89 -16.18
C GLN G 436 -62.76 39.46 -16.12
N GLN G 437 -63.63 40.41 -15.87
CA GLN G 437 -65.09 40.19 -15.80
C GLN G 437 -65.75 40.77 -17.04
N LEU G 438 -66.61 39.98 -17.62
CA LEU G 438 -67.46 40.39 -18.77
C LEU G 438 -68.94 40.24 -18.41
N ASP G 439 -69.71 41.31 -18.63
CA ASP G 439 -71.17 41.35 -18.39
C ASP G 439 -71.91 40.92 -19.67
N LEU G 440 -72.47 39.71 -19.68
CA LEU G 440 -73.13 39.12 -20.88
C LEU G 440 -74.65 39.15 -20.75
N GLY G 441 -75.23 40.03 -19.93
CA GLY G 441 -76.69 40.14 -19.79
C GLY G 441 -77.14 39.43 -18.52
N LEU G 442 -77.72 38.25 -18.65
CA LEU G 442 -78.16 37.47 -17.44
C LEU G 442 -76.97 36.71 -16.85
N TRP G 443 -75.90 36.61 -17.61
CA TRP G 443 -74.72 35.80 -17.25
C TRP G 443 -73.48 36.65 -17.39
N ASP G 444 -72.49 36.37 -16.58
CA ASP G 444 -71.17 37.03 -16.65
C ASP G 444 -70.15 35.94 -16.95
N ALA G 445 -69.07 36.29 -17.64
CA ALA G 445 -67.91 35.38 -17.74
C ALA G 445 -66.74 35.97 -16.98
N GLU G 446 -65.94 35.13 -16.39
CA GLU G 446 -64.67 35.50 -15.77
C GLU G 446 -63.54 34.80 -16.52
N VAL G 447 -62.65 35.59 -17.11
CA VAL G 447 -61.51 35.05 -17.87
C VAL G 447 -60.22 35.16 -17.00
N THR G 448 -59.47 34.08 -16.88
CA THR G 448 -58.25 34.06 -16.10
C THR G 448 -57.20 33.41 -16.95
N TYR G 449 -55.95 33.74 -16.68
CA TYR G 449 -54.81 33.34 -17.55
C TYR G 449 -53.73 32.64 -16.75
N GLY G 450 -53.27 31.51 -17.24
CA GLY G 450 -52.04 30.84 -16.72
C GLY G 450 -52.36 30.03 -15.48
N ARG G 451 -53.07 28.96 -15.67
CA ARG G 451 -53.48 28.11 -14.53
C ARG G 451 -53.72 26.73 -15.07
N PRO G 452 -53.68 25.70 -14.18
CA PRO G 452 -54.04 24.36 -14.63
C PRO G 452 -55.47 24.22 -15.17
N MET G 453 -55.80 23.07 -15.72
CA MET G 453 -57.15 22.85 -16.34
C MET G 453 -58.04 22.18 -15.30
N PHE G 454 -57.47 21.96 -14.11
CA PHE G 454 -58.18 21.26 -13.01
C PHE G 454 -57.86 22.02 -11.72
N TRP G 455 -58.89 22.14 -10.87
CA TRP G 455 -58.86 22.78 -9.53
C TRP G 455 -58.76 24.31 -9.67
N VAL G 456 -58.52 25.04 -8.57
CA VAL G 456 -58.75 26.49 -8.52
C VAL G 456 -57.48 27.22 -8.10
N THR G 457 -56.31 26.63 -8.28
CA THR G 457 -55.03 27.33 -8.02
C THR G 457 -55.08 28.70 -8.71
N PRO G 458 -54.83 29.84 -8.07
CA PRO G 458 -55.00 31.15 -8.69
C PRO G 458 -54.17 31.33 -9.96
N PRO G 459 -54.59 32.17 -10.95
CA PRO G 459 -53.78 32.35 -12.14
C PRO G 459 -52.43 33.06 -11.91
N GLU G 460 -51.42 32.69 -12.71
CA GLU G 460 -50.06 33.25 -12.64
C GLU G 460 -49.63 33.85 -13.97
N GLY G 461 -50.51 33.76 -14.98
CA GLY G 461 -50.13 34.33 -16.28
C GLY G 461 -49.44 33.29 -17.11
N ASN G 462 -49.45 33.50 -18.43
CA ASN G 462 -48.66 32.67 -19.38
C ASN G 462 -47.30 33.34 -19.55
N THR G 463 -46.28 32.56 -19.87
CA THR G 463 -44.92 33.07 -20.14
CA THR G 463 -44.90 33.05 -20.12
C THR G 463 -44.46 32.58 -21.50
N PRO G 464 -44.38 33.46 -22.51
CA PRO G 464 -44.79 34.87 -22.39
C PRO G 464 -46.32 35.12 -22.35
N ALA G 465 -46.70 36.35 -22.05
CA ALA G 465 -48.11 36.77 -22.04
C ALA G 465 -48.69 36.47 -23.39
N ALA G 466 -49.81 35.79 -23.48
CA ALA G 466 -50.28 35.30 -24.82
C ALA G 466 -51.77 35.03 -24.94
N GLY G 467 -52.51 35.05 -23.85
CA GLY G 467 -53.86 34.48 -23.87
C GLY G 467 -54.91 35.46 -24.32
N GLY G 468 -56.10 34.97 -24.51
CA GLY G 468 -57.27 35.80 -24.86
C GLY G 468 -58.54 35.00 -24.96
N ALA G 469 -59.66 35.66 -25.21
CA ALA G 469 -60.93 34.96 -25.38
C ALA G 469 -61.87 35.77 -26.25
N LEU G 470 -62.71 35.06 -26.96
CA LEU G 470 -63.85 35.62 -27.73
C LEU G 470 -65.15 35.03 -27.21
N ILE G 471 -66.18 35.87 -27.06
CA ILE G 471 -67.52 35.40 -26.68
C ILE G 471 -68.53 36.13 -27.57
N ALA G 472 -69.42 35.39 -28.19
CA ALA G 472 -70.63 35.97 -28.86
C ALA G 472 -71.94 35.53 -28.19
N GLN G 473 -72.92 36.41 -28.05
CA GLN G 473 -74.23 36.02 -27.49
C GLN G 473 -75.07 35.43 -28.63
N LEU G 474 -75.63 34.24 -28.45
CA LEU G 474 -76.56 33.62 -29.42
C LEU G 474 -78.02 33.86 -28.98
N ASP G 475 -78.25 33.90 -27.66
CA ASP G 475 -79.59 34.05 -27.03
C ASP G 475 -79.41 34.43 -25.56
N ASP G 476 -80.50 34.65 -24.84
CA ASP G 476 -80.44 35.11 -23.43
C ASP G 476 -79.48 34.23 -22.60
N ASN G 477 -79.44 32.95 -22.85
CA ASN G 477 -78.66 32.02 -21.99
C ASN G 477 -77.66 31.22 -22.81
N GLU G 478 -77.31 31.65 -24.06
CA GLU G 478 -76.48 30.80 -24.90
C GLU G 478 -75.38 31.65 -25.54
N TYR G 479 -74.15 31.18 -25.49
CA TYR G 479 -72.97 31.92 -26.02
C TYR G 479 -72.14 31.01 -26.88
N LEU G 480 -71.41 31.62 -27.78
CA LEU G 480 -70.36 30.97 -28.59
C LEU G 480 -69.05 31.41 -27.94
N VAL G 481 -68.18 30.46 -27.62
CA VAL G 481 -66.95 30.77 -26.89
C VAL G 481 -65.73 30.09 -27.52
N THR G 482 -64.63 30.83 -27.69
CA THR G 482 -63.34 30.23 -28.08
C THR G 482 -62.25 31.05 -27.40
N ALA G 483 -61.25 30.37 -26.84
CA ALA G 483 -60.25 31.10 -26.06
C ALA G 483 -58.89 30.44 -26.23
N TYR G 484 -57.88 31.07 -25.68
CA TYR G 484 -56.49 30.68 -25.96
C TYR G 484 -55.69 30.89 -24.67
N LYS G 485 -55.12 29.80 -24.20
CA LYS G 485 -54.23 29.77 -23.00
C LYS G 485 -54.96 30.53 -21.90
N ALA G 486 -56.20 30.13 -21.66
CA ALA G 486 -57.06 30.83 -20.68
C ALA G 486 -58.15 29.91 -20.13
N ARG G 487 -58.74 30.36 -19.02
CA ARG G 487 -59.96 29.76 -18.51
C ARG G 487 -61.11 30.76 -18.58
N VAL G 488 -62.25 30.31 -19.03
CA VAL G 488 -63.49 31.09 -19.08
C VAL G 488 -64.51 30.37 -18.16
N GLU G 489 -65.01 31.10 -17.17
CA GLU G 489 -66.03 30.56 -16.24
C GLU G 489 -67.27 31.41 -16.29
N PHE G 490 -68.44 30.79 -16.40
CA PHE G 490 -69.72 31.50 -16.44
C PHE G 490 -70.38 31.45 -15.04
N LYS G 491 -71.02 32.55 -14.68
CA LYS G 491 -71.79 32.74 -13.44
C LYS G 491 -73.00 33.62 -13.74
N PRO G 492 -74.01 33.67 -12.85
CA PRO G 492 -75.10 34.62 -13.02
C PRO G 492 -74.59 36.06 -12.91
N SER G 493 -75.28 36.94 -13.64
CA SER G 493 -74.95 38.39 -13.70
C SER G 493 -75.60 39.11 -12.51
N GLN G 494 -76.65 38.53 -11.92
CA GLN G 494 -77.40 39.19 -10.85
C GLN G 494 -77.85 38.10 -9.87
N GLU G 495 -78.25 38.53 -8.65
CA GLU G 495 -78.80 37.63 -7.59
C GLU G 495 -79.91 36.80 -8.22
N LEU G 496 -80.01 35.50 -7.91
CA LEU G 496 -81.05 34.66 -8.56
C LEU G 496 -82.29 34.42 -7.67
N ALA G 497 -82.46 35.16 -6.59
CA ALA G 497 -83.71 35.21 -5.80
C ALA G 497 -84.20 33.79 -5.49
N GLY G 498 -83.31 32.98 -4.88
CA GLY G 498 -83.59 31.59 -4.45
C GLY G 498 -83.26 30.50 -5.47
N LYS G 499 -83.07 30.81 -6.76
CA LYS G 499 -82.81 29.74 -7.73
C LYS G 499 -81.33 29.35 -7.66
N LYS G 500 -80.99 28.23 -8.25
CA LYS G 500 -79.60 27.79 -8.38
C LYS G 500 -79.24 27.93 -9.86
N PHE G 501 -77.98 27.75 -10.21
CA PHE G 501 -77.59 27.79 -11.62
C PHE G 501 -76.59 26.69 -11.94
N MET G 502 -76.59 26.31 -13.20
CA MET G 502 -75.62 25.37 -13.74
C MET G 502 -75.36 25.71 -15.20
N ILE G 503 -74.34 25.10 -15.73
CA ILE G 503 -74.17 24.89 -17.21
C ILE G 503 -75.23 23.88 -17.58
N GLU G 504 -76.05 24.22 -18.54
CA GLU G 504 -77.00 23.23 -19.07
C GLU G 504 -76.27 22.28 -20.01
N ARG G 505 -75.50 22.86 -20.95
CA ARG G 505 -74.78 22.05 -21.96
C ARG G 505 -73.67 22.86 -22.61
N VAL G 506 -72.56 22.19 -22.87
CA VAL G 506 -71.41 22.78 -23.60
C VAL G 506 -71.15 21.86 -24.77
N GLU G 507 -71.23 22.39 -25.99
CA GLU G 507 -70.91 21.56 -27.13
C GLU G 507 -69.72 22.17 -27.86
N GLU G 508 -68.80 21.31 -28.30
CA GLU G 508 -67.66 21.68 -29.13
C GLU G 508 -68.08 21.30 -30.54
N GLY G 509 -67.95 22.23 -31.49
CA GLY G 509 -68.34 21.82 -32.85
C GLY G 509 -67.82 22.83 -33.85
N ARG G 510 -68.52 22.91 -34.97
CA ARG G 510 -68.07 23.83 -36.04
C ARG G 510 -69.28 24.18 -36.90
N PHE G 511 -69.09 25.17 -37.78
CA PHE G 511 -70.18 25.51 -38.70
C PHE G 511 -69.84 24.90 -40.05
N GLU G 512 -70.81 24.24 -40.66
CA GLU G 512 -70.68 23.68 -42.04
C GLU G 512 -71.85 24.23 -42.85
N LYS G 513 -71.57 24.95 -43.93
CA LYS G 513 -72.61 25.63 -44.73
C LYS G 513 -73.51 26.45 -43.79
N GLY G 514 -72.89 27.24 -42.90
CA GLY G 514 -73.54 28.09 -41.87
C GLY G 514 -74.38 27.34 -40.83
N LYS G 515 -74.37 25.99 -40.77
CA LYS G 515 -75.15 25.21 -39.75
C LYS G 515 -74.17 24.62 -38.71
N TRP G 516 -74.56 24.68 -37.45
CA TRP G 516 -73.79 24.09 -36.33
C TRP G 516 -73.78 22.57 -36.39
N VAL G 517 -72.58 21.99 -36.36
CA VAL G 517 -72.37 20.54 -36.27
C VAL G 517 -71.69 20.25 -34.93
N MET G 518 -72.34 19.49 -34.08
CA MET G 518 -71.73 19.11 -32.78
C MET G 518 -70.67 18.04 -33.02
N GLU G 519 -69.53 18.16 -32.37
CA GLU G 519 -68.52 17.10 -32.42
C GLU G 519 -68.59 16.32 -31.11
N ARG G 520 -68.65 17.04 -30.02
CA ARG G 520 -68.72 16.36 -28.68
C ARG G 520 -69.31 17.28 -27.62
N VAL G 521 -69.71 16.69 -26.48
CA VAL G 521 -70.18 17.48 -25.37
C VAL G 521 -69.06 17.61 -24.35
N TRP G 522 -68.72 18.81 -23.92
CA TRP G 522 -67.78 19.00 -22.78
C TRP G 522 -68.61 18.84 -21.53
N ASN G 523 -68.08 18.05 -20.61
CA ASN G 523 -68.80 17.87 -19.32
C ASN G 523 -67.76 17.34 -18.31
N GLY G 524 -68.21 17.08 -17.10
CA GLY G 524 -67.31 16.53 -16.08
C GLY G 524 -66.13 17.44 -15.85
N ASP G 525 -64.92 16.85 -15.81
CA ASP G 525 -63.63 17.57 -15.60
C ASP G 525 -63.55 18.76 -16.60
N GLN G 526 -64.14 18.60 -17.79
CA GLN G 526 -63.94 19.71 -18.78
C GLN G 526 -64.85 20.91 -18.52
N THR G 527 -65.83 20.84 -17.66
CA THR G 527 -66.67 22.00 -17.30
C THR G 527 -66.71 22.24 -15.79
N ASP G 528 -66.09 21.39 -14.96
CA ASP G 528 -66.18 21.65 -13.49
C ASP G 528 -65.30 22.81 -13.04
N TRP G 529 -64.22 23.12 -13.77
CA TRP G 529 -63.22 24.12 -13.42
C TRP G 529 -63.17 25.20 -14.52
N GLY G 530 -64.34 25.69 -14.88
CA GLY G 530 -64.44 26.57 -16.04
C GLY G 530 -64.14 25.82 -17.33
N LEU G 531 -63.97 26.60 -18.41
CA LEU G 531 -63.71 26.04 -19.75
C LEU G 531 -62.27 26.42 -20.06
N ASN G 532 -61.43 25.41 -20.09
CA ASN G 532 -60.00 25.63 -20.14
C ASN G 532 -59.45 25.42 -21.53
N PHE G 533 -58.67 26.40 -22.00
CA PHE G 533 -58.15 26.34 -23.38
C PHE G 533 -56.64 26.40 -23.36
N THR G 534 -56.00 25.66 -24.27
CA THR G 534 -54.55 25.70 -24.41
C THR G 534 -54.23 26.42 -25.71
N ASP G 535 -53.35 25.86 -26.50
CA ASP G 535 -52.98 26.52 -27.78
C ASP G 535 -53.86 26.02 -28.92
N ARG G 536 -54.64 24.99 -28.72
CA ARG G 536 -55.40 24.33 -29.78
C ARG G 536 -56.77 24.98 -29.90
N PRO G 537 -57.33 24.98 -31.11
CA PRO G 537 -58.61 25.60 -31.31
C PRO G 537 -59.79 24.71 -30.90
N HIS G 538 -60.64 25.26 -30.10
CA HIS G 538 -61.99 24.69 -29.77
C HIS G 538 -63.06 25.78 -29.82
N LEU G 539 -64.13 25.52 -30.55
CA LEU G 539 -65.28 26.45 -30.64
C LEU G 539 -66.43 25.80 -29.89
N LEU G 540 -66.88 26.47 -28.84
CA LEU G 540 -67.94 25.94 -27.96
C LEU G 540 -69.25 26.75 -28.06
N ARG G 541 -70.38 26.05 -27.89
CA ARG G 541 -71.69 26.67 -27.63
C ARG G 541 -72.02 26.35 -26.19
N VAL G 542 -72.15 27.36 -25.40
CA VAL G 542 -72.43 27.25 -23.93
C VAL G 542 -73.85 27.69 -23.64
N LYS G 543 -74.64 26.77 -23.08
CA LYS G 543 -76.01 27.07 -22.67
C LYS G 543 -76.05 27.01 -21.12
N MET G 544 -76.46 28.11 -20.50
CA MET G 544 -76.52 28.26 -19.01
C MET G 544 -77.98 28.15 -18.65
N ALA G 545 -78.23 27.76 -17.41
CA ALA G 545 -79.61 27.68 -16.87
C ALA G 545 -79.63 28.01 -15.39
N SER G 546 -80.58 28.83 -14.98
CA SER G 546 -81.06 28.98 -13.60
C SER G 546 -82.21 27.99 -13.41
N TYR G 547 -82.35 27.42 -12.19
CA TYR G 547 -83.37 26.37 -11.95
C TYR G 547 -83.82 26.49 -10.50
N SER G 548 -85.07 26.16 -10.30
CA SER G 548 -85.76 26.25 -9.00
C SER G 548 -85.38 25.03 -8.13
N VAL G 549 -85.29 25.24 -6.82
CA VAL G 549 -85.08 24.13 -5.85
C VAL G 549 -86.18 24.22 -4.79
N GLN G 550 -87.29 24.92 -5.06
CA GLN G 550 -88.37 25.21 -4.09
C GLN G 550 -89.68 24.62 -4.61
N ALA H 12 51.49 -6.55 -16.71
CA ALA H 12 51.52 -6.48 -15.21
C ALA H 12 52.54 -5.40 -14.81
N PRO H 13 52.16 -4.11 -14.63
CA PRO H 13 53.17 -3.08 -14.35
C PRO H 13 53.84 -3.32 -12.98
N LEU H 14 55.14 -3.12 -12.95
CA LEU H 14 55.94 -3.29 -11.72
C LEU H 14 55.39 -2.36 -10.67
N PRO H 15 55.38 -2.78 -9.40
CA PRO H 15 55.12 -1.83 -8.34
C PRO H 15 56.18 -0.73 -8.38
N GLU H 16 55.83 0.46 -7.95
CA GLU H 16 56.81 1.57 -7.94
C GLU H 16 56.40 2.56 -6.87
N LEU H 17 57.36 3.20 -6.23
CA LEU H 17 57.06 4.33 -5.34
C LEU H 17 57.15 5.65 -6.11
N LEU H 18 56.06 6.39 -6.15
CA LEU H 18 55.97 7.74 -6.79
C LEU H 18 56.02 8.82 -5.73
N SER H 19 56.75 9.90 -6.02
CA SER H 19 56.91 11.08 -5.15
C SER H 19 56.71 12.29 -6.02
N ASN H 20 55.69 13.07 -5.75
CA ASN H 20 55.34 14.28 -6.54
C ASN H 20 54.65 15.26 -5.60
N ASN H 21 54.98 16.54 -5.72
CA ASN H 21 54.36 17.63 -4.94
C ASN H 21 54.37 17.35 -3.45
N GLY H 22 55.49 16.84 -2.90
CA GLY H 22 55.64 16.56 -1.44
C GLY H 22 54.84 15.34 -1.04
N LYS H 23 54.16 14.68 -1.99
CA LYS H 23 53.28 13.54 -1.66
C LYS H 23 53.83 12.28 -2.32
N HIS H 24 53.33 11.12 -1.88
CA HIS H 24 53.90 9.82 -2.26
C HIS H 24 52.81 8.80 -2.44
N ALA H 25 53.06 7.83 -3.30
CA ALA H 25 52.19 6.67 -3.46
C ALA H 25 53.01 5.44 -3.78
N LEU H 26 52.57 4.33 -3.22
CA LEU H 26 53.06 3.04 -3.64
C LEU H 26 52.12 2.56 -4.73
N MET H 27 52.60 2.50 -5.97
CA MET H 27 51.75 1.96 -7.02
C MET H 27 51.91 0.47 -7.06
N VAL H 28 50.76 -0.21 -7.06
CA VAL H 28 50.71 -1.66 -7.25
C VAL H 28 49.61 -1.91 -8.29
N ASP H 29 49.94 -2.70 -9.29
CA ASP H 29 49.02 -3.02 -10.42
C ASP H 29 48.54 -1.70 -11.02
N GLY H 30 49.39 -0.68 -11.02
CA GLY H 30 49.12 0.52 -11.86
C GLY H 30 48.29 1.56 -11.15
N ALA H 31 48.16 1.47 -9.80
CA ALA H 31 47.31 2.40 -9.01
C ALA H 31 47.82 2.43 -7.58
N PRO H 32 47.65 3.54 -6.87
CA PRO H 32 48.07 3.64 -5.49
C PRO H 32 47.48 2.53 -4.63
N TYR H 33 48.27 2.09 -3.66
CA TYR H 33 47.95 0.91 -2.82
C TYR H 33 48.35 1.25 -1.36
N ILE H 34 47.58 0.77 -0.37
CA ILE H 34 47.93 0.92 1.08
C ILE H 34 48.29 -0.47 1.55
N ILE H 35 49.45 -0.58 2.18
CA ILE H 35 49.82 -1.87 2.84
C ILE H 35 49.07 -1.88 4.20
N LEU H 36 48.08 -2.74 4.32
CA LEU H 36 47.46 -3.05 5.62
C LEU H 36 48.08 -4.38 6.03
N GLY H 37 49.19 -4.32 6.72
CA GLY H 37 50.08 -5.48 6.71
C GLY H 37 50.12 -6.24 8.03
N SER H 38 50.92 -7.26 7.98
CA SER H 38 51.23 -8.06 9.21
C SER H 38 52.63 -8.57 8.96
N GLN H 39 53.44 -8.63 9.99
CA GLN H 39 54.78 -9.21 9.82
C GLN H 39 54.85 -10.45 10.74
N THR H 40 55.49 -11.46 10.28
CA THR H 40 55.69 -12.70 11.05
C THR H 40 56.63 -12.41 12.20
N ASN H 41 56.70 -13.37 13.13
CA ASN H 41 57.86 -13.38 14.05
C ASN H 41 59.09 -13.77 13.22
N ASN H 42 60.25 -13.63 13.82
CA ASN H 42 61.58 -13.76 13.14
C ASN H 42 61.91 -15.19 12.66
N SER H 43 61.27 -16.23 13.16
CA SER H 43 61.67 -17.65 12.89
C SER H 43 60.56 -18.36 12.12
N SER H 44 59.73 -17.60 11.41
CA SER H 44 58.56 -18.15 10.70
C SER H 44 58.83 -18.30 9.20
N ASN H 45 60.04 -18.07 8.80
CA ASN H 45 60.48 -18.06 7.36
C ASN H 45 60.77 -19.48 6.82
N TYR H 46 59.89 -20.47 7.09
CA TYR H 46 60.08 -21.87 6.68
C TYR H 46 58.71 -22.45 6.34
N PRO H 47 58.67 -23.36 5.36
CA PRO H 47 57.41 -23.92 4.91
C PRO H 47 56.55 -24.43 6.04
N ASP H 48 57.12 -25.11 7.01
CA ASP H 48 56.26 -25.74 8.06
C ASP H 48 55.64 -24.65 8.95
N ALA H 49 56.25 -23.45 9.02
CA ALA H 49 55.77 -22.36 9.88
C ALA H 49 54.54 -21.69 9.28
N LEU H 50 54.34 -21.79 7.96
CA LEU H 50 53.30 -20.91 7.32
C LEU H 50 51.89 -21.21 7.81
N LYS H 51 51.57 -22.46 8.15
CA LYS H 51 50.25 -22.88 8.68
C LYS H 51 49.92 -22.12 9.98
N ASP H 52 50.91 -21.61 10.69
CA ASP H 52 50.73 -20.78 11.90
C ASP H 52 50.75 -19.29 11.56
N VAL H 53 50.86 -18.93 10.29
CA VAL H 53 50.88 -17.50 9.85
C VAL H 53 49.54 -17.14 9.17
N TRP H 54 49.08 -17.97 8.22
CA TRP H 54 47.89 -17.62 7.41
C TRP H 54 46.65 -17.39 8.27
N PRO H 55 46.30 -18.21 9.30
CA PRO H 55 45.04 -17.95 10.00
C PRO H 55 45.04 -16.55 10.62
N SER H 56 46.18 -16.10 11.16
CA SER H 56 46.28 -14.73 11.75
C SER H 56 45.99 -13.70 10.67
N MET H 57 46.67 -13.89 9.56
CA MET H 57 46.52 -12.91 8.45
C MET H 57 45.04 -12.80 8.04
N GLU H 58 44.30 -13.91 7.92
CA GLU H 58 42.84 -13.96 7.55
C GLU H 58 42.06 -13.27 8.65
N LYS H 59 42.36 -13.53 9.93
CA LYS H 59 41.65 -12.90 11.07
C LYS H 59 41.88 -11.39 11.08
N MET H 60 43.08 -10.95 10.71
CA MET H 60 43.43 -9.53 10.76
C MET H 60 42.81 -8.79 9.60
N GLY H 61 42.52 -9.48 8.49
CA GLY H 61 42.10 -8.83 7.21
C GLY H 61 43.26 -8.04 6.57
N ALA H 62 44.49 -8.47 6.81
CA ALA H 62 45.67 -7.86 6.16
C ALA H 62 45.62 -8.18 4.67
N ASN H 63 46.16 -7.26 3.88
CA ASN H 63 46.26 -7.46 2.43
C ASN H 63 47.69 -7.77 2.05
N THR H 64 48.65 -7.67 2.99
CA THR H 64 50.10 -7.83 2.70
C THR H 64 50.84 -8.48 3.88
N LEU H 65 51.66 -9.46 3.59
CA LEU H 65 52.47 -10.12 4.62
C LEU H 65 53.94 -9.73 4.45
N SER H 66 54.58 -9.25 5.54
CA SER H 66 56.02 -9.04 5.62
C SER H 66 56.65 -10.29 6.27
N ILE H 67 57.62 -10.90 5.65
CA ILE H 67 58.22 -12.19 6.12
C ILE H 67 59.66 -12.21 5.72
N PRO H 68 60.56 -12.70 6.57
CA PRO H 68 61.94 -12.82 6.22
C PRO H 68 62.23 -13.80 5.07
N VAL H 69 63.28 -13.46 4.35
CA VAL H 69 64.03 -14.45 3.53
C VAL H 69 65.48 -14.31 3.95
N ALA H 70 66.10 -15.35 4.47
CA ALA H 70 67.40 -15.21 5.12
C ALA H 70 68.48 -15.68 4.18
N TRP H 71 69.57 -14.95 4.25
CA TRP H 71 70.78 -15.31 3.46
C TRP H 71 71.20 -16.76 3.84
N GLU H 72 71.16 -17.10 5.12
CA GLU H 72 71.54 -18.48 5.55
C GLU H 72 70.66 -19.54 4.87
N GLN H 73 69.39 -19.26 4.60
CA GLN H 73 68.48 -20.29 4.05
C GLN H 73 68.63 -20.37 2.53
N ILE H 74 68.94 -19.25 1.84
CA ILE H 74 69.01 -19.39 0.35
C ILE H 74 70.41 -19.71 -0.13
N GLU H 75 71.43 -19.51 0.67
CA GLU H 75 72.79 -19.86 0.22
C GLU H 75 73.50 -20.55 1.39
N PRO H 76 73.03 -21.73 1.92
CA PRO H 76 73.57 -22.39 3.12
C PRO H 76 75.04 -22.81 3.01
N VAL H 77 75.43 -23.11 1.78
CA VAL H 77 76.83 -23.38 1.35
C VAL H 77 77.11 -22.45 0.18
N GLU H 78 78.31 -21.89 0.12
CA GLU H 78 78.62 -20.80 -0.82
C GLU H 78 78.41 -21.33 -2.23
N GLY H 79 77.57 -20.64 -3.01
CA GLY H 79 77.41 -20.96 -4.44
C GLY H 79 76.27 -21.93 -4.63
N GLN H 80 75.65 -22.42 -3.56
CA GLN H 80 74.60 -23.46 -3.69
C GLN H 80 73.31 -22.84 -3.21
N PHE H 81 72.52 -22.28 -4.11
CA PHE H 81 71.27 -21.57 -3.75
C PHE H 81 70.09 -22.52 -3.57
N ASP H 82 69.19 -22.13 -2.66
CA ASP H 82 67.96 -22.89 -2.34
C ASP H 82 66.80 -21.89 -2.19
N PHE H 83 65.87 -21.92 -3.12
CA PHE H 83 64.68 -21.05 -3.11
C PHE H 83 63.42 -21.87 -2.79
N SER H 84 63.54 -23.06 -2.16
CA SER H 84 62.37 -23.91 -1.86
C SER H 84 61.38 -23.16 -0.94
N PHE H 85 61.87 -22.37 0.01
CA PHE H 85 60.97 -21.57 0.88
C PHE H 85 60.24 -20.51 0.04
N VAL H 86 60.97 -19.80 -0.80
CA VAL H 86 60.36 -18.69 -1.59
C VAL H 86 59.31 -19.30 -2.51
N ASP H 87 59.60 -20.47 -3.06
CA ASP H 87 58.68 -21.21 -3.95
C ASP H 87 57.37 -21.45 -3.19
N VAL H 88 57.44 -22.04 -1.98
CA VAL H 88 56.20 -22.41 -1.27
C VAL H 88 55.49 -21.11 -0.91
N LEU H 89 56.20 -20.11 -0.43
CA LEU H 89 55.59 -18.86 0.07
C LEU H 89 54.85 -18.16 -1.10
N LEU H 90 55.41 -18.08 -2.27
CA LEU H 90 54.67 -17.41 -3.37
C LEU H 90 53.35 -18.14 -3.64
N LYS H 91 53.39 -19.45 -3.75
CA LYS H 91 52.21 -20.23 -4.07
C LYS H 91 51.15 -20.08 -2.99
N GLU H 92 51.55 -20.10 -1.72
CA GLU H 92 50.52 -20.04 -0.66
C GLU H 92 49.97 -18.61 -0.59
N ALA H 93 50.82 -17.60 -0.81
CA ALA H 93 50.38 -16.20 -0.76
C ALA H 93 49.35 -15.98 -1.88
N ARG H 94 49.57 -16.54 -3.05
CA ARG H 94 48.63 -16.35 -4.17
C ARG H 94 47.31 -17.04 -3.90
N GLN H 95 47.32 -18.20 -3.27
CA GLN H 95 46.06 -18.94 -2.97
C GLN H 95 45.20 -18.10 -2.01
N ARG H 96 45.84 -17.34 -1.12
CA ARG H 96 45.13 -16.46 -0.17
C ARG H 96 44.92 -15.05 -0.70
N LYS H 97 45.42 -14.76 -1.90
CA LYS H 97 45.20 -13.45 -2.60
C LYS H 97 45.72 -12.36 -1.68
N VAL H 98 46.93 -12.57 -1.14
CA VAL H 98 47.65 -11.50 -0.40
C VAL H 98 48.95 -11.21 -1.11
N ARG H 99 49.48 -10.04 -0.89
CA ARG H 99 50.78 -9.66 -1.45
C ARG H 99 51.87 -9.83 -0.39
N LEU H 100 53.13 -9.78 -0.84
CA LEU H 100 54.27 -10.04 0.05
C LEU H 100 55.25 -8.88 0.09
N VAL H 101 55.81 -8.64 1.25
CA VAL H 101 57.04 -7.82 1.37
C VAL H 101 58.12 -8.77 1.86
N LEU H 102 59.15 -9.01 1.08
CA LEU H 102 60.24 -9.90 1.56
C LEU H 102 61.27 -9.10 2.36
N LEU H 103 61.72 -9.65 3.50
CA LEU H 103 62.72 -8.94 4.32
C LEU H 103 64.07 -9.66 4.20
N TRP H 104 65.02 -9.04 3.56
CA TRP H 104 66.36 -9.63 3.27
C TRP H 104 67.21 -9.55 4.53
N PHE H 105 67.25 -10.64 5.31
CA PHE H 105 68.04 -10.71 6.55
C PHE H 105 69.41 -11.26 6.19
N ALA H 106 70.39 -10.42 6.17
CA ALA H 106 71.69 -10.72 5.55
C ALA H 106 72.83 -10.13 6.37
N THR H 107 73.57 -9.17 5.84
CA THR H 107 74.73 -8.61 6.61
C THR H 107 74.28 -8.11 7.99
N TRP H 108 73.14 -7.42 8.07
CA TRP H 108 72.60 -6.90 9.34
C TRP H 108 71.19 -7.38 9.57
N LYS H 109 70.96 -7.91 10.77
CA LYS H 109 69.61 -8.15 11.30
C LYS H 109 69.76 -7.70 12.75
N ASN H 110 69.17 -6.57 13.10
CA ASN H 110 69.32 -5.95 14.43
C ASN H 110 70.82 -5.84 14.77
N ASN H 111 71.59 -5.28 13.86
CA ASN H 111 73.02 -4.93 13.99
C ASN H 111 73.94 -6.11 13.80
N ALA H 112 73.43 -7.33 13.76
CA ALA H 112 74.28 -8.53 13.86
C ALA H 112 74.14 -9.41 12.60
N PRO H 113 75.10 -10.31 12.32
CA PRO H 113 75.09 -11.23 11.17
C PRO H 113 74.50 -12.61 11.40
N HIS H 114 73.58 -12.74 12.38
CA HIS H 114 73.05 -14.07 12.76
C HIS H 114 72.36 -14.80 11.60
N TYR H 115 71.80 -14.04 10.62
CA TYR H 115 71.08 -14.67 9.49
C TYR H 115 72.00 -14.79 8.30
N ALA H 116 73.25 -14.41 8.44
CA ALA H 116 74.21 -14.66 7.34
C ALA H 116 74.58 -16.13 7.47
N PRO H 117 75.03 -16.80 6.41
CA PRO H 117 75.37 -18.20 6.45
C PRO H 117 76.56 -18.44 7.38
N ALA H 118 76.71 -19.68 7.85
CA ALA H 118 77.84 -20.02 8.73
C ALA H 118 79.18 -19.68 8.07
N TRP H 119 79.31 -19.93 6.76
CA TRP H 119 80.56 -19.65 6.01
C TRP H 119 80.79 -18.14 5.88
N VAL H 120 79.80 -17.34 6.27
CA VAL H 120 80.05 -15.90 6.43
C VAL H 120 80.30 -15.53 7.91
N LYS H 121 79.34 -15.85 8.80
CA LYS H 121 79.35 -15.31 10.16
C LYS H 121 80.46 -15.96 11.01
N LEU H 122 81.03 -17.06 10.62
CA LEU H 122 82.14 -17.65 11.37
C LEU H 122 83.51 -17.36 10.75
N ASP H 123 83.60 -16.49 9.75
CA ASP H 123 84.91 -16.22 9.10
C ASP H 123 85.21 -14.74 9.16
N ASN H 124 85.68 -14.28 10.31
CA ASN H 124 85.91 -12.85 10.58
C ASN H 124 87.01 -12.38 9.65
N ALA H 125 88.07 -13.19 9.39
CA ALA H 125 89.17 -12.70 8.52
C ALA H 125 88.61 -12.24 7.13
N ARG H 126 87.71 -13.00 6.50
CA ARG H 126 87.10 -12.71 5.18
C ARG H 126 86.02 -11.63 5.29
N PHE H 127 85.21 -11.70 6.33
CA PHE H 127 84.04 -10.85 6.55
C PHE H 127 84.15 -10.16 7.89
N PRO H 128 84.88 -9.04 7.94
CA PRO H 128 85.26 -8.46 9.23
C PRO H 128 84.20 -7.68 9.99
N ARG H 129 84.32 -7.78 11.32
CA ARG H 129 83.45 -7.08 12.28
C ARG H 129 84.02 -5.70 12.64
N VAL H 130 83.13 -4.88 13.11
CA VAL H 130 83.42 -3.55 13.67
C VAL H 130 84.38 -3.79 14.84
N VAL H 131 85.40 -2.96 14.98
CA VAL H 131 86.34 -2.95 16.11
C VAL H 131 86.13 -1.64 16.84
N LYS H 132 86.01 -1.73 18.14
CA LYS H 132 85.85 -0.57 19.05
C LYS H 132 87.16 0.22 19.13
N GLU H 133 87.03 1.45 19.61
CA GLU H 133 88.13 2.38 19.94
C GLU H 133 89.18 1.63 20.80
N ASP H 134 88.75 0.79 21.73
CA ASP H 134 89.70 0.07 22.62
C ASP H 134 90.26 -1.23 22.00
N GLY H 135 89.91 -1.62 20.79
CA GLY H 135 90.47 -2.82 20.11
C GLY H 135 89.66 -4.09 20.33
N ASP H 136 88.65 -4.08 21.17
CA ASP H 136 87.69 -5.22 21.30
C ASP H 136 86.79 -5.22 20.05
N THR H 137 86.28 -6.41 19.69
CA THR H 137 85.47 -6.66 18.48
C THR H 137 84.00 -6.76 18.87
N LEU H 138 83.09 -6.19 18.10
CA LEU H 138 81.64 -6.38 18.30
C LEU H 138 81.10 -7.34 17.22
N ASN H 139 80.03 -8.03 17.53
CA ASN H 139 79.38 -8.96 16.59
C ASN H 139 78.45 -8.17 15.67
N SER H 140 79.04 -7.34 14.82
CA SER H 140 78.34 -6.42 13.90
C SER H 140 79.31 -6.29 12.70
N LEU H 141 78.91 -6.73 11.49
CA LEU H 141 79.86 -6.68 10.35
C LEU H 141 80.13 -5.24 9.94
N SER H 142 81.41 -4.93 9.63
CA SER H 142 81.83 -3.59 9.16
C SER H 142 81.27 -3.34 7.77
N PRO H 143 80.65 -2.14 7.50
CA PRO H 143 80.13 -1.53 6.17
C PRO H 143 81.34 -1.42 5.21
N LEU H 144 82.56 -1.49 5.75
CA LEU H 144 83.82 -1.34 4.99
C LEU H 144 84.41 -2.68 4.56
N GLY H 145 83.77 -3.80 4.89
CA GLY H 145 84.27 -5.10 4.39
C GLY H 145 83.84 -5.33 2.96
N GLN H 146 84.80 -5.27 2.01
CA GLN H 146 84.50 -5.40 0.59
C GLN H 146 84.06 -6.82 0.26
N ASN H 147 84.63 -7.83 0.93
CA ASN H 147 84.20 -9.21 0.61
C ASN H 147 82.75 -9.41 1.08
N THR H 148 82.35 -8.78 2.18
CA THR H 148 81.00 -8.99 2.76
C THR H 148 79.96 -8.37 1.81
N LEU H 149 80.23 -7.15 1.36
CA LEU H 149 79.35 -6.48 0.35
C LEU H 149 79.21 -7.35 -0.90
N ALA H 150 80.33 -7.85 -1.45
CA ALA H 150 80.30 -8.63 -2.69
C ALA H 150 79.47 -9.89 -2.48
N ALA H 151 79.59 -10.53 -1.29
CA ALA H 151 78.90 -11.82 -1.08
C ALA H 151 77.42 -11.56 -0.85
N ASP H 152 77.07 -10.51 -0.12
CA ASP H 152 75.66 -10.14 0.12
C ASP H 152 74.97 -9.84 -1.23
N LYS H 153 75.61 -8.96 -1.99
CA LYS H 153 75.16 -8.55 -3.35
C LYS H 153 74.88 -9.79 -4.19
N LYS H 154 75.80 -10.77 -4.20
CA LYS H 154 75.71 -11.99 -5.04
C LYS H 154 74.46 -12.76 -4.66
N ALA H 155 74.23 -12.92 -3.38
CA ALA H 155 73.04 -13.69 -3.00
C ALA H 155 71.76 -12.91 -3.26
N PHE H 156 71.77 -11.59 -3.05
CA PHE H 156 70.55 -10.77 -3.19
C PHE H 156 70.18 -10.77 -4.68
N VAL H 157 71.18 -10.77 -5.52
CA VAL H 157 70.97 -10.87 -6.99
C VAL H 157 70.27 -12.19 -7.32
N GLU H 158 70.70 -13.32 -6.71
CA GLU H 158 70.04 -14.58 -7.00
C GLU H 158 68.58 -14.53 -6.54
N LEU H 159 68.32 -13.91 -5.38
CA LEU H 159 66.93 -13.88 -4.92
C LEU H 159 66.06 -13.12 -5.97
N MET H 160 66.56 -12.00 -6.46
CA MET H 160 65.78 -11.12 -7.35
C MET H 160 65.63 -11.86 -8.69
N LYS H 161 66.60 -12.68 -9.07
CA LYS H 161 66.49 -13.48 -10.32
C LYS H 161 65.36 -14.48 -10.12
N TYR H 162 65.30 -15.09 -8.94
CA TYR H 162 64.19 -16.03 -8.66
C TYR H 162 62.86 -15.27 -8.80
N LEU H 163 62.69 -14.05 -8.24
CA LEU H 163 61.40 -13.31 -8.42
C LEU H 163 61.17 -12.92 -9.90
N ALA H 164 62.21 -12.53 -10.61
CA ALA H 164 62.05 -12.18 -12.07
C ALA H 164 61.54 -13.41 -12.82
N LYS H 165 61.95 -14.63 -12.49
CA LYS H 165 61.62 -15.86 -13.27
C LYS H 165 60.28 -16.43 -12.81
N ARG H 166 59.94 -16.33 -11.52
N ARG H 166 59.93 -16.35 -11.52
CA ARG H 166 58.80 -17.09 -10.91
CA ARG H 166 58.78 -17.12 -10.96
C ARG H 166 57.70 -16.20 -10.34
C ARG H 166 57.72 -16.21 -10.34
N ASP H 167 57.84 -14.88 -10.46
CA ASP H 167 56.87 -13.92 -9.88
C ASP H 167 56.51 -12.79 -10.83
N LYS H 168 55.98 -13.17 -11.99
CA LYS H 168 55.72 -12.24 -13.12
C LYS H 168 54.59 -11.26 -12.80
N ASP H 169 53.64 -11.65 -11.93
CA ASP H 169 52.50 -10.79 -11.51
C ASP H 169 52.84 -10.03 -10.22
N HIS H 170 54.11 -10.08 -9.75
CA HIS H 170 54.60 -9.24 -8.63
C HIS H 170 53.81 -9.55 -7.36
N THR H 171 53.60 -10.83 -7.03
CA THR H 171 53.07 -11.19 -5.68
C THR H 171 53.92 -10.49 -4.62
N VAL H 172 55.24 -10.44 -4.83
CA VAL H 172 56.19 -9.63 -4.01
C VAL H 172 56.18 -8.20 -4.52
N ILE H 173 55.69 -7.27 -3.71
CA ILE H 173 55.55 -5.86 -4.13
C ILE H 173 56.70 -4.98 -3.71
N MET H 174 57.46 -5.36 -2.68
CA MET H 174 58.52 -4.50 -2.13
C MET H 174 59.51 -5.42 -1.37
N VAL H 175 60.75 -4.99 -1.28
CA VAL H 175 61.82 -5.76 -0.62
C VAL H 175 62.49 -4.86 0.38
N GLN H 176 62.63 -5.34 1.63
CA GLN H 176 63.37 -4.62 2.67
C GLN H 176 64.80 -5.10 2.57
N VAL H 177 65.77 -4.22 2.41
CA VAL H 177 67.18 -4.63 2.25
C VAL H 177 67.83 -4.55 3.62
N GLN H 178 68.30 -5.69 4.16
CA GLN H 178 68.80 -5.77 5.58
C GLN H 178 67.64 -5.55 6.56
N ASN H 179 67.93 -5.61 7.86
CA ASN H 179 66.89 -5.45 8.89
C ASN H 179 67.50 -4.70 10.10
N GLU H 180 67.11 -3.45 10.37
CA GLU H 180 67.68 -2.63 11.49
C GLU H 180 69.21 -2.69 11.43
N VAL H 181 69.80 -2.05 10.41
CA VAL H 181 71.27 -1.95 10.31
C VAL H 181 71.80 -1.05 11.44
N GLY H 182 73.11 -1.14 11.59
CA GLY H 182 73.85 -0.31 12.53
C GLY H 182 74.61 -1.17 13.50
N THR H 183 75.12 -0.49 14.52
CA THR H 183 76.02 -1.09 15.52
C THR H 183 75.61 -0.68 16.95
N TYR H 184 75.41 -1.67 17.81
CA TYR H 184 75.30 -1.41 19.26
C TYR H 184 76.68 -1.57 19.93
N GLY H 185 77.01 -0.66 20.82
CA GLY H 185 78.24 -0.75 21.62
C GLY H 185 79.36 0.02 20.97
N ALA H 186 79.17 0.63 19.80
CA ALA H 186 80.22 1.54 19.27
C ALA H 186 79.56 2.50 18.32
N VAL H 187 80.24 3.61 17.99
CA VAL H 187 79.66 4.63 17.11
C VAL H 187 79.97 4.26 15.66
N ARG H 188 81.10 3.64 15.42
CA ARG H 188 81.58 3.20 14.09
C ARG H 188 82.59 2.08 14.20
N ASP H 189 83.06 1.63 13.05
CA ASP H 189 84.25 0.76 12.92
C ASP H 189 85.48 1.64 13.13
N TYR H 190 86.33 1.23 14.07
CA TYR H 190 87.62 1.91 14.38
C TYR H 190 88.80 1.05 13.96
N SER H 191 88.54 0.01 13.16
CA SER H 191 89.60 -0.86 12.61
C SER H 191 90.55 0.01 11.81
N PRO H 192 91.83 -0.42 11.63
CA PRO H 192 92.74 0.31 10.73
C PRO H 192 92.11 0.63 9.36
N MET H 193 91.45 -0.35 8.77
CA MET H 193 90.74 -0.28 7.47
C MET H 193 89.75 0.88 7.49
N ALA H 194 88.93 0.98 8.52
CA ALA H 194 87.92 2.06 8.65
C ALA H 194 88.64 3.39 8.87
N GLN H 195 89.61 3.41 9.76
CA GLN H 195 90.31 4.64 10.13
C GLN H 195 90.98 5.21 8.87
N ALA H 196 91.44 4.38 7.94
CA ALA H 196 92.15 4.97 6.78
C ALA H 196 91.13 5.74 5.94
N VAL H 197 89.89 5.27 5.87
CA VAL H 197 88.81 5.96 5.09
C VAL H 197 88.33 7.17 5.87
N PHE H 198 88.17 7.04 7.17
CA PHE H 198 87.77 8.15 8.05
C PHE H 198 88.72 9.35 7.93
N ASN H 199 90.01 9.05 7.86
CA ASN H 199 91.11 10.05 7.85
C ASN H 199 91.17 10.76 6.50
N ALA H 200 90.50 10.22 5.47
CA ALA H 200 90.61 10.77 4.09
C ALA H 200 89.53 11.80 3.86
N ALA H 201 89.53 12.36 2.63
CA ALA H 201 88.49 13.30 2.20
C ALA H 201 87.10 12.64 2.24
N VAL H 202 86.08 13.41 2.64
CA VAL H 202 84.68 12.97 2.50
C VAL H 202 84.44 12.88 0.99
N PRO H 203 83.82 11.78 0.44
CA PRO H 203 83.43 11.47 -1.01
C PRO H 203 82.86 12.77 -1.60
N ASP H 204 83.35 13.17 -2.79
CA ASP H 204 82.86 14.39 -3.49
C ASP H 204 81.33 14.37 -3.53
N ASP H 205 80.74 13.26 -3.98
CA ASP H 205 79.26 13.16 -4.14
C ASP H 205 78.57 13.61 -2.84
N LEU H 206 79.00 13.15 -1.68
CA LEU H 206 78.29 13.54 -0.43
C LEU H 206 78.36 15.04 -0.26
N ILE H 207 79.57 15.57 -0.38
CA ILE H 207 79.84 17.02 -0.17
C ILE H 207 78.98 17.82 -1.16
N GLN H 208 78.94 17.41 -2.43
CA GLN H 208 78.10 18.11 -3.46
C GLN H 208 76.61 18.02 -3.03
N LYS H 209 76.07 16.83 -2.77
CA LYS H 209 74.63 16.65 -2.46
C LYS H 209 74.32 17.41 -1.17
N LEU H 210 75.22 17.43 -0.20
CA LEU H 210 74.88 18.12 1.06
C LEU H 210 75.22 19.59 0.94
N GLN H 211 75.81 20.05 -0.17
CA GLN H 211 76.17 21.49 -0.28
C GLN H 211 77.01 21.96 0.93
N LEU H 212 78.08 21.22 1.27
CA LEU H 212 79.04 21.53 2.34
C LEU H 212 80.40 21.88 1.73
N LYS H 213 81.27 22.48 2.52
CA LYS H 213 82.65 22.81 2.07
C LYS H 213 83.47 21.52 2.16
N PRO H 214 84.27 21.11 1.14
CA PRO H 214 85.04 19.87 1.16
C PRO H 214 85.96 19.77 2.38
N GLY H 215 86.36 18.56 2.72
CA GLY H 215 87.30 18.33 3.85
C GLY H 215 87.30 16.89 4.25
N THR H 216 88.03 16.52 5.31
CA THR H 216 87.94 15.14 5.82
C THR H 216 86.72 15.02 6.72
N TRP H 217 86.38 13.78 7.07
CA TRP H 217 85.23 13.51 7.95
C TRP H 217 85.23 14.44 9.16
N SER H 218 86.34 14.50 9.86
CA SER H 218 86.41 15.25 11.11
C SER H 218 86.31 16.78 10.84
N GLN H 219 86.90 17.29 9.79
CA GLN H 219 86.80 18.76 9.65
C GLN H 219 85.40 19.10 9.10
N VAL H 220 84.74 18.18 8.38
CA VAL H 220 83.41 18.50 7.75
C VAL H 220 82.30 18.33 8.77
N PHE H 221 82.38 17.27 9.53
CA PHE H 221 81.29 16.87 10.48
C PHE H 221 81.65 17.09 11.96
N GLY H 222 82.88 17.43 12.30
CA GLY H 222 83.24 17.74 13.71
C GLY H 222 82.69 16.66 14.62
N ARG H 223 81.92 17.02 15.66
CA ARG H 223 81.45 16.10 16.77
C ARG H 223 80.62 14.94 16.19
N ASP H 224 79.92 15.15 15.07
CA ASP H 224 79.08 14.13 14.44
C ASP H 224 79.86 13.19 13.49
N ALA H 225 81.15 13.43 13.26
CA ALA H 225 81.97 12.69 12.29
C ALA H 225 81.80 11.18 12.46
N ASP H 226 82.03 10.66 13.63
CA ASP H 226 82.04 9.18 13.80
C ASP H 226 80.70 8.62 13.34
N GLU H 227 79.62 9.16 13.84
CA GLU H 227 78.27 8.62 13.60
C GLU H 227 77.91 8.82 12.13
N PHE H 228 78.19 9.99 11.59
CA PHE H 228 77.77 10.26 10.19
C PHE H 228 78.56 9.37 9.22
N PHE H 229 79.80 9.06 9.57
CA PHE H 229 80.71 8.19 8.78
C PHE H 229 80.13 6.77 8.76
N HIS H 230 79.71 6.26 9.94
CA HIS H 230 79.08 4.91 10.02
C HIS H 230 77.78 4.92 9.21
N ALA H 231 76.94 5.96 9.37
CA ALA H 231 75.67 6.06 8.59
C ALA H 231 76.04 6.05 7.10
N TYR H 232 77.00 6.91 6.73
CA TYR H 232 77.36 6.99 5.28
C TYR H 232 77.76 5.62 4.73
N GLN H 233 78.65 4.94 5.46
CA GLN H 233 79.24 3.69 4.94
C GLN H 233 78.15 2.62 4.84
N ILE H 234 77.26 2.57 5.87
CA ILE H 234 76.17 1.58 5.81
C ILE H 234 75.28 1.94 4.65
N ALA H 235 74.99 3.21 4.54
CA ALA H 235 74.03 3.68 3.51
C ALA H 235 74.61 3.27 2.10
N ARG H 236 75.90 3.52 1.86
CA ARG H 236 76.63 3.13 0.62
C ARG H 236 76.53 1.62 0.40
N TYR H 237 76.75 0.84 1.45
CA TYR H 237 76.61 -0.63 1.36
C TYR H 237 75.18 -1.03 0.95
N CYS H 238 74.18 -0.50 1.65
CA CYS H 238 72.78 -0.86 1.38
C CYS H 238 72.43 -0.35 -0.02
N ASP H 239 72.94 0.81 -0.41
CA ASP H 239 72.60 1.32 -1.79
C ASP H 239 73.16 0.39 -2.87
N GLU H 240 74.37 -0.14 -2.68
CA GLU H 240 74.99 -1.03 -3.70
C GLU H 240 74.24 -2.37 -3.78
N VAL H 241 73.83 -2.93 -2.65
CA VAL H 241 73.04 -4.16 -2.72
C VAL H 241 71.70 -3.86 -3.41
N THR H 242 71.07 -2.72 -3.09
CA THR H 242 69.78 -2.31 -3.70
C THR H 242 69.95 -2.24 -5.22
N VAL H 243 70.96 -1.52 -5.68
CA VAL H 243 71.15 -1.31 -7.15
C VAL H 243 71.34 -2.62 -7.90
N ALA H 244 72.16 -3.50 -7.32
CA ALA H 244 72.44 -4.82 -7.93
C ALA H 244 71.12 -5.57 -8.05
N GLY H 245 70.28 -5.54 -7.01
CA GLY H 245 69.07 -6.32 -7.13
C GLY H 245 68.10 -5.67 -8.12
N LYS H 246 68.04 -4.33 -8.07
CA LYS H 246 67.15 -3.55 -8.96
C LYS H 246 67.51 -3.82 -10.40
N ALA H 247 68.78 -4.00 -10.68
CA ALA H 247 69.22 -4.29 -12.08
C ALA H 247 68.57 -5.59 -12.58
N ILE H 248 68.12 -6.46 -11.67
CA ILE H 248 67.51 -7.74 -12.03
C ILE H 248 66.00 -7.53 -12.16
N LYS H 249 65.35 -7.01 -11.12
CA LYS H 249 63.89 -6.71 -11.08
C LYS H 249 63.69 -5.42 -10.28
N ASN H 250 63.17 -4.34 -10.94
CA ASN H 250 63.17 -2.99 -10.34
C ASN H 250 61.99 -2.82 -9.36
N LEU H 251 61.91 -3.69 -8.36
CA LEU H 251 60.90 -3.52 -7.26
C LEU H 251 61.33 -2.38 -6.35
N PRO H 252 60.36 -1.72 -5.69
CA PRO H 252 60.67 -0.76 -4.65
C PRO H 252 61.42 -1.50 -3.54
N MET H 253 62.39 -0.82 -2.94
CA MET H 253 63.18 -1.42 -1.84
C MET H 253 63.33 -0.37 -0.75
N TYR H 254 63.42 -0.78 0.54
CA TYR H 254 63.48 0.23 1.58
C TYR H 254 64.29 -0.33 2.73
N VAL H 255 64.65 0.52 3.69
CA VAL H 255 65.40 0.05 4.91
C VAL H 255 64.56 0.44 6.12
N ASN H 256 64.62 -0.40 7.19
CA ASN H 256 63.77 -0.20 8.39
C ASN H 256 64.68 0.17 9.57
N VAL H 257 64.33 1.17 10.34
CA VAL H 257 65.26 1.77 11.33
C VAL H 257 64.90 1.29 12.76
N ALA H 258 65.97 0.89 13.47
CA ALA H 258 65.92 0.81 14.93
C ALA H 258 65.99 2.24 15.47
N LEU H 259 64.81 2.79 15.75
CA LEU H 259 64.66 4.22 16.13
C LEU H 259 65.41 4.56 17.42
N ARG H 260 65.94 5.75 17.45
CA ARG H 260 66.34 6.40 18.70
C ARG H 260 65.11 7.17 19.18
N ASN H 261 65.01 7.35 20.49
CA ASN H 261 63.92 8.16 21.06
C ASN H 261 64.14 9.59 20.59
N PRO H 262 63.20 10.22 19.86
CA PRO H 262 63.53 11.52 19.29
C PRO H 262 63.69 12.60 20.37
N PHE H 263 63.11 12.43 21.54
CA PHE H 263 63.16 13.50 22.57
C PHE H 263 64.33 13.34 23.55
N ASN H 264 64.90 12.13 23.63
CA ASN H 264 65.96 11.77 24.60
C ASN H 264 66.68 10.55 24.05
N PRO H 265 67.47 10.67 22.97
CA PRO H 265 67.89 9.52 22.20
C PRO H 265 68.97 8.68 22.86
N GLY H 266 69.67 9.30 23.80
CA GLY H 266 70.91 8.73 24.32
C GLY H 266 72.06 8.89 23.31
N LEU H 267 73.09 8.07 23.45
CA LEU H 267 74.29 8.22 22.63
C LEU H 267 74.27 7.19 21.51
N PRO H 268 74.85 7.42 20.26
CA PRO H 268 75.08 6.42 19.12
C PRO H 268 75.85 5.27 19.77
N GLY H 269 75.41 4.05 19.57
CA GLY H 269 76.01 2.90 20.30
C GLY H 269 75.04 2.43 21.39
N GLN H 270 74.31 3.32 22.05
CA GLN H 270 73.21 2.90 22.96
C GLN H 270 72.03 2.54 22.06
N TYR H 271 71.64 3.49 21.21
CA TYR H 271 70.86 3.11 20.02
C TYR H 271 71.81 2.53 18.98
N SER H 272 71.21 1.93 17.96
CA SER H 272 71.88 1.34 16.78
C SER H 272 72.49 2.47 15.95
N SER H 273 73.80 2.67 16.10
CA SER H 273 74.54 3.74 15.39
C SER H 273 74.59 3.41 13.91
N GLY H 274 74.31 4.39 13.04
CA GLY H 274 74.57 4.21 11.60
C GLY H 274 73.27 3.93 10.84
N GLY H 275 72.19 3.50 11.53
CA GLY H 275 70.91 3.26 10.88
C GLY H 275 70.31 4.61 10.60
N GLY H 276 69.17 4.61 9.92
CA GLY H 276 68.46 5.84 9.50
C GLY H 276 67.71 6.52 10.62
N THR H 277 68.41 6.86 11.70
CA THR H 277 67.90 7.63 12.83
C THR H 277 67.64 9.07 12.34
N ASP H 278 66.86 9.83 13.10
CA ASP H 278 66.27 11.11 12.63
C ASP H 278 67.42 12.10 12.34
N ASN H 279 68.53 12.01 13.09
CA ASN H 279 69.70 12.93 12.97
C ASN H 279 70.57 12.61 11.74
N VAL H 280 70.40 11.44 11.09
CA VAL H 280 71.26 11.06 9.92
C VAL H 280 70.41 10.79 8.68
N LEU H 281 69.17 11.26 8.65
CA LEU H 281 68.31 11.01 7.47
C LEU H 281 68.94 11.79 6.31
N HIS H 282 69.55 12.92 6.57
CA HIS H 282 70.17 13.73 5.46
C HIS H 282 71.35 12.97 4.84
N ILE H 283 72.15 12.28 5.66
CA ILE H 283 73.23 11.40 5.18
C ILE H 283 72.66 10.27 4.33
N TRP H 284 71.68 9.54 4.86
CA TRP H 284 71.08 8.38 4.18
C TRP H 284 70.48 8.85 2.84
N LYS H 285 69.82 10.03 2.80
CA LYS H 285 69.14 10.42 1.53
C LYS H 285 70.20 10.75 0.48
N ALA H 286 71.29 11.37 0.90
CA ALA H 286 72.41 11.77 0.01
C ALA H 286 73.20 10.53 -0.41
N ALA H 287 73.50 9.62 0.52
CA ALA H 287 74.36 8.46 0.22
C ALA H 287 73.64 7.37 -0.54
N ALA H 288 72.33 7.17 -0.37
CA ALA H 288 71.62 6.01 -0.95
C ALA H 288 70.42 6.43 -1.79
N PRO H 289 70.67 7.01 -2.97
CA PRO H 289 69.58 7.56 -3.78
C PRO H 289 68.70 6.50 -4.42
N ASN H 290 69.12 5.24 -4.41
CA ASN H 290 68.36 4.14 -5.04
C ASN H 290 67.50 3.42 -4.01
N ILE H 291 67.67 3.72 -2.74
CA ILE H 291 66.72 3.20 -1.70
C ILE H 291 65.48 4.10 -1.71
N ASP H 292 64.32 3.49 -1.86
CA ASP H 292 63.04 4.24 -2.05
C ASP H 292 62.68 5.02 -0.81
N LEU H 293 62.69 4.40 0.38
CA LEU H 293 62.23 5.10 1.60
C LEU H 293 62.97 4.53 2.77
N ILE H 294 63.00 5.30 3.84
CA ILE H 294 63.53 4.90 5.18
C ILE H 294 62.29 4.80 6.09
N ALA H 295 62.05 3.60 6.64
CA ALA H 295 60.82 3.22 7.36
C ALA H 295 61.10 3.12 8.85
N PRO H 296 60.29 3.77 9.70
CA PRO H 296 60.45 3.64 11.17
C PRO H 296 59.89 2.31 11.70
N ASP H 297 60.60 1.72 12.69
CA ASP H 297 60.08 0.57 13.48
C ASP H 297 59.64 1.05 14.86
N ILE H 298 58.34 1.15 15.07
CA ILE H 298 57.76 1.90 16.23
C ILE H 298 57.35 0.97 17.36
N TYR H 299 58.01 1.13 18.51
CA TYR H 299 57.70 0.34 19.72
C TYR H 299 57.51 1.28 20.90
N PHE H 300 57.61 2.59 20.73
CA PHE H 300 57.19 3.59 21.75
C PHE H 300 55.67 3.52 21.88
N ARG H 301 55.14 3.46 23.08
CA ARG H 301 53.67 3.27 23.30
C ARG H 301 52.91 4.61 23.31
N ASP H 302 53.59 5.65 23.75
CA ASP H 302 52.93 6.91 24.17
C ASP H 302 52.74 7.80 22.93
N TYR H 303 51.59 8.42 22.89
CA TYR H 303 51.08 9.20 21.75
C TYR H 303 52.08 10.28 21.35
N LYS H 304 52.67 11.00 22.32
CA LYS H 304 53.53 12.13 22.02
C LYS H 304 54.77 11.65 21.24
N THR H 305 55.39 10.58 21.66
CA THR H 305 56.64 10.10 21.05
C THR H 305 56.32 9.53 19.66
N VAL H 306 55.27 8.71 19.57
CA VAL H 306 54.88 8.07 18.27
C VAL H 306 54.57 9.21 17.26
N SER H 307 53.83 10.21 17.66
CA SER H 307 53.42 11.35 16.82
C SER H 307 54.70 12.04 16.33
N LYS H 308 55.70 12.22 17.20
CA LYS H 308 56.96 12.88 16.80
C LYS H 308 57.67 12.02 15.73
N VAL H 309 57.74 10.71 15.93
CA VAL H 309 58.35 9.80 14.96
C VAL H 309 57.63 9.94 13.60
N LEU H 310 56.31 9.91 13.57
CA LEU H 310 55.56 10.02 12.27
C LEU H 310 55.94 11.37 11.63
N GLU H 311 56.05 12.44 12.43
CA GLU H 311 56.38 13.78 11.89
C GLU H 311 57.80 13.74 11.30
N LEU H 312 58.77 13.12 11.94
CA LEU H 312 60.18 13.14 11.45
C LEU H 312 60.36 12.28 10.21
N TYR H 313 59.68 11.17 10.10
CA TYR H 313 59.86 10.24 8.95
C TYR H 313 58.94 10.59 7.78
N THR H 314 58.02 11.52 7.95
CA THR H 314 57.14 11.93 6.80
C THR H 314 57.77 13.20 6.23
N ARG H 315 58.38 13.10 5.04
CA ARG H 315 59.13 14.24 4.45
C ARG H 315 58.82 14.32 2.93
N PRO H 316 59.02 15.49 2.23
CA PRO H 316 58.95 15.73 0.71
C PRO H 316 59.76 14.56 0.16
N ASP H 317 60.89 14.25 0.77
CA ASP H 317 61.79 13.20 0.23
C ASP H 317 61.67 11.81 0.88
N ASN H 318 60.62 11.54 1.63
CA ASN H 318 60.55 10.23 2.32
C ASN H 318 59.08 9.87 2.55
N ALA H 319 58.61 8.87 1.84
CA ALA H 319 57.25 8.35 2.04
C ALA H 319 57.25 7.71 3.45
N LEU H 320 56.14 7.79 4.11
CA LEU H 320 55.98 7.17 5.44
C LEU H 320 55.49 5.73 5.24
N PHE H 321 56.27 4.79 5.76
CA PHE H 321 55.82 3.40 5.79
C PHE H 321 56.08 2.88 7.19
N VAL H 322 55.05 2.57 7.98
CA VAL H 322 55.39 2.09 9.37
C VAL H 322 55.66 0.58 9.22
N ALA H 323 56.93 0.25 9.00
CA ALA H 323 57.37 -1.10 8.52
C ALA H 323 57.18 -2.10 9.65
N GLU H 324 57.24 -1.59 10.86
CA GLU H 324 56.99 -2.45 12.04
C GLU H 324 56.29 -1.56 13.07
N ILE H 325 55.37 -2.15 13.80
CA ILE H 325 54.82 -1.47 14.99
C ILE H 325 54.43 -2.54 16.01
N GLY H 326 54.54 -2.18 17.30
CA GLY H 326 54.10 -3.18 18.30
C GLY H 326 52.73 -3.77 18.05
N ASN H 327 52.50 -5.00 18.51
CA ASN H 327 51.23 -5.69 18.32
C ASN H 327 50.33 -5.59 19.57
N ASP H 328 50.72 -4.85 20.59
CA ASP H 328 49.85 -4.60 21.73
C ASP H 328 48.70 -3.65 21.33
N GLN H 329 47.61 -3.71 22.08
CA GLN H 329 46.37 -2.95 21.76
C GLN H 329 46.64 -1.45 21.55
N PRO H 330 47.47 -0.75 22.34
CA PRO H 330 47.63 0.70 22.18
C PRO H 330 48.11 1.10 20.76
N PHE H 331 48.76 0.18 20.06
CA PHE H 331 49.42 0.58 18.79
C PHE H 331 48.35 0.62 17.69
N ALA H 332 47.20 -0.05 17.82
CA ALA H 332 46.25 -0.17 16.67
C ALA H 332 45.84 1.24 16.20
N ARG H 333 45.70 2.19 17.08
CA ARG H 333 45.05 3.45 16.68
C ARG H 333 46.04 4.25 15.85
N TYR H 334 47.30 3.87 15.83
CA TYR H 334 48.35 4.68 15.12
C TYR H 334 48.17 4.49 13.62
N LEU H 335 47.32 3.60 13.23
CA LEU H 335 46.95 3.47 11.79
C LEU H 335 46.36 4.81 11.31
N PHE H 336 45.59 5.47 12.15
CA PHE H 336 44.82 6.64 11.64
C PHE H 336 45.79 7.79 11.30
N PRO H 337 46.69 8.24 12.20
CA PRO H 337 47.64 9.31 11.87
C PRO H 337 48.61 8.87 10.78
N THR H 338 49.00 7.59 10.73
CA THR H 338 49.93 7.09 9.71
C THR H 338 49.26 7.35 8.35
N LEU H 339 48.03 6.93 8.15
CA LEU H 339 47.28 7.19 6.87
C LEU H 339 47.06 8.68 6.71
N GLY H 340 46.71 9.42 7.77
CA GLY H 340 46.41 10.87 7.61
C GLY H 340 47.65 11.63 7.14
N LYS H 341 48.84 11.10 7.38
CA LYS H 341 50.08 11.78 6.94
C LYS H 341 50.42 11.44 5.48
N GLY H 342 49.58 10.67 4.82
CA GLY H 342 49.85 10.18 3.45
C GLY H 342 50.65 8.91 3.49
N GLY H 343 50.67 8.20 4.65
CA GLY H 343 51.42 6.94 4.73
C GLY H 343 50.99 5.91 3.70
N ILE H 344 51.93 5.07 3.28
CA ILE H 344 51.66 4.04 2.26
C ILE H 344 51.44 2.70 2.93
N GLY H 345 51.56 2.67 4.26
CA GLY H 345 51.32 1.35 4.87
C GLY H 345 51.72 1.28 6.32
N PHE H 346 51.31 0.14 6.91
CA PHE H 346 51.35 -0.02 8.38
C PHE H 346 51.40 -1.52 8.65
N SER H 347 52.38 -1.97 9.41
CA SER H 347 52.64 -3.42 9.52
C SER H 347 52.96 -3.82 10.98
N PRO H 348 51.95 -4.24 11.76
CA PRO H 348 52.18 -4.79 13.09
C PRO H 348 53.09 -6.00 13.09
N PHE H 349 54.02 -6.03 14.07
CA PHE H 349 55.05 -7.07 14.17
C PHE H 349 54.58 -8.24 15.04
N GLY H 350 54.84 -9.46 14.58
CA GLY H 350 54.66 -10.67 15.40
C GLY H 350 53.30 -11.25 15.31
N MET H 351 52.68 -11.22 14.12
CA MET H 351 51.25 -11.63 13.96
C MET H 351 51.26 -13.06 13.47
N ASP H 352 51.67 -13.95 14.33
CA ASP H 352 51.56 -15.38 13.97
C ASP H 352 51.45 -16.16 15.29
N ASP H 353 51.08 -17.41 15.16
CA ASP H 353 50.84 -18.28 16.35
C ASP H 353 52.00 -19.29 16.48
N THR H 354 53.25 -18.86 16.33
CA THR H 354 54.44 -19.75 16.43
C THR H 354 54.99 -19.74 17.88
N ASP H 355 54.16 -19.31 18.81
CA ASP H 355 54.40 -19.51 20.28
C ASP H 355 55.54 -18.57 20.69
N TYR H 356 55.44 -17.30 20.34
CA TYR H 356 56.40 -16.26 20.74
C TYR H 356 55.67 -14.95 20.88
N THR H 357 55.98 -14.21 21.91
CA THR H 357 55.55 -12.81 22.11
C THR H 357 56.81 -12.01 22.43
N ASN H 358 56.92 -10.82 21.84
CA ASN H 358 58.01 -9.91 22.12
C ASN H 358 57.66 -8.92 23.22
N TYR H 359 56.62 -9.20 23.99
CA TYR H 359 56.38 -8.47 25.25
C TYR H 359 57.70 -8.40 26.06
N PRO H 360 58.13 -7.26 26.61
CA PRO H 360 57.31 -6.06 26.79
C PRO H 360 57.12 -5.11 25.59
N LEU H 361 57.78 -5.37 24.47
CA LEU H 361 57.58 -4.53 23.24
C LEU H 361 56.15 -4.67 22.68
N GLY H 362 55.65 -5.89 22.56
CA GLY H 362 54.31 -6.19 22.09
C GLY H 362 53.38 -6.76 23.16
N ALA H 363 52.34 -7.46 22.71
CA ALA H 363 51.22 -7.98 23.52
C ALA H 363 51.80 -9.02 24.45
N LYS H 364 51.36 -9.05 25.69
CA LYS H 364 51.83 -10.10 26.63
C LYS H 364 51.32 -11.46 26.18
N VAL H 365 50.11 -11.50 25.62
CA VAL H 365 49.40 -12.71 25.14
C VAL H 365 49.02 -12.55 23.67
N TYR H 366 49.30 -13.59 22.89
CA TYR H 366 48.89 -13.66 21.48
C TYR H 366 47.67 -14.54 21.41
N ASN H 367 46.52 -13.94 21.10
CA ASN H 367 45.26 -14.70 20.94
C ASN H 367 44.34 -13.94 19.96
N ASP H 368 43.17 -14.45 19.75
CA ASP H 368 42.22 -13.80 18.81
C ASP H 368 41.97 -12.35 19.20
N GLU H 369 41.88 -12.00 20.49
CA GLU H 369 41.65 -10.60 20.95
C GLU H 369 42.81 -9.72 20.45
N THR H 370 44.09 -10.17 20.60
CA THR H 370 45.27 -9.39 20.14
C THR H 370 45.05 -9.00 18.63
N ILE H 371 44.62 -9.96 17.85
CA ILE H 371 44.47 -9.79 16.37
C ILE H 371 43.32 -8.84 16.12
N GLU H 372 42.23 -9.00 16.85
CA GLU H 372 40.98 -8.26 16.66
C GLU H 372 41.24 -6.74 16.77
N GLN H 373 42.18 -6.30 17.62
CA GLN H 373 42.39 -4.86 17.87
C GLN H 373 42.80 -4.24 16.52
N PHE H 374 43.53 -5.01 15.76
CA PHE H 374 44.00 -4.54 14.43
C PHE H 374 42.91 -4.82 13.42
N ALA H 375 42.21 -5.96 13.52
CA ALA H 375 41.18 -6.26 12.50
C ALA H 375 40.18 -5.13 12.50
N GLN H 376 39.76 -4.67 13.68
CA GLN H 376 38.73 -3.66 13.76
C GLN H 376 39.13 -2.42 12.97
N VAL H 377 40.36 -1.98 13.09
CA VAL H 377 40.77 -0.70 12.40
C VAL H 377 41.04 -1.01 10.92
N TYR H 378 41.54 -2.18 10.57
CA TYR H 378 41.72 -2.55 9.12
C TYR H 378 40.36 -2.59 8.45
N ARG H 379 39.29 -2.91 9.15
CA ARG H 379 37.94 -3.01 8.53
C ARG H 379 37.44 -1.64 8.06
N LEU H 380 37.98 -0.55 8.57
CA LEU H 380 37.52 0.80 8.17
C LEU H 380 38.17 1.19 6.84
N VAL H 381 39.29 0.60 6.52
CA VAL H 381 40.14 1.01 5.38
C VAL H 381 40.01 0.02 4.23
N ASN H 382 40.04 -1.29 4.48
CA ASN H 382 39.89 -2.35 3.46
C ASN H 382 38.80 -1.97 2.45
N PRO H 383 37.57 -1.64 2.81
CA PRO H 383 36.50 -1.43 1.79
C PRO H 383 36.73 -0.23 0.85
N MET H 384 37.53 0.72 1.27
CA MET H 384 37.90 1.89 0.41
C MET H 384 39.41 1.90 0.08
N MET H 385 40.12 0.78 0.16
CA MET H 385 41.60 0.82 0.16
C MET H 385 42.10 1.59 -1.07
N ARG H 386 41.62 1.23 -2.26
CA ARG H 386 42.16 1.89 -3.48
C ARG H 386 41.68 3.34 -3.52
N GLU H 387 40.46 3.64 -3.12
CA GLU H 387 39.97 5.05 -3.20
C GLU H 387 40.73 5.94 -2.23
N TRP H 388 40.93 5.45 -1.00
CA TRP H 388 41.77 6.18 -0.02
C TRP H 388 43.17 6.43 -0.61
N ALA H 389 43.79 5.39 -1.12
CA ALA H 389 45.20 5.47 -1.62
C ALA H 389 45.29 6.52 -2.71
N ARG H 390 44.32 6.57 -3.62
CA ARG H 390 44.27 7.66 -4.65
C ARG H 390 44.15 9.03 -3.97
N LEU H 391 43.17 9.20 -3.06
CA LEU H 391 42.96 10.54 -2.44
C LEU H 391 44.18 10.97 -1.64
N SER H 392 44.90 10.00 -1.06
CA SER H 392 46.07 10.29 -0.22
C SER H 392 47.16 10.93 -1.08
N TYR H 393 47.34 10.42 -2.29
CA TYR H 393 48.43 10.86 -3.19
C TYR H 393 48.07 12.19 -3.89
N GLN H 394 46.85 12.22 -4.45
CA GLN H 394 46.35 13.29 -5.37
C GLN H 394 45.63 14.40 -4.56
N GLY H 395 44.96 14.08 -3.47
CA GLY H 395 44.07 15.02 -2.74
C GLY H 395 44.57 15.36 -1.34
N GLN H 396 43.62 15.72 -0.48
CA GLN H 396 43.87 16.16 0.91
C GLN H 396 43.23 15.10 1.81
N VAL H 397 44.05 14.51 2.66
CA VAL H 397 43.59 13.54 3.69
C VAL H 397 44.10 14.01 5.05
N TRP H 398 43.43 13.47 6.08
CA TRP H 398 43.76 13.81 7.49
C TRP H 398 43.51 12.56 8.30
N GLY H 399 44.19 12.42 9.43
CA GLY H 399 43.94 11.24 10.28
C GLY H 399 44.44 11.57 11.68
N VAL H 400 43.69 11.16 12.71
CA VAL H 400 44.05 11.46 14.13
C VAL H 400 43.84 10.18 14.92
N ALA H 401 44.59 10.10 16.01
CA ALA H 401 44.36 9.05 17.03
C ALA H 401 44.06 9.73 18.35
N GLU H 402 43.35 9.00 19.21
CA GLU H 402 43.02 9.44 20.60
C GLU H 402 44.31 9.85 21.30
N PRO H 403 44.46 11.13 21.69
CA PRO H 403 45.76 11.68 22.08
C PRO H 403 46.20 11.49 23.53
N LEU H 404 45.35 10.90 24.35
CA LEU H 404 45.74 10.60 25.74
C LEU H 404 45.93 9.11 25.78
N ASP H 405 47.02 8.66 26.39
CA ASP H 405 47.26 7.23 26.61
C ASP H 405 46.34 6.75 27.73
N SER H 406 46.17 5.45 27.86
CA SER H 406 45.26 4.91 28.92
C SER H 406 45.74 5.37 30.30
N THR H 407 44.84 5.64 31.24
CA THR H 407 45.17 6.09 32.61
C THR H 407 46.02 4.98 33.26
N THR H 408 47.15 5.34 33.89
CA THR H 408 48.07 4.42 34.62
C THR H 408 47.51 4.16 36.03
N GLU H 409 48.06 3.18 36.76
CA GLU H 409 47.73 2.94 38.19
C GLU H 409 48.05 4.23 38.97
N THR H 410 49.15 4.92 38.67
CA THR H 410 49.53 6.19 39.36
C THR H 410 48.36 7.16 39.20
N GLN H 411 47.94 7.48 37.96
CA GLN H 411 46.86 8.47 37.67
C GLN H 411 45.58 8.11 38.44
N LYS H 412 45.22 6.81 38.58
CA LYS H 412 44.02 6.33 39.33
C LYS H 412 44.24 6.48 40.85
N ILE H 413 45.32 5.85 41.34
CA ILE H 413 45.75 5.81 42.78
C ILE H 413 46.12 7.21 43.27
N GLU H 421 37.22 19.48 43.73
CA GLU H 421 37.32 20.59 42.76
C GLU H 421 38.53 20.36 41.83
N GLU H 422 39.53 19.63 42.30
CA GLU H 422 40.77 19.33 41.55
C GLU H 422 40.41 18.19 40.61
N LYS H 423 39.52 17.32 41.09
CA LYS H 423 38.94 16.20 40.32
C LYS H 423 38.03 16.77 39.23
N GLU H 424 37.19 17.77 39.52
CA GLU H 424 36.43 18.44 38.41
C GLU H 424 37.42 19.07 37.43
N GLN H 425 38.55 19.59 37.89
CA GLN H 425 39.54 20.31 37.03
C GLN H 425 40.26 19.36 36.04
N HIS H 426 40.55 18.14 36.48
CA HIS H 426 41.23 17.09 35.69
C HIS H 426 40.26 16.64 34.60
N LYS H 427 38.97 16.47 34.90
CA LYS H 427 37.89 16.10 33.92
C LYS H 427 37.86 17.18 32.81
N LYS H 428 37.97 18.49 33.14
CA LYS H 428 37.96 19.62 32.16
C LYS H 428 39.22 19.53 31.27
N ASP H 429 40.39 19.32 31.88
CA ASP H 429 41.73 19.24 31.21
C ASP H 429 41.75 18.05 30.25
N ARG H 430 41.28 16.88 30.71
CA ARG H 430 41.17 15.65 29.94
C ARG H 430 40.18 15.92 28.78
N ALA H 431 39.02 16.54 29.03
CA ALA H 431 38.03 16.78 27.95
C ALA H 431 38.71 17.61 26.81
N SER H 432 39.39 18.67 27.17
CA SER H 432 40.13 19.60 26.28
C SER H 432 41.24 18.86 25.50
N ALA H 433 42.00 18.00 26.16
CA ALA H 433 43.07 17.22 25.51
C ALA H 433 42.47 16.20 24.53
N LEU H 434 41.30 15.66 24.83
CA LEU H 434 40.58 14.63 24.02
C LEU H 434 39.75 15.26 22.94
N THR H 435 40.08 16.49 22.55
CA THR H 435 39.31 17.30 21.56
C THR H 435 40.35 17.77 20.53
N GLN H 436 40.28 17.28 19.30
CA GLN H 436 41.29 17.66 18.26
C GLN H 436 40.60 18.46 17.16
N GLN H 437 41.24 19.52 16.70
CA GLN H 437 40.63 20.36 15.61
C GLN H 437 41.39 20.04 14.33
N LEU H 438 40.68 19.96 13.21
CA LEU H 438 41.29 19.72 11.88
C LEU H 438 40.78 20.80 10.94
N ASP H 439 41.70 21.50 10.27
CA ASP H 439 41.35 22.61 9.35
C ASP H 439 41.17 21.97 7.97
N LEU H 440 39.96 21.90 7.43
CA LEU H 440 39.70 21.14 6.19
C LEU H 440 39.43 22.14 5.03
N GLY H 441 39.92 23.38 5.15
CA GLY H 441 39.67 24.46 4.16
C GLY H 441 38.49 25.33 4.57
N LEU H 442 37.33 25.20 3.90
CA LEU H 442 36.13 26.01 4.24
C LEU H 442 35.45 25.46 5.50
N TRP H 443 35.78 24.22 5.86
CA TRP H 443 35.13 23.51 6.98
C TRP H 443 36.23 23.01 7.91
N ASP H 444 35.92 22.94 9.20
CA ASP H 444 36.78 22.29 10.20
C ASP H 444 36.05 21.07 10.77
N ALA H 445 36.82 20.11 11.27
CA ALA H 445 36.24 19.00 12.03
C ALA H 445 36.82 18.99 13.45
N GLU H 446 35.98 18.68 14.42
CA GLU H 446 36.39 18.50 15.81
C GLU H 446 36.20 17.03 16.12
N VAL H 447 37.27 16.35 16.51
CA VAL H 447 37.22 14.93 16.88
C VAL H 447 37.35 14.84 18.40
N THR H 448 36.40 14.12 18.99
CA THR H 448 36.34 13.88 20.45
C THR H 448 36.20 12.38 20.69
N TYR H 449 36.64 11.94 21.89
CA TYR H 449 36.77 10.52 22.22
C TYR H 449 36.10 10.20 23.56
N GLY H 450 35.32 9.14 23.56
CA GLY H 450 34.68 8.57 24.73
C GLY H 450 33.52 9.40 25.21
N ARG H 451 32.46 9.38 24.44
CA ARG H 451 31.23 10.07 24.89
C ARG H 451 30.06 9.34 24.27
N PRO H 452 28.84 9.58 24.78
CA PRO H 452 27.67 8.94 24.23
C PRO H 452 27.42 9.40 22.79
N MET H 453 26.48 8.74 22.15
CA MET H 453 26.15 9.05 20.74
C MET H 453 25.06 10.10 20.65
N PHE H 454 24.59 10.56 21.79
CA PHE H 454 23.45 11.49 21.96
C PHE H 454 23.80 12.48 23.06
N TRP H 455 23.41 13.73 22.86
CA TRP H 455 23.63 14.87 23.76
C TRP H 455 25.09 15.32 23.70
N VAL H 456 25.56 16.14 24.65
CA VAL H 456 26.90 16.80 24.52
C VAL H 456 27.75 16.63 25.77
N THR H 457 27.54 15.58 26.54
CA THR H 457 28.40 15.25 27.69
C THR H 457 29.85 15.27 27.25
N PRO H 458 30.74 16.01 27.94
CA PRO H 458 32.12 16.15 27.46
C PRO H 458 32.85 14.81 27.39
N PRO H 459 33.80 14.67 26.45
CA PRO H 459 34.51 13.41 26.27
C PRO H 459 35.38 13.05 27.47
N GLU H 460 35.43 11.75 27.77
CA GLU H 460 36.20 11.18 28.90
C GLU H 460 37.26 10.19 28.43
N GLY H 461 37.27 9.91 27.11
CA GLY H 461 38.23 8.98 26.50
C GLY H 461 37.70 7.57 26.54
N ASN H 462 38.28 6.72 25.73
CA ASN H 462 37.97 5.28 25.69
C ASN H 462 38.86 4.56 26.72
N THR H 463 38.41 3.41 27.22
CA THR H 463 39.19 2.58 28.19
C THR H 463 39.33 1.21 27.57
N PRO H 464 40.46 0.80 27.01
CA PRO H 464 41.64 1.64 26.85
C PRO H 464 41.57 2.64 25.67
N ALA H 465 42.49 3.58 25.61
CA ALA H 465 42.62 4.56 24.52
C ALA H 465 42.66 3.77 23.21
N ALA H 466 41.85 4.15 22.22
CA ALA H 466 41.67 3.29 21.02
C ALA H 466 41.14 4.06 19.81
N GLY H 467 40.63 5.26 20.01
CA GLY H 467 39.84 5.88 18.91
C GLY H 467 40.72 6.55 17.88
N GLY H 468 40.06 6.87 16.78
CA GLY H 468 40.69 7.69 15.75
C GLY H 468 39.69 8.03 14.64
N ALA H 469 40.15 8.78 13.63
CA ALA H 469 39.29 9.17 12.50
C ALA H 469 40.17 9.38 11.25
N LEU H 470 39.54 9.18 10.09
CA LEU H 470 40.14 9.47 8.78
C LEU H 470 39.20 10.43 8.05
N ILE H 471 39.76 11.43 7.42
CA ILE H 471 38.94 12.33 6.59
C ILE H 471 39.69 12.51 5.26
N ALA H 472 38.97 12.46 4.13
CA ALA H 472 39.55 12.81 2.80
C ALA H 472 38.64 13.86 2.17
N GLN H 473 39.22 14.85 1.51
CA GLN H 473 38.39 15.89 0.85
C GLN H 473 38.04 15.39 -0.54
N LEU H 474 36.76 15.46 -0.86
CA LEU H 474 36.22 15.07 -2.17
C LEU H 474 36.00 16.33 -3.00
N ASP H 475 35.56 17.40 -2.36
CA ASP H 475 35.28 18.73 -3.04
C ASP H 475 35.36 19.82 -1.99
N ASP H 476 35.14 21.09 -2.34
CA ASP H 476 35.25 22.19 -1.34
C ASP H 476 34.37 21.89 -0.10
N ASN H 477 33.21 21.28 -0.31
CA ASN H 477 32.19 21.15 0.74
C ASN H 477 31.86 19.67 1.00
N GLU H 478 32.62 18.75 0.48
CA GLU H 478 32.28 17.33 0.63
C GLU H 478 33.50 16.53 1.10
N TYR H 479 33.27 15.66 2.08
CA TYR H 479 34.35 14.85 2.71
C TYR H 479 33.95 13.40 2.87
N LEU H 480 34.93 12.52 2.75
CA LEU H 480 34.76 11.09 3.03
C LEU H 480 35.26 10.91 4.48
N VAL H 481 34.46 10.26 5.33
CA VAL H 481 34.75 10.23 6.79
C VAL H 481 34.54 8.81 7.25
N THR H 482 35.50 8.30 8.02
CA THR H 482 35.24 7.04 8.77
C THR H 482 36.00 7.19 10.08
N ALA H 483 35.45 6.71 11.18
CA ALA H 483 36.15 6.91 12.45
C ALA H 483 35.84 5.73 13.36
N TYR H 484 36.45 5.75 14.54
CA TYR H 484 36.41 4.55 15.38
C TYR H 484 36.38 5.01 16.84
N LYS H 485 35.31 4.65 17.55
CA LYS H 485 35.19 5.02 18.98
C LYS H 485 35.42 6.52 19.15
N ALA H 486 34.73 7.34 18.35
CA ALA H 486 34.99 8.78 18.33
C ALA H 486 33.77 9.50 17.79
N ARG H 487 33.72 10.76 18.07
CA ARG H 487 32.69 11.67 17.48
C ARG H 487 33.44 12.61 16.53
N VAL H 488 32.89 12.82 15.34
CA VAL H 488 33.43 13.83 14.39
C VAL H 488 32.35 14.89 14.11
N GLU H 489 32.60 16.16 14.38
CA GLU H 489 31.60 17.22 14.09
C GLU H 489 32.23 18.22 13.13
N PHE H 490 31.44 18.74 12.22
CA PHE H 490 31.91 19.73 11.22
C PHE H 490 31.41 21.11 11.59
N LYS H 491 32.20 22.10 11.30
CA LYS H 491 31.80 23.51 11.51
C LYS H 491 32.46 24.36 10.41
N PRO H 492 31.99 25.62 10.10
CA PRO H 492 32.54 26.64 9.09
C PRO H 492 33.96 26.81 9.65
N SER H 493 34.95 26.84 8.79
CA SER H 493 36.35 27.12 9.23
C SER H 493 36.49 28.61 9.51
N GLN H 494 35.77 29.44 8.77
CA GLN H 494 35.84 30.93 8.84
C GLN H 494 34.46 31.49 9.23
N GLU H 495 34.46 32.57 10.03
CA GLU H 495 33.26 33.36 10.41
C GLU H 495 32.41 33.58 9.16
N LEU H 496 31.13 33.23 9.22
CA LEU H 496 30.15 33.39 8.09
C LEU H 496 29.57 34.79 8.24
N ALA H 497 29.51 35.58 7.17
CA ALA H 497 29.04 36.98 7.28
C ALA H 497 27.53 36.97 7.01
N GLY H 498 26.72 36.81 8.05
CA GLY H 498 25.24 36.77 7.95
C GLY H 498 24.68 35.47 7.37
N LYS H 499 25.55 34.52 6.96
CA LYS H 499 25.12 33.13 6.60
C LYS H 499 25.03 32.18 7.83
N LYS H 500 24.24 31.15 7.69
CA LYS H 500 24.15 30.00 8.63
C LYS H 500 24.79 28.79 7.97
N PHE H 501 24.93 27.69 8.67
CA PHE H 501 25.43 26.45 8.05
C PHE H 501 24.66 25.24 8.58
N MET H 502 24.71 24.19 7.81
CA MET H 502 24.19 22.89 8.26
C MET H 502 24.89 21.79 7.48
N ILE H 503 24.79 20.57 7.97
CA ILE H 503 25.10 19.40 7.12
C ILE H 503 24.01 19.41 6.04
N GLU H 504 24.38 19.31 4.78
CA GLU H 504 23.38 19.17 3.71
C GLU H 504 22.92 17.71 3.65
N ARG H 505 23.87 16.79 3.63
CA ARG H 505 23.56 15.36 3.48
C ARG H 505 24.76 14.53 3.97
N VAL H 506 24.44 13.50 4.72
CA VAL H 506 25.46 12.49 5.05
C VAL H 506 24.96 11.19 4.46
N GLU H 507 25.76 10.48 3.68
CA GLU H 507 25.38 9.17 3.12
C GLU H 507 26.37 8.12 3.65
N GLU H 508 25.86 6.98 4.10
CA GLU H 508 26.75 5.85 4.40
C GLU H 508 26.72 4.96 3.16
N GLY H 509 27.85 4.41 2.80
CA GLY H 509 27.90 3.60 1.59
C GLY H 509 29.22 2.90 1.43
N ARG H 510 29.51 2.57 0.19
CA ARG H 510 30.73 1.83 -0.17
C ARG H 510 31.08 2.08 -1.64
N PHE H 511 32.29 1.76 -1.99
CA PHE H 511 32.78 1.90 -3.39
C PHE H 511 32.64 0.55 -4.05
N GLU H 512 31.88 0.47 -5.14
CA GLU H 512 31.81 -0.74 -5.99
C GLU H 512 32.33 -0.32 -7.36
N LYS H 513 33.47 -0.89 -7.79
CA LYS H 513 34.08 -0.64 -9.13
C LYS H 513 34.51 0.83 -9.20
N GLY H 514 35.06 1.34 -8.09
CA GLY H 514 35.35 2.78 -7.94
C GLY H 514 34.11 3.68 -7.90
N LYS H 515 32.88 3.14 -8.05
CA LYS H 515 31.63 3.95 -7.97
C LYS H 515 31.09 3.99 -6.53
N TRP H 516 30.61 5.14 -6.08
CA TRP H 516 29.96 5.21 -4.77
C TRP H 516 28.57 4.56 -4.84
N VAL H 517 28.25 3.73 -3.89
CA VAL H 517 26.88 3.15 -3.75
C VAL H 517 26.33 3.55 -2.38
N MET H 518 25.24 4.32 -2.39
CA MET H 518 24.56 4.75 -1.16
C MET H 518 23.83 3.57 -0.55
N GLU H 519 23.95 3.42 0.79
CA GLU H 519 23.21 2.38 1.54
C GLU H 519 22.10 3.09 2.31
N ARG H 520 22.45 4.19 2.96
CA ARG H 520 21.44 4.97 3.71
C ARG H 520 21.94 6.38 3.93
N VAL H 521 21.02 7.24 4.29
CA VAL H 521 21.29 8.62 4.72
C VAL H 521 21.30 8.70 6.25
N TRP H 522 22.36 9.22 6.81
CA TRP H 522 22.39 9.55 8.24
C TRP H 522 21.68 10.87 8.43
N ASN H 523 20.67 10.91 9.29
CA ASN H 523 20.01 12.18 9.62
C ASN H 523 19.50 12.13 11.07
N GLY H 524 18.76 13.11 11.47
CA GLY H 524 18.15 13.21 12.81
C GLY H 524 19.16 12.96 13.89
N ASP H 525 18.84 12.01 14.76
CA ASP H 525 19.71 11.70 15.90
C ASP H 525 21.12 11.39 15.42
N GLN H 526 21.26 10.78 14.24
CA GLN H 526 22.58 10.28 13.78
C GLN H 526 23.42 11.47 13.36
N THR H 527 22.86 12.67 13.14
CA THR H 527 23.79 13.78 12.75
C THR H 527 23.60 15.02 13.63
N ASP H 528 22.69 14.96 14.62
CA ASP H 528 22.39 16.07 15.55
C ASP H 528 23.58 16.32 16.48
N TRP H 529 24.29 15.25 16.81
CA TRP H 529 25.28 15.34 17.89
C TRP H 529 26.62 14.95 17.31
N GLY H 530 26.98 15.50 16.14
CA GLY H 530 28.12 14.99 15.39
C GLY H 530 27.83 13.64 14.76
N LEU H 531 28.89 13.03 14.28
CA LEU H 531 28.87 11.72 13.65
C LEU H 531 29.57 10.76 14.62
N ASN H 532 28.77 9.89 15.25
CA ASN H 532 29.31 8.99 16.28
C ASN H 532 29.62 7.61 15.73
N PHE H 533 30.84 7.16 15.99
CA PHE H 533 31.32 5.85 15.53
C PHE H 533 31.67 4.97 16.76
N THR H 534 31.34 3.71 16.66
CA THR H 534 31.71 2.76 17.71
C THR H 534 32.86 1.92 17.16
N ASP H 535 32.80 0.62 17.32
CA ASP H 535 33.86 -0.28 16.82
CA ASP H 535 33.85 -0.32 16.83
C ASP H 535 33.47 -0.82 15.44
N ARG H 536 32.26 -0.50 14.97
CA ARG H 536 31.79 -1.07 13.67
C ARG H 536 32.14 -0.11 12.52
N PRO H 537 32.46 -0.60 11.25
CA PRO H 537 32.91 0.17 10.00
C PRO H 537 31.67 0.90 9.46
N HIS H 538 31.76 2.21 9.34
CA HIS H 538 30.80 3.04 8.58
C HIS H 538 31.62 4.00 7.71
N LEU H 539 31.42 4.00 6.39
CA LEU H 539 32.09 4.97 5.48
C LEU H 539 31.05 5.99 5.01
N LEU H 540 31.28 7.24 5.31
CA LEU H 540 30.28 8.29 5.10
C LEU H 540 30.82 9.25 4.02
N ARG H 541 29.90 9.77 3.25
CA ARG H 541 30.15 11.02 2.49
C ARG H 541 29.36 12.16 3.13
N VAL H 542 30.05 13.17 3.60
CA VAL H 542 29.50 14.34 4.31
C VAL H 542 29.56 15.53 3.37
N LYS H 543 28.39 16.10 3.09
CA LYS H 543 28.28 17.37 2.32
C LYS H 543 27.83 18.47 3.28
N MET H 544 28.58 19.59 3.34
CA MET H 544 28.31 20.72 4.26
C MET H 544 27.78 21.86 3.40
N ALA H 545 26.97 22.74 3.98
CA ALA H 545 26.50 23.92 3.19
C ALA H 545 26.39 25.15 4.09
N SER H 546 26.76 26.31 3.55
CA SER H 546 26.37 27.60 4.13
C SER H 546 25.14 28.04 3.38
N TYR H 547 24.25 28.78 4.05
CA TYR H 547 23.04 29.31 3.39
C TYR H 547 22.73 30.67 3.98
N SER H 548 22.11 31.49 3.14
CA SER H 548 21.73 32.89 3.45
C SER H 548 20.42 32.88 4.25
N VAL H 549 20.34 33.69 5.34
CA VAL H 549 19.20 33.96 6.27
C VAL H 549 18.70 35.40 6.05
N GLN H 550 19.44 36.20 5.26
CA GLN H 550 19.18 37.64 5.01
C GLN H 550 17.70 37.86 4.65
#